data_8E8Q
#
_entry.id   8E8Q
#
_cell.length_a   1.00
_cell.length_b   1.00
_cell.length_c   1.00
_cell.angle_alpha   90.00
_cell.angle_beta   90.00
_cell.angle_gamma   90.00
#
_symmetry.space_group_name_H-M   'P 1'
#
loop_
_entity.id
_entity.type
_entity.pdbx_description
1 polymer 'ATP-dependent Clp protease ATP-binding subunit ClpX'
2 polymer 'ATP-dependent Clp protease proteolytic subunit'
3 non-polymer "ADENOSINE-5'-TRIPHOSPHATE"
4 non-polymer 'MAGNESIUM ION'
5 non-polymer "ADENOSINE-5'-DIPHOSPHATE"
#
loop_
_entity_poly.entity_id
_entity_poly.type
_entity_poly.pdbx_seq_one_letter_code
_entity_poly.pdbx_strand_id
1 'polypeptide(L)'
;MGSSHHHHHHDYDIPTTENLYFQGSSALPTPHEIRNHLDDYVIGQEQAKKVLAVAVYNHYKRLRNGDTSNGVELGKSNIL
LIGPTGSGKTLLAETLARLLDVPFTMADATTLTEAGYVGEDVENIIQKLLQKSDYDVQKAQRGIVYIDEIDKISRKSDNP
SITRDVSGEGVQQALLKLIEGTVAAVPPQGGRKHPQQEFLQVDTSKILFICGGAFAGLDKVISHRVETGSGIGFGATVKA
KSDKASEGELLAQVEPEDLIKFGLIPEFIGRLPVVATLNELSEEALIQILKEPKNALTKQYQALFNLEGVDLEFRDEALD
AIAKKAMARKTGARGLRSIVEAALLDTMYDLPSMEDVEKVVIDESVIDGQSEPLLIYGKPEAQQASGE
;
A,B,C,D,E,F
2 'polypeptide(L)'
;LVPMVIEQTSRGERSFDIYSRLLKERVIFLTGQVEDHMANLIVAQMLFLEAENPEKDIYLYINSPGGVITAGMSIYDTMQ
FIKPDVSTICMGQAASMGAFLLTAGAKGKRFCLPNSRVMIHQPLGGYQGQATDIEIHAREILKVKGRMNELMALHTGQSL
EQIERDTERDRFLSAPEAVEYGLVDSILTHRNENLYFQSLEHHHHHH
;
H,I,J,K,L,M,N,h,i,j,k,l,m,n
#
loop_
_chem_comp.id
_chem_comp.type
_chem_comp.name
_chem_comp.formula
ADP non-polymer ADENOSINE-5'-DIPHOSPHATE 'C10 H15 N5 O10 P2'
ATP non-polymer ADENOSINE-5'-TRIPHOSPHATE 'C10 H16 N5 O13 P3'
MG non-polymer 'MAGNESIUM ION' 'Mg 2'
#
# COMPACT_ATOMS: atom_id res chain seq x y z
N LEU A 28 17.31 -62.40 -39.72
CA LEU A 28 18.04 -63.66 -39.65
C LEU A 28 19.15 -63.66 -38.58
N PRO A 29 20.02 -62.63 -38.50
CA PRO A 29 21.06 -62.66 -37.48
C PRO A 29 20.47 -62.58 -36.08
N THR A 30 21.04 -63.37 -35.18
CA THR A 30 20.57 -63.40 -33.81
C THR A 30 20.80 -62.05 -33.13
N PRO A 31 19.92 -61.64 -32.20
CA PRO A 31 20.17 -60.37 -31.50
C PRO A 31 21.51 -60.32 -30.78
N HIS A 32 21.93 -61.44 -30.19
CA HIS A 32 23.22 -61.48 -29.51
C HIS A 32 24.36 -61.16 -30.47
N GLU A 33 24.30 -61.73 -31.68
CA GLU A 33 25.33 -61.48 -32.68
C GLU A 33 25.36 -60.01 -33.06
N ILE A 34 24.18 -59.40 -33.25
CA ILE A 34 24.12 -57.99 -33.62
C ILE A 34 24.68 -57.13 -32.50
N ARG A 35 24.29 -57.42 -31.26
CA ARG A 35 24.78 -56.64 -30.13
C ARG A 35 26.29 -56.79 -29.95
N ASN A 36 26.80 -58.00 -30.14
CA ASN A 36 28.23 -58.22 -29.98
C ASN A 36 29.03 -57.42 -31.01
N HIS A 37 28.55 -57.36 -32.25
CA HIS A 37 29.25 -56.60 -33.28
C HIS A 37 29.26 -55.11 -32.95
N LEU A 38 28.12 -54.57 -32.52
CA LEU A 38 28.06 -53.16 -32.17
C LEU A 38 28.93 -52.83 -30.98
N ASP A 39 29.00 -53.75 -30.01
CA ASP A 39 29.80 -53.52 -28.82
C ASP A 39 31.27 -53.32 -29.17
N ASP A 40 31.76 -54.02 -30.20
CA ASP A 40 33.15 -53.88 -30.60
C ASP A 40 33.49 -52.46 -30.99
N TYR A 41 32.58 -51.78 -31.71
CA TYR A 41 32.81 -50.41 -32.15
C TYR A 41 32.09 -49.35 -31.32
N VAL A 42 31.09 -49.73 -30.53
CA VAL A 42 30.33 -48.80 -29.69
C VAL A 42 30.50 -49.20 -28.24
N ILE A 43 30.76 -48.21 -27.38
CA ILE A 43 30.99 -48.41 -25.96
C ILE A 43 30.05 -47.50 -25.17
N GLY A 44 29.41 -48.05 -24.15
CA GLY A 44 28.54 -47.30 -23.26
C GLY A 44 27.10 -47.15 -23.67
N GLN A 45 26.64 -47.87 -24.68
CA GLN A 45 25.25 -47.79 -25.15
C GLN A 45 24.62 -49.19 -25.17
N GLU A 46 24.86 -49.95 -24.10
CA GLU A 46 24.33 -51.31 -24.01
C GLU A 46 22.81 -51.33 -24.10
N GLN A 47 22.14 -50.41 -23.43
CA GLN A 47 20.67 -50.38 -23.46
C GLN A 47 20.16 -50.06 -24.87
N ALA A 48 20.76 -49.06 -25.51
CA ALA A 48 20.32 -48.67 -26.86
C ALA A 48 20.59 -49.78 -27.87
N LYS A 49 21.74 -50.46 -27.74
CA LYS A 49 22.07 -51.53 -28.67
C LYS A 49 21.06 -52.67 -28.60
N LYS A 50 20.56 -52.97 -27.40
CA LYS A 50 19.57 -54.03 -27.23
C LYS A 50 18.31 -53.72 -28.01
N VAL A 51 17.83 -52.48 -27.93
CA VAL A 51 16.60 -52.09 -28.64
C VAL A 51 16.80 -52.21 -30.14
N LEU A 52 17.96 -51.75 -30.64
CA LEU A 52 18.22 -51.80 -32.07
C LEU A 52 18.30 -53.24 -32.57
N ALA A 53 19.00 -54.10 -31.83
CA ALA A 53 19.13 -55.50 -32.24
C ALA A 53 17.78 -56.20 -32.25
N VAL A 54 16.98 -55.99 -31.21
CA VAL A 54 15.67 -56.63 -31.13
C VAL A 54 14.76 -56.12 -32.24
N ALA A 55 14.77 -54.80 -32.49
CA ALA A 55 13.89 -54.23 -33.49
C ALA A 55 14.23 -54.73 -34.89
N VAL A 56 15.51 -54.72 -35.25
CA VAL A 56 15.89 -55.16 -36.60
C VAL A 56 15.64 -56.65 -36.75
N TYR A 57 15.87 -57.44 -35.69
CA TYR A 57 15.64 -58.87 -35.79
C TYR A 57 14.16 -59.18 -35.99
N ASN A 58 13.29 -58.49 -35.24
CA ASN A 58 11.86 -58.71 -35.39
C ASN A 58 11.37 -58.29 -36.76
N HIS A 59 11.94 -57.22 -37.31
CA HIS A 59 11.55 -56.73 -38.62
C HIS A 59 11.79 -57.79 -39.70
N TYR A 60 12.96 -58.43 -39.66
CA TYR A 60 13.27 -59.43 -40.67
C TYR A 60 12.40 -60.67 -40.52
N LYS A 61 12.10 -61.05 -39.28
CA LYS A 61 11.23 -62.20 -39.04
C LYS A 61 9.88 -62.00 -39.74
N ARG A 62 9.31 -60.81 -39.62
CA ARG A 62 8.03 -60.51 -40.25
C ARG A 62 8.11 -60.64 -41.77
N LEU A 63 9.27 -60.30 -42.36
CA LEU A 63 9.41 -60.39 -43.81
C LEU A 63 9.33 -61.83 -44.30
N ARG A 64 9.90 -62.76 -43.53
CA ARG A 64 9.89 -64.17 -43.94
C ARG A 64 8.49 -64.74 -44.00
N ASN A 65 7.63 -64.36 -43.06
CA ASN A 65 6.27 -64.90 -43.03
C ASN A 65 5.45 -64.37 -44.20
N GLY A 66 4.54 -65.22 -44.67
CA GLY A 66 3.65 -64.87 -45.77
C GLY A 66 2.24 -64.65 -45.30
N ASP A 67 1.72 -63.45 -45.57
CA ASP A 67 0.36 -63.03 -45.18
C ASP A 67 0.23 -62.88 -43.67
N THR A 68 1.35 -62.71 -42.96
CA THR A 68 1.44 -62.52 -41.51
C THR A 68 1.23 -63.79 -40.70
N SER A 69 0.87 -64.91 -41.33
CA SER A 69 0.63 -66.20 -40.66
C SER A 69 -0.44 -66.11 -39.57
N ASN A 70 -1.26 -65.05 -39.55
CA ASN A 70 -2.27 -64.91 -38.52
C ASN A 70 -3.23 -63.79 -38.90
N GLY A 71 -4.37 -63.76 -38.23
CA GLY A 71 -5.36 -62.72 -38.49
C GLY A 71 -4.87 -61.33 -38.10
N VAL A 72 -4.27 -61.21 -36.91
CA VAL A 72 -3.80 -59.91 -36.44
C VAL A 72 -2.60 -59.46 -37.26
N GLU A 73 -2.51 -58.14 -37.45
CA GLU A 73 -1.42 -57.54 -38.20
C GLU A 73 -0.30 -57.15 -37.24
N LEU A 74 0.92 -57.57 -37.55
CA LEU A 74 2.06 -57.27 -36.70
C LEU A 74 2.50 -55.82 -36.88
N GLY A 75 2.80 -55.17 -35.76
CA GLY A 75 3.22 -53.78 -35.80
C GLY A 75 4.58 -53.63 -36.48
N LYS A 76 4.71 -52.57 -37.27
CA LYS A 76 5.95 -52.31 -37.98
C LYS A 76 7.03 -51.83 -37.01
N SER A 77 8.28 -52.05 -37.41
CA SER A 77 9.45 -51.69 -36.61
C SER A 77 10.18 -50.52 -37.27
N ASN A 78 10.00 -49.32 -36.71
CA ASN A 78 10.65 -48.11 -37.17
C ASN A 78 11.34 -47.47 -35.98
N ILE A 79 12.66 -47.33 -36.05
CA ILE A 79 13.46 -46.83 -34.94
C ILE A 79 13.70 -45.33 -35.09
N LEU A 80 13.82 -44.66 -33.95
CA LEU A 80 14.08 -43.23 -33.85
C LEU A 80 15.29 -43.08 -32.92
N LEU A 81 16.48 -42.89 -33.50
CA LEU A 81 17.71 -42.78 -32.73
C LEU A 81 17.90 -41.36 -32.20
N ILE A 82 17.25 -41.08 -31.08
CA ILE A 82 17.36 -39.78 -30.42
C ILE A 82 18.47 -39.87 -29.39
N GLY A 83 19.37 -38.89 -29.40
CA GLY A 83 20.46 -38.88 -28.46
C GLY A 83 21.28 -37.60 -28.46
N PRO A 84 22.07 -37.37 -27.41
CA PRO A 84 22.89 -36.16 -27.38
C PRO A 84 24.04 -36.23 -28.38
N THR A 85 24.72 -35.09 -28.52
CA THR A 85 25.84 -34.99 -29.44
C THR A 85 26.97 -35.93 -29.03
N GLY A 86 27.63 -36.52 -30.02
CA GLY A 86 28.75 -37.41 -29.76
C GLY A 86 28.38 -38.63 -28.97
N SER A 87 27.15 -39.13 -29.12
CA SER A 87 26.68 -40.30 -28.41
C SER A 87 26.70 -41.57 -29.25
N GLY A 88 27.30 -41.54 -30.44
CA GLY A 88 27.38 -42.71 -31.28
C GLY A 88 26.16 -43.00 -32.13
N LYS A 89 25.29 -42.02 -32.36
CA LYS A 89 24.12 -42.24 -33.20
C LYS A 89 24.53 -42.64 -34.60
N THR A 90 25.43 -41.85 -35.21
CA THR A 90 25.89 -42.14 -36.55
C THR A 90 26.79 -43.38 -36.56
N LEU A 91 27.60 -43.54 -35.52
CA LEU A 91 28.49 -44.70 -35.44
C LEU A 91 27.70 -46.00 -35.43
N LEU A 92 26.58 -46.04 -34.70
CA LEU A 92 25.77 -47.25 -34.65
C LEU A 92 25.24 -47.62 -36.02
N ALA A 93 24.72 -46.65 -36.76
CA ALA A 93 24.17 -46.91 -38.08
C ALA A 93 25.27 -47.33 -39.04
N GLU A 94 26.41 -46.66 -39.00
CA GLU A 94 27.51 -46.99 -39.90
C GLU A 94 28.08 -48.38 -39.59
N THR A 95 28.22 -48.71 -38.31
CA THR A 95 28.77 -50.00 -37.93
C THR A 95 27.78 -51.13 -38.17
N LEU A 96 26.48 -50.82 -38.10
CA LEU A 96 25.46 -51.84 -38.32
C LEU A 96 25.48 -52.33 -39.76
N ALA A 97 25.73 -51.43 -40.70
CA ALA A 97 25.73 -51.78 -42.12
C ALA A 97 26.80 -52.83 -42.44
N ARG A 98 27.94 -52.79 -41.74
CA ARG A 98 29.01 -53.74 -42.01
C ARG A 98 28.56 -55.17 -41.75
N LEU A 99 27.89 -55.39 -40.62
CA LEU A 99 27.44 -56.75 -40.27
C LEU A 99 26.39 -57.26 -41.26
N LEU A 100 25.39 -56.44 -41.57
CA LEU A 100 24.33 -56.86 -42.46
C LEU A 100 24.74 -56.74 -43.92
N ASP A 101 24.56 -57.83 -44.67
CA ASP A 101 24.89 -57.85 -46.09
C ASP A 101 23.92 -57.01 -46.92
N VAL A 102 22.73 -56.75 -46.41
CA VAL A 102 21.69 -55.97 -47.10
C VAL A 102 22.23 -54.59 -47.47
N PRO A 103 21.69 -53.94 -48.50
CA PRO A 103 22.20 -52.60 -48.86
C PRO A 103 21.78 -51.56 -47.82
N PHE A 104 22.73 -50.73 -47.43
CA PHE A 104 22.54 -49.68 -46.43
C PHE A 104 22.86 -48.33 -47.05
N THR A 105 21.89 -47.42 -47.04
CA THR A 105 22.05 -46.08 -47.57
C THR A 105 21.88 -45.07 -46.43
N MET A 106 22.63 -43.97 -46.53
CA MET A 106 22.62 -42.91 -45.53
C MET A 106 22.29 -41.59 -46.18
N ALA A 107 21.32 -40.88 -45.63
CA ALA A 107 20.88 -39.58 -46.12
C ALA A 107 20.90 -38.58 -44.98
N ASP A 108 20.73 -37.30 -45.35
CA ASP A 108 20.70 -36.20 -44.40
C ASP A 108 19.47 -35.35 -44.69
N ALA A 109 18.65 -35.12 -43.67
CA ALA A 109 17.42 -34.35 -43.83
C ALA A 109 17.71 -32.89 -44.18
N THR A 110 18.84 -32.35 -43.75
CA THR A 110 19.16 -30.95 -44.04
C THR A 110 19.19 -30.68 -45.54
N THR A 111 19.81 -31.56 -46.31
CA THR A 111 19.87 -31.39 -47.76
C THR A 111 18.51 -31.52 -48.40
N LEU A 112 17.66 -32.40 -47.87
CA LEU A 112 16.34 -32.64 -48.45
C LEU A 112 15.48 -31.38 -48.43
N THR A 113 14.76 -31.16 -49.53
CA THR A 113 13.87 -30.03 -49.69
C THR A 113 12.63 -30.50 -50.45
N GLU A 114 11.62 -29.64 -50.49
CA GLU A 114 10.39 -29.96 -51.20
C GLU A 114 10.68 -30.22 -52.67
N ALA A 115 9.86 -31.07 -53.28
CA ALA A 115 10.03 -31.40 -54.69
C ALA A 115 9.86 -30.16 -55.55
N GLY A 116 10.61 -30.13 -56.65
CA GLY A 116 10.54 -29.02 -57.57
C GLY A 116 11.38 -27.81 -57.18
N TYR A 117 12.29 -27.96 -56.22
CA TYR A 117 13.14 -26.88 -55.77
C TYR A 117 14.61 -27.25 -55.97
N VAL A 118 15.45 -26.21 -55.96
CA VAL A 118 16.88 -26.35 -56.20
C VAL A 118 17.59 -27.19 -55.14
N GLY A 119 17.03 -27.31 -53.94
CA GLY A 119 17.73 -28.04 -52.91
C GLY A 119 17.95 -29.51 -53.16
N GLU A 120 16.89 -30.31 -53.15
CA GLU A 120 16.94 -31.76 -53.37
C GLU A 120 15.51 -32.27 -53.41
N ASP A 121 15.38 -33.56 -53.74
CA ASP A 121 14.10 -34.24 -53.77
C ASP A 121 14.20 -35.45 -52.85
N VAL A 122 13.13 -35.70 -52.09
CA VAL A 122 13.14 -36.82 -51.15
C VAL A 122 13.17 -38.15 -51.89
N GLU A 123 12.55 -38.22 -53.07
CA GLU A 123 12.49 -39.47 -53.82
C GLU A 123 13.85 -40.03 -54.23
N ASN A 124 14.89 -39.20 -54.30
CA ASN A 124 16.20 -39.72 -54.70
C ASN A 124 16.80 -40.68 -53.68
N ILE A 125 16.29 -40.71 -52.45
CA ILE A 125 16.83 -41.61 -51.44
C ILE A 125 16.67 -43.07 -51.89
N ILE A 126 15.53 -43.38 -52.49
CA ILE A 126 15.30 -44.74 -52.97
C ILE A 126 16.26 -45.05 -54.12
N GLN A 127 16.47 -44.07 -55.00
CA GLN A 127 17.38 -44.28 -56.13
C GLN A 127 18.80 -44.53 -55.65
N LYS A 128 19.23 -43.83 -54.60
CA LYS A 128 20.57 -44.03 -54.07
C LYS A 128 20.72 -45.45 -53.54
N LEU A 129 19.69 -45.98 -52.89
CA LEU A 129 19.74 -47.33 -52.37
C LEU A 129 19.90 -48.36 -53.49
N LEU A 130 19.36 -48.06 -54.67
CA LEU A 130 19.47 -48.99 -55.79
C LEU A 130 20.90 -49.07 -56.30
N GLN A 131 21.59 -47.92 -56.39
CA GLN A 131 22.97 -47.91 -56.85
C GLN A 131 23.84 -48.81 -55.99
N LYS A 132 23.60 -48.81 -54.67
CA LYS A 132 24.36 -49.65 -53.76
C LYS A 132 24.07 -51.12 -54.01
N SER A 133 22.80 -51.45 -54.29
CA SER A 133 22.36 -52.82 -54.51
C SER A 133 22.38 -53.23 -55.99
N ASP A 134 22.94 -52.41 -56.86
CA ASP A 134 23.00 -52.71 -58.30
C ASP A 134 21.61 -52.83 -58.92
N TYR A 135 20.69 -51.98 -58.48
CA TYR A 135 19.33 -51.87 -59.04
C TYR A 135 18.51 -53.15 -58.97
N ASP A 136 18.75 -54.03 -58.00
CA ASP A 136 17.96 -55.26 -57.86
C ASP A 136 16.77 -54.98 -56.93
N VAL A 137 15.57 -54.95 -57.49
CA VAL A 137 14.35 -54.67 -56.73
C VAL A 137 14.19 -55.67 -55.58
N GLN A 138 14.58 -56.92 -55.81
CA GLN A 138 14.42 -57.95 -54.77
C GLN A 138 15.21 -57.61 -53.52
N LYS A 139 16.53 -57.49 -53.65
CA LYS A 139 17.37 -57.18 -52.50
C LYS A 139 17.20 -55.73 -52.04
N ALA A 140 16.78 -54.83 -52.94
CA ALA A 140 16.62 -53.43 -52.56
C ALA A 140 15.57 -53.27 -51.48
N GLN A 141 14.44 -53.99 -51.61
CA GLN A 141 13.38 -53.91 -50.60
C GLN A 141 13.85 -54.36 -49.23
N ARG A 142 14.91 -55.18 -49.17
CA ARG A 142 15.45 -55.66 -47.91
C ARG A 142 16.51 -54.71 -47.34
N GLY A 143 16.71 -53.54 -47.95
CA GLY A 143 17.70 -52.61 -47.48
C GLY A 143 17.20 -51.81 -46.28
N ILE A 144 18.12 -51.02 -45.72
CA ILE A 144 17.85 -50.19 -44.56
C ILE A 144 18.22 -48.76 -44.91
N VAL A 145 17.45 -47.81 -44.39
CA VAL A 145 17.64 -46.39 -44.62
C VAL A 145 17.94 -45.71 -43.29
N TYR A 146 18.86 -44.74 -43.31
CA TYR A 146 19.24 -43.97 -42.13
C TYR A 146 19.20 -42.50 -42.49
N ILE A 147 18.18 -41.80 -41.98
CA ILE A 147 17.99 -40.38 -42.26
C ILE A 147 18.58 -39.62 -41.06
N ASP A 148 19.84 -39.21 -41.19
CA ASP A 148 20.49 -38.47 -40.13
C ASP A 148 20.02 -37.02 -40.10
N GLU A 149 20.20 -36.38 -38.95
CA GLU A 149 19.83 -34.98 -38.74
C GLU A 149 18.33 -34.76 -39.00
N ILE A 150 17.51 -35.69 -38.51
CA ILE A 150 16.06 -35.59 -38.70
C ILE A 150 15.48 -34.37 -37.98
N ASP A 151 16.07 -33.96 -36.86
CA ASP A 151 15.54 -32.83 -36.12
C ASP A 151 15.72 -31.51 -36.85
N LYS A 152 16.66 -31.43 -37.79
CA LYS A 152 16.91 -30.19 -38.52
C LYS A 152 15.78 -29.79 -39.47
N ILE A 153 14.84 -30.69 -39.74
CA ILE A 153 13.70 -30.39 -40.60
C ILE A 153 12.43 -30.12 -39.78
N SER A 154 12.60 -29.73 -38.52
CA SER A 154 11.47 -29.46 -37.64
C SER A 154 10.65 -28.30 -38.17
N ARG A 155 9.32 -28.43 -38.04
CA ARG A 155 8.38 -27.41 -38.50
C ARG A 155 8.67 -26.07 -37.84
N LYS A 156 8.62 -25.00 -38.65
CA LYS A 156 8.85 -23.64 -38.19
C LYS A 156 7.72 -22.75 -38.69
N SER A 157 7.54 -21.63 -37.99
CA SER A 157 6.50 -20.68 -38.34
C SER A 157 6.90 -19.93 -39.62
N ASP A 158 5.89 -19.36 -40.26
CA ASP A 158 6.12 -18.64 -41.51
C ASP A 158 6.91 -17.37 -41.27
N ASN A 159 7.79 -17.04 -42.23
CA ASN A 159 8.64 -15.87 -42.19
C ASN A 159 8.24 -14.92 -43.33
N PRO A 160 7.98 -13.63 -43.08
CA PRO A 160 7.61 -12.76 -44.20
C PRO A 160 8.71 -12.59 -45.22
N SER A 161 9.96 -12.45 -44.77
CA SER A 161 11.07 -12.24 -45.70
C SER A 161 11.27 -13.43 -46.63
N ILE A 162 11.17 -14.65 -46.10
CA ILE A 162 11.38 -15.84 -46.90
C ILE A 162 10.20 -16.04 -47.84
N THR A 163 10.50 -16.44 -49.09
CA THR A 163 9.45 -16.68 -50.06
C THR A 163 8.58 -17.86 -49.64
N ARG A 164 9.21 -18.98 -49.29
CA ARG A 164 8.48 -20.16 -48.87
C ARG A 164 9.42 -21.02 -48.03
N ASP A 165 8.81 -21.80 -47.12
CA ASP A 165 9.57 -22.69 -46.24
C ASP A 165 9.63 -24.05 -46.90
N VAL A 166 10.62 -24.22 -47.79
CA VAL A 166 10.79 -25.49 -48.50
C VAL A 166 11.12 -26.61 -47.52
N SER A 167 11.97 -26.33 -46.53
CA SER A 167 12.37 -27.31 -45.54
C SER A 167 11.44 -27.21 -44.34
N GLY A 168 10.96 -28.36 -43.88
CA GLY A 168 10.04 -28.42 -42.76
C GLY A 168 9.00 -29.49 -42.91
N GLU A 169 7.74 -29.16 -42.59
CA GLU A 169 6.66 -30.13 -42.67
C GLU A 169 6.50 -30.67 -44.09
N GLY A 170 6.82 -29.87 -45.11
CA GLY A 170 6.69 -30.34 -46.48
C GLY A 170 7.59 -31.53 -46.75
N VAL A 171 8.81 -31.49 -46.22
CA VAL A 171 9.74 -32.60 -46.41
C VAL A 171 9.29 -33.81 -45.61
N GLN A 172 8.70 -33.59 -44.44
CA GLN A 172 8.25 -34.69 -43.60
C GLN A 172 7.10 -35.45 -44.25
N GLN A 173 6.29 -34.79 -45.08
CA GLN A 173 5.19 -35.47 -45.73
C GLN A 173 5.70 -36.47 -46.76
N ALA A 174 6.74 -36.09 -47.52
CA ALA A 174 7.30 -37.00 -48.52
C ALA A 174 7.87 -38.24 -47.86
N LEU A 175 8.64 -38.06 -46.77
CA LEU A 175 9.21 -39.19 -46.06
C LEU A 175 8.11 -40.05 -45.45
N LEU A 176 7.05 -39.42 -44.95
CA LEU A 176 5.95 -40.15 -44.36
C LEU A 176 5.28 -41.06 -45.38
N LYS A 177 5.20 -40.62 -46.64
CA LYS A 177 4.58 -41.42 -47.68
C LYS A 177 5.33 -42.74 -47.86
N LEU A 178 6.66 -42.70 -47.79
CA LEU A 178 7.44 -43.92 -47.95
C LEU A 178 7.21 -44.88 -46.79
N ILE A 179 7.00 -44.35 -45.58
CA ILE A 179 6.78 -45.21 -44.42
C ILE A 179 5.42 -45.88 -44.51
N GLU A 180 4.40 -45.14 -44.96
CA GLU A 180 3.06 -45.70 -45.11
C GLU A 180 3.04 -46.89 -46.05
N GLY A 181 3.95 -46.90 -47.03
CA GLY A 181 4.04 -47.97 -48.01
C GLY A 181 3.51 -47.50 -49.34
N THR A 182 4.42 -47.18 -50.26
CA THR A 182 4.07 -46.70 -51.59
C THR A 182 5.17 -47.10 -52.55
N VAL A 183 4.78 -47.53 -53.74
CA VAL A 183 5.76 -47.92 -54.75
C VAL A 183 6.45 -46.67 -55.28
N ALA A 184 7.77 -46.71 -55.36
CA ALA A 184 8.58 -45.60 -55.82
C ALA A 184 9.12 -45.89 -57.21
N ALA A 185 8.89 -44.97 -58.14
CA ALA A 185 9.35 -45.11 -59.51
C ALA A 185 10.78 -44.61 -59.62
N VAL A 186 11.68 -45.47 -60.09
CA VAL A 186 13.10 -45.13 -60.24
C VAL A 186 13.63 -45.56 -61.60
N PRO A 187 14.29 -44.69 -62.38
CA PRO A 187 14.88 -45.14 -63.64
C PRO A 187 16.16 -45.92 -63.36
N PRO A 188 16.33 -47.12 -63.92
CA PRO A 188 17.54 -47.89 -63.64
C PRO A 188 18.72 -47.51 -64.52
N GLN A 189 19.91 -47.86 -64.02
CA GLN A 189 21.19 -47.61 -64.68
C GLN A 189 21.35 -46.16 -65.15
N GLY A 190 20.85 -45.21 -64.35
CA GLY A 190 20.96 -43.80 -64.68
C GLY A 190 20.39 -43.45 -66.04
N GLY A 191 19.08 -43.66 -66.21
CA GLY A 191 18.43 -43.43 -67.49
C GLY A 191 18.66 -42.07 -68.13
N ARG A 192 18.76 -42.11 -69.45
CA ARG A 192 18.96 -40.93 -70.29
C ARG A 192 17.69 -40.07 -70.33
N LYS A 193 17.74 -39.01 -71.12
CA LYS A 193 16.60 -38.10 -71.26
C LYS A 193 15.34 -38.85 -71.70
N HIS A 194 15.50 -39.93 -72.46
CA HIS A 194 14.37 -40.70 -72.93
C HIS A 194 13.61 -41.24 -71.72
N PRO A 195 12.30 -40.97 -71.58
CA PRO A 195 11.60 -41.53 -70.42
C PRO A 195 11.56 -43.05 -70.44
N GLN A 196 11.09 -43.62 -71.56
CA GLN A 196 11.02 -45.05 -71.85
C GLN A 196 10.13 -45.85 -70.89
N GLN A 197 9.45 -45.18 -69.96
CA GLN A 197 8.53 -45.78 -68.99
C GLN A 197 9.09 -47.04 -68.35
N GLU A 198 10.20 -46.86 -67.63
CA GLU A 198 10.79 -47.96 -66.89
C GLU A 198 10.20 -47.95 -65.50
N PHE A 199 10.41 -46.84 -64.79
CA PHE A 199 9.83 -46.54 -63.48
C PHE A 199 9.76 -47.76 -62.56
N LEU A 200 10.92 -48.36 -62.32
CA LEU A 200 10.99 -49.56 -61.49
C LEU A 200 10.30 -49.31 -60.16
N GLN A 201 9.33 -50.15 -59.84
CA GLN A 201 8.53 -49.99 -58.62
C GLN A 201 9.21 -50.74 -57.49
N VAL A 202 9.52 -50.01 -56.42
CA VAL A 202 10.16 -50.55 -55.23
C VAL A 202 9.26 -50.22 -54.07
N ASP A 203 8.71 -51.25 -53.42
CA ASP A 203 7.82 -51.02 -52.29
C ASP A 203 8.64 -50.51 -51.11
N THR A 204 8.06 -49.55 -50.38
CA THR A 204 8.71 -48.96 -49.22
C THR A 204 8.10 -49.44 -47.91
N SER A 205 7.16 -50.39 -47.96
CA SER A 205 6.56 -50.90 -46.73
C SER A 205 7.53 -51.83 -46.00
N LYS A 206 8.30 -52.62 -46.76
CA LYS A 206 9.26 -53.55 -46.20
C LYS A 206 10.64 -52.93 -45.97
N ILE A 207 10.88 -51.71 -46.43
CA ILE A 207 12.17 -51.06 -46.27
C ILE A 207 12.24 -50.43 -44.89
N LEU A 208 13.17 -50.92 -44.06
CA LEU A 208 13.35 -50.38 -42.72
C LEU A 208 13.75 -48.91 -42.81
N PHE A 209 13.05 -48.07 -42.05
CA PHE A 209 13.29 -46.63 -42.02
C PHE A 209 13.76 -46.25 -40.63
N ILE A 210 14.98 -45.72 -40.54
CA ILE A 210 15.57 -45.28 -39.28
C ILE A 210 15.90 -43.80 -39.40
N CYS A 211 15.49 -43.02 -38.40
CA CYS A 211 15.73 -41.59 -38.36
C CYS A 211 16.47 -41.29 -37.05
N GLY A 212 17.71 -40.83 -37.17
CA GLY A 212 18.52 -40.51 -36.02
C GLY A 212 19.00 -39.08 -35.98
N GLY A 213 18.52 -38.32 -35.00
CA GLY A 213 18.92 -36.94 -34.85
C GLY A 213 18.99 -36.53 -33.40
N ALA A 214 19.79 -35.50 -33.13
CA ALA A 214 19.97 -34.95 -31.79
C ALA A 214 18.97 -33.82 -31.62
N PHE A 215 17.89 -34.08 -30.89
CA PHE A 215 16.84 -33.08 -30.67
C PHE A 215 17.28 -32.12 -29.58
N ALA A 216 18.06 -31.13 -29.99
CA ALA A 216 18.55 -30.11 -29.07
C ALA A 216 17.38 -29.23 -28.62
N GLY A 217 17.25 -29.06 -27.31
CA GLY A 217 16.18 -28.27 -26.73
C GLY A 217 14.97 -29.06 -26.30
N LEU A 218 14.89 -30.34 -26.68
CA LEU A 218 13.76 -31.17 -26.28
C LEU A 218 13.71 -31.37 -24.77
N ASP A 219 14.88 -31.38 -24.12
CA ASP A 219 14.94 -31.54 -22.67
C ASP A 219 14.13 -30.47 -21.95
N LYS A 220 14.10 -29.25 -22.50
CA LYS A 220 13.36 -28.16 -21.85
C LYS A 220 11.87 -28.47 -21.78
N VAL A 221 11.27 -28.87 -22.91
CA VAL A 221 9.85 -29.15 -22.92
C VAL A 221 9.51 -30.37 -22.06
N ILE A 222 10.38 -31.39 -22.10
CA ILE A 222 10.13 -32.59 -21.30
C ILE A 222 10.21 -32.26 -19.82
N SER A 223 11.18 -31.44 -19.42
CA SER A 223 11.33 -31.08 -18.02
C SER A 223 10.13 -30.28 -17.54
N HIS A 224 9.64 -29.35 -18.35
CA HIS A 224 8.50 -28.52 -17.97
C HIS A 224 7.26 -29.38 -17.66
N ARG A 225 7.15 -30.54 -18.29
CA ARG A 225 6.01 -31.43 -18.09
C ARG A 225 6.14 -32.35 -16.89
N VAL A 226 7.34 -32.86 -16.61
CA VAL A 226 7.56 -33.83 -15.53
C VAL A 226 8.27 -33.23 -14.31
N GLU A 227 8.48 -31.92 -14.26
CA GLU A 227 9.13 -31.31 -13.11
C GLU A 227 8.09 -31.04 -12.03
N THR A 228 8.27 -31.68 -10.88
CA THR A 228 7.32 -31.55 -9.77
C THR A 228 7.32 -30.14 -9.18
N GLY A 229 8.50 -29.54 -9.04
CA GLY A 229 8.65 -28.22 -8.45
C GLY A 229 9.17 -28.30 -7.02
N SER A 230 9.69 -27.16 -6.55
CA SER A 230 10.27 -27.06 -5.22
C SER A 230 9.32 -26.37 -4.25
N GLY A 231 9.09 -27.00 -3.09
CA GLY A 231 8.24 -26.43 -2.07
C GLY A 231 8.99 -25.41 -1.23
N ILE A 232 8.24 -24.74 -0.35
CA ILE A 232 8.79 -23.70 0.50
C ILE A 232 8.76 -24.06 1.98
N GLY A 233 7.87 -24.93 2.43
CA GLY A 233 7.75 -25.23 3.84
C GLY A 233 8.89 -26.05 4.42
N PHE A 234 8.79 -26.25 5.74
CA PHE A 234 9.79 -27.02 6.48
C PHE A 234 9.83 -28.47 6.04
N GLY A 235 8.66 -29.08 5.86
CA GLY A 235 8.56 -30.46 5.46
C GLY A 235 8.59 -30.72 3.99
N ALA A 236 8.69 -29.68 3.17
CA ALA A 236 8.75 -29.86 1.73
C ALA A 236 10.13 -30.33 1.32
N THR A 237 10.22 -30.79 0.07
CA THR A 237 11.46 -31.29 -0.51
C THR A 237 12.06 -30.19 -1.37
N VAL A 238 13.26 -29.76 -1.03
CA VAL A 238 13.97 -28.72 -1.77
C VAL A 238 14.90 -29.40 -2.77
N LYS A 239 14.84 -28.94 -4.02
CA LYS A 239 15.66 -29.50 -5.10
C LYS A 239 16.71 -28.48 -5.50
N ALA A 240 17.96 -28.77 -5.14
CA ALA A 240 19.07 -27.91 -5.48
C ALA A 240 19.46 -28.11 -6.94
N LYS A 241 20.17 -27.11 -7.49
CA LYS A 241 20.59 -27.17 -8.88
C LYS A 241 21.54 -28.34 -9.16
N SER A 242 22.23 -28.84 -8.14
CA SER A 242 23.15 -29.96 -8.34
C SER A 242 22.40 -31.20 -8.81
N ASP A 243 21.28 -31.51 -8.17
CA ASP A 243 20.47 -32.67 -8.49
C ASP A 243 19.17 -32.28 -9.19
N LYS A 244 19.20 -31.16 -9.93
CA LYS A 244 18.00 -30.70 -10.63
C LYS A 244 17.51 -31.72 -11.65
N ALA A 245 18.32 -31.97 -12.67
CA ALA A 245 17.98 -32.92 -13.72
C ALA A 245 19.16 -33.03 -14.67
N SER A 246 19.05 -34.00 -15.59
CA SER A 246 20.08 -34.23 -16.60
C SER A 246 19.39 -34.78 -17.85
N GLU A 247 20.10 -34.72 -18.97
CA GLU A 247 19.53 -35.26 -20.21
C GLU A 247 19.25 -36.75 -20.05
N GLY A 248 20.13 -37.45 -19.34
CA GLY A 248 19.88 -38.85 -19.07
C GLY A 248 18.74 -38.98 -18.07
N GLU A 249 17.90 -39.99 -18.28
CA GLU A 249 16.71 -40.29 -17.48
C GLU A 249 15.57 -39.32 -17.76
N LEU A 250 15.77 -38.32 -18.62
CA LEU A 250 14.77 -37.34 -19.01
C LEU A 250 14.21 -37.63 -20.39
N LEU A 251 15.09 -37.94 -21.34
CA LEU A 251 14.65 -38.29 -22.68
C LEU A 251 13.94 -39.64 -22.69
N ALA A 252 14.23 -40.50 -21.72
CA ALA A 252 13.57 -41.80 -21.65
C ALA A 252 12.06 -41.65 -21.48
N GLN A 253 11.62 -40.56 -20.85
CA GLN A 253 10.21 -40.30 -20.62
C GLN A 253 9.58 -39.50 -21.76
N VAL A 254 10.22 -39.47 -22.93
CA VAL A 254 9.68 -38.74 -24.07
C VAL A 254 8.33 -39.32 -24.46
N GLU A 255 7.42 -38.43 -24.88
CA GLU A 255 6.08 -38.79 -25.32
C GLU A 255 5.82 -38.10 -26.65
N PRO A 256 4.77 -38.52 -27.38
CA PRO A 256 4.48 -37.88 -28.66
C PRO A 256 4.11 -36.41 -28.54
N GLU A 257 3.45 -36.01 -27.44
CA GLU A 257 3.03 -34.62 -27.30
C GLU A 257 4.22 -33.66 -27.27
N ASP A 258 5.29 -34.02 -26.57
CA ASP A 258 6.46 -33.13 -26.52
C ASP A 258 7.13 -33.03 -27.88
N LEU A 259 7.17 -34.14 -28.63
CA LEU A 259 7.79 -34.14 -29.95
C LEU A 259 7.03 -33.23 -30.91
N ILE A 260 5.71 -33.18 -30.77
CA ILE A 260 4.91 -32.34 -31.66
C ILE A 260 5.26 -30.87 -31.44
N LYS A 261 5.50 -30.48 -30.20
CA LYS A 261 5.88 -29.10 -29.92
C LYS A 261 7.20 -28.75 -30.58
N PHE A 262 8.12 -29.72 -30.67
CA PHE A 262 9.39 -29.49 -31.34
C PHE A 262 9.18 -29.14 -32.81
N GLY A 263 8.14 -29.70 -33.42
CA GLY A 263 7.80 -29.44 -34.81
C GLY A 263 7.51 -30.69 -35.63
N LEU A 264 7.81 -31.86 -35.08
CA LEU A 264 7.53 -33.10 -35.79
C LEU A 264 6.03 -33.29 -35.97
N ILE A 265 5.66 -33.87 -37.11
CA ILE A 265 4.25 -34.11 -37.41
C ILE A 265 3.74 -35.23 -36.52
N PRO A 266 2.51 -35.16 -35.97
CA PRO A 266 2.03 -36.27 -35.13
C PRO A 266 1.97 -37.60 -35.87
N GLU A 267 1.55 -37.59 -37.14
CA GLU A 267 1.48 -38.82 -37.91
C GLU A 267 2.85 -39.45 -38.06
N PHE A 268 3.88 -38.61 -38.24
CA PHE A 268 5.24 -39.12 -38.38
C PHE A 268 5.69 -39.83 -37.11
N ILE A 269 5.34 -39.30 -35.95
CA ILE A 269 5.72 -39.92 -34.69
C ILE A 269 5.00 -41.25 -34.51
N GLY A 270 3.70 -41.29 -34.84
CA GLY A 270 2.95 -42.52 -34.70
C GLY A 270 3.52 -43.65 -35.54
N ARG A 271 4.05 -43.33 -36.71
CA ARG A 271 4.64 -44.34 -37.59
C ARG A 271 5.96 -44.89 -37.06
N LEU A 272 6.53 -44.30 -36.01
CA LEU A 272 7.80 -44.73 -35.42
C LEU A 272 7.56 -45.18 -33.98
N PRO A 273 7.07 -46.41 -33.77
CA PRO A 273 6.84 -46.82 -32.38
C PRO A 273 8.12 -47.07 -31.61
N VAL A 274 9.11 -47.70 -32.24
CA VAL A 274 10.37 -47.98 -31.56
C VAL A 274 11.13 -46.67 -31.37
N VAL A 275 11.63 -46.46 -30.16
CA VAL A 275 12.39 -45.27 -29.80
C VAL A 275 13.63 -45.71 -29.04
N ALA A 276 14.79 -45.43 -29.60
CA ALA A 276 16.08 -45.76 -28.99
C ALA A 276 16.67 -44.45 -28.49
N THR A 277 16.74 -44.31 -27.16
CA THR A 277 17.25 -43.11 -26.52
C THR A 277 18.63 -43.40 -25.96
N LEU A 278 19.60 -42.58 -26.36
CA LEU A 278 20.98 -42.71 -25.91
C LEU A 278 21.21 -41.80 -24.72
N ASN A 279 22.27 -42.10 -23.96
CA ASN A 279 22.63 -41.33 -22.78
C ASN A 279 24.06 -40.82 -22.91
N GLU A 280 24.31 -39.68 -22.27
CA GLU A 280 25.64 -39.08 -22.27
C GLU A 280 26.66 -40.07 -21.71
N LEU A 281 27.75 -40.26 -22.44
CA LEU A 281 28.80 -41.19 -22.02
C LEU A 281 29.33 -40.82 -20.64
N SER A 282 29.64 -41.85 -19.85
CA SER A 282 30.18 -41.68 -18.52
C SER A 282 31.70 -41.62 -18.55
N GLU A 283 32.29 -41.29 -17.39
CA GLU A 283 33.74 -41.19 -17.29
C GLU A 283 34.41 -42.51 -17.67
N GLU A 284 33.88 -43.63 -17.16
CA GLU A 284 34.44 -44.94 -17.48
C GLU A 284 34.35 -45.22 -18.98
N ALA A 285 33.21 -44.89 -19.59
CA ALA A 285 33.05 -45.14 -21.03
C ALA A 285 34.05 -44.35 -21.86
N LEU A 286 34.25 -43.08 -21.49
CA LEU A 286 35.21 -42.25 -22.24
C LEU A 286 36.62 -42.77 -22.11
N ILE A 287 36.97 -43.35 -20.97
CA ILE A 287 38.32 -43.88 -20.76
C ILE A 287 38.60 -45.01 -21.73
N GLN A 288 37.61 -45.89 -21.97
CA GLN A 288 37.80 -46.99 -22.89
C GLN A 288 38.02 -46.50 -24.31
N ILE A 289 37.24 -45.50 -24.74
CA ILE A 289 37.36 -44.96 -26.09
C ILE A 289 38.75 -44.38 -26.33
N LEU A 290 39.39 -43.87 -25.28
CA LEU A 290 40.72 -43.28 -25.45
C LEU A 290 41.77 -44.29 -25.89
N LYS A 291 41.66 -45.55 -25.46
CA LYS A 291 42.65 -46.57 -25.80
C LYS A 291 42.12 -47.85 -26.43
N GLU A 292 40.92 -48.30 -26.05
CA GLU A 292 40.42 -49.58 -26.56
C GLU A 292 40.21 -49.61 -28.06
N PRO A 293 39.56 -48.64 -28.71
CA PRO A 293 39.39 -48.73 -30.17
C PRO A 293 40.72 -48.71 -30.91
N LYS A 294 40.72 -49.33 -32.09
CA LYS A 294 41.94 -49.35 -32.91
C LYS A 294 42.29 -47.95 -33.39
N ASN A 295 41.28 -47.15 -33.72
CA ASN A 295 41.45 -45.78 -34.18
C ASN A 295 41.26 -44.77 -33.06
N ALA A 296 41.60 -45.17 -31.84
CA ALA A 296 41.43 -44.31 -30.68
C ALA A 296 42.29 -43.05 -30.79
N LEU A 297 41.89 -42.04 -30.01
CA LEU A 297 42.59 -40.76 -30.02
C LEU A 297 44.04 -40.91 -29.59
N THR A 298 44.30 -41.71 -28.55
CA THR A 298 45.67 -41.89 -28.07
C THR A 298 46.55 -42.53 -29.14
N LYS A 299 46.04 -43.55 -29.82
CA LYS A 299 46.80 -44.21 -30.87
C LYS A 299 47.07 -43.27 -32.04
N GLN A 300 46.14 -42.35 -32.32
CA GLN A 300 46.31 -41.42 -33.42
C GLN A 300 47.53 -40.54 -33.19
N TYR A 301 47.63 -39.96 -32.00
CA TYR A 301 48.77 -39.10 -31.69
C TYR A 301 50.06 -39.90 -31.60
N GLN A 302 49.99 -41.15 -31.11
CA GLN A 302 51.17 -41.98 -31.04
C GLN A 302 51.77 -42.19 -32.41
N ALA A 303 50.92 -42.45 -33.41
CA ALA A 303 51.41 -42.59 -34.78
C ALA A 303 51.96 -41.27 -35.29
N LEU A 304 51.34 -40.16 -34.90
CA LEU A 304 51.81 -38.85 -35.30
C LEU A 304 53.20 -38.59 -34.76
N PHE A 305 53.42 -38.87 -33.48
CA PHE A 305 54.73 -38.69 -32.88
C PHE A 305 55.73 -39.66 -33.46
N ASN A 306 55.31 -40.90 -33.73
CA ASN A 306 56.20 -41.90 -34.30
C ASN A 306 56.70 -41.48 -35.68
N LEU A 307 55.86 -40.76 -36.43
CA LEU A 307 56.28 -40.27 -37.74
C LEU A 307 57.42 -39.28 -37.64
N GLU A 308 57.60 -38.65 -36.47
CA GLU A 308 58.67 -37.70 -36.22
C GLU A 308 59.88 -38.34 -35.55
N GLY A 309 59.80 -39.60 -35.16
CA GLY A 309 60.90 -40.29 -34.51
C GLY A 309 60.82 -40.34 -33.01
N VAL A 310 59.67 -40.06 -32.41
CA VAL A 310 59.48 -40.07 -30.97
C VAL A 310 58.28 -40.95 -30.65
N ASP A 311 58.30 -41.56 -29.46
CA ASP A 311 57.22 -42.40 -28.99
C ASP A 311 56.47 -41.67 -27.88
N LEU A 312 55.15 -41.82 -27.89
CA LEU A 312 54.26 -41.17 -26.94
C LEU A 312 53.64 -42.20 -26.00
N GLU A 313 53.63 -41.86 -24.71
CA GLU A 313 53.09 -42.72 -23.66
C GLU A 313 52.08 -41.94 -22.82
N PHE A 314 50.92 -42.55 -22.59
CA PHE A 314 49.85 -41.95 -21.80
C PHE A 314 49.64 -42.79 -20.54
N ARG A 315 49.66 -42.13 -19.38
CA ARG A 315 49.45 -42.82 -18.13
C ARG A 315 47.95 -43.06 -17.93
N ASP A 316 47.63 -44.14 -17.21
CA ASP A 316 46.24 -44.47 -16.95
C ASP A 316 45.54 -43.37 -16.15
N GLU A 317 46.26 -42.70 -15.26
CA GLU A 317 45.66 -41.65 -14.45
C GLU A 317 45.34 -40.42 -15.29
N ALA A 318 46.19 -40.11 -16.28
CA ALA A 318 45.93 -38.96 -17.15
C ALA A 318 44.61 -39.11 -17.89
N LEU A 319 44.28 -40.34 -18.29
CA LEU A 319 43.03 -40.60 -19.01
C LEU A 319 41.83 -40.21 -18.16
N ASP A 320 41.91 -40.44 -16.85
CA ASP A 320 40.79 -40.09 -15.98
C ASP A 320 40.54 -38.59 -15.99
N ALA A 321 41.61 -37.80 -15.93
CA ALA A 321 41.46 -36.35 -15.97
C ALA A 321 40.88 -35.89 -17.30
N ILE A 322 41.37 -36.47 -18.40
CA ILE A 322 40.87 -36.10 -19.73
C ILE A 322 39.38 -36.37 -19.82
N ALA A 323 38.93 -37.52 -19.32
CA ALA A 323 37.51 -37.85 -19.36
C ALA A 323 36.71 -36.86 -18.53
N LYS A 324 37.26 -36.43 -17.39
CA LYS A 324 36.55 -35.47 -16.56
C LYS A 324 36.39 -34.13 -17.25
N LYS A 325 37.46 -33.66 -17.92
CA LYS A 325 37.39 -32.39 -18.63
C LYS A 325 36.45 -32.49 -19.82
N ALA A 326 36.47 -33.63 -20.53
CA ALA A 326 35.61 -33.81 -21.68
C ALA A 326 34.14 -33.81 -21.29
N MET A 327 33.81 -34.41 -20.16
CA MET A 327 32.42 -34.46 -19.70
C MET A 327 31.88 -33.06 -19.45
N ALA A 328 32.72 -32.16 -18.92
CA ALA A 328 32.28 -30.80 -18.66
C ALA A 328 31.99 -30.06 -19.96
N ARG A 329 32.78 -30.33 -21.01
CA ARG A 329 32.57 -29.68 -22.29
C ARG A 329 31.20 -29.99 -22.88
N LYS A 330 30.68 -31.20 -22.61
CA LYS A 330 29.38 -31.66 -23.07
C LYS A 330 29.33 -31.96 -24.56
N THR A 331 30.50 -32.12 -25.19
CA THR A 331 30.58 -32.43 -26.62
C THR A 331 30.81 -33.91 -26.88
N GLY A 332 30.55 -34.76 -25.88
CA GLY A 332 30.73 -36.18 -26.05
C GLY A 332 32.17 -36.56 -26.32
N ALA A 333 32.33 -37.54 -27.21
CA ALA A 333 33.66 -38.03 -27.57
C ALA A 333 34.53 -36.94 -28.17
N ARG A 334 33.92 -36.02 -28.94
CA ARG A 334 34.69 -34.95 -29.58
C ARG A 334 35.41 -34.09 -28.56
N GLY A 335 34.90 -34.00 -27.33
CA GLY A 335 35.55 -33.21 -26.31
C GLY A 335 36.95 -33.69 -25.98
N LEU A 336 37.20 -34.99 -26.15
CA LEU A 336 38.51 -35.56 -25.84
C LEU A 336 39.61 -34.91 -26.67
N ARG A 337 39.36 -34.68 -27.96
CA ARG A 337 40.36 -34.09 -28.83
C ARG A 337 40.75 -32.69 -28.35
N SER A 338 39.79 -31.93 -27.84
CA SER A 338 40.08 -30.58 -27.35
C SER A 338 41.08 -30.61 -26.20
N ILE A 339 40.88 -31.53 -25.25
CA ILE A 339 41.77 -31.61 -24.08
C ILE A 339 43.17 -32.03 -24.51
N VAL A 340 43.27 -33.01 -25.39
CA VAL A 340 44.58 -33.50 -25.83
C VAL A 340 45.33 -32.42 -26.60
N GLU A 341 44.65 -31.74 -27.52
CA GLU A 341 45.30 -30.72 -28.33
C GLU A 341 45.80 -29.57 -27.47
N ALA A 342 45.04 -29.20 -26.43
CA ALA A 342 45.46 -28.11 -25.57
C ALA A 342 46.67 -28.48 -24.73
N ALA A 343 46.64 -29.66 -24.12
CA ALA A 343 47.76 -30.10 -23.28
C ALA A 343 49.04 -30.27 -24.08
N LEU A 344 48.93 -30.75 -25.31
CA LEU A 344 50.09 -31.01 -26.16
C LEU A 344 50.40 -29.85 -27.11
N LEU A 345 49.69 -28.73 -27.01
CA LEU A 345 49.96 -27.60 -27.89
C LEU A 345 51.38 -27.07 -27.73
N ASP A 346 51.81 -26.88 -26.48
CA ASP A 346 53.14 -26.32 -26.23
C ASP A 346 54.25 -27.26 -26.69
N THR A 347 54.18 -28.53 -26.32
CA THR A 347 55.23 -29.47 -26.68
C THR A 347 55.33 -29.66 -28.19
N MET A 348 54.19 -29.79 -28.87
CA MET A 348 54.20 -29.99 -30.32
C MET A 348 54.85 -28.83 -31.03
N TYR A 349 54.65 -27.61 -30.54
CA TYR A 349 55.24 -26.44 -31.19
C TYR A 349 56.76 -26.46 -31.10
N ASP A 350 57.31 -26.86 -29.95
CA ASP A 350 58.75 -26.87 -29.74
C ASP A 350 59.41 -28.24 -29.94
N LEU A 351 58.64 -29.33 -29.96
CA LEU A 351 59.26 -30.65 -30.11
C LEU A 351 60.07 -30.81 -31.39
N PRO A 352 59.61 -30.39 -32.57
CA PRO A 352 60.47 -30.56 -33.76
C PRO A 352 61.76 -29.76 -33.69
N SER A 353 61.70 -28.53 -33.18
CA SER A 353 62.90 -27.73 -33.07
C SER A 353 63.86 -28.29 -32.03
N MET A 354 63.34 -28.99 -31.02
CA MET A 354 64.19 -29.58 -29.99
C MET A 354 64.92 -30.79 -30.55
N GLU A 355 66.06 -31.10 -29.93
CA GLU A 355 66.90 -32.21 -30.32
C GLU A 355 67.20 -33.08 -29.10
N ASP A 356 67.59 -34.32 -29.39
CA ASP A 356 67.99 -35.40 -28.47
C ASP A 356 66.83 -35.90 -27.61
N VAL A 357 65.60 -35.50 -27.90
CA VAL A 357 64.43 -35.94 -27.15
C VAL A 357 63.88 -37.18 -27.86
N GLU A 358 63.96 -38.32 -27.19
CA GLU A 358 63.54 -39.60 -27.75
C GLU A 358 62.21 -40.11 -27.20
N LYS A 359 61.75 -39.61 -26.05
CA LYS A 359 60.49 -40.08 -25.47
C LYS A 359 59.81 -38.94 -24.74
N VAL A 360 58.48 -38.92 -24.83
CA VAL A 360 57.63 -37.93 -24.18
C VAL A 360 56.57 -38.67 -23.41
N VAL A 361 56.36 -38.26 -22.16
CA VAL A 361 55.39 -38.89 -21.27
C VAL A 361 54.46 -37.82 -20.70
N ILE A 362 53.18 -38.15 -20.59
CA ILE A 362 52.14 -37.28 -20.06
C ILE A 362 51.53 -37.96 -18.86
N ASP A 363 51.29 -37.18 -17.80
CA ASP A 363 50.75 -37.68 -16.55
C ASP A 363 49.56 -36.83 -16.10
N GLU A 364 49.01 -37.19 -14.94
CA GLU A 364 47.86 -36.51 -14.36
C GLU A 364 48.09 -35.01 -14.21
N SER A 365 49.28 -34.63 -13.74
CA SER A 365 49.57 -33.21 -13.51
C SER A 365 49.55 -32.40 -14.81
N VAL A 366 49.99 -33.01 -15.91
CA VAL A 366 50.02 -32.30 -17.18
C VAL A 366 48.62 -31.93 -17.65
N ILE A 367 47.65 -32.82 -17.42
CA ILE A 367 46.28 -32.56 -17.85
C ILE A 367 45.73 -31.31 -17.16
N ASP A 368 46.01 -31.17 -15.87
CA ASP A 368 45.54 -30.00 -15.13
C ASP A 368 46.15 -28.71 -15.67
N GLY A 369 47.35 -28.79 -16.24
CA GLY A 369 48.04 -27.65 -16.79
C GLY A 369 49.08 -27.03 -15.89
N GLN A 370 49.08 -27.39 -14.60
CA GLN A 370 50.07 -26.83 -13.67
C GLN A 370 51.48 -27.27 -14.05
N SER A 371 51.64 -28.52 -14.50
CA SER A 371 52.92 -29.08 -14.87
C SER A 371 53.06 -29.11 -16.39
N GLU A 372 54.31 -29.24 -16.84
CA GLU A 372 54.66 -29.29 -18.24
C GLU A 372 54.85 -30.74 -18.68
N PRO A 373 54.68 -31.05 -19.98
CA PRO A 373 54.87 -32.44 -20.42
C PRO A 373 56.29 -32.93 -20.14
N LEU A 374 56.37 -34.11 -19.54
CA LEU A 374 57.67 -34.70 -19.22
C LEU A 374 58.41 -35.10 -20.49
N LEU A 375 59.71 -34.79 -20.52
CA LEU A 375 60.58 -35.10 -21.65
C LEU A 375 61.74 -35.95 -21.15
N ILE A 376 62.05 -36.99 -21.90
CA ILE A 376 63.13 -37.92 -21.57
C ILE A 376 64.26 -37.71 -22.56
N TYR A 377 65.49 -37.61 -22.03
CA TYR A 377 66.68 -37.39 -22.84
C TYR A 377 67.67 -38.54 -22.67
N ALA B 27 62.11 -29.77 -47.37
CA ALA B 27 61.85 -30.58 -46.18
C ALA B 27 60.57 -30.11 -45.48
N LEU B 28 60.28 -30.71 -44.33
CA LEU B 28 59.08 -30.36 -43.58
C LEU B 28 59.36 -29.13 -42.72
N PRO B 29 58.66 -28.00 -42.91
CA PRO B 29 58.93 -26.84 -42.07
C PRO B 29 58.43 -27.06 -40.65
N THR B 30 59.24 -26.63 -39.68
CA THR B 30 58.90 -26.76 -38.29
C THR B 30 57.93 -25.66 -37.87
N PRO B 31 57.22 -25.85 -36.75
CA PRO B 31 56.30 -24.79 -36.30
C PRO B 31 56.99 -23.48 -36.03
N HIS B 32 58.21 -23.52 -35.48
CA HIS B 32 58.96 -22.30 -35.21
C HIS B 32 59.18 -21.51 -36.50
N GLU B 33 59.54 -22.21 -37.58
CA GLU B 33 59.75 -21.54 -38.85
C GLU B 33 58.46 -20.90 -39.34
N ILE B 34 57.34 -21.63 -39.23
CA ILE B 34 56.05 -21.10 -39.65
C ILE B 34 55.68 -19.89 -38.80
N ARG B 35 55.92 -19.96 -37.49
CA ARG B 35 55.60 -18.84 -36.61
C ARG B 35 56.43 -17.62 -36.93
N ASN B 36 57.68 -17.80 -37.36
CA ASN B 36 58.53 -16.66 -37.69
C ASN B 36 57.91 -15.85 -38.82
N HIS B 37 57.34 -16.51 -39.83
CA HIS B 37 56.69 -15.79 -40.91
C HIS B 37 55.48 -15.02 -40.39
N LEU B 38 54.68 -15.66 -39.53
CA LEU B 38 53.52 -14.99 -38.96
C LEU B 38 53.95 -13.82 -38.08
N ASP B 39 55.06 -13.98 -37.35
CA ASP B 39 55.55 -12.90 -36.50
C ASP B 39 55.93 -11.69 -37.31
N ASP B 40 56.44 -11.89 -38.53
CA ASP B 40 56.81 -10.78 -39.40
C ASP B 40 55.62 -9.88 -39.69
N TYR B 41 54.45 -10.47 -39.93
CA TYR B 41 53.25 -9.73 -40.26
C TYR B 41 52.30 -9.53 -39.08
N VAL B 42 52.32 -10.40 -38.09
CA VAL B 42 51.42 -10.33 -36.93
C VAL B 42 52.27 -10.14 -35.68
N ILE B 43 51.83 -9.22 -34.81
CA ILE B 43 52.52 -8.88 -33.58
C ILE B 43 51.61 -9.10 -32.38
N GLY B 44 52.08 -9.90 -31.42
CA GLY B 44 51.39 -10.10 -30.16
C GLY B 44 50.50 -11.32 -30.04
N GLN B 45 50.13 -11.95 -31.15
CA GLN B 45 49.24 -13.12 -31.11
C GLN B 45 50.06 -14.41 -31.11
N GLU B 46 50.80 -14.58 -30.02
CA GLU B 46 51.66 -15.75 -29.87
C GLU B 46 50.85 -17.05 -29.79
N GLN B 47 49.73 -17.04 -29.07
CA GLN B 47 48.95 -18.26 -28.92
C GLN B 47 48.33 -18.70 -30.24
N ALA B 48 47.78 -17.75 -31.00
CA ALA B 48 47.18 -18.08 -32.29
C ALA B 48 48.21 -18.65 -33.25
N LYS B 49 49.42 -18.10 -33.23
CA LYS B 49 50.47 -18.57 -34.13
C LYS B 49 50.85 -20.02 -33.81
N LYS B 50 50.93 -20.35 -32.53
CA LYS B 50 51.30 -21.71 -32.13
C LYS B 50 50.25 -22.71 -32.61
N VAL B 51 48.97 -22.39 -32.39
CA VAL B 51 47.89 -23.29 -32.81
C VAL B 51 47.90 -23.47 -34.32
N LEU B 52 48.03 -22.36 -35.05
CA LEU B 52 48.04 -22.42 -36.51
C LEU B 52 49.27 -23.18 -37.01
N ALA B 53 50.43 -22.91 -36.41
CA ALA B 53 51.65 -23.57 -36.84
C ALA B 53 51.57 -25.07 -36.59
N VAL B 54 51.08 -25.47 -35.41
CA VAL B 54 50.97 -26.89 -35.08
C VAL B 54 49.99 -27.57 -36.02
N ALA B 55 48.86 -26.90 -36.31
CA ALA B 55 47.87 -27.49 -37.20
C ALA B 55 48.44 -27.68 -38.60
N VAL B 56 49.17 -26.68 -39.11
CA VAL B 56 49.78 -26.80 -40.43
C VAL B 56 50.84 -27.89 -40.41
N TYR B 57 51.60 -27.98 -39.32
CA TYR B 57 52.64 -29.00 -39.22
C TYR B 57 52.04 -30.39 -39.27
N ASN B 58 50.96 -30.62 -38.52
CA ASN B 58 50.30 -31.92 -38.54
C ASN B 58 49.68 -32.20 -39.90
N HIS B 59 49.06 -31.18 -40.51
CA HIS B 59 48.45 -31.35 -41.81
C HIS B 59 49.47 -31.76 -42.85
N TYR B 60 50.66 -31.15 -42.82
CA TYR B 60 51.71 -31.52 -43.76
C TYR B 60 52.14 -32.96 -43.55
N LYS B 61 52.22 -33.40 -42.29
CA LYS B 61 52.63 -34.77 -41.99
C LYS B 61 51.66 -35.78 -42.59
N ARG B 62 50.36 -35.51 -42.47
CA ARG B 62 49.37 -36.42 -43.04
C ARG B 62 49.52 -36.50 -44.56
N LEU B 63 49.72 -35.36 -45.21
CA LEU B 63 49.91 -35.34 -46.65
C LEU B 63 51.25 -35.96 -47.02
N ARG B 64 52.29 -35.66 -46.25
CA ARG B 64 53.60 -36.21 -46.52
C ARG B 64 53.62 -37.73 -46.41
N ASN B 65 52.97 -38.26 -45.37
CA ASN B 65 52.88 -39.70 -45.11
C ASN B 65 51.41 -40.09 -45.10
N GLY B 66 50.90 -40.49 -46.27
CA GLY B 66 49.51 -40.92 -46.36
C GLY B 66 49.23 -42.10 -45.45
N ASP B 67 47.95 -42.23 -45.09
CA ASP B 67 47.53 -43.32 -44.19
C ASP B 67 47.48 -44.63 -44.97
N THR B 68 48.68 -45.18 -45.22
CA THR B 68 48.88 -46.43 -45.94
C THR B 68 49.50 -47.52 -45.07
N SER B 69 50.62 -47.22 -44.41
CA SER B 69 51.29 -48.21 -43.57
C SER B 69 50.68 -48.29 -42.18
N ASN B 70 50.49 -47.15 -41.54
CA ASN B 70 49.90 -47.13 -40.21
C ASN B 70 48.48 -47.65 -40.23
N GLY B 71 48.22 -48.64 -39.37
CA GLY B 71 46.88 -49.19 -39.28
C GLY B 71 45.85 -48.16 -38.84
N VAL B 72 46.27 -47.23 -37.98
CA VAL B 72 45.39 -46.19 -37.47
C VAL B 72 45.28 -45.07 -38.49
N GLU B 73 44.08 -44.47 -38.57
CA GLU B 73 43.81 -43.37 -39.47
C GLU B 73 43.83 -42.07 -38.67
N LEU B 74 44.72 -41.16 -39.05
CA LEU B 74 44.84 -39.89 -38.36
C LEU B 74 43.63 -39.00 -38.61
N GLY B 75 43.14 -38.37 -37.55
CA GLY B 75 42.01 -37.48 -37.63
C GLY B 75 42.45 -36.03 -37.55
N LYS B 76 41.65 -35.15 -38.15
CA LYS B 76 41.94 -33.73 -38.17
C LYS B 76 41.28 -33.03 -36.99
N SER B 77 41.86 -31.89 -36.60
CA SER B 77 41.36 -31.06 -35.52
C SER B 77 41.15 -29.65 -36.07
N ASN B 78 39.91 -29.20 -36.08
CA ASN B 78 39.59 -27.87 -36.60
C ASN B 78 39.82 -26.82 -35.53
N ILE B 79 40.11 -25.60 -35.98
CA ILE B 79 40.43 -24.47 -35.11
C ILE B 79 39.33 -23.41 -35.21
N LEU B 80 39.04 -22.78 -34.08
CA LEU B 80 38.05 -21.72 -33.96
C LEU B 80 38.79 -20.48 -33.43
N LEU B 81 39.08 -19.54 -34.32
CA LEU B 81 39.81 -18.32 -33.97
C LEU B 81 38.89 -17.23 -33.46
N ILE B 82 38.68 -17.20 -32.16
CA ILE B 82 37.87 -16.17 -31.52
C ILE B 82 38.78 -14.99 -31.20
N GLY B 83 38.30 -13.78 -31.45
CA GLY B 83 39.08 -12.61 -31.17
C GLY B 83 38.37 -11.31 -31.50
N PRO B 84 38.70 -10.20 -30.79
CA PRO B 84 38.02 -8.92 -31.09
C PRO B 84 38.40 -8.36 -32.45
N THR B 85 37.82 -7.21 -32.78
CA THR B 85 38.07 -6.57 -34.06
C THR B 85 39.51 -6.05 -34.14
N GLY B 86 40.07 -6.10 -35.33
CA GLY B 86 41.43 -5.62 -35.56
C GLY B 86 42.48 -6.34 -34.76
N SER B 87 42.23 -7.59 -34.39
CA SER B 87 43.17 -8.37 -33.60
C SER B 87 44.11 -9.23 -34.46
N GLY B 88 43.89 -9.29 -35.77
CA GLY B 88 44.73 -10.06 -36.66
C GLY B 88 44.16 -11.38 -37.13
N LYS B 89 42.88 -11.66 -36.88
CA LYS B 89 42.28 -12.92 -37.32
C LYS B 89 42.38 -13.08 -38.83
N THR B 90 41.83 -12.12 -39.57
CA THR B 90 41.88 -12.20 -41.03
C THR B 90 43.31 -12.08 -41.53
N LEU B 91 44.13 -11.28 -40.87
CA LEU B 91 45.51 -11.10 -41.30
C LEU B 91 46.29 -12.41 -41.21
N LEU B 92 46.04 -13.21 -40.19
CA LEU B 92 46.75 -14.48 -40.04
C LEU B 92 46.44 -15.41 -41.21
N ALA B 93 45.18 -15.45 -41.63
CA ALA B 93 44.79 -16.31 -42.75
C ALA B 93 45.48 -15.87 -44.04
N GLU B 94 45.52 -14.56 -44.30
CA GLU B 94 46.15 -14.05 -45.50
C GLU B 94 47.64 -14.37 -45.52
N THR B 95 48.32 -14.16 -44.39
CA THR B 95 49.75 -14.44 -44.32
C THR B 95 50.03 -15.92 -44.49
N LEU B 96 49.14 -16.77 -43.98
CA LEU B 96 49.33 -18.21 -44.09
C LEU B 96 49.37 -18.66 -45.55
N ALA B 97 48.51 -18.07 -46.38
CA ALA B 97 48.47 -18.44 -47.79
C ALA B 97 49.78 -18.12 -48.51
N ARG B 98 50.54 -17.15 -48.01
CA ARG B 98 51.80 -16.79 -48.65
C ARG B 98 52.79 -17.94 -48.61
N LEU B 99 52.84 -18.67 -47.50
CA LEU B 99 53.76 -19.78 -47.31
C LEU B 99 53.10 -21.15 -47.40
N LEU B 100 51.79 -21.23 -47.59
CA LEU B 100 51.11 -22.51 -47.65
C LEU B 100 51.26 -23.11 -49.05
N ASP B 101 52.04 -24.19 -49.15
CA ASP B 101 52.19 -24.85 -50.44
C ASP B 101 50.90 -25.55 -50.84
N VAL B 102 50.10 -25.98 -49.86
CA VAL B 102 48.83 -26.65 -50.09
C VAL B 102 47.84 -25.60 -50.57
N PRO B 103 46.86 -25.94 -51.41
CA PRO B 103 45.88 -24.91 -51.82
C PRO B 103 45.07 -24.41 -50.63
N PHE B 104 44.88 -23.10 -50.59
CA PHE B 104 44.15 -22.43 -49.53
C PHE B 104 43.20 -21.40 -50.14
N THR B 105 42.03 -21.26 -49.51
CA THR B 105 41.04 -20.30 -49.96
C THR B 105 40.31 -19.74 -48.76
N MET B 106 39.78 -18.53 -48.92
CA MET B 106 39.03 -17.84 -47.88
C MET B 106 37.57 -17.71 -48.31
N ALA B 107 36.66 -17.92 -47.36
CA ALA B 107 35.23 -17.84 -47.60
C ALA B 107 34.60 -16.84 -46.65
N ASP B 108 33.33 -16.55 -46.91
CA ASP B 108 32.53 -15.63 -46.10
C ASP B 108 31.26 -16.35 -45.68
N ALA B 109 31.05 -16.46 -44.37
CA ALA B 109 29.88 -17.16 -43.85
C ALA B 109 28.58 -16.41 -44.16
N THR B 110 28.63 -15.08 -44.25
CA THR B 110 27.43 -14.30 -44.51
C THR B 110 26.79 -14.70 -45.83
N THR B 111 27.59 -14.92 -46.86
CA THR B 111 27.07 -15.31 -48.17
C THR B 111 26.41 -16.68 -48.12
N LEU B 112 26.95 -17.58 -47.30
CA LEU B 112 26.42 -18.95 -47.22
C LEU B 112 24.99 -18.97 -46.71
N THR B 113 24.19 -19.85 -47.29
CA THR B 113 22.80 -20.08 -46.92
C THR B 113 22.54 -21.58 -46.97
N GLU B 114 21.48 -22.00 -46.30
CA GLU B 114 21.15 -23.42 -46.31
C GLU B 114 20.65 -23.82 -47.70
N ALA B 115 20.62 -25.13 -47.92
CA ALA B 115 20.18 -25.67 -49.21
C ALA B 115 18.72 -25.32 -49.49
N GLY B 116 18.41 -25.14 -50.76
CA GLY B 116 17.07 -24.83 -51.21
C GLY B 116 16.72 -23.36 -51.24
N TYR B 117 17.67 -22.47 -51.02
CA TYR B 117 17.44 -21.03 -51.04
C TYR B 117 18.34 -20.36 -52.07
N VAL B 118 17.85 -19.24 -52.61
CA VAL B 118 18.55 -18.50 -53.65
C VAL B 118 19.90 -17.92 -53.20
N GLY B 119 20.09 -17.71 -51.90
CA GLY B 119 21.31 -17.09 -51.43
C GLY B 119 22.63 -17.72 -51.84
N GLU B 120 22.91 -18.93 -51.36
CA GLU B 120 24.14 -19.64 -51.68
C GLU B 120 24.04 -21.03 -51.08
N ASP B 121 25.06 -21.85 -51.32
CA ASP B 121 25.16 -23.21 -50.81
C ASP B 121 26.54 -23.41 -50.22
N VAL B 122 26.62 -24.26 -49.19
CA VAL B 122 27.89 -24.53 -48.53
C VAL B 122 28.86 -25.21 -49.48
N GLU B 123 28.35 -26.04 -50.40
CA GLU B 123 29.20 -26.74 -51.34
C GLU B 123 30.01 -25.81 -52.23
N ASN B 124 29.59 -24.55 -52.39
CA ASN B 124 30.32 -23.60 -53.21
C ASN B 124 31.73 -23.37 -52.68
N ILE B 125 31.93 -23.53 -51.37
CA ILE B 125 33.25 -23.35 -50.78
C ILE B 125 34.25 -24.32 -51.39
N ILE B 126 33.82 -25.58 -51.57
CA ILE B 126 34.71 -26.57 -52.15
C ILE B 126 34.99 -26.24 -53.61
N GLN B 127 34.02 -25.64 -54.30
CA GLN B 127 34.24 -25.26 -55.69
C GLN B 127 35.34 -24.22 -55.80
N LYS B 128 35.36 -23.26 -54.88
CA LYS B 128 36.41 -22.24 -54.88
C LYS B 128 37.77 -22.88 -54.64
N LEU B 129 37.84 -23.84 -53.72
CA LEU B 129 39.11 -24.51 -53.44
C LEU B 129 39.54 -25.38 -54.62
N LEU B 130 38.56 -26.00 -55.29
CA LEU B 130 38.88 -26.84 -56.44
C LEU B 130 39.46 -26.01 -57.58
N GLN B 131 39.05 -24.75 -57.69
CA GLN B 131 39.59 -23.88 -58.74
C GLN B 131 41.08 -23.67 -58.54
N LYS B 132 41.51 -23.49 -57.29
CA LYS B 132 42.92 -23.29 -57.00
C LYS B 132 43.77 -24.48 -57.43
N SER B 133 43.22 -25.69 -57.32
CA SER B 133 43.93 -26.91 -57.68
C SER B 133 43.83 -27.24 -59.16
N ASP B 134 43.15 -26.42 -59.96
CA ASP B 134 42.99 -26.66 -61.39
C ASP B 134 42.34 -28.01 -61.68
N TYR B 135 41.18 -28.23 -61.04
CA TYR B 135 40.39 -29.44 -61.21
C TYR B 135 41.10 -30.69 -60.72
N ASP B 136 41.99 -30.54 -59.73
CA ASP B 136 42.73 -31.67 -59.15
C ASP B 136 42.03 -32.08 -57.87
N VAL B 137 41.28 -33.18 -57.93
CA VAL B 137 40.53 -33.67 -56.78
C VAL B 137 41.47 -34.06 -55.64
N GLN B 138 42.59 -34.71 -55.98
CA GLN B 138 43.53 -35.16 -54.95
C GLN B 138 44.09 -33.99 -54.15
N LYS B 139 44.45 -32.90 -54.84
CA LYS B 139 44.98 -31.74 -54.14
C LYS B 139 43.90 -31.06 -53.32
N ALA B 140 42.67 -31.04 -53.84
CA ALA B 140 41.57 -30.39 -53.13
C ALA B 140 41.19 -31.15 -51.86
N GLN B 141 41.21 -32.48 -51.92
CA GLN B 141 40.86 -33.28 -50.75
C GLN B 141 41.80 -32.96 -49.58
N ARG B 142 43.10 -32.86 -49.86
CA ARG B 142 44.09 -32.51 -48.84
C ARG B 142 44.36 -31.01 -48.92
N GLY B 143 43.38 -30.23 -48.45
CA GLY B 143 43.46 -28.79 -48.49
C GLY B 143 42.98 -28.16 -47.19
N ILE B 144 43.26 -26.88 -47.06
CA ILE B 144 42.89 -26.08 -45.91
C ILE B 144 41.89 -25.02 -46.37
N VAL B 145 40.91 -24.74 -45.51
CA VAL B 145 39.86 -23.77 -45.80
C VAL B 145 39.69 -22.85 -44.60
N TYR B 146 39.43 -21.58 -44.87
CA TYR B 146 39.22 -20.56 -43.85
C TYR B 146 37.84 -19.95 -44.05
N ILE B 147 37.07 -19.84 -42.98
CA ILE B 147 35.71 -19.29 -43.02
C ILE B 147 35.67 -18.13 -42.05
N ASP B 148 35.70 -16.91 -42.57
CA ASP B 148 35.66 -15.72 -41.75
C ASP B 148 34.22 -15.34 -41.42
N GLU B 149 34.06 -14.54 -40.37
CA GLU B 149 32.75 -14.06 -39.93
C GLU B 149 31.81 -15.21 -39.57
N ILE B 150 32.37 -16.25 -38.95
CA ILE B 150 31.57 -17.41 -38.57
C ILE B 150 30.56 -17.07 -37.48
N ASP B 151 30.80 -16.01 -36.70
CA ASP B 151 29.88 -15.62 -35.66
C ASP B 151 28.59 -15.03 -36.21
N LYS B 152 28.61 -14.54 -37.44
CA LYS B 152 27.42 -13.93 -38.03
C LYS B 152 26.27 -14.92 -38.18
N ILE B 153 26.58 -16.19 -38.41
CA ILE B 153 25.54 -17.21 -38.60
C ILE B 153 25.08 -17.80 -37.27
N SER B 154 25.54 -17.23 -36.15
CA SER B 154 25.15 -17.73 -34.84
C SER B 154 23.72 -17.33 -34.51
N ARG B 155 23.03 -18.21 -33.77
CA ARG B 155 21.67 -17.93 -33.36
C ARG B 155 21.63 -16.76 -32.38
N LYS B 156 20.44 -16.19 -32.20
CA LYS B 156 20.29 -15.08 -31.27
C LYS B 156 20.33 -15.56 -29.82
N SER B 157 19.70 -16.71 -29.54
CA SER B 157 19.64 -17.25 -28.20
C SER B 157 19.80 -18.77 -28.25
N ASP B 158 19.86 -19.38 -27.06
CA ASP B 158 20.02 -20.83 -26.97
C ASP B 158 18.85 -21.58 -27.59
N ASN B 159 17.68 -20.96 -27.65
CA ASN B 159 16.53 -21.61 -28.25
C ASN B 159 16.83 -21.85 -29.74
N PRO B 160 16.32 -22.95 -30.33
CA PRO B 160 16.71 -23.21 -31.73
C PRO B 160 16.27 -22.12 -32.71
N SER B 161 14.97 -21.82 -32.76
N SER B 161 14.97 -21.82 -32.76
CA SER B 161 14.47 -20.78 -33.65
CA SER B 161 14.47 -20.78 -33.65
C SER B 161 12.97 -20.63 -33.44
C SER B 161 12.97 -20.63 -33.44
N ILE B 162 12.44 -19.52 -33.95
CA ILE B 162 11.01 -19.26 -33.94
C ILE B 162 10.45 -19.39 -35.35
N THR B 163 11.22 -19.02 -36.36
CA THR B 163 10.90 -19.10 -37.77
C THR B 163 12.13 -19.63 -38.47
N ARG B 164 11.95 -20.14 -39.68
CA ARG B 164 13.08 -20.68 -40.44
C ARG B 164 14.16 -19.61 -40.62
N ASP B 165 15.41 -20.01 -40.39
CA ASP B 165 16.57 -19.13 -40.48
C ASP B 165 17.43 -19.60 -41.65
N VAL B 166 17.34 -18.88 -42.77
CA VAL B 166 18.12 -19.22 -43.95
C VAL B 166 19.60 -18.96 -43.71
N SER B 167 19.91 -17.84 -43.06
CA SER B 167 21.28 -17.44 -42.74
C SER B 167 21.37 -17.43 -41.22
N GLY B 168 21.73 -18.59 -40.67
CA GLY B 168 21.80 -18.78 -39.23
C GLY B 168 22.11 -20.23 -38.92
N GLU B 169 21.36 -20.81 -37.97
CA GLU B 169 21.56 -22.20 -37.61
C GLU B 169 21.47 -23.13 -38.82
N GLY B 170 20.64 -22.76 -39.80
CA GLY B 170 20.52 -23.58 -41.00
C GLY B 170 21.85 -23.74 -41.70
N VAL B 171 22.64 -22.67 -41.76
CA VAL B 171 23.96 -22.75 -42.37
C VAL B 171 24.85 -23.66 -41.56
N GLN B 172 24.76 -23.58 -40.23
CA GLN B 172 25.57 -24.44 -39.38
C GLN B 172 25.16 -25.90 -39.55
N GLN B 173 23.87 -26.15 -39.75
CA GLN B 173 23.39 -27.51 -39.93
C GLN B 173 23.95 -28.15 -41.20
N ALA B 174 24.17 -27.34 -42.24
CA ALA B 174 24.70 -27.87 -43.49
C ALA B 174 26.20 -28.07 -43.42
N LEU B 175 26.89 -27.27 -42.61
CA LEU B 175 28.33 -27.38 -42.47
C LEU B 175 28.77 -28.63 -41.72
N LEU B 176 27.91 -29.19 -40.86
CA LEU B 176 28.26 -30.36 -40.07
C LEU B 176 28.81 -31.49 -40.92
N LYS B 177 28.10 -31.84 -41.99
CA LYS B 177 28.59 -32.89 -42.87
C LYS B 177 29.87 -32.49 -43.56
N LEU B 178 30.01 -31.20 -43.90
CA LEU B 178 31.21 -30.72 -44.58
C LEU B 178 32.43 -30.76 -43.68
N ILE B 179 32.29 -30.33 -42.43
CA ILE B 179 33.43 -30.32 -41.51
C ILE B 179 33.86 -31.74 -41.19
N GLU B 180 32.94 -32.55 -40.67
CA GLU B 180 33.24 -33.94 -40.33
C GLU B 180 33.78 -34.70 -41.53
N GLY B 181 33.07 -34.65 -42.65
CA GLY B 181 33.48 -35.31 -43.87
C GLY B 181 32.34 -35.88 -44.67
N THR B 182 32.33 -35.60 -45.96
CA THR B 182 31.31 -36.08 -46.88
C THR B 182 31.73 -35.74 -48.29
N VAL B 183 31.14 -36.43 -49.25
CA VAL B 183 31.41 -36.19 -50.66
C VAL B 183 30.52 -35.06 -51.15
N ALA B 184 31.12 -34.06 -51.77
CA ALA B 184 30.41 -32.90 -52.28
C ALA B 184 30.33 -32.96 -53.80
N ALA B 185 29.28 -32.32 -54.33
CA ALA B 185 29.01 -32.27 -55.77
C ALA B 185 29.32 -30.87 -56.29
N VAL B 186 30.20 -30.80 -57.28
CA VAL B 186 30.59 -29.52 -57.89
C VAL B 186 30.77 -29.71 -59.40
N PRO B 187 30.41 -28.74 -60.24
CA PRO B 187 30.58 -28.92 -61.68
C PRO B 187 32.05 -29.04 -62.05
N PRO B 188 32.44 -30.00 -62.92
CA PRO B 188 33.86 -30.15 -63.23
C PRO B 188 34.44 -29.01 -64.07
N GLN B 189 33.74 -28.59 -65.13
CA GLN B 189 34.24 -27.48 -65.95
C GLN B 189 33.06 -26.87 -66.71
N GLY B 190 32.74 -25.62 -66.39
CA GLY B 190 31.67 -24.89 -67.06
C GLY B 190 30.26 -25.25 -66.68
N GLY B 191 30.04 -26.36 -65.98
CA GLY B 191 28.68 -26.76 -65.60
C GLY B 191 27.72 -26.84 -66.76
N ARG B 192 28.19 -27.34 -67.91
CA ARG B 192 27.36 -27.47 -69.09
C ARG B 192 27.91 -28.61 -69.95
N LYS B 193 27.08 -29.09 -70.88
CA LYS B 193 27.45 -30.17 -71.79
C LYS B 193 27.80 -31.45 -71.03
N HIS B 194 27.15 -31.69 -69.89
CA HIS B 194 27.45 -32.84 -69.05
C HIS B 194 26.20 -33.65 -68.68
N PRO B 195 26.17 -34.97 -68.94
CA PRO B 195 25.04 -35.78 -68.46
C PRO B 195 25.22 -36.01 -66.96
N GLN B 196 24.19 -35.66 -66.19
CA GLN B 196 24.19 -35.69 -64.73
C GLN B 196 25.04 -34.55 -64.16
N GLN B 197 25.49 -33.62 -64.99
CA GLN B 197 26.36 -32.50 -64.67
C GLN B 197 27.80 -32.95 -64.43
N GLU B 198 28.08 -34.26 -64.48
CA GLU B 198 29.41 -34.82 -64.24
C GLU B 198 30.01 -34.26 -62.95
N PHE B 199 29.20 -34.24 -61.91
CA PHE B 199 29.64 -33.73 -60.61
C PHE B 199 30.84 -34.52 -60.12
N LEU B 200 31.81 -33.80 -59.56
CA LEU B 200 33.01 -34.42 -59.02
C LEU B 200 32.81 -34.66 -57.52
N GLN B 201 33.03 -35.90 -57.10
CA GLN B 201 32.86 -36.28 -55.69
C GLN B 201 34.22 -36.18 -55.02
N VAL B 202 34.33 -35.26 -54.06
CA VAL B 202 35.56 -35.02 -53.32
C VAL B 202 35.26 -35.15 -51.83
N ASP B 203 35.97 -36.03 -51.15
CA ASP B 203 35.78 -36.22 -49.73
C ASP B 203 36.33 -35.02 -48.97
N THR B 204 35.62 -34.62 -47.90
CA THR B 204 36.02 -33.49 -47.07
C THR B 204 36.37 -33.91 -45.65
N SER B 205 36.74 -35.17 -45.45
CA SER B 205 37.12 -35.64 -44.12
C SER B 205 38.53 -35.23 -43.74
N LYS B 206 39.38 -34.96 -44.72
CA LYS B 206 40.76 -34.53 -44.49
C LYS B 206 40.98 -33.05 -44.75
N ILE B 207 39.92 -32.29 -44.98
CA ILE B 207 40.04 -30.86 -45.26
C ILE B 207 39.97 -30.09 -43.95
N LEU B 208 41.08 -29.46 -43.58
CA LEU B 208 41.11 -28.66 -42.36
C LEU B 208 40.26 -27.41 -42.54
N PHE B 209 39.47 -27.09 -41.52
CA PHE B 209 38.57 -25.94 -41.54
C PHE B 209 38.88 -25.03 -40.36
N ILE B 210 39.22 -23.78 -40.65
CA ILE B 210 39.52 -22.77 -39.64
C ILE B 210 38.42 -21.73 -39.72
N CYS B 211 37.64 -21.60 -38.65
CA CYS B 211 36.52 -20.66 -38.58
C CYS B 211 36.86 -19.56 -37.58
N GLY B 212 37.20 -18.39 -38.09
CA GLY B 212 37.55 -17.24 -37.28
C GLY B 212 36.46 -16.18 -37.33
N GLY B 213 36.00 -15.78 -36.15
CA GLY B 213 34.96 -14.79 -36.04
C GLY B 213 35.09 -13.95 -34.79
N ALA B 214 34.54 -12.74 -34.86
CA ALA B 214 34.54 -11.79 -33.75
C ALA B 214 33.19 -11.90 -33.06
N PHE B 215 33.14 -12.73 -32.03
CA PHE B 215 31.92 -12.99 -31.28
C PHE B 215 31.64 -11.83 -30.33
N ALA B 216 30.94 -10.83 -30.85
CA ALA B 216 30.59 -9.67 -30.05
C ALA B 216 29.46 -10.03 -29.08
N GLY B 217 29.66 -9.69 -27.81
CA GLY B 217 28.71 -10.00 -26.77
C GLY B 217 28.98 -11.27 -26.01
N LEU B 218 29.96 -12.07 -26.44
CA LEU B 218 30.28 -13.30 -25.74
C LEU B 218 30.88 -13.03 -24.36
N ASP B 219 31.53 -11.89 -24.19
CA ASP B 219 32.17 -11.57 -22.91
C ASP B 219 31.16 -11.51 -21.78
N LYS B 220 30.00 -10.88 -22.00
CA LYS B 220 29.00 -10.80 -20.94
C LYS B 220 28.46 -12.18 -20.58
N VAL B 221 28.34 -13.07 -21.57
CA VAL B 221 27.85 -14.41 -21.31
C VAL B 221 28.80 -15.15 -20.37
N ILE B 222 30.10 -15.07 -20.67
CA ILE B 222 31.10 -15.73 -19.83
C ILE B 222 31.12 -15.09 -18.45
N SER B 223 30.97 -13.76 -18.39
CA SER B 223 30.98 -13.06 -17.12
C SER B 223 29.85 -13.52 -16.22
N HIS B 224 28.71 -13.90 -16.80
CA HIS B 224 27.56 -14.33 -16.01
C HIS B 224 27.90 -15.53 -15.14
N ARG B 225 28.62 -16.51 -15.69
CA ARG B 225 29.00 -17.69 -14.91
C ARG B 225 30.31 -17.50 -14.15
N VAL B 226 31.29 -16.82 -14.76
CA VAL B 226 32.58 -16.62 -14.11
C VAL B 226 32.43 -15.72 -12.90
N GLU B 227 31.67 -14.63 -13.04
CA GLU B 227 31.46 -13.67 -11.96
C GLU B 227 30.13 -13.95 -11.29
N THR B 228 30.14 -14.03 -9.97
CA THR B 228 28.94 -14.29 -9.19
C THR B 228 28.94 -13.35 -7.99
N GLY B 229 27.81 -13.30 -7.30
CA GLY B 229 27.68 -12.43 -6.15
C GLY B 229 27.35 -11.00 -6.50
N SER B 230 26.83 -10.75 -7.70
CA SER B 230 26.47 -9.39 -8.12
C SER B 230 25.12 -9.05 -7.51
N GLY B 231 25.18 -8.56 -6.27
CA GLY B 231 24.01 -8.19 -5.52
C GLY B 231 23.99 -6.71 -5.19
N ILE B 232 23.25 -6.34 -4.14
CA ILE B 232 23.11 -4.95 -3.72
C ILE B 232 23.70 -4.71 -2.34
N GLY B 233 23.76 -5.75 -1.52
CA GLY B 233 24.22 -5.59 -0.15
C GLY B 233 25.73 -5.51 0.01
N PHE B 234 26.14 -5.55 1.27
CA PHE B 234 27.56 -5.45 1.62
C PHE B 234 28.34 -6.62 1.04
N GLY B 235 27.76 -7.80 1.03
CA GLY B 235 28.44 -8.98 0.51
C GLY B 235 28.52 -9.06 -1.00
N ALA B 236 27.94 -8.09 -1.71
CA ALA B 236 27.98 -8.08 -3.15
C ALA B 236 29.36 -7.67 -3.65
N THR B 237 29.56 -7.82 -4.96
CA THR B 237 30.80 -7.48 -5.64
C THR B 237 30.53 -6.35 -6.62
N VAL B 238 31.21 -5.22 -6.42
CA VAL B 238 31.08 -4.04 -7.27
C VAL B 238 32.46 -3.71 -7.82
N LYS B 239 32.55 -3.59 -9.15
CA LYS B 239 33.80 -3.31 -9.85
C LYS B 239 33.92 -1.91 -10.42
N ALA B 240 32.79 -1.24 -10.65
CA ALA B 240 32.74 0.13 -11.19
C ALA B 240 33.14 0.23 -12.66
N LYS B 241 33.19 -0.89 -13.38
CA LYS B 241 33.54 -0.97 -14.80
C LYS B 241 35.03 -0.77 -15.06
N SER B 242 35.84 -0.47 -14.04
CA SER B 242 37.27 -0.27 -14.17
C SER B 242 38.04 -1.53 -13.81
N ASP B 243 37.63 -2.19 -12.74
CA ASP B 243 38.26 -3.42 -12.28
C ASP B 243 37.65 -4.67 -12.91
N LYS B 244 36.60 -4.53 -13.71
CA LYS B 244 35.99 -5.67 -14.36
C LYS B 244 36.99 -6.32 -15.31
N ALA B 245 36.83 -7.63 -15.51
CA ALA B 245 37.72 -8.32 -16.42
C ALA B 245 37.47 -7.83 -17.84
N SER B 246 38.55 -7.68 -18.60
CA SER B 246 38.43 -7.19 -19.96
C SER B 246 37.95 -8.30 -20.89
N GLU B 247 37.61 -7.89 -22.12
CA GLU B 247 37.14 -8.85 -23.12
C GLU B 247 38.17 -9.93 -23.39
N GLY B 248 39.45 -9.55 -23.46
CA GLY B 248 40.50 -10.52 -23.70
C GLY B 248 40.59 -11.57 -22.61
N GLU B 249 40.52 -11.13 -21.35
CA GLU B 249 40.60 -12.05 -20.22
C GLU B 249 39.37 -12.96 -20.17
N LEU B 250 38.18 -12.39 -20.38
CA LEU B 250 36.96 -13.18 -20.34
C LEU B 250 36.93 -14.21 -21.46
N LEU B 251 37.35 -13.82 -22.66
CA LEU B 251 37.34 -14.76 -23.79
C LEU B 251 38.28 -15.94 -23.55
N ALA B 252 39.40 -15.72 -22.85
CA ALA B 252 40.32 -16.81 -22.59
C ALA B 252 39.68 -17.90 -21.73
N GLN B 253 38.67 -17.55 -20.95
CA GLN B 253 37.95 -18.49 -20.11
C GLN B 253 36.74 -19.09 -20.83
N VAL B 254 36.64 -18.91 -22.14
CA VAL B 254 35.50 -19.42 -22.89
C VAL B 254 35.46 -20.94 -22.84
N GLU B 255 34.25 -21.47 -22.73
CA GLU B 255 33.98 -22.89 -22.69
C GLU B 255 32.88 -23.18 -23.71
N PRO B 256 32.67 -24.44 -24.10
CA PRO B 256 31.62 -24.72 -25.08
C PRO B 256 30.23 -24.34 -24.58
N GLU B 257 29.94 -24.57 -23.30
CA GLU B 257 28.64 -24.22 -22.74
C GLU B 257 28.30 -22.75 -22.96
N ASP B 258 29.30 -21.87 -22.92
CA ASP B 258 29.07 -20.45 -23.14
C ASP B 258 28.61 -20.19 -24.57
N LEU B 259 29.23 -20.87 -25.54
CA LEU B 259 28.85 -20.69 -26.93
C LEU B 259 27.41 -21.11 -27.18
N ILE B 260 26.89 -22.06 -26.40
CA ILE B 260 25.51 -22.49 -26.58
C ILE B 260 24.56 -21.33 -26.34
N LYS B 261 24.82 -20.54 -25.29
CA LYS B 261 23.97 -19.39 -25.00
C LYS B 261 24.15 -18.30 -26.06
N PHE B 262 25.37 -18.14 -26.58
CA PHE B 262 25.60 -17.13 -27.60
C PHE B 262 24.79 -17.41 -28.86
N GLY B 263 24.64 -18.69 -29.19
CA GLY B 263 23.86 -19.08 -30.36
C GLY B 263 24.45 -20.21 -31.19
N LEU B 264 25.68 -20.62 -30.91
CA LEU B 264 26.29 -21.67 -31.70
C LEU B 264 25.64 -23.01 -31.41
N ILE B 265 25.39 -23.77 -32.47
CA ILE B 265 24.77 -25.09 -32.36
C ILE B 265 25.72 -26.02 -31.59
N PRO B 266 25.23 -26.93 -30.73
CA PRO B 266 26.18 -27.81 -30.04
C PRO B 266 26.94 -28.72 -30.98
N GLU B 267 26.27 -29.24 -32.02
CA GLU B 267 26.94 -30.11 -32.98
C GLU B 267 28.08 -29.37 -33.68
N PHE B 268 27.87 -28.10 -34.00
CA PHE B 268 28.90 -27.32 -34.68
C PHE B 268 30.14 -27.17 -33.82
N ILE B 269 29.96 -26.94 -32.51
CA ILE B 269 31.11 -26.78 -31.62
C ILE B 269 31.91 -28.06 -31.53
N GLY B 270 31.23 -29.21 -31.46
CA GLY B 270 31.94 -30.47 -31.39
C GLY B 270 32.86 -30.68 -32.58
N ARG B 271 32.42 -30.24 -33.75
CA ARG B 271 33.24 -30.35 -34.94
C ARG B 271 34.50 -29.48 -34.86
N LEU B 272 34.50 -28.47 -34.00
CA LEU B 272 35.62 -27.56 -33.80
C LEU B 272 36.21 -27.75 -32.40
N PRO B 273 37.04 -28.77 -32.17
CA PRO B 273 37.59 -28.96 -30.82
C PRO B 273 38.56 -27.89 -30.37
N VAL B 274 39.50 -27.53 -31.24
CA VAL B 274 40.50 -26.52 -30.89
C VAL B 274 39.86 -25.14 -30.89
N VAL B 275 40.13 -24.37 -29.85
CA VAL B 275 39.61 -23.02 -29.69
C VAL B 275 40.79 -22.11 -29.36
N ALA B 276 41.01 -21.12 -30.20
CA ALA B 276 42.09 -20.15 -30.03
C ALA B 276 41.48 -18.78 -29.74
N THR B 277 41.98 -18.13 -28.69
CA THR B 277 41.50 -16.83 -28.26
C THR B 277 42.60 -15.80 -28.43
N LEU B 278 42.31 -14.77 -29.22
CA LEU B 278 43.25 -13.67 -29.43
C LEU B 278 43.00 -12.60 -28.38
N ASN B 279 44.05 -11.90 -27.99
CA ASN B 279 43.98 -10.87 -26.98
C ASN B 279 43.88 -9.49 -27.61
N GLU B 280 43.29 -8.57 -26.87
CA GLU B 280 43.15 -7.20 -27.34
C GLU B 280 44.53 -6.55 -27.43
N LEU B 281 44.76 -5.82 -28.51
CA LEU B 281 46.04 -5.17 -28.72
C LEU B 281 46.25 -4.08 -27.68
N SER B 282 47.36 -4.16 -26.95
CA SER B 282 47.68 -3.20 -25.93
C SER B 282 48.35 -1.97 -26.54
N GLU B 283 48.57 -0.95 -25.71
CA GLU B 283 49.21 0.27 -26.18
C GLU B 283 50.62 -0.02 -26.69
N GLU B 284 51.35 -0.88 -25.99
CA GLU B 284 52.70 -1.22 -26.43
C GLU B 284 52.67 -2.00 -27.73
N ALA B 285 51.73 -2.93 -27.86
CA ALA B 285 51.63 -3.73 -29.08
C ALA B 285 51.32 -2.87 -30.30
N LEU B 286 50.41 -1.92 -30.14
CA LEU B 286 50.06 -1.03 -31.26
C LEU B 286 51.27 -0.24 -31.73
N ILE B 287 52.11 0.21 -30.80
CA ILE B 287 53.30 0.97 -31.16
C ILE B 287 54.22 0.12 -32.03
N GLN B 288 54.34 -1.16 -31.72
CA GLN B 288 55.19 -2.03 -32.52
C GLN B 288 54.62 -2.22 -33.92
N ILE B 289 53.29 -2.30 -34.03
CA ILE B 289 52.62 -2.51 -35.31
C ILE B 289 52.89 -1.36 -36.28
N LEU B 290 53.14 -0.16 -35.75
CA LEU B 290 53.35 0.99 -36.61
C LEU B 290 54.63 0.89 -37.44
N LYS B 291 55.67 0.24 -36.93
CA LYS B 291 56.95 0.14 -37.64
C LYS B 291 57.49 -1.28 -37.82
N GLU B 292 57.26 -2.15 -36.85
CA GLU B 292 57.85 -3.49 -36.90
C GLU B 292 57.36 -4.36 -38.06
N PRO B 293 56.06 -4.47 -38.36
CA PRO B 293 55.63 -5.38 -39.42
C PRO B 293 56.15 -4.98 -40.80
N LYS B 294 56.09 -5.95 -41.72
CA LYS B 294 56.55 -5.72 -43.08
C LYS B 294 55.69 -4.69 -43.79
N ASN B 295 54.37 -4.74 -43.57
CA ASN B 295 53.40 -3.80 -44.15
C ASN B 295 52.78 -3.06 -42.99
N ALA B 296 53.42 -1.97 -42.59
CA ALA B 296 52.98 -1.16 -41.47
C ALA B 296 52.32 0.12 -41.95
N LEU B 297 51.53 0.71 -41.06
CA LEU B 297 50.82 1.96 -41.38
C LEU B 297 51.79 3.08 -41.72
N THR B 298 52.86 3.22 -40.93
CA THR B 298 53.84 4.27 -41.20
C THR B 298 54.51 4.06 -42.55
N LYS B 299 54.94 2.83 -42.82
CA LYS B 299 55.59 2.53 -44.09
C LYS B 299 54.65 2.80 -45.26
N GLN B 300 53.35 2.56 -45.07
CA GLN B 300 52.39 2.81 -46.14
C GLN B 300 52.36 4.28 -46.50
N TYR B 301 52.21 5.15 -45.50
CA TYR B 301 52.18 6.59 -45.76
C TYR B 301 53.55 7.09 -46.21
N GLN B 302 54.63 6.51 -45.68
CA GLN B 302 55.96 6.91 -46.09
C GLN B 302 56.15 6.71 -47.59
N ALA B 303 55.73 5.56 -48.11
CA ALA B 303 55.85 5.28 -49.54
C ALA B 303 55.02 6.27 -50.35
N LEU B 304 53.89 6.72 -49.81
CA LEU B 304 53.07 7.71 -50.50
C LEU B 304 53.84 9.00 -50.74
N PHE B 305 54.66 9.40 -49.77
CA PHE B 305 55.46 10.61 -49.89
C PHE B 305 56.71 10.38 -50.73
N ASN B 306 57.28 9.18 -50.68
CA ASN B 306 58.51 8.90 -51.43
C ASN B 306 58.28 9.01 -52.93
N LEU B 307 57.13 8.55 -53.42
CA LEU B 307 56.88 8.63 -54.85
C LEU B 307 56.61 10.05 -55.31
N GLU B 308 56.23 10.94 -54.40
CA GLU B 308 55.97 12.34 -54.71
C GLU B 308 57.18 13.23 -54.48
N GLY B 309 58.31 12.67 -54.02
CA GLY B 309 59.51 13.43 -53.79
C GLY B 309 59.62 14.05 -52.42
N VAL B 310 59.07 13.39 -51.39
CA VAL B 310 59.12 13.89 -50.02
C VAL B 310 59.42 12.73 -49.09
N ASP B 311 59.98 13.06 -47.93
CA ASP B 311 60.34 12.10 -46.90
C ASP B 311 59.48 12.35 -45.67
N LEU B 312 58.88 11.29 -45.15
CA LEU B 312 58.02 11.36 -43.98
C LEU B 312 58.72 10.71 -42.79
N GLU B 313 58.83 11.47 -41.70
CA GLU B 313 59.49 11.02 -40.48
C GLU B 313 58.53 11.12 -39.30
N PHE B 314 58.49 10.06 -38.50
CA PHE B 314 57.63 9.99 -37.33
C PHE B 314 58.48 9.88 -36.07
N ARG B 315 58.24 10.78 -35.12
CA ARG B 315 58.97 10.74 -33.86
C ARG B 315 58.47 9.57 -33.02
N ASP B 316 59.36 9.06 -32.16
CA ASP B 316 58.99 7.95 -31.29
C ASP B 316 57.84 8.33 -30.37
N GLU B 317 57.85 9.56 -29.86
CA GLU B 317 56.77 10.01 -28.99
C GLU B 317 55.45 10.09 -29.73
N ALA B 318 55.51 10.48 -31.02
CA ALA B 318 54.30 10.59 -31.82
C ALA B 318 53.59 9.24 -31.95
N LEU B 319 54.35 8.17 -32.16
CA LEU B 319 53.75 6.86 -32.29
C LEU B 319 53.04 6.44 -31.01
N ASP B 320 53.62 6.77 -29.85
CA ASP B 320 52.98 6.44 -28.58
C ASP B 320 51.66 7.19 -28.43
N ALA B 321 51.64 8.46 -28.82
CA ALA B 321 50.42 9.26 -28.72
C ALA B 321 49.32 8.68 -29.60
N ILE B 322 49.68 8.25 -30.81
CA ILE B 322 48.70 7.67 -31.73
C ILE B 322 48.10 6.41 -31.13
N ALA B 323 48.91 5.62 -30.42
CA ALA B 323 48.43 4.39 -29.81
C ALA B 323 47.34 4.67 -28.78
N LYS B 324 47.54 5.69 -27.95
CA LYS B 324 46.55 6.02 -26.93
C LYS B 324 45.23 6.43 -27.55
N LYS B 325 45.26 7.26 -28.58
CA LYS B 325 44.03 7.69 -29.24
C LYS B 325 43.34 6.52 -29.91
N ALA B 326 44.10 5.63 -30.54
CA ALA B 326 43.52 4.48 -31.23
C ALA B 326 42.82 3.55 -30.25
N MET B 327 43.39 3.36 -29.05
CA MET B 327 42.78 2.48 -28.08
C MET B 327 41.40 2.97 -27.67
N ALA B 328 41.24 4.29 -27.53
CA ALA B 328 39.94 4.85 -27.15
C ALA B 328 38.89 4.60 -28.21
N ARG B 329 39.27 4.61 -29.49
CA ARG B 329 38.32 4.39 -30.58
C ARG B 329 37.64 3.04 -30.47
N LYS B 330 38.32 2.04 -29.91
CA LYS B 330 37.82 0.66 -29.72
C LYS B 330 37.84 -0.15 -31.00
N THR B 331 38.45 0.34 -32.08
CA THR B 331 38.52 -0.37 -33.35
C THR B 331 39.82 -1.17 -33.49
N GLY B 332 40.60 -1.28 -32.43
CA GLY B 332 41.85 -2.03 -32.50
C GLY B 332 42.86 -1.38 -33.43
N ALA B 333 43.47 -2.22 -34.27
CA ALA B 333 44.49 -1.74 -35.20
C ALA B 333 43.94 -0.73 -36.21
N ARG B 334 42.69 -0.91 -36.64
CA ARG B 334 42.11 0.01 -37.62
C ARG B 334 42.04 1.43 -37.10
N GLY B 335 41.95 1.61 -35.79
CA GLY B 335 41.90 2.95 -35.23
C GLY B 335 43.11 3.80 -35.56
N LEU B 336 44.28 3.16 -35.69
CA LEU B 336 45.50 3.88 -36.00
C LEU B 336 45.39 4.66 -37.30
N ARG B 337 44.74 4.06 -38.30
CA ARG B 337 44.59 4.71 -39.59
C ARG B 337 43.81 6.02 -39.47
N SER B 338 42.77 6.03 -38.64
CA SER B 338 41.97 7.24 -38.46
C SER B 338 42.80 8.38 -37.87
N ILE B 339 43.62 8.07 -36.88
CA ILE B 339 44.42 9.11 -36.22
C ILE B 339 45.44 9.70 -37.20
N VAL B 340 46.10 8.84 -37.98
CA VAL B 340 47.09 9.34 -38.93
C VAL B 340 46.45 10.20 -40.00
N GLU B 341 45.28 9.76 -40.51
CA GLU B 341 44.60 10.52 -41.56
C GLU B 341 44.23 11.93 -41.08
N ALA B 342 43.69 12.04 -39.87
CA ALA B 342 43.30 13.34 -39.35
C ALA B 342 44.50 14.25 -39.14
N ALA B 343 45.59 13.68 -38.61
CA ALA B 343 46.78 14.48 -38.36
C ALA B 343 47.39 15.03 -39.64
N LEU B 344 47.42 14.20 -40.70
CA LEU B 344 48.00 14.58 -41.98
C LEU B 344 46.95 15.04 -42.98
N LEU B 345 45.71 15.28 -42.56
CA LEU B 345 44.66 15.72 -43.46
C LEU B 345 45.03 17.04 -44.13
N ASP B 346 45.33 18.05 -43.32
CA ASP B 346 45.66 19.37 -43.87
C ASP B 346 46.98 19.34 -44.64
N THR B 347 47.97 18.62 -44.15
CA THR B 347 49.27 18.58 -44.81
C THR B 347 49.17 17.97 -46.20
N MET B 348 48.46 16.84 -46.32
CA MET B 348 48.32 16.20 -47.62
C MET B 348 47.56 17.09 -48.60
N TYR B 349 46.61 17.89 -48.11
CA TYR B 349 45.82 18.74 -48.99
C TYR B 349 46.68 19.82 -49.66
N ASP B 350 47.57 20.47 -48.92
CA ASP B 350 48.39 21.55 -49.44
C ASP B 350 49.81 21.14 -49.81
N LEU B 351 50.25 19.92 -49.50
CA LEU B 351 51.60 19.52 -49.83
C LEU B 351 51.88 19.48 -51.33
N PRO B 352 51.02 18.94 -52.20
CA PRO B 352 51.36 18.94 -53.63
C PRO B 352 51.50 20.33 -54.22
N SER B 353 50.62 21.26 -53.84
CA SER B 353 50.72 22.62 -54.35
C SER B 353 51.99 23.29 -53.89
N MET B 354 52.46 22.97 -52.68
CA MET B 354 53.68 23.54 -52.16
C MET B 354 54.88 23.12 -53.00
N GLU B 355 55.96 23.90 -52.90
CA GLU B 355 57.20 23.64 -53.61
C GLU B 355 58.36 23.68 -52.64
N ASP B 356 59.49 23.12 -53.08
CA ASP B 356 60.70 23.07 -52.27
C ASP B 356 60.49 22.30 -50.98
N VAL B 357 59.65 21.26 -51.05
CA VAL B 357 59.33 20.41 -49.91
C VAL B 357 60.14 19.13 -50.05
N GLU B 358 61.12 18.93 -49.16
CA GLU B 358 61.97 17.76 -49.18
C GLU B 358 61.71 16.77 -48.05
N LYS B 359 61.25 17.23 -46.89
CA LYS B 359 61.01 16.33 -45.77
C LYS B 359 59.94 16.90 -44.85
N VAL B 360 59.18 16.00 -44.23
CA VAL B 360 58.13 16.34 -43.28
C VAL B 360 58.38 15.57 -42.00
N VAL B 361 58.37 16.26 -40.86
CA VAL B 361 58.62 15.67 -39.55
C VAL B 361 57.35 15.79 -38.72
N ILE B 362 56.95 14.68 -38.09
CA ILE B 362 55.78 14.62 -37.24
C ILE B 362 56.24 14.43 -35.81
N ASP B 363 55.63 15.17 -34.87
CA ASP B 363 55.96 15.09 -33.46
C ASP B 363 54.68 14.91 -32.65
N GLU B 364 54.86 14.69 -31.35
CA GLU B 364 53.74 14.48 -30.44
C GLU B 364 52.76 15.64 -30.47
N SER B 365 53.25 16.87 -30.61
CA SER B 365 52.38 18.04 -30.63
C SER B 365 51.39 17.97 -31.78
N VAL B 366 51.81 17.45 -32.93
CA VAL B 366 50.93 17.38 -34.10
C VAL B 366 49.76 16.44 -33.82
N ILE B 367 50.02 15.31 -33.16
CA ILE B 367 48.95 14.37 -32.86
C ILE B 367 47.89 15.03 -32.00
N ASP B 368 48.31 15.78 -30.99
CA ASP B 368 47.36 16.48 -30.13
C ASP B 368 46.64 17.59 -30.89
N GLY B 369 47.26 18.13 -31.94
CA GLY B 369 46.70 19.20 -32.72
C GLY B 369 47.13 20.59 -32.29
N GLN B 370 48.06 20.70 -31.34
CA GLN B 370 48.50 21.99 -30.86
C GLN B 370 49.27 22.76 -31.93
N SER B 371 50.12 22.09 -32.70
CA SER B 371 50.95 22.72 -33.71
C SER B 371 50.92 21.96 -35.03
N GLU B 372 51.33 22.66 -36.09
CA GLU B 372 51.40 22.15 -37.44
C GLU B 372 52.69 21.34 -37.61
N PRO B 373 52.70 20.28 -38.43
CA PRO B 373 53.93 19.51 -38.59
C PRO B 373 55.03 20.32 -39.28
N LEU B 374 56.26 20.13 -38.81
CA LEU B 374 57.40 20.83 -39.37
C LEU B 374 57.65 20.39 -40.80
N LEU B 375 57.99 21.35 -41.65
CA LEU B 375 58.30 21.11 -43.05
C LEU B 375 59.71 21.63 -43.31
N ILE B 376 60.52 20.84 -44.03
CA ILE B 376 61.89 21.20 -44.35
C ILE B 376 61.92 21.82 -45.73
N TYR B 377 62.43 23.05 -45.83
CA TYR B 377 62.54 23.77 -47.09
C TYR B 377 63.97 23.71 -47.62
N ALA C 27 49.16 14.26 -65.65
CA ALA C 27 49.45 14.67 -64.28
C ALA C 27 48.20 14.58 -63.42
N LEU C 28 48.35 14.08 -62.20
CA LEU C 28 47.21 13.96 -61.31
C LEU C 28 46.82 15.34 -60.78
N PRO C 29 45.52 15.68 -60.75
CA PRO C 29 45.13 16.99 -60.24
C PRO C 29 45.38 17.09 -58.74
N THR C 30 45.87 18.25 -58.32
CA THR C 30 46.15 18.46 -56.91
C THR C 30 44.85 18.60 -56.12
N PRO C 31 44.91 18.40 -54.79
CA PRO C 31 43.68 18.57 -53.99
C PRO C 31 43.08 19.96 -54.11
N HIS C 32 43.92 20.99 -54.20
CA HIS C 32 43.43 22.35 -54.36
C HIS C 32 42.60 22.48 -55.62
N GLU C 33 43.09 21.90 -56.73
CA GLU C 33 42.35 21.94 -57.98
C GLU C 33 41.02 21.22 -57.85
N ILE C 34 41.02 20.06 -57.18
CA ILE C 34 39.78 19.30 -56.98
C ILE C 34 38.81 20.11 -56.14
N ARG C 35 39.31 20.78 -55.10
CA ARG C 35 38.43 21.56 -54.23
C ARG C 35 37.78 22.71 -54.99
N ASN C 36 38.49 23.30 -55.95
CA ASN C 36 37.92 24.39 -56.73
C ASN C 36 36.66 23.94 -57.46
N HIS C 37 36.68 22.72 -58.01
CA HIS C 37 35.51 22.20 -58.70
C HIS C 37 34.34 22.04 -57.73
N LEU C 38 34.61 21.52 -56.53
CA LEU C 38 33.56 21.35 -55.53
C LEU C 38 33.04 22.70 -55.06
N ASP C 39 33.92 23.69 -54.94
CA ASP C 39 33.51 25.01 -54.48
C ASP C 39 32.47 25.63 -55.41
N ASP C 40 32.54 25.33 -56.70
CA ASP C 40 31.58 25.88 -57.65
C ASP C 40 30.16 25.47 -57.31
N TYR C 41 29.96 24.21 -56.93
CA TYR C 41 28.64 23.68 -56.60
C TYR C 41 28.36 23.57 -55.11
N VAL C 42 29.38 23.53 -54.26
CA VAL C 42 29.23 23.38 -52.82
C VAL C 42 29.78 24.61 -52.11
N ILE C 43 29.01 25.09 -51.13
CA ILE C 43 29.37 26.27 -50.35
C ILE C 43 29.48 25.90 -48.87
N GLY C 44 30.53 26.39 -48.22
CA GLY C 44 30.73 26.20 -46.79
C GLY C 44 30.93 24.78 -46.28
N GLN C 45 31.67 23.96 -47.02
CA GLN C 45 31.96 22.58 -46.62
C GLN C 45 33.44 22.29 -46.83
N GLU C 46 34.28 23.21 -46.36
CA GLU C 46 35.73 23.07 -46.51
C GLU C 46 36.25 21.79 -45.90
N GLN C 47 35.79 21.44 -44.70
CA GLN C 47 36.26 20.21 -44.05
C GLN C 47 35.91 18.98 -44.88
N ALA C 48 34.67 18.91 -45.36
CA ALA C 48 34.26 17.78 -46.18
C ALA C 48 34.97 17.76 -47.52
N LYS C 49 35.08 18.93 -48.17
CA LYS C 49 35.73 19.01 -49.46
C LYS C 49 37.20 18.62 -49.37
N LYS C 50 37.87 19.01 -48.29
CA LYS C 50 39.28 18.67 -48.13
C LYS C 50 39.47 17.16 -48.00
N VAL C 51 38.58 16.49 -47.26
CA VAL C 51 38.69 15.05 -47.08
C VAL C 51 38.54 14.33 -48.42
N LEU C 52 37.53 14.71 -49.19
CA LEU C 52 37.28 14.06 -50.47
C LEU C 52 38.42 14.33 -51.45
N ALA C 53 38.92 15.57 -51.48
CA ALA C 53 40.01 15.90 -52.40
C ALA C 53 41.27 15.12 -52.05
N VAL C 54 41.59 15.02 -50.77
CA VAL C 54 42.78 14.29 -50.35
C VAL C 54 42.64 12.81 -50.68
N ALA C 55 41.47 12.24 -50.38
CA ALA C 55 41.25 10.82 -50.65
C ALA C 55 41.28 10.54 -52.15
N VAL C 56 40.67 11.41 -52.95
CA VAL C 56 40.67 11.21 -54.39
C VAL C 56 42.09 11.32 -54.93
N TYR C 57 42.82 12.34 -54.48
CA TYR C 57 44.21 12.50 -54.93
C TYR C 57 45.06 11.34 -54.45
N ASN C 58 44.88 10.93 -53.19
CA ASN C 58 45.64 9.81 -52.66
C ASN C 58 45.25 8.53 -53.38
N HIS C 59 43.97 8.39 -53.74
CA HIS C 59 43.51 7.22 -54.47
C HIS C 59 44.23 7.10 -55.80
N TYR C 60 44.38 8.21 -56.51
CA TYR C 60 45.07 8.18 -57.80
C TYR C 60 46.51 7.74 -57.63
N LYS C 61 47.17 8.17 -56.54
CA LYS C 61 48.55 7.78 -56.30
C LYS C 61 48.66 6.27 -56.12
N ARG C 62 47.72 5.67 -55.37
CA ARG C 62 47.74 4.24 -55.17
C ARG C 62 47.53 3.50 -56.48
N LEU C 63 46.54 3.92 -57.26
CA LEU C 63 46.28 3.28 -58.54
C LEU C 63 47.37 3.60 -59.55
N ARG C 64 47.88 4.84 -59.53
CA ARG C 64 48.98 5.20 -60.42
C ARG C 64 50.20 4.35 -60.13
N ASN C 65 50.40 4.01 -58.86
CA ASN C 65 51.51 3.16 -58.42
C ASN C 65 51.07 1.69 -58.43
N GLY C 66 50.55 1.27 -59.58
CA GLY C 66 50.09 -0.10 -59.71
C GLY C 66 51.18 -1.13 -59.57
N ASP C 67 52.40 -0.81 -60.00
CA ASP C 67 53.49 -1.77 -59.86
C ASP C 67 53.79 -2.01 -58.39
N THR C 68 53.82 -0.96 -57.58
CA THR C 68 54.05 -1.06 -56.13
C THR C 68 55.38 -1.77 -55.86
N SER C 69 56.44 -1.30 -56.51
CA SER C 69 57.74 -1.96 -56.36
C SER C 69 58.30 -1.86 -54.95
N ASN C 70 57.87 -0.88 -54.16
CA ASN C 70 58.34 -0.80 -52.79
C ASN C 70 57.83 -2.00 -52.01
N GLY C 71 58.57 -2.37 -50.96
CA GLY C 71 58.24 -3.53 -50.16
C GLY C 71 56.82 -3.54 -49.61
N VAL C 72 56.28 -2.36 -49.26
CA VAL C 72 54.95 -2.28 -48.66
C VAL C 72 53.89 -2.03 -49.71
N GLU C 73 52.67 -2.46 -49.41
CA GLU C 73 51.50 -2.29 -50.26
C GLU C 73 50.58 -1.25 -49.63
N LEU C 74 50.21 -0.25 -50.40
CA LEU C 74 49.34 0.81 -49.89
C LEU C 74 47.95 0.27 -49.56
N GLY C 75 47.36 0.84 -48.53
CA GLY C 75 46.01 0.46 -48.08
C GLY C 75 45.09 1.66 -48.12
N LYS C 76 43.86 1.44 -48.58
CA LYS C 76 42.88 2.50 -48.71
C LYS C 76 42.22 2.81 -47.37
N SER C 77 41.70 4.04 -47.29
CA SER C 77 40.97 4.54 -46.12
C SER C 77 39.59 4.98 -46.59
N ASN C 78 38.55 4.41 -46.01
CA ASN C 78 37.19 4.74 -46.38
C ASN C 78 36.68 5.94 -45.59
N ILE C 79 35.86 6.76 -46.25
CA ILE C 79 35.31 7.98 -45.68
C ILE C 79 33.87 7.75 -45.26
N LEU C 80 33.45 8.48 -44.23
CA LEU C 80 32.08 8.44 -43.70
C LEU C 80 31.63 9.89 -43.53
N LEU C 81 30.65 10.29 -44.33
CA LEU C 81 30.12 11.65 -44.31
C LEU C 81 28.88 11.70 -43.43
N ILE C 82 28.96 12.43 -42.33
CA ILE C 82 27.86 12.62 -41.40
C ILE C 82 27.45 14.08 -41.49
N GLY C 83 26.20 14.33 -41.90
CA GLY C 83 25.70 15.67 -42.01
C GLY C 83 24.19 15.74 -41.96
N PRO C 84 23.60 16.86 -41.48
CA PRO C 84 22.14 16.94 -41.45
C PRO C 84 21.56 17.09 -42.85
N THR C 85 20.23 17.12 -42.92
CA THR C 85 19.55 17.25 -44.21
C THR C 85 19.94 18.53 -44.92
N GLY C 86 20.09 18.43 -46.23
CA GLY C 86 20.43 19.59 -47.05
C GLY C 86 21.77 20.20 -46.74
N SER C 87 22.76 19.38 -46.40
CA SER C 87 24.10 19.86 -46.07
C SER C 87 25.11 19.66 -47.20
N GLY C 88 24.72 19.04 -48.31
CA GLY C 88 25.61 18.83 -49.43
C GLY C 88 26.24 17.47 -49.52
N LYS C 89 25.76 16.48 -48.74
CA LYS C 89 26.34 15.15 -48.78
C LYS C 89 26.19 14.53 -50.17
N THR C 90 24.95 14.42 -50.65
CA THR C 90 24.71 13.83 -51.96
C THR C 90 25.23 14.73 -53.07
N LEU C 91 25.17 16.05 -52.87
CA LEU C 91 25.66 16.98 -53.88
C LEU C 91 27.15 16.81 -54.11
N LEU C 92 27.91 16.61 -53.04
CA LEU C 92 29.36 16.44 -53.17
C LEU C 92 29.69 15.22 -54.02
N ALA C 93 28.99 14.11 -53.80
CA ALA C 93 29.24 12.90 -54.58
C ALA C 93 28.95 13.11 -56.05
N GLU C 94 27.84 13.77 -56.36
CA GLU C 94 27.49 14.02 -57.76
C GLU C 94 28.53 14.90 -58.44
N THR C 95 29.07 15.88 -57.70
CA THR C 95 30.07 16.76 -58.28
C THR C 95 31.35 16.01 -58.60
N LEU C 96 31.73 15.07 -57.75
CA LEU C 96 32.95 14.30 -57.98
C LEU C 96 32.88 13.52 -59.28
N ALA C 97 31.71 12.96 -59.61
CA ALA C 97 31.55 12.20 -60.84
C ALA C 97 31.89 13.03 -62.06
N ARG C 98 31.64 14.33 -62.02
CA ARG C 98 31.95 15.18 -63.17
C ARG C 98 33.44 15.30 -63.39
N LEU C 99 34.24 15.22 -62.32
CA LEU C 99 35.69 15.34 -62.40
C LEU C 99 36.41 14.06 -62.00
N LEU C 100 35.72 12.92 -61.97
CA LEU C 100 36.30 11.64 -61.60
C LEU C 100 36.62 10.87 -62.87
N ASP C 101 37.92 10.70 -63.15
CA ASP C 101 38.31 9.95 -64.35
C ASP C 101 37.98 8.47 -64.20
N VAL C 102 38.13 7.93 -62.99
CA VAL C 102 37.84 6.53 -62.72
C VAL C 102 36.32 6.35 -62.67
N PRO C 103 35.80 5.16 -62.93
CA PRO C 103 34.33 4.98 -62.89
C PRO C 103 33.77 5.19 -61.50
N PHE C 104 32.69 5.96 -61.42
CA PHE C 104 32.00 6.27 -60.18
C PHE C 104 30.54 5.86 -60.28
N THR C 105 30.02 5.28 -59.21
CA THR C 105 28.63 4.86 -59.14
C THR C 105 28.05 5.25 -57.78
N MET C 106 26.73 5.24 -57.71
CA MET C 106 25.99 5.58 -56.50
C MET C 106 25.00 4.46 -56.18
N ALA C 107 24.77 4.25 -54.88
CA ALA C 107 23.85 3.22 -54.44
C ALA C 107 23.21 3.65 -53.13
N ASP C 108 22.11 3.00 -52.79
CA ASP C 108 21.37 3.27 -51.56
C ASP C 108 21.33 2.01 -50.71
N ALA C 109 21.67 2.15 -49.43
CA ALA C 109 21.67 1.03 -48.50
C ALA C 109 20.27 0.54 -48.17
N THR C 110 19.25 1.36 -48.38
CA THR C 110 17.89 0.97 -48.03
C THR C 110 17.44 -0.28 -48.78
N THR C 111 17.68 -0.32 -50.09
CA THR C 111 17.27 -1.48 -50.88
C THR C 111 18.05 -2.74 -50.52
N LEU C 112 19.27 -2.59 -50.04
CA LEU C 112 20.10 -3.74 -49.69
C LEU C 112 19.54 -4.50 -48.49
N THR C 113 19.77 -5.82 -48.50
CA THR C 113 19.36 -6.70 -47.41
C THR C 113 20.35 -7.84 -47.32
N GLU C 114 20.24 -8.62 -46.25
CA GLU C 114 21.13 -9.75 -46.06
C GLU C 114 20.94 -10.78 -47.16
N ALA C 115 22.01 -11.52 -47.45
CA ALA C 115 21.95 -12.53 -48.49
C ALA C 115 20.96 -13.63 -48.12
N GLY C 116 20.35 -14.21 -49.15
CA GLY C 116 19.36 -15.26 -48.95
C GLY C 116 17.94 -14.77 -48.83
N TYR C 117 17.67 -13.51 -49.16
CA TYR C 117 16.34 -12.92 -49.05
C TYR C 117 15.96 -12.25 -50.36
N VAL C 118 14.66 -11.99 -50.49
CA VAL C 118 14.09 -11.42 -51.71
C VAL C 118 14.76 -10.10 -52.09
N GLY C 119 15.11 -9.28 -51.11
CA GLY C 119 15.71 -8.00 -51.42
C GLY C 119 17.09 -8.13 -52.04
N GLU C 120 17.47 -7.07 -52.75
CA GLU C 120 18.75 -7.02 -53.43
C GLU C 120 19.91 -7.19 -52.45
N ASP C 121 20.91 -7.96 -52.86
CA ASP C 121 22.08 -8.22 -52.05
C ASP C 121 23.13 -7.11 -52.20
N VAL C 122 24.06 -7.08 -51.24
CA VAL C 122 25.11 -6.07 -51.25
C VAL C 122 26.03 -6.23 -52.44
N GLU C 123 26.17 -7.46 -52.95
CA GLU C 123 27.05 -7.70 -54.09
C GLU C 123 26.62 -6.95 -55.34
N ASN C 124 25.34 -6.57 -55.43
CA ASN C 124 24.86 -5.83 -56.59
C ASN C 124 25.53 -4.46 -56.73
N ILE C 125 26.12 -3.94 -55.65
CA ILE C 125 26.78 -2.64 -55.72
C ILE C 125 27.93 -2.72 -56.72
N ILE C 126 28.65 -3.84 -56.74
CA ILE C 126 29.74 -4.00 -57.69
C ILE C 126 29.16 -4.16 -59.09
N GLN C 127 27.95 -4.73 -59.19
CA GLN C 127 27.32 -4.89 -60.49
C GLN C 127 27.03 -3.54 -61.13
N LYS C 128 26.57 -2.57 -60.32
CA LYS C 128 26.28 -1.24 -60.85
C LYS C 128 27.54 -0.58 -61.39
N LEU C 129 28.66 -0.74 -60.68
CA LEU C 129 29.92 -0.15 -61.10
C LEU C 129 30.39 -0.70 -62.44
N LEU C 130 30.07 -1.96 -62.73
CA LEU C 130 30.53 -2.57 -63.98
C LEU C 130 29.96 -1.87 -65.21
N GLN C 131 28.70 -1.42 -65.15
CA GLN C 131 28.13 -0.73 -66.30
C GLN C 131 28.94 0.51 -66.65
N LYS C 132 29.42 1.24 -65.64
CA LYS C 132 30.24 2.41 -65.91
C LYS C 132 31.56 2.01 -66.52
N SER C 133 32.11 0.89 -66.06
CA SER C 133 33.37 0.35 -66.55
C SER C 133 33.22 -0.48 -67.83
N ASP C 134 32.02 -0.55 -68.40
CA ASP C 134 31.78 -1.37 -69.60
C ASP C 134 32.13 -2.83 -69.31
N TYR C 135 31.82 -3.27 -68.10
CA TYR C 135 32.07 -4.65 -67.66
C TYR C 135 33.56 -4.99 -67.73
N ASP C 136 34.40 -4.01 -67.43
CA ASP C 136 35.85 -4.17 -67.41
C ASP C 136 36.28 -4.38 -65.95
N VAL C 137 36.74 -5.59 -65.64
CA VAL C 137 37.13 -5.92 -64.27
C VAL C 137 38.29 -5.04 -63.81
N GLN C 138 39.26 -4.79 -64.69
CA GLN C 138 40.41 -3.98 -64.31
C GLN C 138 40.00 -2.57 -63.94
N LYS C 139 39.16 -1.93 -64.77
CA LYS C 139 38.70 -0.58 -64.49
C LYS C 139 37.84 -0.55 -63.24
N ALA C 140 37.00 -1.57 -63.04
CA ALA C 140 36.12 -1.62 -61.88
C ALA C 140 36.91 -1.63 -60.58
N GLN C 141 38.06 -2.31 -60.56
CA GLN C 141 38.87 -2.37 -59.36
C GLN C 141 39.37 -0.99 -58.96
N ARG C 142 39.51 -0.07 -59.91
CA ARG C 142 39.94 1.29 -59.66
C ARG C 142 38.79 2.27 -59.47
N GLY C 143 37.55 1.76 -59.39
CA GLY C 143 36.40 2.61 -59.24
C GLY C 143 36.18 3.15 -57.84
N ILE C 144 35.26 4.11 -57.75
CA ILE C 144 34.85 4.75 -56.51
C ILE C 144 33.37 4.47 -56.33
N VAL C 145 32.95 4.30 -55.07
CA VAL C 145 31.57 4.02 -54.73
C VAL C 145 31.08 5.01 -53.69
N TYR C 146 29.77 5.26 -53.70
CA TYR C 146 29.13 6.18 -52.75
C TYR C 146 27.85 5.50 -52.27
N ILE C 147 27.90 4.96 -51.05
CA ILE C 147 26.76 4.25 -50.45
C ILE C 147 25.98 5.28 -49.64
N ASP C 148 24.96 5.87 -50.28
CA ASP C 148 24.13 6.85 -49.60
C ASP C 148 23.15 6.17 -48.65
N GLU C 149 22.61 6.96 -47.73
CA GLU C 149 21.63 6.49 -46.76
C GLU C 149 22.20 5.39 -45.87
N ILE C 150 23.50 5.44 -45.61
CA ILE C 150 24.16 4.42 -44.78
C ILE C 150 23.64 4.46 -43.35
N ASP C 151 23.12 5.61 -42.91
CA ASP C 151 22.61 5.73 -41.55
C ASP C 151 21.34 4.91 -41.33
N LYS C 152 20.66 4.52 -42.40
CA LYS C 152 19.42 3.77 -42.25
C LYS C 152 19.68 2.33 -41.85
N ILE C 153 20.80 1.74 -42.26
CA ILE C 153 21.14 0.36 -41.89
C ILE C 153 21.88 0.42 -40.56
N SER C 154 21.10 0.44 -39.47
CA SER C 154 21.64 0.51 -38.13
C SER C 154 20.90 -0.49 -37.26
N ARG C 155 21.66 -1.35 -36.57
CA ARG C 155 21.07 -2.34 -35.70
C ARG C 155 20.37 -1.65 -34.54
N LYS C 156 19.10 -2.02 -34.33
CA LYS C 156 18.35 -1.46 -33.22
C LYS C 156 18.82 -2.17 -31.95
N SER C 157 19.54 -1.44 -31.09
CA SER C 157 20.05 -2.05 -29.86
C SER C 157 18.93 -2.54 -28.96
N ASP C 158 17.80 -1.83 -28.94
CA ASP C 158 16.65 -2.20 -28.14
C ASP C 158 15.56 -2.76 -29.06
N ASN C 159 15.42 -4.06 -29.05
CA ASN C 159 14.44 -4.80 -29.84
C ASN C 159 14.46 -6.24 -29.35
N PRO C 160 13.43 -7.03 -29.65
CA PRO C 160 13.46 -8.43 -29.21
C PRO C 160 14.65 -9.17 -29.79
N SER C 161 15.37 -9.87 -28.91
CA SER C 161 16.52 -10.67 -29.33
C SER C 161 16.14 -11.66 -30.40
N ILE C 162 14.93 -12.21 -30.32
CA ILE C 162 14.50 -13.22 -31.28
C ILE C 162 13.95 -12.55 -32.54
N THR C 163 14.87 -12.15 -33.41
CA THR C 163 14.57 -11.54 -34.71
C THR C 163 15.89 -11.39 -35.46
N ARG C 164 15.87 -11.56 -36.76
CA ARG C 164 17.04 -11.36 -37.61
C ARG C 164 16.83 -10.07 -38.38
N ASP C 165 17.69 -9.08 -38.12
CA ASP C 165 17.58 -7.77 -38.76
C ASP C 165 18.31 -7.81 -40.09
N VAL C 166 17.66 -8.43 -41.08
CA VAL C 166 18.25 -8.54 -42.41
C VAL C 166 18.41 -7.16 -43.04
N SER C 167 17.41 -6.30 -42.90
CA SER C 167 17.48 -4.97 -43.48
C SER C 167 18.53 -4.10 -42.80
N GLY C 168 18.82 -4.37 -41.53
CA GLY C 168 19.77 -3.58 -40.76
C GLY C 168 21.13 -4.23 -40.60
N GLU C 169 21.36 -4.82 -39.42
CA GLU C 169 22.64 -5.46 -39.11
C GLU C 169 23.09 -6.44 -40.18
N GLY C 170 22.15 -7.13 -40.83
CA GLY C 170 22.52 -8.07 -41.88
C GLY C 170 23.27 -7.42 -43.01
N VAL C 171 22.92 -6.18 -43.35
CA VAL C 171 23.61 -5.49 -44.44
C VAL C 171 25.00 -5.07 -43.99
N GLN C 172 25.14 -4.65 -42.74
CA GLN C 172 26.45 -4.26 -42.23
C GLN C 172 27.40 -5.43 -42.19
N GLN C 173 26.91 -6.60 -41.74
CA GLN C 173 27.75 -7.78 -41.66
C GLN C 173 28.24 -8.22 -43.03
N ALA C 174 27.37 -8.19 -44.03
CA ALA C 174 27.76 -8.59 -45.38
C ALA C 174 28.77 -7.62 -45.99
N LEU C 175 28.67 -6.34 -45.64
CA LEU C 175 29.56 -5.32 -46.19
C LEU C 175 30.97 -5.36 -45.59
N LEU C 176 31.17 -6.05 -44.47
CA LEU C 176 32.49 -6.08 -43.83
C LEU C 176 33.58 -6.53 -44.79
N LYS C 177 33.33 -7.63 -45.52
CA LYS C 177 34.32 -8.10 -46.47
C LYS C 177 34.35 -7.25 -47.73
N LEU C 178 33.23 -6.63 -48.08
CA LEU C 178 33.18 -5.81 -49.29
C LEU C 178 33.99 -4.53 -49.15
N ILE C 179 34.15 -4.03 -47.93
CA ILE C 179 34.91 -2.80 -47.71
C ILE C 179 36.38 -3.08 -47.47
N GLU C 180 36.69 -4.08 -46.65
CA GLU C 180 38.09 -4.40 -46.36
C GLU C 180 38.78 -4.93 -47.61
N GLY C 181 38.06 -5.70 -48.43
CA GLY C 181 38.58 -6.28 -49.65
C GLY C 181 38.29 -7.76 -49.72
N THR C 182 37.65 -8.19 -50.80
CA THR C 182 37.30 -9.59 -50.99
C THR C 182 36.87 -9.77 -52.44
N VAL C 183 36.80 -11.02 -52.85
CA VAL C 183 36.38 -11.38 -54.21
C VAL C 183 34.89 -11.67 -54.15
N ALA C 184 34.11 -10.96 -54.98
CA ALA C 184 32.66 -11.09 -55.03
C ALA C 184 32.22 -11.55 -56.41
N ALA C 185 31.33 -12.55 -56.43
CA ALA C 185 30.79 -13.06 -57.68
C ALA C 185 29.64 -12.18 -58.12
N VAL C 186 29.62 -11.82 -59.41
CA VAL C 186 28.58 -10.96 -59.97
C VAL C 186 28.10 -11.52 -61.30
N PRO C 187 26.98 -11.05 -61.85
CA PRO C 187 26.51 -11.55 -63.14
C PRO C 187 27.55 -11.37 -64.23
N PRO C 188 27.45 -12.13 -65.32
CA PRO C 188 28.47 -12.03 -66.39
C PRO C 188 28.52 -10.72 -67.14
N GLN C 189 27.38 -10.24 -67.63
CA GLN C 189 27.33 -9.01 -68.40
C GLN C 189 25.88 -8.54 -68.44
N GLY C 190 25.61 -7.50 -69.24
CA GLY C 190 24.26 -7.00 -69.38
C GLY C 190 23.30 -8.07 -69.83
N GLY C 191 23.76 -8.97 -70.69
CA GLY C 191 22.93 -10.07 -71.14
C GLY C 191 22.54 -10.99 -69.99
N ARG C 192 23.43 -11.13 -69.01
CA ARG C 192 23.21 -11.97 -67.83
C ARG C 192 22.99 -13.43 -68.23
N LYS C 193 23.97 -13.96 -68.97
CA LYS C 193 23.92 -15.35 -69.41
C LYS C 193 23.95 -16.29 -68.21
N HIS C 194 22.84 -16.99 -67.99
CA HIS C 194 22.71 -17.92 -66.87
C HIS C 194 23.43 -19.24 -67.11
N PRO C 195 23.32 -19.88 -68.29
CA PRO C 195 24.05 -21.15 -68.49
C PRO C 195 25.55 -21.04 -68.31
N GLN C 196 26.18 -20.04 -68.92
CA GLN C 196 27.62 -19.85 -68.78
C GLN C 196 27.91 -19.41 -67.36
N GLN C 197 28.98 -19.94 -66.76
CA GLN C 197 29.30 -19.54 -65.40
C GLN C 197 29.60 -18.05 -65.38
N GLU C 198 30.70 -17.66 -66.02
CA GLU C 198 31.14 -16.28 -66.22
C GLU C 198 30.83 -15.40 -65.01
N PHE C 199 31.35 -15.80 -63.86
CA PHE C 199 31.05 -15.07 -62.63
C PHE C 199 31.77 -13.72 -62.54
N LEU C 200 32.77 -13.47 -63.39
CA LEU C 200 33.51 -12.21 -63.41
C LEU C 200 33.98 -11.83 -62.01
N GLN C 201 34.82 -12.68 -61.43
CA GLN C 201 35.37 -12.45 -60.10
C GLN C 201 36.12 -11.11 -60.06
N VAL C 202 35.70 -10.22 -59.15
CA VAL C 202 36.29 -8.90 -59.00
C VAL C 202 36.67 -8.68 -57.54
N ASP C 203 37.91 -8.27 -57.30
CA ASP C 203 38.38 -7.98 -55.96
C ASP C 203 37.99 -6.54 -55.58
N THR C 204 37.64 -6.35 -54.31
CA THR C 204 37.24 -5.05 -53.78
C THR C 204 38.28 -4.48 -52.82
N SER C 205 39.54 -4.87 -52.97
CA SER C 205 40.59 -4.39 -52.08
C SER C 205 41.11 -3.00 -52.47
N LYS C 206 40.98 -2.62 -53.74
CA LYS C 206 41.44 -1.33 -54.22
C LYS C 206 40.29 -0.38 -54.56
N ILE C 207 39.07 -0.67 -54.10
CA ILE C 207 37.90 0.16 -54.38
C ILE C 207 37.57 0.97 -53.14
N LEU C 208 37.47 2.28 -53.32
CA LEU C 208 37.12 3.20 -52.23
C LEU C 208 35.60 3.28 -52.09
N PHE C 209 35.13 3.25 -50.85
CA PHE C 209 33.71 3.32 -50.52
C PHE C 209 33.47 4.54 -49.65
N ILE C 210 32.87 5.58 -50.24
CA ILE C 210 32.58 6.82 -49.53
C ILE C 210 31.14 6.71 -49.03
N CYS C 211 30.99 6.22 -47.81
CA CYS C 211 29.67 6.09 -47.22
C CYS C 211 29.19 7.43 -46.70
N GLY C 212 27.88 7.64 -46.77
CA GLY C 212 27.29 8.89 -46.32
C GLY C 212 25.85 8.77 -45.87
N GLY C 213 25.51 9.46 -44.80
CA GLY C 213 24.15 9.43 -44.29
C GLY C 213 23.95 10.49 -43.23
N ALA C 214 22.68 10.85 -43.03
CA ALA C 214 22.29 11.86 -42.06
C ALA C 214 21.76 11.12 -40.84
N PHE C 215 22.60 10.99 -39.83
CA PHE C 215 22.24 10.28 -38.61
C PHE C 215 21.28 11.14 -37.80
N ALA C 216 20.04 10.68 -37.67
CA ALA C 216 19.01 11.40 -36.92
C ALA C 216 18.97 10.86 -35.50
N GLY C 217 19.14 11.76 -34.53
CA GLY C 217 19.15 11.40 -33.14
C GLY C 217 20.52 11.14 -32.56
N LEU C 218 21.57 11.20 -33.38
CA LEU C 218 22.92 10.97 -32.87
C LEU C 218 23.31 12.03 -31.86
N ASP C 219 22.82 13.25 -32.03
CA ASP C 219 23.14 14.34 -31.09
C ASP C 219 22.67 14.00 -29.68
N LYS C 220 21.50 13.39 -29.56
CA LYS C 220 20.99 13.01 -28.24
C LYS C 220 21.91 12.01 -27.56
N VAL C 221 22.58 11.17 -28.36
CA VAL C 221 23.48 10.17 -27.79
C VAL C 221 24.76 10.84 -27.31
N ILE C 222 25.33 11.71 -28.14
CA ILE C 222 26.56 12.41 -27.77
C ILE C 222 26.33 13.30 -26.55
N SER C 223 25.15 13.93 -26.46
CA SER C 223 24.83 14.79 -25.33
C SER C 223 24.86 14.02 -24.02
N HIS C 224 24.49 12.75 -24.04
CA HIS C 224 24.52 11.95 -22.83
C HIS C 224 25.93 11.85 -22.28
N ARG C 225 26.91 11.64 -23.16
CA ARG C 225 28.31 11.51 -22.77
C ARG C 225 28.97 12.85 -22.48
N VAL C 226 28.59 13.91 -23.19
CA VAL C 226 29.25 15.20 -23.01
C VAL C 226 28.74 15.95 -21.78
N GLU C 227 27.42 16.02 -21.57
CA GLU C 227 26.91 16.78 -20.44
C GLU C 227 27.26 16.14 -19.11
N THR C 228 26.78 14.92 -18.87
CA THR C 228 27.06 14.19 -17.62
C THR C 228 26.66 14.99 -16.36
N GLY C 229 25.67 15.87 -16.49
CA GLY C 229 25.23 16.71 -15.38
C GLY C 229 23.74 16.84 -15.18
N SER C 230 22.96 16.18 -16.04
CA SER C 230 21.50 16.24 -15.91
C SER C 230 21.04 15.67 -14.58
N GLY C 231 20.09 16.34 -13.95
CA GLY C 231 19.58 15.92 -12.66
C GLY C 231 18.53 16.87 -12.16
N ILE C 232 18.03 16.57 -10.96
CA ILE C 232 16.97 17.35 -10.33
C ILE C 232 17.44 18.05 -9.05
N GLY C 233 18.49 17.57 -8.38
CA GLY C 233 18.92 18.17 -7.15
C GLY C 233 19.75 19.42 -7.31
N PHE C 234 20.22 19.92 -6.15
CA PHE C 234 21.04 21.13 -6.12
C PHE C 234 22.34 20.95 -6.90
N GLY C 235 22.91 19.75 -6.85
CA GLY C 235 24.17 19.50 -7.54
C GLY C 235 24.05 19.25 -9.01
N ALA C 236 22.84 19.17 -9.54
CA ALA C 236 22.63 18.95 -10.95
C ALA C 236 22.83 20.24 -11.72
N THR C 237 22.94 20.11 -13.05
CA THR C 237 23.14 21.23 -13.95
C THR C 237 21.93 21.35 -14.87
N VAL C 238 21.27 22.50 -14.83
CA VAL C 238 20.11 22.80 -15.66
C VAL C 238 20.47 24.01 -16.52
N LYS C 239 20.28 23.86 -17.84
CA LYS C 239 20.62 24.91 -18.79
C LYS C 239 19.43 25.59 -19.42
N ALA C 240 18.26 24.97 -19.42
CA ALA C 240 17.00 25.48 -19.97
C ALA C 240 16.92 25.39 -21.49
N LYS C 241 17.86 24.71 -22.15
CA LYS C 241 17.95 24.48 -23.59
C LYS C 241 18.41 25.72 -24.35
N SER C 242 18.62 26.86 -23.69
CA SER C 242 19.09 28.05 -24.40
C SER C 242 20.60 28.03 -24.54
N ASP C 243 21.30 27.57 -23.52
CA ASP C 243 22.75 27.46 -23.51
C ASP C 243 23.24 26.05 -23.85
N LYS C 244 22.34 25.10 -24.05
CA LYS C 244 22.74 23.74 -24.39
C LYS C 244 23.42 23.72 -25.75
N ALA C 245 24.28 22.73 -25.95
CA ALA C 245 25.01 22.62 -27.21
C ALA C 245 24.06 22.34 -28.35
N SER C 246 24.39 22.88 -29.53
CA SER C 246 23.57 22.71 -30.72
C SER C 246 23.84 21.35 -31.35
N GLU C 247 22.96 20.98 -32.28
CA GLU C 247 23.12 19.71 -32.99
C GLU C 247 24.43 19.68 -33.77
N GLY C 248 24.76 20.78 -34.45
CA GLY C 248 25.99 20.83 -35.21
C GLY C 248 27.23 20.71 -34.33
N GLU C 249 27.23 21.41 -33.20
CA GLU C 249 28.38 21.36 -32.29
C GLU C 249 28.58 19.95 -31.74
N LEU C 250 27.48 19.26 -31.42
CA LEU C 250 27.59 17.91 -30.88
C LEU C 250 28.19 16.95 -31.90
N LEU C 251 27.78 17.06 -33.16
CA LEU C 251 28.30 16.18 -34.20
C LEU C 251 29.81 16.31 -34.35
N ALA C 252 30.34 17.52 -34.16
CA ALA C 252 31.78 17.72 -34.27
C ALA C 252 32.54 16.87 -33.26
N GLN C 253 31.93 16.59 -32.11
CA GLN C 253 32.54 15.78 -31.07
C GLN C 253 32.23 14.29 -31.22
N VAL C 254 31.69 13.88 -32.38
CA VAL C 254 31.34 12.49 -32.59
C VAL C 254 32.58 11.60 -32.49
N GLU C 255 32.42 10.46 -31.85
CA GLU C 255 33.46 9.46 -31.66
C GLU C 255 32.89 8.10 -32.04
N PRO C 256 33.76 7.11 -32.27
CA PRO C 256 33.24 5.77 -32.61
C PRO C 256 32.32 5.18 -31.56
N GLU C 257 32.54 5.51 -30.29
CA GLU C 257 31.67 4.98 -29.23
C GLU C 257 30.25 5.47 -29.40
N ASP C 258 30.08 6.72 -29.84
CA ASP C 258 28.73 7.27 -30.03
C ASP C 258 28.03 6.58 -31.20
N LEU C 259 28.78 6.23 -32.25
CA LEU C 259 28.18 5.57 -33.40
C LEU C 259 27.73 4.15 -33.04
N ILE C 260 28.47 3.47 -32.17
CA ILE C 260 28.11 2.12 -31.77
C ILE C 260 26.76 2.12 -31.07
N LYS C 261 26.51 3.11 -30.22
CA LYS C 261 25.23 3.20 -29.53
C LYS C 261 24.10 3.45 -30.52
N PHE C 262 24.38 4.21 -31.58
CA PHE C 262 23.35 4.49 -32.58
C PHE C 262 22.85 3.22 -33.25
N GLY C 263 23.71 2.21 -33.38
CA GLY C 263 23.33 0.95 -33.99
C GLY C 263 24.38 0.34 -34.89
N LEU C 264 25.36 1.13 -35.33
CA LEU C 264 26.40 0.59 -36.19
C LEU C 264 27.26 -0.39 -35.41
N ILE C 265 27.55 -1.54 -36.01
CA ILE C 265 28.37 -2.55 -35.34
C ILE C 265 29.81 -2.05 -35.29
N PRO C 266 30.61 -2.45 -34.30
CA PRO C 266 32.00 -1.95 -34.25
C PRO C 266 32.83 -2.34 -35.46
N GLU C 267 32.60 -3.52 -36.05
CA GLU C 267 33.37 -3.94 -37.21
C GLU C 267 33.23 -2.96 -38.36
N PHE C 268 32.01 -2.47 -38.58
CA PHE C 268 31.77 -1.53 -39.66
C PHE C 268 32.50 -0.21 -39.44
N ILE C 269 32.55 0.25 -38.18
CA ILE C 269 33.22 1.52 -37.88
C ILE C 269 34.70 1.44 -38.22
N GLY C 270 35.35 0.32 -37.90
CA GLY C 270 36.76 0.18 -38.22
C GLY C 270 37.01 0.23 -39.71
N ARG C 271 36.09 -0.33 -40.49
CA ARG C 271 36.22 -0.29 -41.95
C ARG C 271 36.17 1.13 -42.50
N LEU C 272 35.63 2.08 -41.73
CA LEU C 272 35.51 3.48 -42.13
C LEU C 272 36.36 4.33 -41.17
N PRO C 273 37.68 4.39 -41.37
CA PRO C 273 38.50 5.18 -40.44
C PRO C 273 38.27 6.67 -40.54
N VAL C 274 38.17 7.21 -41.74
CA VAL C 274 38.01 8.65 -41.93
C VAL C 274 36.55 9.03 -41.73
N VAL C 275 36.33 10.06 -40.93
CA VAL C 275 34.99 10.58 -40.63
C VAL C 275 35.03 12.09 -40.82
N ALA C 276 34.10 12.59 -41.64
CA ALA C 276 33.98 14.02 -41.93
C ALA C 276 32.59 14.49 -41.56
N THR C 277 32.53 15.50 -40.68
CA THR C 277 31.28 16.08 -40.22
C THR C 277 30.95 17.33 -41.00
N LEU C 278 29.68 17.48 -41.36
CA LEU C 278 29.18 18.63 -42.10
C LEU C 278 28.33 19.48 -41.16
N ASN C 279 28.66 20.76 -41.06
CA ASN C 279 27.92 21.66 -40.19
C ASN C 279 26.65 22.14 -40.86
N GLU C 280 25.69 22.55 -40.04
CA GLU C 280 24.42 23.05 -40.57
C GLU C 280 24.64 24.35 -41.31
N LEU C 281 23.93 24.52 -42.42
CA LEU C 281 24.08 25.73 -43.22
C LEU C 281 23.54 26.94 -42.46
N SER C 282 24.34 28.01 -42.45
CA SER C 282 23.97 29.25 -41.80
C SER C 282 23.18 30.14 -42.76
N GLU C 283 22.65 31.24 -42.21
CA GLU C 283 21.89 32.18 -43.04
C GLU C 283 22.76 32.75 -44.15
N GLU C 284 24.01 33.07 -43.85
CA GLU C 284 24.92 33.60 -44.86
C GLU C 284 25.17 32.58 -45.96
N ALA C 285 25.38 31.32 -45.56
CA ALA C 285 25.62 30.26 -46.54
C ALA C 285 24.40 30.06 -47.43
N LEU C 286 23.20 30.15 -46.87
CA LEU C 286 21.99 29.98 -47.66
C LEU C 286 21.87 31.08 -48.71
N ILE C 287 22.24 32.31 -48.34
CA ILE C 287 22.18 33.42 -49.28
C ILE C 287 23.10 33.18 -50.46
N GLN C 288 24.31 32.68 -50.18
CA GLN C 288 25.26 32.40 -51.25
C GLN C 288 24.75 31.30 -52.17
N ILE C 289 24.14 30.26 -51.59
CA ILE C 289 23.62 29.14 -52.37
C ILE C 289 22.55 29.60 -53.35
N LEU C 290 21.78 30.63 -52.99
CA LEU C 290 20.71 31.10 -53.85
C LEU C 290 21.21 31.63 -55.18
N LYS C 291 22.36 32.30 -55.21
CA LYS C 291 22.90 32.90 -56.43
C LYS C 291 24.28 32.43 -56.86
N GLU C 292 25.21 32.21 -55.91
CA GLU C 292 26.58 31.87 -56.28
C GLU C 292 26.78 30.56 -57.04
N PRO C 293 26.21 29.42 -56.63
CA PRO C 293 26.50 28.18 -57.34
C PRO C 293 25.98 28.14 -58.77
N LYS C 294 26.57 27.21 -59.54
CA LYS C 294 26.20 27.03 -60.94
C LYS C 294 24.76 26.57 -61.10
N ASN C 295 24.29 25.73 -60.17
CA ASN C 295 22.94 25.17 -60.20
C ASN C 295 22.10 25.78 -59.08
N ALA C 296 22.32 27.06 -58.84
CA ALA C 296 21.61 27.78 -57.79
C ALA C 296 20.10 27.77 -58.02
N LEU C 297 19.36 27.85 -56.93
CA LEU C 297 17.90 27.84 -56.99
C LEU C 297 17.36 29.02 -57.79
N THR C 298 17.90 30.22 -57.56
CA THR C 298 17.42 31.40 -58.27
C THR C 298 17.66 31.27 -59.77
N LYS C 299 18.84 30.76 -60.16
CA LYS C 299 19.15 30.61 -61.57
C LYS C 299 18.17 29.68 -62.27
N GLN C 300 17.69 28.65 -61.57
CA GLN C 300 16.74 27.73 -62.17
C GLN C 300 15.45 28.44 -62.51
N TYR C 301 14.92 29.23 -61.58
CA TYR C 301 13.70 29.96 -61.84
C TYR C 301 13.91 31.03 -62.90
N GLN C 302 15.07 31.70 -62.87
CA GLN C 302 15.36 32.71 -63.88
C GLN C 302 15.38 32.09 -65.26
N ALA C 303 16.03 30.94 -65.40
CA ALA C 303 16.07 30.26 -66.69
C ALA C 303 14.69 29.81 -67.11
N LEU C 304 13.88 29.35 -66.15
CA LEU C 304 12.52 28.92 -66.45
C LEU C 304 11.72 30.09 -67.00
N PHE C 305 11.80 31.24 -66.33
CA PHE C 305 11.11 32.43 -66.81
C PHE C 305 11.65 32.87 -68.16
N ASN C 306 12.97 32.73 -68.36
CA ASN C 306 13.58 33.13 -69.62
C ASN C 306 13.01 32.32 -70.77
N LEU C 307 12.72 31.04 -70.54
CA LEU C 307 12.14 30.21 -71.59
C LEU C 307 10.78 30.77 -72.00
N GLU C 308 10.01 31.26 -71.02
CA GLU C 308 8.73 31.88 -71.28
C GLU C 308 8.88 33.22 -71.98
N GLY C 309 10.06 33.84 -71.89
CA GLY C 309 10.34 35.12 -72.50
C GLY C 309 10.41 36.29 -71.54
N VAL C 310 10.35 36.04 -70.24
CA VAL C 310 10.42 37.08 -69.21
C VAL C 310 11.71 36.92 -68.42
N ASP C 311 12.38 38.03 -68.17
CA ASP C 311 13.62 38.02 -67.40
C ASP C 311 13.28 38.27 -65.93
N LEU C 312 13.82 37.44 -65.05
CA LEU C 312 13.58 37.51 -63.62
C LEU C 312 14.84 37.89 -62.87
N GLU C 313 14.68 38.71 -61.84
CA GLU C 313 15.79 39.15 -61.00
C GLU C 313 15.28 39.26 -59.56
N PHE C 314 16.14 38.91 -58.61
CA PHE C 314 15.82 38.95 -57.19
C PHE C 314 16.66 39.98 -56.48
N ARG C 315 16.01 40.83 -55.69
CA ARG C 315 16.72 41.84 -54.92
C ARG C 315 17.52 41.18 -53.81
N ASP C 316 18.63 41.82 -53.42
CA ASP C 316 19.48 41.26 -52.39
C ASP C 316 18.75 41.18 -51.05
N GLU C 317 17.92 42.16 -50.74
CA GLU C 317 17.19 42.14 -49.48
C GLU C 317 16.20 40.99 -49.42
N ALA C 318 15.60 40.65 -50.57
CA ALA C 318 14.64 39.55 -50.62
C ALA C 318 15.28 38.23 -50.26
N LEU C 319 16.51 38.00 -50.74
CA LEU C 319 17.19 36.75 -50.46
C LEU C 319 17.45 36.58 -48.96
N ASP C 320 17.75 37.68 -48.26
CA ASP C 320 18.00 37.59 -46.82
C ASP C 320 16.77 37.11 -46.08
N ALA C 321 15.59 37.60 -46.46
CA ALA C 321 14.36 37.18 -45.81
C ALA C 321 14.08 35.71 -46.06
N ILE C 322 14.33 35.25 -47.27
CA ILE C 322 14.09 33.85 -47.62
C ILE C 322 14.97 32.94 -46.78
N ALA C 323 16.20 33.35 -46.53
CA ALA C 323 17.13 32.53 -45.76
C ALA C 323 16.64 32.35 -44.32
N LYS C 324 16.05 33.38 -43.73
CA LYS C 324 15.58 33.27 -42.36
C LYS C 324 14.40 32.32 -42.26
N LYS C 325 13.46 32.42 -43.19
CA LYS C 325 12.29 31.54 -43.16
C LYS C 325 12.69 30.09 -43.37
N ALA C 326 13.64 29.83 -44.28
CA ALA C 326 14.07 28.47 -44.55
C ALA C 326 14.71 27.82 -43.33
N MET C 327 15.50 28.59 -42.57
CA MET C 327 16.14 28.05 -41.38
C MET C 327 15.12 27.54 -40.38
N ALA C 328 13.97 28.21 -40.27
CA ALA C 328 12.94 27.78 -39.35
C ALA C 328 12.32 26.46 -39.76
N ARG C 329 12.23 26.19 -41.06
CA ARG C 329 11.63 24.95 -41.54
C ARG C 329 12.38 23.71 -41.07
N LYS C 330 13.68 23.84 -40.79
CA LYS C 330 14.52 22.74 -40.32
C LYS C 330 14.80 21.70 -41.40
N THR C 331 14.70 22.08 -42.67
CA THR C 331 14.92 21.16 -43.79
C THR C 331 16.17 21.49 -44.59
N GLY C 332 17.05 22.33 -44.06
CA GLY C 332 18.26 22.65 -44.79
C GLY C 332 18.00 23.51 -46.01
N ALA C 333 18.89 23.37 -46.99
CA ALA C 333 18.79 24.15 -48.23
C ALA C 333 17.48 23.88 -48.98
N ARG C 334 16.89 22.70 -48.79
CA ARG C 334 15.66 22.38 -49.49
C ARG C 334 14.52 23.31 -49.10
N GLY C 335 14.57 23.87 -47.88
CA GLY C 335 13.54 24.80 -47.46
C GLY C 335 13.43 26.01 -48.35
N LEU C 336 14.54 26.43 -48.97
CA LEU C 336 14.52 27.58 -49.87
C LEU C 336 13.56 27.39 -51.02
N ARG C 337 13.51 26.17 -51.58
CA ARG C 337 12.63 25.91 -52.70
C ARG C 337 11.16 26.08 -52.32
N SER C 338 10.82 25.82 -51.05
CA SER C 338 9.44 25.97 -50.60
C SER C 338 9.05 27.44 -50.55
N ILE C 339 9.91 28.28 -49.96
CA ILE C 339 9.62 29.70 -49.83
C ILE C 339 9.53 30.38 -51.19
N VAL C 340 10.48 30.07 -52.08
CA VAL C 340 10.49 30.69 -53.40
C VAL C 340 9.27 30.30 -54.20
N GLU C 341 8.91 29.01 -54.18
CA GLU C 341 7.76 28.55 -54.95
C GLU C 341 6.46 29.16 -54.43
N ALA C 342 6.36 29.33 -53.10
CA ALA C 342 5.14 29.91 -52.54
C ALA C 342 4.95 31.35 -52.98
N ALA C 343 6.03 32.14 -52.98
CA ALA C 343 5.92 33.54 -53.35
C ALA C 343 5.55 33.71 -54.83
N LEU C 344 6.13 32.90 -55.70
CA LEU C 344 5.87 32.97 -57.14
C LEU C 344 4.73 32.07 -57.59
N LEU C 345 3.92 31.57 -56.65
CA LEU C 345 2.81 30.69 -57.02
C LEU C 345 1.78 31.44 -57.85
N ASP C 346 1.20 32.50 -57.28
CA ASP C 346 0.19 33.27 -57.98
C ASP C 346 0.74 33.91 -59.25
N THR C 347 1.98 34.40 -59.20
CA THR C 347 2.58 35.04 -60.36
C THR C 347 2.69 34.08 -61.53
N MET C 348 3.22 32.87 -61.29
CA MET C 348 3.35 31.90 -62.38
C MET C 348 2.00 31.45 -62.89
N TYR C 349 0.97 31.47 -62.04
CA TYR C 349 -0.35 31.02 -62.47
C TYR C 349 -0.95 31.93 -63.54
N ASP C 350 -0.79 33.25 -63.40
CA ASP C 350 -1.35 34.22 -64.33
C ASP C 350 -0.34 34.87 -65.27
N LEU C 351 0.96 34.68 -65.04
CA LEU C 351 1.95 35.30 -65.93
C LEU C 351 1.83 34.85 -67.37
N PRO C 352 1.74 33.55 -67.69
CA PRO C 352 1.61 33.16 -69.11
C PRO C 352 0.39 33.75 -69.78
N SER C 353 -0.75 33.76 -69.10
CA SER C 353 -1.95 34.34 -69.66
C SER C 353 -1.78 35.85 -69.85
N MET C 354 -1.08 36.50 -68.92
CA MET C 354 -0.84 37.93 -69.00
C MET C 354 0.04 38.26 -70.20
N GLU C 355 -0.24 39.41 -70.83
CA GLU C 355 0.48 39.89 -71.98
C GLU C 355 1.09 41.25 -71.66
N ASP C 356 2.10 41.63 -72.45
CA ASP C 356 2.80 42.91 -72.28
C ASP C 356 3.57 42.94 -70.96
N VAL C 357 3.99 41.78 -70.48
CA VAL C 357 4.75 41.64 -69.24
C VAL C 357 6.07 40.98 -69.63
N GLU C 358 7.14 41.78 -69.70
CA GLU C 358 8.45 41.30 -70.11
C GLU C 358 9.47 41.22 -68.98
N LYS C 359 9.19 41.79 -67.80
CA LYS C 359 10.13 41.73 -66.69
C LYS C 359 9.37 41.75 -65.38
N VAL C 360 9.94 41.07 -64.38
CA VAL C 360 9.38 40.97 -63.04
C VAL C 360 10.47 41.27 -62.03
N VAL C 361 10.10 41.95 -60.94
CA VAL C 361 11.04 42.34 -59.89
C VAL C 361 10.40 42.00 -58.54
N ILE C 362 11.16 41.30 -57.70
CA ILE C 362 10.72 40.89 -56.36
C ILE C 362 11.50 41.71 -55.34
N ASP C 363 10.82 42.06 -54.25
CA ASP C 363 11.40 42.83 -53.16
C ASP C 363 11.15 42.09 -51.85
N GLU C 364 11.69 42.65 -50.76
CA GLU C 364 11.54 42.04 -49.44
C GLU C 364 10.08 41.95 -49.03
N SER C 365 9.28 42.97 -49.37
CA SER C 365 7.87 42.98 -48.99
C SER C 365 7.11 41.80 -49.58
N VAL C 366 7.54 41.31 -50.74
CA VAL C 366 6.85 40.17 -51.36
C VAL C 366 6.95 38.94 -50.48
N ILE C 367 8.08 38.75 -49.81
CA ILE C 367 8.26 37.59 -48.93
C ILE C 367 7.28 37.66 -47.77
N ASP C 368 7.08 38.86 -47.21
CA ASP C 368 6.13 39.01 -46.11
C ASP C 368 4.69 38.75 -46.54
N GLY C 369 4.39 38.90 -47.83
CA GLY C 369 3.06 38.68 -48.35
C GLY C 369 2.21 39.93 -48.46
N GLN C 370 2.64 41.04 -47.86
CA GLN C 370 1.86 42.28 -47.92
C GLN C 370 1.89 42.89 -49.31
N SER C 371 2.94 42.65 -50.09
CA SER C 371 3.10 43.20 -51.43
C SER C 371 3.15 42.08 -52.45
N GLU C 372 3.03 42.49 -53.71
CA GLU C 372 3.06 41.62 -54.87
C GLU C 372 4.27 41.97 -55.73
N PRO C 373 4.76 41.06 -56.56
CA PRO C 373 5.94 41.38 -57.37
C PRO C 373 5.64 42.44 -58.43
N LEU C 374 6.57 43.38 -58.56
CA LEU C 374 6.42 44.45 -59.54
C LEU C 374 6.46 43.88 -60.95
N LEU C 375 5.58 44.41 -61.81
CA LEU C 375 5.48 44.01 -63.20
C LEU C 375 5.87 45.19 -64.09
N ILE C 376 6.75 44.93 -65.06
CA ILE C 376 7.20 45.94 -65.99
C ILE C 376 6.44 45.77 -67.29
N TYR C 377 5.82 46.84 -67.77
CA TYR C 377 5.03 46.82 -68.99
C TYR C 377 5.80 47.55 -70.09
N GLY C 378 6.00 46.87 -71.21
CA GLY C 378 6.72 47.44 -72.34
C GLY C 378 5.83 48.26 -73.25
N ALA D 27 1.65 24.81 -78.53
CA ALA D 27 1.98 25.58 -77.34
C ALA D 27 1.50 24.87 -76.08
N LEU D 28 2.22 25.06 -74.99
CA LEU D 28 1.85 24.43 -73.74
C LEU D 28 0.60 25.09 -73.16
N PRO D 29 -0.33 24.34 -72.57
CA PRO D 29 -1.52 24.99 -72.00
C PRO D 29 -1.15 25.84 -70.79
N THR D 30 -1.75 27.01 -70.71
CA THR D 30 -1.49 27.91 -69.61
C THR D 30 -2.11 27.37 -68.33
N PRO D 31 -1.66 27.84 -67.16
CA PRO D 31 -2.28 27.36 -65.90
C PRO D 31 -3.76 27.66 -65.83
N HIS D 32 -4.19 28.80 -66.37
CA HIS D 32 -5.61 29.15 -66.38
C HIS D 32 -6.42 28.10 -67.12
N GLU D 33 -5.91 27.65 -68.27
CA GLU D 33 -6.61 26.63 -69.04
C GLU D 33 -6.71 25.32 -68.26
N ILE D 34 -5.64 24.96 -67.56
CA ILE D 34 -5.65 23.73 -66.77
C ILE D 34 -6.66 23.84 -65.64
N ARG D 35 -6.72 25.01 -65.00
CA ARG D 35 -7.68 25.19 -63.91
C ARG D 35 -9.11 25.08 -64.40
N ASN D 36 -9.38 25.53 -65.63
CA ASN D 36 -10.72 25.43 -66.19
C ASN D 36 -11.20 23.98 -66.23
N HIS D 37 -10.33 23.08 -66.68
CA HIS D 37 -10.69 21.67 -66.71
C HIS D 37 -10.82 21.12 -65.30
N LEU D 38 -9.92 21.52 -64.40
CA LEU D 38 -9.96 21.01 -63.04
C LEU D 38 -11.19 21.48 -62.28
N ASP D 39 -11.56 22.75 -62.41
CA ASP D 39 -12.72 23.24 -61.66
C ASP D 39 -14.02 22.64 -62.17
N ASP D 40 -14.03 22.08 -63.38
CA ASP D 40 -15.24 21.45 -63.90
C ASP D 40 -15.71 20.32 -62.99
N TYR D 41 -14.78 19.53 -62.47
CA TYR D 41 -15.09 18.41 -61.59
C TYR D 41 -14.88 18.70 -60.11
N VAL D 42 -14.02 19.67 -59.77
CA VAL D 42 -13.70 20.02 -58.39
C VAL D 42 -14.28 21.40 -58.11
N ILE D 43 -14.94 21.54 -56.96
CA ILE D 43 -15.58 22.78 -56.55
C ILE D 43 -14.98 23.29 -55.25
N GLY D 44 -14.52 24.54 -55.25
CA GLY D 44 -14.01 25.22 -54.08
C GLY D 44 -12.55 25.04 -53.73
N GLN D 45 -11.82 24.15 -54.39
CA GLN D 45 -10.40 23.95 -54.09
C GLN D 45 -9.53 24.84 -54.99
N GLU D 46 -9.71 26.16 -54.80
CA GLU D 46 -9.00 27.14 -55.60
C GLU D 46 -7.49 27.07 -55.39
N GLN D 47 -7.04 26.99 -54.14
CA GLN D 47 -5.61 26.96 -53.85
C GLN D 47 -4.95 25.70 -54.40
N ALA D 48 -5.61 24.55 -54.26
CA ALA D 48 -5.05 23.30 -54.75
C ALA D 48 -4.90 23.33 -56.27
N LYS D 49 -5.88 23.88 -56.97
CA LYS D 49 -5.84 23.92 -58.43
C LYS D 49 -4.68 24.77 -58.93
N LYS D 50 -4.41 25.90 -58.28
CA LYS D 50 -3.32 26.77 -58.69
C LYS D 50 -1.98 26.06 -58.59
N VAL D 51 -1.74 25.35 -57.49
CA VAL D 51 -0.47 24.66 -57.31
C VAL D 51 -0.31 23.57 -58.35
N LEU D 52 -1.36 22.78 -58.58
CA LEU D 52 -1.29 21.70 -59.56
C LEU D 52 -1.10 22.24 -60.96
N ALA D 53 -1.83 23.30 -61.31
CA ALA D 53 -1.71 23.86 -62.66
C ALA D 53 -0.32 24.44 -62.89
N VAL D 54 0.21 25.18 -61.90
CA VAL D 54 1.53 25.78 -62.04
C VAL D 54 2.60 24.70 -62.15
N ALA D 55 2.48 23.65 -61.32
CA ALA D 55 3.46 22.58 -61.36
C ALA D 55 3.41 21.84 -62.69
N VAL D 56 2.21 21.57 -63.19
CA VAL D 56 2.08 20.88 -64.47
C VAL D 56 2.61 21.76 -65.58
N TYR D 57 2.30 23.06 -65.54
CA TYR D 57 2.80 23.96 -66.57
C TYR D 57 4.32 24.07 -66.51
N ASN D 58 4.87 24.17 -65.30
CA ASN D 58 6.32 24.23 -65.14
C ASN D 58 6.96 22.92 -65.58
N HIS D 59 6.30 21.80 -65.30
CA HIS D 59 6.84 20.50 -65.71
C HIS D 59 6.93 20.41 -67.22
N TYR D 60 5.90 20.85 -67.94
CA TYR D 60 5.93 20.81 -69.39
C TYR D 60 7.06 21.68 -69.93
N LYS D 61 7.29 22.83 -69.30
CA LYS D 61 8.38 23.70 -69.74
C LYS D 61 9.71 23.00 -69.59
N ARG D 62 9.89 22.23 -68.51
CA ARG D 62 11.14 21.50 -68.32
C ARG D 62 11.32 20.46 -69.42
N LEU D 63 10.23 19.79 -69.81
CA LEU D 63 10.32 18.82 -70.89
C LEU D 63 10.66 19.53 -72.19
N ARG D 64 10.07 20.70 -72.42
CA ARG D 64 10.41 21.48 -73.59
C ARG D 64 11.82 22.06 -73.48
N ASN D 65 12.34 22.16 -72.26
CA ASN D 65 13.68 22.64 -71.99
C ASN D 65 14.68 21.49 -71.87
N GLY D 66 14.39 20.36 -72.53
CA GLY D 66 15.27 19.21 -72.49
C GLY D 66 16.67 19.53 -72.98
N ASP D 67 16.79 20.49 -73.91
CA ASP D 67 18.09 20.88 -74.43
C ASP D 67 19.02 21.36 -73.32
N THR D 68 18.48 22.14 -72.37
CA THR D 68 19.28 22.66 -71.26
C THR D 68 20.45 23.49 -71.78
N SER D 69 20.13 24.43 -72.68
CA SER D 69 21.18 25.26 -73.26
C SER D 69 21.85 26.14 -72.22
N ASN D 70 21.08 26.67 -71.28
CA ASN D 70 21.68 27.47 -70.22
C ASN D 70 22.50 26.56 -69.31
N GLY D 71 23.54 27.12 -68.70
CA GLY D 71 24.39 26.34 -67.82
C GLY D 71 23.63 25.75 -66.65
N VAL D 72 22.64 26.47 -66.13
CA VAL D 72 21.87 26.01 -64.98
C VAL D 72 20.98 24.85 -65.40
N GLU D 73 20.84 23.88 -64.49
CA GLU D 73 20.01 22.69 -64.69
C GLU D 73 18.74 22.84 -63.87
N LEU D 74 17.59 22.84 -64.55
CA LEU D 74 16.31 22.98 -63.88
C LEU D 74 16.03 21.81 -62.95
N GLY D 75 15.44 22.10 -61.80
CA GLY D 75 15.09 21.10 -60.81
C GLY D 75 13.61 21.11 -60.54
N LYS D 76 13.06 19.93 -60.26
CA LYS D 76 11.64 19.77 -59.99
C LYS D 76 11.29 20.04 -58.54
N SER D 77 10.04 20.43 -58.32
CA SER D 77 9.49 20.69 -57.00
C SER D 77 8.29 19.76 -56.80
N ASN D 78 8.29 18.99 -55.72
CA ASN D 78 7.21 18.07 -55.44
C ASN D 78 6.08 18.78 -54.69
N ILE D 79 4.94 18.09 -54.60
CA ILE D 79 3.74 18.62 -53.96
C ILE D 79 3.23 17.66 -52.92
N LEU D 80 2.61 18.21 -51.87
CA LEU D 80 2.02 17.44 -50.77
C LEU D 80 0.62 17.99 -50.56
N LEU D 81 -0.40 17.20 -50.91
CA LEU D 81 -1.80 17.61 -50.80
C LEU D 81 -2.39 17.07 -49.49
N ILE D 82 -2.60 17.97 -48.54
CA ILE D 82 -3.21 17.64 -47.26
C ILE D 82 -4.65 18.09 -47.30
N GLY D 83 -5.54 17.30 -46.69
CA GLY D 83 -6.93 17.65 -46.66
C GLY D 83 -7.78 16.60 -45.96
N PRO D 84 -8.95 16.99 -45.41
CA PRO D 84 -9.78 15.98 -44.76
C PRO D 84 -10.45 15.06 -45.76
N THR D 85 -11.25 14.12 -45.25
CA THR D 85 -11.94 13.17 -46.10
C THR D 85 -12.94 13.87 -47.02
N GLY D 86 -13.08 13.33 -48.22
CA GLY D 86 -14.02 13.86 -49.21
C GLY D 86 -13.80 15.32 -49.56
N SER D 87 -12.55 15.76 -49.61
CA SER D 87 -12.22 17.14 -49.94
C SER D 87 -11.80 17.34 -51.38
N GLY D 88 -11.56 16.27 -52.13
CA GLY D 88 -11.16 16.34 -53.52
C GLY D 88 -9.71 16.00 -53.80
N LYS D 89 -9.00 15.42 -52.84
CA LYS D 89 -7.60 15.08 -53.05
C LYS D 89 -7.45 14.06 -54.17
N THR D 90 -8.02 12.87 -53.98
CA THR D 90 -7.94 11.82 -54.98
C THR D 90 -8.63 12.23 -56.28
N LEU D 91 -9.73 12.99 -56.17
CA LEU D 91 -10.47 13.40 -57.37
C LEU D 91 -9.60 14.27 -58.27
N LEU D 92 -8.78 15.15 -57.67
CA LEU D 92 -7.92 16.02 -58.48
C LEU D 92 -6.96 15.20 -59.33
N ALA D 93 -6.42 14.12 -58.78
CA ALA D 93 -5.48 13.29 -59.53
C ALA D 93 -6.17 12.63 -60.72
N GLU D 94 -7.36 12.07 -60.51
CA GLU D 94 -8.08 11.41 -61.58
C GLU D 94 -8.44 12.38 -62.68
N THR D 95 -8.87 13.59 -62.30
CA THR D 95 -9.24 14.60 -63.28
C THR D 95 -8.03 15.11 -64.04
N LEU D 96 -6.88 15.20 -63.37
CA LEU D 96 -5.68 15.69 -64.03
C LEU D 96 -5.20 14.73 -65.11
N ALA D 97 -5.30 13.42 -64.85
CA ALA D 97 -4.87 12.43 -65.84
C ALA D 97 -5.61 12.53 -67.16
N ARG D 98 -6.83 13.08 -67.15
CA ARG D 98 -7.61 13.21 -68.37
C ARG D 98 -6.91 14.06 -69.42
N LEU D 99 -6.16 15.07 -68.99
CA LEU D 99 -5.47 15.99 -69.89
C LEU D 99 -3.95 15.88 -69.85
N LEU D 100 -3.39 14.95 -69.08
CA LEU D 100 -1.94 14.82 -69.01
C LEU D 100 -1.44 14.06 -70.24
N ASP D 101 -0.61 14.73 -71.04
CA ASP D 101 -0.05 14.08 -72.22
C ASP D 101 0.98 13.02 -71.82
N VAL D 102 1.78 13.33 -70.80
CA VAL D 102 2.80 12.42 -70.30
C VAL D 102 2.12 11.32 -69.49
N PRO D 103 2.74 10.15 -69.31
CA PRO D 103 2.08 9.08 -68.54
C PRO D 103 1.85 9.49 -67.09
N PHE D 104 0.75 8.99 -66.54
CA PHE D 104 0.36 9.24 -65.16
C PHE D 104 -0.08 7.94 -64.53
N THR D 105 0.33 7.73 -63.28
CA THR D 105 -0.04 6.53 -62.53
C THR D 105 -0.35 6.92 -61.09
N MET D 106 -1.13 6.07 -60.44
CA MET D 106 -1.53 6.25 -59.05
C MET D 106 -1.08 5.04 -58.24
N ALA D 107 -0.52 5.31 -57.06
CA ALA D 107 -0.04 4.27 -56.17
C ALA D 107 -0.70 4.39 -54.80
N ASP D 108 -0.46 3.37 -53.98
CA ASP D 108 -0.97 3.30 -52.62
C ASP D 108 0.21 3.06 -51.69
N ALA D 109 0.37 3.96 -50.72
CA ALA D 109 1.49 3.86 -49.78
C ALA D 109 1.34 2.66 -48.85
N THR D 110 0.11 2.25 -48.55
CA THR D 110 -0.09 1.12 -47.65
C THR D 110 0.55 -0.15 -48.18
N THR D 111 0.43 -0.39 -49.48
CA THR D 111 1.03 -1.59 -50.08
C THR D 111 2.55 -1.58 -49.94
N LEU D 112 3.16 -0.40 -50.06
CA LEU D 112 4.60 -0.29 -49.99
C LEU D 112 5.13 -0.67 -48.60
N THR D 113 6.28 -1.34 -48.60
CA THR D 113 6.94 -1.77 -47.38
C THR D 113 8.45 -1.70 -47.60
N GLU D 114 9.20 -1.84 -46.51
CA GLU D 114 10.65 -1.81 -46.59
C GLU D 114 11.15 -3.00 -47.39
N ALA D 115 12.32 -2.82 -48.00
CA ALA D 115 12.90 -3.88 -48.82
C ALA D 115 13.22 -5.10 -47.97
N GLY D 116 13.10 -6.28 -48.58
CA GLY D 116 13.37 -7.52 -47.90
C GLY D 116 12.21 -8.08 -47.12
N TYR D 117 10.99 -7.62 -47.38
CA TYR D 117 9.79 -8.08 -46.70
C TYR D 117 8.73 -8.47 -47.71
N VAL D 118 7.72 -9.19 -47.21
CA VAL D 118 6.62 -9.69 -48.05
C VAL D 118 5.91 -8.59 -48.81
N GLY D 119 5.78 -7.41 -48.20
CA GLY D 119 5.07 -6.33 -48.85
C GLY D 119 5.75 -5.86 -50.13
N GLU D 120 4.96 -5.17 -50.95
CA GLU D 120 5.45 -4.66 -52.23
C GLU D 120 6.55 -3.63 -52.02
N ASP D 121 7.51 -3.62 -52.94
CA ASP D 121 8.63 -2.70 -52.89
C ASP D 121 8.27 -1.37 -53.52
N VAL D 122 9.04 -0.34 -53.15
CA VAL D 122 8.82 1.01 -53.65
C VAL D 122 9.05 1.08 -55.15
N GLU D 123 10.03 0.32 -55.66
CA GLU D 123 10.35 0.36 -57.08
C GLU D 123 9.20 -0.09 -57.97
N ASN D 124 8.21 -0.79 -57.41
CA ASN D 124 7.08 -1.24 -58.21
C ASN D 124 6.30 -0.08 -58.83
N ILE D 125 6.34 1.10 -58.18
CA ILE D 125 5.65 2.26 -58.69
C ILE D 125 6.12 2.60 -60.09
N ILE D 126 7.42 2.48 -60.35
CA ILE D 126 7.95 2.77 -61.67
C ILE D 126 7.43 1.76 -62.68
N GLN D 127 7.23 0.51 -62.26
CA GLN D 127 6.73 -0.51 -63.17
C GLN D 127 5.33 -0.15 -63.66
N LYS D 128 4.49 0.38 -62.77
CA LYS D 128 3.15 0.78 -63.16
C LYS D 128 3.19 1.90 -64.20
N LEU D 129 4.15 2.82 -64.04
CA LEU D 129 4.27 3.92 -64.98
C LEU D 129 4.78 3.45 -66.33
N LEU D 130 5.53 2.35 -66.35
CA LEU D 130 6.05 1.83 -67.61
C LEU D 130 4.99 1.08 -68.42
N GLN D 131 3.85 0.76 -67.81
CA GLN D 131 2.79 0.08 -68.54
C GLN D 131 2.01 1.06 -69.40
N LYS D 132 1.88 2.31 -68.94
CA LYS D 132 1.15 3.31 -69.71
C LYS D 132 1.95 3.79 -70.90
N SER D 133 3.27 3.88 -70.76
CA SER D 133 4.16 4.35 -71.81
C SER D 133 4.71 3.22 -72.67
N ASP D 134 4.05 2.06 -72.69
CA ASP D 134 4.52 0.91 -73.48
C ASP D 134 5.94 0.53 -73.13
N TYR D 135 6.29 0.65 -71.85
CA TYR D 135 7.62 0.33 -71.34
C TYR D 135 8.70 1.17 -72.03
N ASP D 136 8.40 2.45 -72.23
CA ASP D 136 9.33 3.40 -72.84
C ASP D 136 9.97 4.19 -71.71
N VAL D 137 11.26 3.94 -71.47
CA VAL D 137 11.98 4.62 -70.39
C VAL D 137 12.01 6.12 -70.61
N GLN D 138 12.21 6.56 -71.85
CA GLN D 138 12.27 7.99 -72.14
C GLN D 138 10.96 8.69 -71.76
N LYS D 139 9.83 8.11 -72.17
CA LYS D 139 8.54 8.72 -71.86
C LYS D 139 8.21 8.58 -70.37
N ALA D 140 8.75 7.56 -69.71
CA ALA D 140 8.47 7.35 -68.29
C ALA D 140 9.27 8.32 -67.43
N GLN D 141 10.52 8.60 -67.80
CA GLN D 141 11.36 9.50 -67.02
C GLN D 141 10.74 10.90 -66.90
N ARG D 142 9.90 11.29 -67.86
CA ARG D 142 9.24 12.58 -67.86
C ARG D 142 7.79 12.51 -67.38
N GLY D 143 7.38 11.37 -66.79
CA GLY D 143 6.02 11.21 -66.34
C GLY D 143 5.74 11.79 -64.96
N ILE D 144 4.46 11.81 -64.61
CA ILE D 144 3.96 12.30 -63.33
C ILE D 144 3.53 11.08 -62.52
N VAL D 145 3.58 11.22 -61.20
CA VAL D 145 3.22 10.15 -60.27
C VAL D 145 2.42 10.75 -59.11
N TYR D 146 1.45 9.99 -58.63
CA TYR D 146 0.60 10.36 -57.51
C TYR D 146 0.61 9.23 -56.50
N ILE D 147 0.95 9.55 -55.25
CA ILE D 147 1.03 8.57 -54.17
C ILE D 147 -0.04 8.95 -53.16
N ASP D 148 -1.14 8.19 -53.14
CA ASP D 148 -2.24 8.44 -52.22
C ASP D 148 -1.98 7.77 -50.88
N GLU D 149 -2.72 8.21 -49.87
CA GLU D 149 -2.63 7.67 -48.51
C GLU D 149 -1.20 7.80 -47.96
N ILE D 150 -0.54 8.91 -48.28
CA ILE D 150 0.82 9.12 -47.81
C ILE D 150 0.88 9.29 -46.30
N ASP D 151 -0.23 9.70 -45.67
CA ASP D 151 -0.25 9.87 -44.22
C ASP D 151 -0.13 8.53 -43.49
N LYS D 152 -0.52 7.44 -44.14
CA LYS D 152 -0.47 6.12 -43.50
C LYS D 152 0.95 5.72 -43.16
N ILE D 153 1.91 6.09 -43.99
CA ILE D 153 3.32 5.75 -43.76
C ILE D 153 3.89 6.87 -42.90
N SER D 154 3.71 6.73 -41.58
CA SER D 154 4.18 7.73 -40.63
C SER D 154 4.58 7.08 -39.32
N ARG D 155 5.66 7.58 -38.73
CA ARG D 155 6.12 7.09 -37.45
C ARG D 155 5.04 7.38 -36.40
N LYS D 156 4.77 6.40 -35.55
CA LYS D 156 3.70 6.53 -34.56
C LYS D 156 4.17 7.25 -33.29
N SER D 157 4.59 8.50 -33.50
CA SER D 157 5.06 9.40 -32.43
C SER D 157 6.10 8.73 -31.53
N ASP D 158 6.92 7.88 -32.12
CA ASP D 158 7.99 7.16 -31.40
C ASP D 158 9.28 7.26 -32.20
N ASN D 159 10.07 8.30 -31.90
CA ASN D 159 11.34 8.50 -32.58
C ASN D 159 12.31 7.33 -32.45
N PRO D 160 12.46 6.68 -31.28
CA PRO D 160 13.40 5.54 -31.24
C PRO D 160 13.01 4.40 -32.16
N SER D 161 11.71 4.12 -32.31
CA SER D 161 11.21 3.06 -33.18
C SER D 161 11.84 1.71 -32.81
N ILE D 162 11.51 1.26 -31.60
CA ILE D 162 12.02 0.00 -31.05
C ILE D 162 11.93 -1.12 -32.08
N THR D 163 10.73 -1.34 -32.62
CA THR D 163 10.49 -2.35 -33.63
C THR D 163 10.50 -1.69 -34.99
N ARG D 164 11.18 -2.31 -35.95
CA ARG D 164 11.28 -1.77 -37.30
C ARG D 164 9.91 -1.58 -37.91
N ASP D 165 9.60 -0.35 -38.31
CA ASP D 165 8.32 -0.02 -38.94
C ASP D 165 8.53 -0.12 -40.44
N VAL D 166 8.55 -1.37 -40.92
CA VAL D 166 8.75 -1.60 -42.35
C VAL D 166 7.60 -1.00 -43.15
N SER D 167 6.37 -1.12 -42.63
CA SER D 167 5.23 -0.53 -43.29
C SER D 167 5.15 0.97 -43.10
N GLY D 168 5.79 1.50 -42.07
CA GLY D 168 5.79 2.93 -41.78
C GLY D 168 7.07 3.65 -42.15
N GLU D 169 7.88 3.92 -41.13
CA GLU D 169 9.15 4.63 -41.30
C GLU D 169 10.03 4.03 -42.39
N GLY D 170 9.99 2.70 -42.55
CA GLY D 170 10.82 2.07 -43.57
C GLY D 170 10.47 2.53 -44.96
N VAL D 171 9.17 2.72 -45.24
CA VAL D 171 8.74 3.16 -46.56
C VAL D 171 9.28 4.55 -46.87
N GLN D 172 9.27 5.43 -45.87
CA GLN D 172 9.76 6.79 -46.08
C GLN D 172 11.24 6.80 -46.45
N GLN D 173 12.04 6.00 -45.74
CA GLN D 173 13.47 5.95 -46.01
C GLN D 173 13.75 5.48 -47.44
N ALA D 174 12.98 4.51 -47.92
CA ALA D 174 13.16 4.01 -49.28
C ALA D 174 12.83 5.08 -50.30
N LEU D 175 11.82 5.89 -50.02
CA LEU D 175 11.38 6.94 -50.93
C LEU D 175 12.25 8.19 -50.88
N LEU D 176 13.12 8.31 -49.88
CA LEU D 176 13.96 9.51 -49.76
C LEU D 176 14.78 9.76 -51.02
N LYS D 177 15.44 8.73 -51.52
CA LYS D 177 16.28 8.88 -52.71
C LYS D 177 15.50 8.75 -54.01
N LEU D 178 14.31 8.15 -53.99
CA LEU D 178 13.55 8.00 -55.22
C LEU D 178 13.00 9.34 -55.70
N ILE D 179 12.45 10.14 -54.78
CA ILE D 179 11.86 11.43 -55.14
C ILE D 179 12.91 12.34 -55.76
N GLU D 180 14.09 12.44 -55.12
CA GLU D 180 15.13 13.31 -55.64
C GLU D 180 15.78 12.73 -56.89
N GLY D 181 15.79 11.41 -57.03
CA GLY D 181 16.37 10.75 -58.19
C GLY D 181 17.19 9.53 -57.86
N THR D 182 16.88 8.42 -58.53
CA THR D 182 17.58 7.16 -58.34
C THR D 182 17.41 6.33 -59.61
N VAL D 183 18.39 5.48 -59.88
CA VAL D 183 18.37 4.61 -61.06
C VAL D 183 17.65 3.34 -60.64
N ALA D 184 16.32 3.36 -60.74
CA ALA D 184 15.51 2.22 -60.35
C ALA D 184 15.68 1.06 -61.33
N ALA D 185 15.53 -0.16 -60.81
CA ALA D 185 15.64 -1.39 -61.57
C ALA D 185 14.29 -2.09 -61.59
N VAL D 186 13.81 -2.43 -62.79
CA VAL D 186 12.52 -3.09 -62.96
C VAL D 186 12.63 -4.12 -64.07
N PRO D 187 11.67 -5.06 -64.14
CA PRO D 187 11.73 -6.06 -65.21
C PRO D 187 11.61 -5.42 -66.57
N PRO D 188 12.20 -6.04 -67.61
CA PRO D 188 12.14 -5.44 -68.95
C PRO D 188 10.74 -5.30 -69.52
N GLN D 189 10.00 -6.41 -69.63
CA GLN D 189 8.63 -6.40 -70.15
C GLN D 189 7.81 -7.42 -69.37
N GLY D 190 7.17 -6.96 -68.30
CA GLY D 190 6.32 -7.78 -67.44
C GLY D 190 6.83 -9.17 -67.11
N GLY D 191 8.14 -9.33 -66.96
CA GLY D 191 8.72 -10.61 -66.64
C GLY D 191 8.35 -11.72 -67.59
N ARG D 192 8.60 -11.55 -68.89
CA ARG D 192 8.26 -12.58 -69.87
C ARG D 192 8.94 -13.91 -69.53
N LYS D 193 10.22 -13.87 -69.18
CA LYS D 193 10.96 -15.05 -68.77
C LYS D 193 12.02 -14.61 -67.79
N HIS D 194 12.07 -15.25 -66.63
CA HIS D 194 13.01 -14.87 -65.59
C HIS D 194 14.48 -14.92 -66.02
N PRO D 195 14.94 -15.84 -66.88
CA PRO D 195 16.34 -15.79 -67.31
C PRO D 195 16.64 -14.51 -68.06
N GLN D 196 17.89 -14.04 -67.96
CA GLN D 196 18.39 -12.82 -68.58
C GLN D 196 17.41 -11.66 -68.38
N GLN D 197 17.25 -11.29 -67.10
CA GLN D 197 16.33 -10.22 -66.74
C GLN D 197 16.67 -8.91 -67.45
N GLU D 198 17.95 -8.51 -67.42
CA GLU D 198 18.44 -7.21 -67.95
C GLU D 198 17.53 -6.08 -67.48
N PHE D 199 17.44 -5.95 -66.15
CA PHE D 199 16.63 -4.94 -65.49
C PHE D 199 16.82 -3.55 -66.10
N LEU D 200 15.70 -2.93 -66.47
CA LEU D 200 15.74 -1.60 -67.06
C LEU D 200 16.17 -0.55 -66.06
N GLN D 201 16.98 0.39 -66.52
CA GLN D 201 17.50 1.49 -65.71
C GLN D 201 16.64 2.72 -65.97
N VAL D 202 15.98 3.22 -64.93
CA VAL D 202 15.10 4.38 -65.03
C VAL D 202 15.50 5.40 -63.96
N ASP D 203 15.73 6.64 -64.38
CA ASP D 203 16.13 7.72 -63.50
C ASP D 203 14.91 8.55 -63.15
N THR D 204 14.65 8.72 -61.85
CA THR D 204 13.51 9.47 -61.36
C THR D 204 13.88 10.89 -60.96
N SER D 205 14.99 11.42 -61.47
CA SER D 205 15.40 12.77 -61.13
C SER D 205 14.43 13.80 -61.68
N LYS D 206 13.84 13.53 -62.85
CA LYS D 206 12.90 14.44 -63.50
C LYS D 206 11.45 13.99 -63.38
N ILE D 207 11.14 13.00 -62.56
CA ILE D 207 9.79 12.50 -62.41
C ILE D 207 9.11 13.25 -61.26
N LEU D 208 8.06 13.99 -61.58
CA LEU D 208 7.31 14.72 -60.57
C LEU D 208 6.52 13.75 -59.70
N PHE D 209 6.43 14.06 -58.41
CA PHE D 209 5.70 13.27 -57.45
C PHE D 209 4.73 14.17 -56.71
N ILE D 210 3.49 13.70 -56.55
CA ILE D 210 2.43 14.43 -55.88
C ILE D 210 1.85 13.50 -54.81
N CYS D 211 2.31 13.66 -53.58
CA CYS D 211 1.81 12.84 -52.49
C CYS D 211 0.58 13.49 -51.88
N GLY D 212 -0.33 12.66 -51.38
CA GLY D 212 -1.55 13.16 -50.80
C GLY D 212 -2.17 12.23 -49.77
N GLY D 213 -2.63 12.81 -48.67
CA GLY D 213 -3.26 12.02 -47.63
C GLY D 213 -3.94 12.91 -46.61
N ALA D 214 -4.82 12.29 -45.83
CA ALA D 214 -5.58 12.98 -44.79
C ALA D 214 -4.88 12.72 -43.46
N PHE D 215 -4.18 13.72 -42.95
CA PHE D 215 -3.44 13.60 -41.70
C PHE D 215 -4.41 13.81 -40.54
N ALA D 216 -4.97 12.71 -40.05
CA ALA D 216 -5.91 12.75 -38.94
C ALA D 216 -5.14 12.98 -37.65
N GLY D 217 -5.48 14.05 -36.93
CA GLY D 217 -4.84 14.41 -35.69
C GLY D 217 -3.81 15.51 -35.81
N LEU D 218 -3.48 15.94 -37.03
CA LEU D 218 -2.49 17.00 -37.21
C LEU D 218 -2.96 18.31 -36.58
N ASP D 219 -4.27 18.55 -36.56
CA ASP D 219 -4.78 19.77 -35.95
C ASP D 219 -4.39 19.87 -34.48
N LYS D 220 -4.41 18.75 -33.77
CA LYS D 220 -4.02 18.74 -32.36
C LYS D 220 -2.57 19.20 -32.19
N VAL D 221 -1.71 18.81 -33.12
CA VAL D 221 -0.30 19.20 -33.03
C VAL D 221 -0.14 20.68 -33.31
N ILE D 222 -0.76 21.17 -34.39
CA ILE D 222 -0.65 22.58 -34.76
C ILE D 222 -1.27 23.45 -33.67
N SER D 223 -2.36 22.98 -33.06
CA SER D 223 -3.03 23.76 -32.03
C SER D 223 -2.13 24.00 -30.82
N HIS D 224 -1.38 22.98 -30.41
CA HIS D 224 -0.49 23.11 -29.26
C HIS D 224 0.54 24.21 -29.46
N ARG D 225 1.11 24.29 -30.66
CA ARG D 225 2.14 25.29 -30.94
C ARG D 225 1.55 26.70 -31.04
N VAL D 226 0.48 26.86 -31.81
CA VAL D 226 -0.09 28.19 -32.03
C VAL D 226 -0.85 28.70 -30.80
N GLU D 227 -1.60 27.84 -30.12
CA GLU D 227 -2.39 28.30 -28.99
C GLU D 227 -1.50 28.79 -27.84
N THR D 228 -2.00 29.80 -27.13
CA THR D 228 -1.27 30.38 -26.01
C THR D 228 -1.06 29.37 -24.90
N GLY D 229 -2.00 28.45 -24.71
CA GLY D 229 -1.94 27.44 -23.69
C GLY D 229 -3.01 27.65 -22.63
N SER D 230 -3.00 26.76 -21.64
CA SER D 230 -3.96 26.83 -20.55
C SER D 230 -3.31 26.39 -19.25
N GLY D 231 -3.81 26.97 -18.16
CA GLY D 231 -3.36 26.64 -16.82
C GLY D 231 -4.55 26.65 -15.90
N ILE D 232 -4.30 26.27 -14.64
CA ILE D 232 -5.36 26.19 -13.64
C ILE D 232 -5.25 27.26 -12.57
N GLY D 233 -4.06 27.77 -12.28
CA GLY D 233 -3.92 28.75 -11.22
C GLY D 233 -4.52 30.11 -11.53
N PHE D 234 -4.39 31.00 -10.55
CA PHE D 234 -4.92 32.35 -10.69
C PHE D 234 -4.19 33.13 -11.77
N GLY D 235 -2.87 32.96 -11.87
CA GLY D 235 -2.08 33.69 -12.85
C GLY D 235 -2.11 33.12 -14.24
N ALA D 236 -2.69 31.93 -14.42
CA ALA D 236 -2.76 31.33 -15.73
C ALA D 236 -3.86 31.98 -16.56
N THR D 237 -3.88 31.63 -17.85
CA THR D 237 -4.86 32.13 -18.81
C THR D 237 -5.82 31.00 -19.15
N VAL D 238 -7.12 31.27 -18.98
CA VAL D 238 -8.18 30.30 -19.27
C VAL D 238 -8.75 30.61 -20.64
N LYS D 239 -8.91 29.57 -21.46
CA LYS D 239 -9.45 29.70 -22.81
C LYS D 239 -10.78 28.96 -22.88
N ALA D 240 -11.80 29.64 -23.39
CA ALA D 240 -13.12 29.02 -23.53
C ALA D 240 -13.12 28.04 -24.69
N LYS D 241 -13.87 26.95 -24.52
CA LYS D 241 -13.94 25.93 -25.56
C LYS D 241 -14.51 26.50 -26.86
N SER D 242 -15.46 27.43 -26.76
CA SER D 242 -16.04 28.03 -27.96
C SER D 242 -14.99 28.80 -28.74
N ASP D 243 -14.17 29.60 -28.04
CA ASP D 243 -13.13 30.41 -28.67
C ASP D 243 -11.87 29.56 -28.85
N LYS D 244 -11.97 28.62 -29.79
CA LYS D 244 -10.89 27.71 -30.11
C LYS D 244 -10.74 27.62 -31.62
N ALA D 245 -9.51 27.35 -32.06
CA ALA D 245 -9.24 27.26 -33.49
C ALA D 245 -9.86 26.01 -34.09
N SER D 246 -10.37 26.15 -35.31
CA SER D 246 -11.01 25.06 -36.02
C SER D 246 -9.98 24.26 -36.80
N GLU D 247 -10.44 23.12 -37.34
CA GLU D 247 -9.54 22.25 -38.10
C GLU D 247 -9.01 22.96 -39.35
N GLY D 248 -9.88 23.63 -40.09
CA GLY D 248 -9.44 24.34 -41.28
C GLY D 248 -8.47 25.46 -40.98
N GLU D 249 -8.74 26.21 -39.91
CA GLU D 249 -7.87 27.32 -39.54
C GLU D 249 -6.48 26.83 -39.16
N LEU D 250 -6.42 25.73 -38.39
CA LEU D 250 -5.13 25.21 -37.96
C LEU D 250 -4.32 24.66 -39.13
N LEU D 251 -4.97 23.96 -40.06
CA LEU D 251 -4.27 23.39 -41.19
C LEU D 251 -3.60 24.45 -42.05
N ALA D 252 -4.20 25.64 -42.15
CA ALA D 252 -3.61 26.70 -42.95
C ALA D 252 -2.26 27.13 -42.37
N GLN D 253 -2.10 27.04 -41.05
CA GLN D 253 -0.87 27.43 -40.38
C GLN D 253 0.12 26.27 -40.25
N VAL D 254 -0.13 25.17 -40.95
CA VAL D 254 0.77 24.02 -40.88
C VAL D 254 2.17 24.40 -41.35
N GLU D 255 3.17 23.87 -40.66
CA GLU D 255 4.58 24.09 -40.95
C GLU D 255 5.31 22.75 -40.94
N PRO D 256 6.50 22.69 -41.54
CA PRO D 256 7.24 21.41 -41.53
C PRO D 256 7.49 20.84 -40.15
N GLU D 257 7.78 21.68 -39.16
CA GLU D 257 8.02 21.20 -37.81
C GLU D 257 6.82 20.45 -37.25
N ASP D 258 5.61 20.84 -37.67
CA ASP D 258 4.41 20.17 -37.19
C ASP D 258 4.32 18.75 -37.73
N LEU D 259 4.64 18.56 -39.01
CA LEU D 259 4.57 17.23 -39.61
C LEU D 259 5.58 16.28 -38.99
N ILE D 260 6.74 16.80 -38.57
CA ILE D 260 7.75 15.94 -37.95
C ILE D 260 7.20 15.31 -36.68
N LYS D 261 6.45 16.08 -35.89
CA LYS D 261 5.87 15.52 -34.67
C LYS D 261 4.78 14.50 -35.01
N PHE D 262 4.08 14.69 -36.13
CA PHE D 262 3.05 13.75 -36.53
C PHE D 262 3.62 12.38 -36.81
N GLY D 263 4.88 12.31 -37.27
CA GLY D 263 5.51 11.04 -37.57
C GLY D 263 6.42 11.05 -38.78
N LEU D 264 6.26 12.03 -39.66
CA LEU D 264 7.09 12.10 -40.85
C LEU D 264 8.54 12.36 -40.47
N ILE D 265 9.44 11.95 -41.36
CA ILE D 265 10.88 12.09 -41.16
C ILE D 265 11.28 13.45 -41.72
N PRO D 266 12.24 14.18 -41.10
CA PRO D 266 12.62 15.49 -41.67
C PRO D 266 13.14 15.40 -43.09
N GLU D 267 13.92 14.36 -43.40
CA GLU D 267 14.42 14.17 -44.75
C GLU D 267 13.29 14.05 -45.77
N PHE D 268 12.13 13.58 -45.34
CA PHE D 268 11.01 13.38 -46.26
C PHE D 268 10.36 14.70 -46.65
N ILE D 269 10.13 15.60 -45.68
CA ILE D 269 9.51 16.89 -46.01
C ILE D 269 10.40 17.70 -46.93
N GLY D 270 11.72 17.59 -46.78
CA GLY D 270 12.61 18.33 -47.66
C GLY D 270 12.39 17.99 -49.12
N ARG D 271 12.01 16.75 -49.40
CA ARG D 271 11.72 16.34 -50.76
C ARG D 271 10.40 16.90 -51.26
N LEU D 272 9.53 17.37 -50.35
CA LEU D 272 8.22 17.93 -50.68
C LEU D 272 8.17 19.41 -50.24
N PRO D 273 8.74 20.33 -51.03
CA PRO D 273 8.71 21.73 -50.59
C PRO D 273 7.34 22.36 -50.66
N VAL D 274 6.59 22.08 -51.71
CA VAL D 274 5.26 22.67 -51.89
C VAL D 274 4.24 21.90 -51.09
N VAL D 275 3.47 22.62 -50.28
CA VAL D 275 2.41 22.06 -49.45
C VAL D 275 1.15 22.86 -49.74
N ALA D 276 0.11 22.16 -50.21
CA ALA D 276 -1.17 22.77 -50.54
C ALA D 276 -2.25 22.07 -49.75
N THR D 277 -2.84 22.78 -48.79
CA THR D 277 -3.89 22.22 -47.96
C THR D 277 -5.25 22.45 -48.58
N LEU D 278 -6.21 21.59 -48.23
CA LEU D 278 -7.58 21.66 -48.72
C LEU D 278 -8.51 21.89 -47.55
N ASN D 279 -9.37 22.90 -47.68
CA ASN D 279 -10.32 23.24 -46.63
C ASN D 279 -11.53 22.33 -46.68
N GLU D 280 -12.28 22.32 -45.58
CA GLU D 280 -13.47 21.48 -45.49
C GLU D 280 -14.59 22.09 -46.35
N LEU D 281 -15.31 21.22 -47.03
CA LEU D 281 -16.39 21.67 -47.90
C LEU D 281 -17.54 22.24 -47.07
N SER D 282 -18.05 23.39 -47.51
CA SER D 282 -19.15 24.06 -46.86
C SER D 282 -20.48 23.65 -47.49
N GLU D 283 -21.58 24.02 -46.84
CA GLU D 283 -22.90 23.71 -47.37
C GLU D 283 -23.10 24.29 -48.76
N GLU D 284 -22.62 25.53 -48.97
CA GLU D 284 -22.74 26.15 -50.28
C GLU D 284 -21.99 25.34 -51.33
N ALA D 285 -20.78 24.88 -51.00
CA ALA D 285 -20.01 24.08 -51.93
C ALA D 285 -20.67 22.73 -52.18
N LEU D 286 -21.17 22.09 -51.12
CA LEU D 286 -21.84 20.79 -51.26
C LEU D 286 -23.04 20.91 -52.18
N ILE D 287 -23.79 22.01 -52.08
CA ILE D 287 -24.96 22.21 -52.94
C ILE D 287 -24.52 22.29 -54.40
N GLN D 288 -23.45 23.02 -54.66
CA GLN D 288 -22.95 23.15 -56.03
C GLN D 288 -22.47 21.81 -56.57
N ILE D 289 -21.84 21.00 -55.72
CA ILE D 289 -21.32 19.71 -56.13
C ILE D 289 -22.43 18.78 -56.62
N LEU D 290 -23.63 18.94 -56.06
CA LEU D 290 -24.73 18.06 -56.45
C LEU D 290 -25.20 18.28 -57.88
N LYS D 291 -25.05 19.49 -58.42
CA LYS D 291 -25.52 19.80 -59.77
C LYS D 291 -24.47 20.40 -60.71
N GLU D 292 -23.56 21.23 -60.19
CA GLU D 292 -22.60 21.91 -61.06
C GLU D 292 -21.62 20.98 -61.77
N PRO D 293 -20.91 20.07 -61.10
CA PRO D 293 -19.93 19.25 -61.82
C PRO D 293 -20.55 18.36 -62.88
N LYS D 294 -19.67 17.82 -63.73
CA LYS D 294 -20.08 16.95 -64.82
C LYS D 294 -20.67 15.64 -64.32
N ASN D 295 -20.06 15.05 -63.29
CA ASN D 295 -20.50 13.78 -62.72
C ASN D 295 -20.84 14.02 -61.25
N ALA D 296 -22.09 14.38 -61.01
CA ALA D 296 -22.62 14.64 -59.68
C ALA D 296 -23.58 13.54 -59.28
N LEU D 297 -23.97 13.55 -58.01
CA LEU D 297 -24.91 12.56 -57.50
C LEU D 297 -26.25 12.68 -58.20
N THR D 298 -26.75 13.90 -58.35
CA THR D 298 -28.05 14.10 -58.99
C THR D 298 -28.00 13.64 -60.44
N LYS D 299 -26.93 14.02 -61.16
CA LYS D 299 -26.78 13.60 -62.54
C LYS D 299 -26.65 12.09 -62.65
N GLN D 300 -26.00 11.45 -61.67
CA GLN D 300 -25.84 10.00 -61.69
C GLN D 300 -27.20 9.31 -61.61
N TYR D 301 -27.97 9.61 -60.56
CA TYR D 301 -29.28 8.99 -60.42
C TYR D 301 -30.22 9.41 -61.53
N GLN D 302 -30.06 10.62 -62.06
CA GLN D 302 -30.90 11.08 -63.16
C GLN D 302 -30.74 10.15 -64.35
N ALA D 303 -29.50 9.87 -64.74
CA ALA D 303 -29.24 8.97 -65.86
C ALA D 303 -29.63 7.54 -65.50
N LEU D 304 -29.46 7.17 -64.23
CA LEU D 304 -29.83 5.83 -63.76
C LEU D 304 -31.30 5.56 -64.03
N PHE D 305 -32.14 6.57 -63.86
CA PHE D 305 -33.58 6.44 -64.09
C PHE D 305 -33.96 6.70 -65.54
N ASN D 306 -33.15 7.46 -66.28
CA ASN D 306 -33.47 7.76 -67.67
C ASN D 306 -33.55 6.50 -68.51
N LEU D 307 -32.63 5.55 -68.30
CA LEU D 307 -32.67 4.30 -69.05
C LEU D 307 -33.92 3.51 -68.72
N GLU D 308 -34.37 3.58 -67.46
CA GLU D 308 -35.58 2.89 -67.06
C GLU D 308 -36.82 3.50 -67.68
N GLY D 309 -36.75 4.75 -68.13
CA GLY D 309 -37.89 5.43 -68.73
C GLY D 309 -38.59 6.41 -67.81
N VAL D 310 -38.02 6.71 -66.65
CA VAL D 310 -38.62 7.61 -65.67
C VAL D 310 -37.69 8.80 -65.47
N ASP D 311 -38.26 10.00 -65.49
CA ASP D 311 -37.49 11.21 -65.27
C ASP D 311 -37.30 11.46 -63.78
N LEU D 312 -36.21 12.15 -63.45
CA LEU D 312 -35.86 12.47 -62.08
C LEU D 312 -35.65 13.98 -61.97
N GLU D 313 -36.28 14.58 -60.96
CA GLU D 313 -36.19 16.02 -60.73
C GLU D 313 -35.90 16.26 -59.26
N PHE D 314 -34.81 16.96 -58.97
CA PHE D 314 -34.40 17.29 -57.62
C PHE D 314 -34.63 18.79 -57.40
N ARG D 315 -35.51 19.13 -56.46
CA ARG D 315 -35.79 20.52 -56.19
C ARG D 315 -34.61 21.18 -55.49
N ASP D 316 -34.48 22.48 -55.67
CA ASP D 316 -33.37 23.22 -55.07
C ASP D 316 -33.43 23.17 -53.55
N GLU D 317 -34.64 23.27 -52.98
CA GLU D 317 -34.76 23.22 -51.53
C GLU D 317 -34.30 21.88 -50.97
N ALA D 318 -34.52 20.79 -51.71
CA ALA D 318 -34.10 19.48 -51.25
C ALA D 318 -32.58 19.38 -51.17
N LEU D 319 -31.89 19.94 -52.18
CA LEU D 319 -30.43 19.91 -52.19
C LEU D 319 -29.84 20.59 -50.95
N ASP D 320 -30.40 21.74 -50.57
CA ASP D 320 -29.89 22.45 -49.40
C ASP D 320 -30.07 21.62 -48.14
N ALA D 321 -31.18 20.89 -48.03
CA ALA D 321 -31.41 20.06 -46.86
C ALA D 321 -30.43 18.91 -46.80
N ILE D 322 -30.08 18.34 -47.96
CA ILE D 322 -29.15 17.22 -48.00
C ILE D 322 -27.78 17.67 -47.50
N ALA D 323 -27.36 18.88 -47.86
CA ALA D 323 -26.06 19.38 -47.44
C ALA D 323 -25.93 19.46 -45.93
N LYS D 324 -27.00 19.89 -45.25
CA LYS D 324 -26.97 19.99 -43.80
C LYS D 324 -26.82 18.60 -43.17
N LYS D 325 -27.55 17.62 -43.68
CA LYS D 325 -27.46 16.27 -43.14
C LYS D 325 -26.08 15.67 -43.36
N ALA D 326 -25.46 15.98 -44.51
CA ALA D 326 -24.14 15.43 -44.81
C ALA D 326 -23.09 15.94 -43.84
N MET D 327 -23.16 17.22 -43.49
CA MET D 327 -22.18 17.80 -42.55
C MET D 327 -22.19 17.06 -41.23
N ALA D 328 -23.37 16.63 -40.77
CA ALA D 328 -23.45 15.90 -39.51
C ALA D 328 -22.71 14.58 -39.57
N ARG D 329 -22.69 13.94 -40.74
CA ARG D 329 -22.03 12.65 -40.88
C ARG D 329 -20.52 12.78 -40.72
N LYS D 330 -19.95 13.94 -41.05
CA LYS D 330 -18.51 14.20 -40.95
C LYS D 330 -17.70 13.32 -41.88
N THR D 331 -18.31 12.82 -42.96
CA THR D 331 -17.63 11.96 -43.93
C THR D 331 -17.29 12.70 -45.21
N GLY D 332 -17.50 14.01 -45.26
CA GLY D 332 -17.19 14.76 -46.47
C GLY D 332 -18.28 14.63 -47.52
N ALA D 333 -17.88 14.81 -48.77
CA ALA D 333 -18.82 14.72 -49.88
C ALA D 333 -19.45 13.34 -49.98
N ARG D 334 -18.74 12.29 -49.54
CA ARG D 334 -19.27 10.94 -49.61
C ARG D 334 -20.54 10.77 -48.80
N GLY D 335 -20.77 11.61 -47.79
CA GLY D 335 -21.98 11.51 -47.01
C GLY D 335 -23.24 11.76 -47.82
N LEU D 336 -23.14 12.59 -48.86
CA LEU D 336 -24.27 12.91 -49.70
C LEU D 336 -24.89 11.65 -50.31
N ARG D 337 -24.06 10.69 -50.71
CA ARG D 337 -24.57 9.46 -51.31
C ARG D 337 -25.44 8.68 -50.34
N SER D 338 -25.07 8.67 -49.07
CA SER D 338 -25.86 7.96 -48.07
C SER D 338 -27.23 8.60 -47.90
N ILE D 339 -27.29 9.93 -47.89
CA ILE D 339 -28.55 10.63 -47.71
C ILE D 339 -29.48 10.38 -48.88
N VAL D 340 -28.95 10.43 -50.11
CA VAL D 340 -29.78 10.24 -51.29
C VAL D 340 -30.27 8.79 -51.38
N GLU D 341 -29.39 7.82 -51.11
CA GLU D 341 -29.77 6.42 -51.20
C GLU D 341 -30.87 6.09 -50.21
N ALA D 342 -30.78 6.61 -48.98
CA ALA D 342 -31.81 6.34 -47.99
C ALA D 342 -33.16 6.91 -48.41
N ALA D 343 -33.15 8.11 -48.99
CA ALA D 343 -34.39 8.74 -49.42
C ALA D 343 -35.07 7.97 -50.54
N LEU D 344 -34.29 7.54 -51.54
CA LEU D 344 -34.81 6.82 -52.70
C LEU D 344 -34.72 5.31 -52.55
N LEU D 345 -34.47 4.80 -51.34
CA LEU D 345 -34.38 3.36 -51.13
C LEU D 345 -35.70 2.68 -51.44
N ASP D 346 -36.77 3.11 -50.78
CA ASP D 346 -38.08 2.50 -51.01
C ASP D 346 -38.60 2.78 -52.42
N THR D 347 -38.35 3.99 -52.93
CA THR D 347 -38.81 4.36 -54.26
C THR D 347 -38.24 3.44 -55.33
N MET D 348 -36.92 3.27 -55.35
CA MET D 348 -36.29 2.43 -56.35
C MET D 348 -36.73 0.98 -56.23
N TYR D 349 -37.09 0.53 -55.02
CA TYR D 349 -37.52 -0.84 -54.83
C TYR D 349 -38.82 -1.13 -55.56
N ASP D 350 -39.77 -0.18 -55.52
CA ASP D 350 -41.07 -0.35 -56.16
C ASP D 350 -41.21 0.37 -57.49
N LEU D 351 -40.24 1.19 -57.88
CA LEU D 351 -40.35 1.92 -59.14
C LEU D 351 -40.44 1.03 -60.38
N PRO D 352 -39.68 -0.05 -60.53
CA PRO D 352 -39.81 -0.86 -61.76
C PRO D 352 -41.17 -1.49 -61.94
N SER D 353 -41.80 -1.96 -60.87
CA SER D 353 -43.10 -2.60 -61.00
C SER D 353 -44.18 -1.62 -61.40
N MET D 354 -44.06 -0.35 -60.99
CA MET D 354 -45.06 0.65 -61.34
C MET D 354 -45.14 0.82 -62.86
N GLU D 355 -46.30 1.32 -63.30
CA GLU D 355 -46.59 1.52 -64.72
C GLU D 355 -46.68 3.00 -65.07
N ASP D 356 -46.22 3.31 -66.29
CA ASP D 356 -46.23 4.65 -66.90
C ASP D 356 -45.81 5.78 -65.97
N VAL D 357 -44.77 5.56 -65.17
CA VAL D 357 -44.26 6.60 -64.28
C VAL D 357 -43.38 7.51 -65.13
N GLU D 358 -43.95 8.62 -65.60
CA GLU D 358 -43.22 9.52 -66.48
C GLU D 358 -42.23 10.41 -65.74
N LYS D 359 -42.54 10.82 -64.50
CA LYS D 359 -41.65 11.72 -63.77
C LYS D 359 -41.80 11.53 -62.27
N VAL D 360 -40.73 11.88 -61.55
CA VAL D 360 -40.66 11.80 -60.09
C VAL D 360 -40.14 13.14 -59.59
N VAL D 361 -40.67 13.59 -58.45
CA VAL D 361 -40.28 14.86 -57.85
C VAL D 361 -39.92 14.64 -56.39
N ILE D 362 -38.81 15.23 -55.97
CA ILE D 362 -38.31 15.14 -54.60
C ILE D 362 -38.21 16.55 -54.04
N ASP D 363 -38.66 16.73 -52.80
CA ASP D 363 -38.64 18.02 -52.13
C ASP D 363 -38.14 17.84 -50.71
N GLU D 364 -37.94 18.97 -50.02
CA GLU D 364 -37.44 18.97 -48.64
C GLU D 364 -38.24 18.06 -47.73
N SER D 365 -39.53 17.93 -47.96
CA SER D 365 -40.37 17.06 -47.13
C SER D 365 -39.94 15.59 -47.21
N VAL D 366 -39.29 15.20 -48.29
CA VAL D 366 -38.85 13.81 -48.44
C VAL D 366 -37.53 13.57 -47.71
N ILE D 367 -36.69 14.61 -47.58
CA ILE D 367 -35.38 14.45 -46.95
C ILE D 367 -35.51 14.04 -45.49
N ASP D 368 -36.30 14.78 -44.72
CA ASP D 368 -36.45 14.44 -43.30
C ASP D 368 -37.20 13.13 -43.09
N GLY D 369 -38.04 12.73 -44.05
CA GLY D 369 -38.78 11.49 -43.97
C GLY D 369 -40.25 11.63 -43.65
N GLN D 370 -40.70 12.83 -43.28
CA GLN D 370 -42.11 13.01 -42.94
C GLN D 370 -43.02 12.74 -44.14
N SER D 371 -42.56 13.03 -45.35
CA SER D 371 -43.32 12.85 -46.58
C SER D 371 -42.64 11.82 -47.47
N GLU D 372 -43.40 11.36 -48.47
CA GLU D 372 -43.01 10.38 -49.46
C GLU D 372 -42.84 11.07 -50.82
N PRO D 373 -41.86 10.67 -51.65
CA PRO D 373 -41.69 11.34 -52.95
C PRO D 373 -42.93 11.19 -53.83
N LEU D 374 -43.25 12.26 -54.55
CA LEU D 374 -44.40 12.28 -55.43
C LEU D 374 -44.13 11.49 -56.70
N LEU D 375 -45.14 10.76 -57.15
CA LEU D 375 -45.06 9.92 -58.35
C LEU D 375 -46.09 10.42 -59.34
N ILE D 376 -45.62 10.80 -60.53
CA ILE D 376 -46.49 11.29 -61.60
C ILE D 376 -46.72 10.17 -62.59
N TYR D 377 -47.98 9.93 -62.95
CA TYR D 377 -48.37 8.89 -63.88
C TYR D 377 -48.82 9.53 -65.19
N GLY D 378 -48.31 9.03 -66.30
CA GLY D 378 -48.65 9.54 -67.61
C GLY D 378 -49.95 8.97 -68.13
N ALA E 27 -34.04 -9.58 -69.62
CA ALA E 27 -34.42 -8.47 -68.75
C ALA E 27 -33.85 -8.67 -67.35
N LEU E 28 -33.37 -7.57 -66.76
CA LEU E 28 -32.79 -7.65 -65.43
C LEU E 28 -33.89 -7.94 -64.40
N PRO E 29 -33.65 -8.82 -63.43
CA PRO E 29 -34.68 -9.11 -62.43
C PRO E 29 -34.95 -7.90 -61.56
N THR E 30 -36.23 -7.61 -61.34
CA THR E 30 -36.61 -6.48 -60.52
C THR E 30 -36.36 -6.78 -59.04
N PRO E 31 -36.34 -5.75 -58.19
CA PRO E 31 -36.12 -6.00 -56.75
C PRO E 31 -37.15 -6.94 -56.14
N HIS E 32 -38.41 -6.87 -56.58
CA HIS E 32 -39.44 -7.75 -56.06
C HIS E 32 -39.08 -9.20 -56.28
N GLU E 33 -38.60 -9.53 -57.48
CA GLU E 33 -38.21 -10.89 -57.78
C GLU E 33 -37.04 -11.32 -56.91
N ILE E 34 -36.04 -10.44 -56.77
CA ILE E 34 -34.89 -10.75 -55.94
C ILE E 34 -35.32 -10.89 -54.48
N ARG E 35 -36.22 -10.03 -54.03
CA ARG E 35 -36.70 -10.10 -52.66
C ARG E 35 -37.45 -11.39 -52.41
N ASN E 36 -38.22 -11.85 -53.40
CA ASN E 36 -38.95 -13.10 -53.25
C ASN E 36 -38.00 -14.26 -53.01
N HIS E 37 -36.89 -14.31 -53.75
CA HIS E 37 -35.91 -15.37 -53.56
C HIS E 37 -35.32 -15.31 -52.16
N LEU E 38 -35.00 -14.10 -51.69
CA LEU E 38 -34.45 -13.96 -50.34
C LEU E 38 -35.50 -14.33 -49.30
N ASP E 39 -36.76 -13.99 -49.55
CA ASP E 39 -37.83 -14.32 -48.61
C ASP E 39 -37.96 -15.82 -48.45
N ASP E 40 -37.69 -16.58 -49.51
CA ASP E 40 -37.80 -18.04 -49.43
C ASP E 40 -36.82 -18.62 -48.42
N TYR E 41 -35.59 -18.13 -48.41
CA TYR E 41 -34.55 -18.62 -47.51
C TYR E 41 -34.34 -17.77 -46.27
N VAL E 42 -34.76 -16.51 -46.28
CA VAL E 42 -34.57 -15.59 -45.15
C VAL E 42 -35.92 -15.06 -44.70
N ILE E 43 -36.10 -14.95 -43.39
CA ILE E 43 -37.33 -14.46 -42.78
C ILE E 43 -37.00 -13.45 -41.69
N GLY E 44 -37.82 -12.39 -41.60
CA GLY E 44 -37.65 -11.38 -40.57
C GLY E 44 -36.64 -10.29 -40.85
N GLN E 45 -36.17 -10.14 -42.08
CA GLN E 45 -35.19 -9.13 -42.46
C GLN E 45 -35.66 -8.35 -43.68
N GLU E 46 -36.93 -7.94 -43.63
CA GLU E 46 -37.55 -7.21 -44.75
C GLU E 46 -36.76 -5.97 -45.15
N GLN E 47 -36.31 -5.19 -44.17
CA GLN E 47 -35.56 -3.97 -44.49
C GLN E 47 -34.23 -4.29 -45.16
N ALA E 48 -33.52 -5.29 -44.64
CA ALA E 48 -32.23 -5.65 -45.22
C ALA E 48 -32.38 -6.20 -46.63
N LYS E 49 -33.45 -6.94 -46.88
CA LYS E 49 -33.66 -7.51 -48.22
C LYS E 49 -33.84 -6.42 -49.26
N LYS E 50 -34.54 -5.34 -48.91
CA LYS E 50 -34.76 -4.25 -49.85
C LYS E 50 -33.44 -3.60 -50.26
N VAL E 51 -32.56 -3.34 -49.30
CA VAL E 51 -31.29 -2.70 -49.59
C VAL E 51 -30.46 -3.59 -50.51
N LEU E 52 -30.37 -4.87 -50.18
CA LEU E 52 -29.61 -5.79 -51.03
C LEU E 52 -30.28 -5.96 -52.38
N ALA E 53 -31.61 -6.03 -52.40
CA ALA E 53 -32.33 -6.23 -53.66
C ALA E 53 -32.15 -5.04 -54.59
N VAL E 54 -32.34 -3.83 -54.07
CA VAL E 54 -32.19 -2.64 -54.92
C VAL E 54 -30.74 -2.47 -55.34
N ALA E 55 -29.79 -2.76 -54.44
CA ALA E 55 -28.38 -2.63 -54.77
C ALA E 55 -28.00 -3.56 -55.91
N VAL E 56 -28.45 -4.81 -55.84
CA VAL E 56 -28.16 -5.78 -56.89
C VAL E 56 -28.80 -5.32 -58.20
N TYR E 57 -30.02 -4.80 -58.13
CA TYR E 57 -30.70 -4.31 -59.32
C TYR E 57 -29.96 -3.13 -59.91
N ASN E 58 -29.55 -2.18 -59.07
CA ASN E 58 -28.78 -1.04 -59.54
C ASN E 58 -27.44 -1.49 -60.08
N HIS E 59 -26.83 -2.49 -59.44
CA HIS E 59 -25.54 -2.99 -59.89
C HIS E 59 -25.65 -3.54 -61.31
N TYR E 60 -26.68 -4.34 -61.57
CA TYR E 60 -26.88 -4.87 -62.91
C TYR E 60 -27.11 -3.75 -63.91
N LYS E 61 -27.83 -2.71 -63.49
CA LYS E 61 -28.07 -1.57 -64.37
C LYS E 61 -26.76 -0.89 -64.73
N ARG E 62 -25.86 -0.75 -63.76
CA ARG E 62 -24.58 -0.13 -64.05
C ARG E 62 -23.78 -0.98 -65.03
N LEU E 63 -23.78 -2.30 -64.84
CA LEU E 63 -23.10 -3.17 -65.78
C LEU E 63 -23.83 -3.15 -67.12
N ARG E 64 -25.17 -3.12 -67.08
CA ARG E 64 -25.94 -3.03 -68.31
C ARG E 64 -25.67 -1.71 -69.00
N ASN E 65 -25.45 -0.65 -68.21
CA ASN E 65 -25.13 0.68 -68.70
C ASN E 65 -23.61 0.87 -68.84
N GLY E 66 -22.85 -0.22 -68.96
CA GLY E 66 -21.41 -0.13 -69.12
C GLY E 66 -21.00 0.71 -70.31
N ASP E 67 -21.84 0.76 -71.35
CA ASP E 67 -21.55 1.56 -72.53
C ASP E 67 -21.29 3.01 -72.15
N THR E 68 -22.12 3.55 -71.25
CA THR E 68 -21.98 4.92 -70.76
C THR E 68 -22.06 5.94 -71.90
N SER E 69 -23.17 5.86 -72.65
CA SER E 69 -23.40 6.80 -73.73
C SER E 69 -23.42 8.22 -73.21
N ASN E 70 -24.03 8.43 -72.05
CA ASN E 70 -24.05 9.74 -71.44
C ASN E 70 -22.69 10.03 -70.80
N GLY E 71 -22.35 11.32 -70.71
CA GLY E 71 -21.08 11.70 -70.11
C GLY E 71 -20.99 11.32 -68.65
N VAL E 72 -22.13 11.25 -67.97
CA VAL E 72 -22.16 10.95 -66.53
C VAL E 72 -21.62 9.54 -66.28
N GLU E 73 -20.82 9.42 -65.23
CA GLU E 73 -20.22 8.16 -64.80
C GLU E 73 -20.94 7.70 -63.54
N LEU E 74 -21.66 6.58 -63.65
CA LEU E 74 -22.42 6.05 -62.54
C LEU E 74 -21.51 5.67 -61.38
N GLY E 75 -21.86 6.15 -60.19
CA GLY E 75 -21.09 5.86 -59.00
C GLY E 75 -21.45 4.52 -58.38
N LYS E 76 -20.66 4.14 -57.39
CA LYS E 76 -20.82 2.87 -56.68
C LYS E 76 -21.15 3.15 -55.22
N SER E 77 -22.14 2.42 -54.70
CA SER E 77 -22.58 2.54 -53.31
C SER E 77 -22.45 1.18 -52.63
N ASN E 78 -21.72 1.13 -51.52
CA ASN E 78 -21.49 -0.09 -50.78
C ASN E 78 -22.45 -0.21 -49.60
N ILE E 79 -22.69 -1.44 -49.19
CA ILE E 79 -23.62 -1.77 -48.10
C ILE E 79 -22.84 -2.18 -46.86
N LEU E 80 -23.41 -1.86 -45.69
CA LEU E 80 -22.84 -2.19 -44.39
C LEU E 80 -23.93 -2.86 -43.54
N LEU E 81 -23.94 -4.19 -43.50
CA LEU E 81 -24.93 -4.95 -42.75
C LEU E 81 -24.48 -5.09 -41.30
N ILE E 82 -25.17 -4.39 -40.39
CA ILE E 82 -24.88 -4.42 -38.96
C ILE E 82 -26.02 -5.15 -38.27
N GLY E 83 -25.72 -6.29 -37.65
CA GLY E 83 -26.74 -7.04 -36.95
C GLY E 83 -26.17 -8.03 -35.96
N PRO E 84 -26.98 -8.47 -34.99
CA PRO E 84 -26.48 -9.44 -34.00
C PRO E 84 -26.18 -10.79 -34.65
N THR E 85 -25.30 -11.53 -33.99
CA THR E 85 -24.92 -12.85 -34.48
C THR E 85 -26.14 -13.77 -34.47
N GLY E 86 -26.26 -14.60 -35.51
CA GLY E 86 -27.38 -15.50 -35.64
C GLY E 86 -28.61 -14.86 -36.24
N SER E 87 -28.50 -13.67 -36.81
CA SER E 87 -29.62 -12.97 -37.43
C SER E 87 -29.72 -13.20 -38.93
N GLY E 88 -28.86 -14.06 -39.49
CA GLY E 88 -28.89 -14.34 -40.90
C GLY E 88 -28.08 -13.42 -41.78
N LYS E 89 -27.06 -12.76 -41.23
CA LYS E 89 -26.22 -11.88 -42.04
C LYS E 89 -25.47 -12.69 -43.08
N THR E 90 -24.84 -13.79 -42.67
CA THR E 90 -24.12 -14.65 -43.60
C THR E 90 -25.07 -15.32 -44.57
N LEU E 91 -26.26 -15.70 -44.09
CA LEU E 91 -27.24 -16.38 -44.92
C LEU E 91 -27.65 -15.52 -46.10
N LEU E 92 -27.81 -14.21 -45.88
CA LEU E 92 -28.22 -13.32 -46.96
C LEU E 92 -27.20 -13.34 -48.11
N ALA E 93 -25.92 -13.40 -47.77
CA ALA E 93 -24.89 -13.44 -48.80
C ALA E 93 -24.90 -14.76 -49.54
N GLU E 94 -25.10 -15.87 -48.81
CA GLU E 94 -25.12 -17.19 -49.44
C GLU E 94 -26.34 -17.37 -50.33
N THR E 95 -27.47 -16.75 -49.97
CA THR E 95 -28.69 -16.90 -50.74
C THR E 95 -28.66 -16.11 -52.05
N LEU E 96 -27.66 -15.26 -52.26
CA LEU E 96 -27.56 -14.48 -53.48
C LEU E 96 -26.72 -15.17 -54.54
N ALA E 97 -25.72 -15.95 -54.12
CA ALA E 97 -24.86 -16.65 -55.07
C ALA E 97 -25.65 -17.61 -55.96
N ARG E 98 -26.77 -18.14 -55.45
CA ARG E 98 -27.59 -19.06 -56.23
C ARG E 98 -28.11 -18.40 -57.50
N LEU E 99 -28.64 -17.19 -57.37
CA LEU E 99 -29.22 -16.46 -58.50
C LEU E 99 -28.24 -15.50 -59.16
N LEU E 100 -27.28 -14.97 -58.41
CA LEU E 100 -26.32 -14.01 -58.94
C LEU E 100 -25.62 -14.54 -60.19
N ASP E 101 -25.63 -13.73 -61.25
CA ASP E 101 -24.99 -14.10 -62.50
C ASP E 101 -23.50 -13.77 -62.46
N VAL E 102 -23.14 -12.66 -61.83
CA VAL E 102 -21.76 -12.20 -61.74
C VAL E 102 -21.03 -12.99 -60.66
N PRO E 103 -19.70 -13.06 -60.68
CA PRO E 103 -18.99 -13.82 -59.63
C PRO E 103 -19.14 -13.18 -58.26
N PHE E 104 -19.41 -14.03 -57.27
CA PHE E 104 -19.58 -13.62 -55.88
C PHE E 104 -18.74 -14.53 -54.99
N THR E 105 -18.15 -13.93 -53.95
CA THR E 105 -17.34 -14.68 -53.01
C THR E 105 -17.52 -14.07 -51.62
N MET E 106 -17.09 -14.84 -50.62
CA MET E 106 -17.17 -14.46 -49.22
C MET E 106 -15.79 -14.60 -48.59
N ALA E 107 -15.49 -13.71 -47.64
CA ALA E 107 -14.21 -13.73 -46.95
C ALA E 107 -14.42 -13.34 -45.49
N ASP E 108 -13.32 -13.30 -44.74
CA ASP E 108 -13.32 -12.96 -43.32
C ASP E 108 -12.30 -11.88 -43.08
N ALA E 109 -12.72 -10.80 -42.41
CA ALA E 109 -11.83 -9.69 -42.13
C ALA E 109 -10.78 -10.02 -41.07
N THR E 110 -11.13 -10.88 -40.11
CA THR E 110 -10.18 -11.23 -39.04
C THR E 110 -8.89 -11.80 -39.59
N THR E 111 -8.98 -12.62 -40.65
CA THR E 111 -7.78 -13.19 -41.25
C THR E 111 -6.92 -12.11 -41.88
N LEU E 112 -7.54 -11.12 -42.51
CA LEU E 112 -6.80 -10.06 -43.17
C LEU E 112 -5.93 -9.29 -42.19
N THR E 113 -4.76 -8.86 -42.67
CA THR E 113 -3.81 -8.08 -41.88
C THR E 113 -3.12 -7.09 -42.79
N GLU E 114 -2.42 -6.14 -42.16
CA GLU E 114 -1.69 -5.12 -42.90
C GLU E 114 -0.57 -5.76 -43.70
N ALA E 115 -0.19 -5.10 -44.80
CA ALA E 115 0.89 -5.60 -45.64
C ALA E 115 2.21 -5.55 -44.89
N GLY E 116 3.13 -6.41 -45.30
CA GLY E 116 4.41 -6.49 -44.65
C GLY E 116 4.45 -7.30 -43.37
N TYR E 117 3.40 -8.05 -43.07
CA TYR E 117 3.31 -8.86 -41.87
C TYR E 117 2.94 -10.28 -42.25
N VAL E 118 3.20 -11.20 -41.31
CA VAL E 118 2.98 -12.63 -41.53
C VAL E 118 1.52 -13.05 -41.52
N GLY E 119 0.60 -12.19 -41.11
CA GLY E 119 -0.79 -12.63 -41.06
C GLY E 119 -1.45 -12.88 -42.41
N GLU E 120 -1.66 -11.81 -43.19
CA GLU E 120 -2.29 -11.91 -44.51
C GLU E 120 -2.27 -10.54 -45.18
N ASP E 121 -2.77 -10.49 -46.42
CA ASP E 121 -2.87 -9.25 -47.18
C ASP E 121 -4.30 -9.14 -47.70
N VAL E 122 -4.76 -7.89 -47.83
CA VAL E 122 -6.13 -7.66 -48.31
C VAL E 122 -6.29 -8.02 -49.77
N GLU E 123 -5.21 -8.02 -50.56
CA GLU E 123 -5.29 -8.35 -51.97
C GLU E 123 -5.75 -9.79 -52.19
N ASN E 124 -5.55 -10.67 -51.20
CA ASN E 124 -5.99 -12.06 -51.32
C ASN E 124 -7.50 -12.17 -51.51
N ILE E 125 -8.26 -11.14 -51.13
CA ILE E 125 -9.70 -11.17 -51.31
C ILE E 125 -10.06 -11.38 -52.77
N ILE E 126 -9.30 -10.76 -53.67
CA ILE E 126 -9.57 -10.88 -55.10
C ILE E 126 -9.28 -12.29 -55.59
N GLN E 127 -8.31 -12.98 -54.98
CA GLN E 127 -7.99 -14.34 -55.40
C GLN E 127 -9.22 -15.24 -55.31
N LYS E 128 -9.96 -15.13 -54.21
CA LYS E 128 -11.16 -15.95 -54.06
C LYS E 128 -12.19 -15.61 -55.13
N LEU E 129 -12.34 -14.31 -55.44
CA LEU E 129 -13.28 -13.91 -56.48
C LEU E 129 -12.83 -14.39 -57.85
N LEU E 130 -11.53 -14.60 -58.04
CA LEU E 130 -11.04 -15.08 -59.32
C LEU E 130 -11.30 -16.56 -59.52
N GLN E 131 -11.32 -17.33 -58.42
CA GLN E 131 -11.61 -18.77 -58.52
C GLN E 131 -12.95 -19.01 -59.19
N LYS E 132 -13.97 -18.28 -58.74
CA LYS E 132 -15.30 -18.44 -59.33
C LYS E 132 -15.33 -17.90 -60.75
N SER E 133 -14.63 -16.80 -60.98
CA SER E 133 -14.56 -16.15 -62.28
C SER E 133 -13.63 -16.84 -63.27
N ASP E 134 -13.12 -18.04 -62.96
CA ASP E 134 -12.20 -18.76 -63.84
C ASP E 134 -10.94 -17.94 -64.12
N TYR E 135 -10.55 -17.11 -63.14
CA TYR E 135 -9.36 -16.26 -63.26
C TYR E 135 -9.45 -15.31 -64.44
N ASP E 136 -10.67 -14.90 -64.80
CA ASP E 136 -10.92 -13.96 -65.88
C ASP E 136 -11.18 -12.60 -65.25
N VAL E 137 -10.21 -11.69 -65.36
CA VAL E 137 -10.34 -10.37 -64.75
C VAL E 137 -11.45 -9.55 -65.39
N GLN E 138 -11.74 -9.80 -66.67
CA GLN E 138 -12.79 -9.04 -67.36
C GLN E 138 -14.13 -9.17 -66.66
N LYS E 139 -14.56 -10.40 -66.38
CA LYS E 139 -15.83 -10.62 -65.71
C LYS E 139 -15.71 -10.43 -64.20
N ALA E 140 -14.53 -10.69 -63.62
CA ALA E 140 -14.35 -10.51 -62.19
C ALA E 140 -14.53 -9.04 -61.79
N GLN E 141 -14.21 -8.12 -62.69
CA GLN E 141 -14.38 -6.70 -62.40
C GLN E 141 -15.83 -6.33 -62.17
N ARG E 142 -16.77 -7.11 -62.70
CA ARG E 142 -18.19 -6.89 -62.54
C ARG E 142 -18.79 -7.73 -61.41
N GLY E 143 -17.94 -8.26 -60.53
CA GLY E 143 -18.39 -9.10 -59.44
C GLY E 143 -18.82 -8.34 -58.21
N ILE E 144 -19.17 -9.10 -57.17
CA ILE E 144 -19.62 -8.61 -55.88
C ILE E 144 -18.80 -9.33 -54.82
N VAL E 145 -18.59 -8.67 -53.69
CA VAL E 145 -17.78 -9.22 -52.60
C VAL E 145 -18.50 -9.01 -51.27
N TYR E 146 -18.28 -9.95 -50.35
CA TYR E 146 -18.84 -9.92 -49.02
C TYR E 146 -17.70 -10.12 -48.02
N ILE E 147 -17.63 -9.25 -47.02
CA ILE E 147 -16.59 -9.27 -46.00
C ILE E 147 -17.25 -9.45 -44.65
N ASP E 148 -16.98 -10.58 -43.99
CA ASP E 148 -17.57 -10.91 -42.70
C ASP E 148 -16.64 -10.54 -41.56
N GLU E 149 -17.24 -10.40 -40.37
CA GLU E 149 -16.53 -10.09 -39.13
C GLU E 149 -15.72 -8.79 -39.24
N ILE E 150 -16.32 -7.77 -39.85
CA ILE E 150 -15.64 -6.49 -39.97
C ILE E 150 -15.55 -5.76 -38.63
N ASP E 151 -16.36 -6.15 -37.65
CA ASP E 151 -16.33 -5.50 -36.34
C ASP E 151 -15.00 -5.68 -35.63
N LYS E 152 -14.35 -6.83 -35.80
CA LYS E 152 -13.09 -7.10 -35.13
C LYS E 152 -11.97 -6.16 -35.58
N ILE E 153 -12.12 -5.48 -36.71
CA ILE E 153 -11.09 -4.59 -37.21
C ILE E 153 -11.07 -3.25 -36.49
N SER E 154 -12.13 -2.90 -35.77
CA SER E 154 -12.21 -1.63 -35.07
C SER E 154 -11.18 -1.51 -33.95
N ARG E 155 -10.68 -0.29 -33.75
CA ARG E 155 -9.77 -0.03 -32.65
C ARG E 155 -10.57 -0.09 -31.36
N LYS E 156 -9.94 -0.52 -30.26
CA LYS E 156 -10.71 -0.66 -29.03
C LYS E 156 -10.93 0.66 -28.31
N SER E 157 -9.86 1.27 -27.81
CA SER E 157 -9.95 2.56 -27.14
C SER E 157 -8.60 3.08 -26.67
N ASP E 158 -8.47 4.41 -26.58
CA ASP E 158 -7.30 5.12 -26.05
C ASP E 158 -5.97 4.49 -26.47
N ASN E 159 -5.84 4.20 -27.77
CA ASN E 159 -4.61 3.59 -28.25
C ASN E 159 -3.69 4.66 -28.82
N PRO E 160 -2.43 4.76 -28.38
CA PRO E 160 -1.54 5.77 -28.99
C PRO E 160 -1.08 5.39 -30.38
N SER E 161 -1.27 4.13 -30.78
CA SER E 161 -0.88 3.54 -32.05
C SER E 161 0.62 3.28 -32.12
N ILE E 162 1.35 3.46 -31.02
CA ILE E 162 2.79 3.19 -31.01
C ILE E 162 3.05 1.74 -31.36
N THR E 163 2.17 0.83 -30.93
CA THR E 163 2.32 -0.58 -31.23
C THR E 163 2.11 -0.90 -32.70
N ARG E 164 1.59 0.04 -33.50
CA ARG E 164 1.33 -0.17 -34.92
C ARG E 164 0.38 -1.36 -35.10
N ASP E 165 -0.83 -1.18 -34.57
CA ASP E 165 -1.88 -2.20 -34.66
C ASP E 165 -2.02 -2.68 -36.09
N VAL E 166 -1.94 -3.99 -36.26
CA VAL E 166 -2.00 -4.63 -37.56
C VAL E 166 -3.37 -5.27 -37.81
N SER E 167 -3.86 -6.03 -36.83
CA SER E 167 -5.15 -6.69 -36.97
C SER E 167 -6.29 -5.69 -37.10
N GLY E 168 -6.13 -4.48 -36.57
CA GLY E 168 -7.18 -3.48 -36.60
C GLY E 168 -7.06 -2.36 -37.62
N GLU E 169 -6.65 -1.19 -37.15
CA GLU E 169 -6.53 0.01 -37.99
C GLU E 169 -5.76 -0.23 -39.28
N GLY E 170 -4.74 -1.09 -39.25
CA GLY E 170 -3.96 -1.34 -40.45
C GLY E 170 -4.78 -1.91 -41.58
N VAL E 171 -5.71 -2.80 -41.25
CA VAL E 171 -6.55 -3.41 -42.28
C VAL E 171 -7.45 -2.37 -42.93
N GLN E 172 -8.00 -1.45 -42.12
CA GLN E 172 -8.88 -0.42 -42.67
C GLN E 172 -8.15 0.48 -43.65
N GLN E 173 -6.93 0.86 -43.32
CA GLN E 173 -6.15 1.74 -44.18
C GLN E 173 -5.90 1.14 -45.56
N ALA E 174 -5.75 -0.18 -45.62
CA ALA E 174 -5.51 -0.84 -46.90
C ALA E 174 -6.78 -1.00 -47.71
N LEU E 175 -7.92 -1.21 -47.04
CA LEU E 175 -9.18 -1.40 -47.75
C LEU E 175 -9.69 -0.13 -48.40
N LEU E 176 -9.37 1.04 -47.83
CA LEU E 176 -9.83 2.33 -48.33
C LEU E 176 -9.75 2.47 -49.85
N LYS E 177 -8.55 2.29 -50.42
CA LYS E 177 -8.41 2.39 -51.87
C LYS E 177 -9.12 1.24 -52.57
N LEU E 178 -9.17 0.08 -51.93
CA LEU E 178 -9.79 -1.09 -52.53
C LEU E 178 -11.29 -0.88 -52.77
N ILE E 179 -12.00 -0.36 -51.77
CA ILE E 179 -13.44 -0.18 -51.91
C ILE E 179 -13.78 0.88 -52.95
N GLU E 180 -13.12 2.04 -52.88
CA GLU E 180 -13.42 3.11 -53.84
C GLU E 180 -13.01 2.75 -55.26
N GLY E 181 -12.03 1.85 -55.40
CA GLY E 181 -11.56 1.42 -56.71
C GLY E 181 -10.13 1.75 -57.04
N THR E 182 -9.28 0.72 -57.10
CA THR E 182 -7.88 0.88 -57.43
C THR E 182 -7.37 -0.43 -58.03
N VAL E 183 -6.38 -0.32 -58.91
CA VAL E 183 -5.79 -1.51 -59.50
C VAL E 183 -5.03 -2.25 -58.40
N ALA E 184 -5.18 -3.57 -58.38
CA ALA E 184 -4.56 -4.42 -57.37
C ALA E 184 -3.77 -5.54 -58.03
N ALA E 185 -2.57 -5.79 -57.50
CA ALA E 185 -1.71 -6.86 -57.98
C ALA E 185 -2.10 -8.12 -57.23
N VAL E 186 -2.69 -9.07 -57.94
CA VAL E 186 -3.18 -10.33 -57.37
C VAL E 186 -2.27 -11.46 -57.83
N PRO E 187 -1.71 -12.28 -56.94
CA PRO E 187 -0.89 -13.41 -57.41
C PRO E 187 -1.75 -14.43 -58.13
N PRO E 188 -1.15 -15.33 -58.92
CA PRO E 188 -1.95 -16.33 -59.65
C PRO E 188 -2.80 -17.21 -58.75
N GLN E 189 -2.16 -17.92 -57.82
CA GLN E 189 -2.88 -18.79 -56.90
C GLN E 189 -1.93 -19.25 -55.80
N GLY E 190 -2.43 -19.23 -54.56
CA GLY E 190 -1.63 -19.67 -53.42
C GLY E 190 -0.26 -19.05 -53.33
N GLY E 191 -0.15 -17.76 -53.65
CA GLY E 191 1.11 -17.06 -53.61
C GLY E 191 1.02 -15.80 -52.78
N ARG E 192 2.18 -15.37 -52.30
CA ARG E 192 2.32 -14.18 -51.48
C ARG E 192 3.04 -13.10 -52.27
N LYS E 193 2.77 -11.85 -51.92
CA LYS E 193 3.40 -10.72 -52.61
C LYS E 193 4.91 -10.78 -52.45
N HIS E 194 5.62 -10.58 -53.54
CA HIS E 194 7.07 -10.62 -53.57
C HIS E 194 7.56 -9.85 -54.79
N PRO E 195 8.86 -9.63 -54.93
CA PRO E 195 9.36 -8.92 -56.13
C PRO E 195 9.10 -9.66 -57.43
N GLN E 196 8.71 -10.93 -57.39
CA GLN E 196 8.43 -11.69 -58.60
C GLN E 196 7.33 -11.00 -59.42
N GLN E 197 7.30 -11.31 -60.71
CA GLN E 197 6.34 -10.73 -61.64
C GLN E 197 5.03 -11.53 -61.72
N GLU E 198 4.81 -12.45 -60.79
CA GLU E 198 3.58 -13.26 -60.77
C GLU E 198 2.47 -12.44 -60.13
N PHE E 199 1.89 -11.52 -60.92
CA PHE E 199 0.82 -10.66 -60.45
C PHE E 199 -0.21 -10.44 -61.56
N LEU E 200 -1.43 -10.15 -61.14
CA LEU E 200 -2.56 -9.89 -62.03
C LEU E 200 -3.21 -8.57 -61.67
N GLN E 201 -3.23 -7.63 -62.61
CA GLN E 201 -3.81 -6.32 -62.39
C GLN E 201 -5.33 -6.41 -62.44
N VAL E 202 -5.99 -6.21 -61.30
CA VAL E 202 -7.43 -6.28 -61.17
C VAL E 202 -7.94 -4.94 -60.66
N ASP E 203 -8.99 -4.42 -61.29
CA ASP E 203 -9.59 -3.14 -60.94
C ASP E 203 -10.86 -3.38 -60.11
N THR E 204 -10.93 -2.71 -58.96
CA THR E 204 -12.06 -2.83 -58.05
C THR E 204 -13.05 -1.67 -58.13
N SER E 205 -12.95 -0.84 -59.17
CA SER E 205 -13.85 0.31 -59.28
C SER E 205 -15.30 -0.11 -59.43
N LYS E 206 -15.57 -1.14 -60.23
CA LYS E 206 -16.92 -1.63 -60.46
C LYS E 206 -17.30 -2.82 -59.58
N ILE E 207 -16.45 -3.21 -58.65
CA ILE E 207 -16.71 -4.36 -57.79
C ILE E 207 -17.38 -3.86 -56.52
N LEU E 208 -18.61 -4.32 -56.30
CA LEU E 208 -19.35 -3.95 -55.10
C LEU E 208 -18.80 -4.69 -53.89
N PHE E 209 -18.92 -4.07 -52.72
CA PHE E 209 -18.45 -4.63 -51.46
C PHE E 209 -19.56 -4.52 -50.43
N ILE E 210 -19.79 -5.61 -49.70
CA ILE E 210 -20.83 -5.67 -48.67
C ILE E 210 -20.14 -6.16 -47.39
N CYS E 211 -19.78 -5.23 -46.52
CA CYS E 211 -19.12 -5.56 -45.26
C CYS E 211 -20.18 -5.80 -44.19
N GLY E 212 -20.25 -7.04 -43.71
CA GLY E 212 -21.22 -7.43 -42.69
C GLY E 212 -20.58 -7.88 -41.40
N GLY E 213 -20.97 -7.29 -40.28
CA GLY E 213 -20.40 -7.66 -39.00
C GLY E 213 -21.36 -7.40 -37.86
N ALA E 214 -21.08 -8.06 -36.74
CA ALA E 214 -21.88 -7.93 -35.52
C ALA E 214 -21.13 -6.98 -34.59
N PHE E 215 -21.52 -5.71 -34.61
CA PHE E 215 -20.87 -4.67 -33.81
C PHE E 215 -21.38 -4.76 -32.38
N ALA E 216 -20.83 -5.72 -31.63
CA ALA E 216 -21.19 -5.90 -30.24
C ALA E 216 -20.79 -4.67 -29.43
N GLY E 217 -21.72 -4.15 -28.64
CA GLY E 217 -21.47 -2.98 -27.82
C GLY E 217 -21.89 -1.68 -28.47
N LEU E 218 -22.22 -1.69 -29.77
CA LEU E 218 -22.62 -0.46 -30.44
C LEU E 218 -23.91 0.09 -29.87
N ASP E 219 -24.81 -0.79 -29.41
CA ASP E 219 -26.07 -0.33 -28.83
C ASP E 219 -25.83 0.58 -27.64
N LYS E 220 -24.84 0.26 -26.80
CA LYS E 220 -24.54 1.10 -25.65
C LYS E 220 -24.08 2.48 -26.11
N VAL E 221 -23.30 2.52 -27.20
CA VAL E 221 -22.85 3.81 -27.73
C VAL E 221 -24.04 4.61 -28.21
N ILE E 222 -24.96 3.97 -28.93
CA ILE E 222 -26.15 4.66 -29.42
C ILE E 222 -27.03 5.06 -28.24
N SER E 223 -27.16 4.18 -27.25
CA SER E 223 -27.97 4.49 -26.06
C SER E 223 -27.42 5.71 -25.35
N HIS E 224 -26.09 5.84 -25.32
CA HIS E 224 -25.46 6.98 -24.67
C HIS E 224 -25.90 8.28 -25.34
N ARG E 225 -25.58 8.43 -26.62
CA ARG E 225 -25.92 9.64 -27.38
C ARG E 225 -27.39 9.99 -27.29
N VAL E 226 -28.27 8.99 -27.40
CA VAL E 226 -29.71 9.23 -27.36
C VAL E 226 -30.15 9.64 -25.96
N GLU E 227 -29.59 9.01 -24.92
CA GLU E 227 -29.95 9.25 -23.52
C GLU E 227 -28.73 9.65 -22.70
N THR E 228 -27.91 10.54 -23.26
CA THR E 228 -26.70 10.97 -22.55
C THR E 228 -27.01 11.69 -21.25
N GLY E 229 -28.05 12.52 -21.23
CA GLY E 229 -28.38 13.29 -20.05
C GLY E 229 -27.40 14.44 -19.89
N SER E 230 -27.70 15.31 -18.95
CA SER E 230 -26.84 16.46 -18.65
C SER E 230 -26.86 16.72 -17.15
N GLY E 231 -25.74 16.44 -16.49
CA GLY E 231 -25.62 16.69 -15.06
C GLY E 231 -26.27 15.62 -14.21
N ILE E 232 -25.92 15.67 -12.92
CA ILE E 232 -26.44 14.74 -11.93
C ILE E 232 -27.11 15.45 -10.75
N GLY E 233 -26.78 16.71 -10.48
CA GLY E 233 -27.31 17.41 -9.33
C GLY E 233 -28.72 17.95 -9.50
N PHE E 234 -29.10 18.79 -8.53
CA PHE E 234 -30.43 19.39 -8.54
C PHE E 234 -30.63 20.27 -9.76
N GLY E 235 -29.62 21.03 -10.14
CA GLY E 235 -29.70 21.90 -11.30
C GLY E 235 -29.59 21.20 -12.63
N ALA E 236 -29.35 19.89 -12.62
CA ALA E 236 -29.22 19.13 -13.84
C ALA E 236 -30.58 18.93 -14.51
N THR E 237 -30.53 18.61 -15.80
CA THR E 237 -31.72 18.35 -16.60
C THR E 237 -31.77 16.85 -16.85
N VAL E 238 -32.55 16.15 -16.04
CA VAL E 238 -32.73 14.72 -16.11
C VAL E 238 -34.09 14.36 -16.70
N LYS E 239 -34.68 15.29 -17.47
CA LYS E 239 -35.98 15.04 -18.07
C LYS E 239 -35.95 13.84 -19.00
N ALA E 240 -34.83 13.62 -19.69
CA ALA E 240 -34.70 12.46 -20.56
C ALA E 240 -34.82 11.19 -19.74
N LYS E 241 -35.67 10.26 -20.19
CA LYS E 241 -35.91 9.01 -19.50
C LYS E 241 -35.43 7.85 -20.37
N SER E 242 -34.56 7.02 -19.81
CA SER E 242 -34.07 5.86 -20.52
C SER E 242 -35.22 4.89 -20.74
N ASP E 243 -35.37 4.41 -21.97
CA ASP E 243 -36.43 3.49 -22.34
C ASP E 243 -35.84 2.14 -22.73
N LYS E 244 -36.58 1.08 -22.43
CA LYS E 244 -36.16 -0.28 -22.72
C LYS E 244 -36.60 -0.63 -24.14
N ALA E 245 -35.64 -0.77 -25.04
CA ALA E 245 -35.90 -1.10 -26.44
C ALA E 245 -34.95 -2.20 -26.88
N SER E 246 -35.43 -3.03 -27.79
CA SER E 246 -34.61 -4.14 -28.31
C SER E 246 -33.38 -3.59 -29.03
N GLU E 247 -32.36 -4.44 -29.13
CA GLU E 247 -31.12 -4.04 -29.79
C GLU E 247 -31.37 -3.73 -31.26
N GLY E 248 -32.25 -4.48 -31.91
CA GLY E 248 -32.52 -4.23 -33.32
C GLY E 248 -33.22 -2.90 -33.54
N GLU E 249 -34.19 -2.57 -32.70
CA GLU E 249 -34.88 -1.29 -32.81
C GLU E 249 -33.92 -0.14 -32.58
N LEU E 250 -33.04 -0.28 -31.60
CA LEU E 250 -32.07 0.76 -31.28
C LEU E 250 -31.06 0.97 -32.40
N LEU E 251 -30.65 -0.13 -33.06
CA LEU E 251 -29.65 -0.02 -34.12
C LEU E 251 -30.14 0.82 -35.29
N ALA E 252 -31.46 0.89 -35.50
CA ALA E 252 -31.98 1.68 -36.61
C ALA E 252 -31.60 3.15 -36.48
N GLN E 253 -31.49 3.66 -35.26
CA GLN E 253 -31.11 5.04 -35.00
C GLN E 253 -29.61 5.28 -35.11
N VAL E 254 -28.84 4.29 -35.55
CA VAL E 254 -27.39 4.46 -35.67
C VAL E 254 -27.06 5.48 -36.74
N GLU E 255 -25.96 6.21 -36.51
CA GLU E 255 -25.45 7.22 -37.41
C GLU E 255 -23.95 7.01 -37.54
N PRO E 256 -23.31 7.65 -38.53
CA PRO E 256 -21.85 7.47 -38.66
C PRO E 256 -21.06 7.89 -37.44
N GLU E 257 -21.51 8.93 -36.74
CA GLU E 257 -20.81 9.41 -35.55
C GLU E 257 -20.62 8.31 -34.51
N ASP E 258 -21.59 7.40 -34.41
CA ASP E 258 -21.48 6.31 -33.44
C ASP E 258 -20.35 5.36 -33.81
N LEU E 259 -20.21 5.06 -35.11
CA LEU E 259 -19.16 4.14 -35.54
C LEU E 259 -17.77 4.69 -35.28
N ILE E 260 -17.59 6.01 -35.37
CA ILE E 260 -16.27 6.59 -35.12
C ILE E 260 -15.84 6.30 -33.69
N LYS E 261 -16.77 6.45 -32.74
CA LYS E 261 -16.45 6.17 -31.35
C LYS E 261 -16.19 4.69 -31.13
N PHE E 262 -16.87 3.83 -31.89
CA PHE E 262 -16.66 2.39 -31.76
C PHE E 262 -15.23 1.99 -32.08
N GLY E 263 -14.59 2.68 -33.03
CA GLY E 263 -13.23 2.40 -33.42
C GLY E 263 -12.97 2.42 -34.90
N LEU E 264 -14.00 2.69 -35.71
CA LEU E 264 -13.83 2.71 -37.15
C LEU E 264 -13.33 4.06 -37.63
N ILE E 265 -12.41 4.02 -38.57
CA ILE E 265 -11.83 5.25 -39.14
C ILE E 265 -12.92 5.98 -39.93
N PRO E 266 -13.05 7.31 -39.83
CA PRO E 266 -14.10 7.98 -40.61
C PRO E 266 -13.98 7.78 -42.10
N GLU E 267 -12.76 7.66 -42.62
CA GLU E 267 -12.55 7.42 -44.04
C GLU E 267 -13.16 6.11 -44.49
N PHE E 268 -13.32 5.15 -43.58
CA PHE E 268 -13.89 3.85 -43.94
C PHE E 268 -15.40 3.91 -44.10
N ILE E 269 -16.09 4.65 -43.22
CA ILE E 269 -17.55 4.73 -43.32
C ILE E 269 -17.94 5.44 -44.60
N GLY E 270 -17.17 6.45 -45.00
CA GLY E 270 -17.48 7.17 -46.23
C GLY E 270 -17.53 6.26 -47.44
N ARG E 271 -16.74 5.18 -47.42
CA ARG E 271 -16.77 4.21 -48.51
C ARG E 271 -18.04 3.36 -48.47
N LEU E 272 -18.70 3.29 -47.31
CA LEU E 272 -19.93 2.52 -47.10
C LEU E 272 -21.07 3.49 -46.79
N PRO E 273 -21.67 4.11 -47.81
CA PRO E 273 -22.76 5.06 -47.51
C PRO E 273 -24.04 4.39 -47.04
N VAL E 274 -24.42 3.27 -47.63
CA VAL E 274 -25.65 2.59 -47.28
C VAL E 274 -25.43 1.72 -46.06
N VAL E 275 -26.38 1.79 -45.13
CA VAL E 275 -26.35 1.02 -43.88
C VAL E 275 -27.70 0.35 -43.71
N ALA E 276 -27.68 -0.94 -43.38
CA ALA E 276 -28.88 -1.74 -43.16
C ALA E 276 -28.71 -2.50 -41.85
N THR E 277 -29.76 -2.47 -41.02
CA THR E 277 -29.74 -3.13 -39.73
C THR E 277 -30.71 -4.31 -39.70
N LEU E 278 -30.28 -5.39 -39.07
CA LEU E 278 -31.06 -6.61 -38.93
C LEU E 278 -31.49 -6.78 -37.48
N ASN E 279 -32.79 -6.97 -37.27
CA ASN E 279 -33.31 -7.16 -35.92
C ASN E 279 -33.06 -8.58 -35.46
N GLU E 280 -33.00 -8.74 -34.13
CA GLU E 280 -32.77 -10.06 -33.55
C GLU E 280 -34.01 -10.93 -33.69
N LEU E 281 -33.79 -12.22 -33.88
CA LEU E 281 -34.88 -13.17 -34.03
C LEU E 281 -35.63 -13.37 -32.72
N SER E 282 -36.93 -13.65 -32.85
CA SER E 282 -37.83 -13.88 -31.74
C SER E 282 -38.28 -15.33 -31.74
N GLU E 283 -38.90 -15.73 -30.63
CA GLU E 283 -39.38 -17.11 -30.50
C GLU E 283 -40.35 -17.48 -31.61
N GLU E 284 -41.26 -16.56 -31.96
CA GLU E 284 -42.21 -16.84 -33.03
C GLU E 284 -41.50 -17.03 -34.35
N ALA E 285 -40.48 -16.21 -34.63
CA ALA E 285 -39.74 -16.32 -35.87
C ALA E 285 -39.03 -17.67 -35.97
N LEU E 286 -38.48 -18.15 -34.85
CA LEU E 286 -37.79 -19.44 -34.85
C LEU E 286 -38.72 -20.55 -35.30
N ILE E 287 -39.99 -20.50 -34.90
CA ILE E 287 -40.95 -21.52 -35.32
C ILE E 287 -41.15 -21.46 -36.82
N GLN E 288 -41.23 -20.25 -37.38
CA GLN E 288 -41.40 -20.11 -38.82
C GLN E 288 -40.21 -20.68 -39.57
N ILE E 289 -38.99 -20.43 -39.06
CA ILE E 289 -37.78 -20.91 -39.70
C ILE E 289 -37.74 -22.43 -39.77
N LEU E 290 -38.43 -23.11 -38.86
CA LEU E 290 -38.43 -24.56 -38.86
C LEU E 290 -39.20 -25.16 -40.03
N LYS E 291 -40.25 -24.48 -40.51
CA LYS E 291 -41.09 -24.99 -41.60
C LYS E 291 -41.18 -24.10 -42.82
N GLU E 292 -41.26 -22.78 -42.65
CA GLU E 292 -41.43 -21.90 -43.80
C GLU E 292 -40.29 -21.89 -44.82
N PRO E 293 -39.01 -21.89 -44.43
CA PRO E 293 -37.95 -21.84 -45.45
C PRO E 293 -37.96 -23.03 -46.40
N LYS E 294 -37.52 -22.76 -47.64
CA LYS E 294 -37.43 -23.79 -48.65
C LYS E 294 -36.43 -24.87 -48.26
N ASN E 295 -35.36 -24.47 -47.58
CA ASN E 295 -34.32 -25.37 -47.09
C ASN E 295 -34.45 -25.54 -45.58
N ALA E 296 -35.70 -25.55 -45.11
CA ALA E 296 -36.00 -25.66 -43.70
C ALA E 296 -35.36 -26.89 -43.08
N LEU E 297 -34.96 -26.76 -41.81
CA LEU E 297 -34.32 -27.85 -41.09
C LEU E 297 -35.23 -29.06 -41.02
N THR E 298 -36.54 -28.85 -40.81
CA THR E 298 -37.47 -29.96 -40.74
C THR E 298 -37.54 -30.72 -42.05
N LYS E 299 -37.59 -30.00 -43.17
CA LYS E 299 -37.66 -30.64 -44.48
C LYS E 299 -36.42 -31.49 -44.75
N GLN E 300 -35.27 -31.10 -44.19
CA GLN E 300 -34.06 -31.88 -44.40
C GLN E 300 -34.18 -33.25 -43.79
N TYR E 301 -34.64 -33.32 -42.54
CA TYR E 301 -34.81 -34.61 -41.89
C TYR E 301 -35.96 -35.39 -42.51
N GLN E 302 -37.01 -34.70 -42.95
CA GLN E 302 -38.13 -35.38 -43.59
C GLN E 302 -37.67 -36.08 -44.86
N ALA E 303 -36.90 -35.38 -45.70
CA ALA E 303 -36.39 -35.98 -46.92
C ALA E 303 -35.45 -37.13 -46.61
N LEU E 304 -34.68 -37.03 -45.54
CA LEU E 304 -33.78 -38.10 -45.15
C LEU E 304 -34.56 -39.37 -44.85
N PHE E 305 -35.75 -39.24 -44.29
CA PHE E 305 -36.59 -40.39 -43.98
C PHE E 305 -37.43 -40.82 -45.16
N ASN E 306 -37.86 -39.88 -46.00
CA ASN E 306 -38.70 -40.21 -47.15
C ASN E 306 -37.98 -41.15 -48.12
N LEU E 307 -36.68 -40.94 -48.34
CA LEU E 307 -35.95 -41.80 -49.27
C LEU E 307 -35.91 -43.23 -48.74
N GLU E 308 -35.83 -43.39 -47.42
CA GLU E 308 -35.83 -44.73 -46.84
C GLU E 308 -37.16 -45.42 -47.03
N GLY E 309 -38.24 -44.65 -47.16
CA GLY E 309 -39.59 -45.16 -47.34
C GLY E 309 -40.51 -44.90 -46.16
N VAL E 310 -40.04 -44.21 -45.13
CA VAL E 310 -40.82 -43.90 -43.94
C VAL E 310 -41.12 -42.41 -43.92
N ASP E 311 -42.40 -42.06 -43.82
CA ASP E 311 -42.78 -40.67 -43.77
C ASP E 311 -42.43 -40.09 -42.39
N LEU E 312 -42.27 -38.77 -42.35
CA LEU E 312 -41.94 -38.06 -41.12
C LEU E 312 -42.84 -36.85 -40.97
N GLU E 313 -43.30 -36.60 -39.75
CA GLU E 313 -44.17 -35.48 -39.45
C GLU E 313 -43.83 -34.90 -38.09
N PHE E 314 -43.83 -33.57 -38.00
CA PHE E 314 -43.55 -32.85 -36.77
C PHE E 314 -44.79 -32.05 -36.39
N ARG E 315 -45.27 -32.26 -35.17
CA ARG E 315 -46.44 -31.55 -34.69
C ARG E 315 -46.05 -30.14 -34.25
N ASP E 316 -47.02 -29.21 -34.36
CA ASP E 316 -46.75 -27.83 -33.98
C ASP E 316 -46.38 -27.71 -32.51
N GLU E 317 -46.85 -28.64 -31.68
CA GLU E 317 -46.50 -28.62 -30.26
C GLU E 317 -45.00 -28.82 -30.06
N ALA E 318 -44.37 -29.61 -30.93
CA ALA E 318 -42.94 -29.88 -30.80
C ALA E 318 -42.12 -28.70 -31.31
N LEU E 319 -42.58 -28.02 -32.35
CA LEU E 319 -41.84 -26.88 -32.88
C LEU E 319 -41.73 -25.77 -31.85
N ASP E 320 -42.81 -25.52 -31.10
CA ASP E 320 -42.77 -24.48 -30.08
C ASP E 320 -41.77 -24.84 -28.98
N ALA E 321 -41.74 -26.10 -28.56
CA ALA E 321 -40.80 -26.52 -27.54
C ALA E 321 -39.36 -26.41 -28.03
N ILE E 322 -39.13 -26.72 -29.31
CA ILE E 322 -37.79 -26.63 -29.87
C ILE E 322 -37.30 -25.19 -29.83
N ALA E 323 -38.18 -24.25 -30.19
CA ALA E 323 -37.79 -22.84 -30.17
C ALA E 323 -37.51 -22.37 -28.75
N LYS E 324 -38.30 -22.84 -27.78
CA LYS E 324 -38.09 -22.44 -26.40
C LYS E 324 -36.73 -22.90 -25.90
N LYS E 325 -36.32 -24.11 -26.28
CA LYS E 325 -35.02 -24.62 -25.86
C LYS E 325 -33.90 -23.76 -26.42
N ALA E 326 -33.99 -23.37 -27.69
CA ALA E 326 -32.96 -22.52 -28.28
C ALA E 326 -32.89 -21.17 -27.57
N MET E 327 -34.06 -20.57 -27.32
CA MET E 327 -34.09 -19.30 -26.60
C MET E 327 -33.60 -19.48 -25.18
N ALA E 328 -33.98 -20.60 -24.55
CA ALA E 328 -33.55 -20.89 -23.18
C ALA E 328 -32.04 -21.00 -23.11
N ARG E 329 -31.43 -21.62 -24.13
CA ARG E 329 -29.98 -21.81 -24.19
C ARG E 329 -29.26 -20.69 -24.94
N LYS E 330 -30.01 -19.75 -25.54
CA LYS E 330 -29.44 -18.61 -26.27
C LYS E 330 -28.61 -19.05 -27.47
N THR E 331 -28.76 -20.30 -27.93
CA THR E 331 -27.99 -20.75 -29.09
C THR E 331 -28.46 -20.08 -30.37
N GLY E 332 -29.75 -19.81 -30.49
CA GLY E 332 -30.29 -19.16 -31.67
C GLY E 332 -30.71 -20.16 -32.73
N ALA E 333 -30.75 -19.66 -33.97
CA ALA E 333 -31.16 -20.48 -35.10
C ALA E 333 -30.21 -21.66 -35.30
N ARG E 334 -28.92 -21.46 -35.06
CA ARG E 334 -27.95 -22.53 -35.23
C ARG E 334 -28.23 -23.71 -34.31
N GLY E 335 -28.70 -23.42 -33.09
CA GLY E 335 -28.99 -24.47 -32.13
C GLY E 335 -30.09 -25.42 -32.54
N LEU E 336 -30.97 -25.01 -33.46
CA LEU E 336 -32.08 -25.86 -33.89
C LEU E 336 -31.60 -27.23 -34.38
N ARG E 337 -30.47 -27.26 -35.08
CA ARG E 337 -29.94 -28.53 -35.59
C ARG E 337 -29.62 -29.48 -34.45
N SER E 338 -28.99 -28.97 -33.38
CA SER E 338 -28.62 -29.81 -32.25
C SER E 338 -29.84 -30.37 -31.55
N ILE E 339 -30.89 -29.56 -31.39
CA ILE E 339 -32.09 -30.01 -30.70
C ILE E 339 -32.75 -31.14 -31.47
N VAL E 340 -32.88 -30.98 -32.79
CA VAL E 340 -33.52 -32.01 -33.61
C VAL E 340 -32.69 -33.29 -33.59
N GLU E 341 -31.36 -33.16 -33.59
CA GLU E 341 -30.50 -34.33 -33.59
C GLU E 341 -30.71 -35.19 -32.35
N ALA E 342 -30.80 -34.56 -31.19
CA ALA E 342 -30.99 -35.30 -29.94
C ALA E 342 -32.36 -35.96 -29.89
N ALA E 343 -33.40 -35.25 -30.31
CA ALA E 343 -34.75 -35.79 -30.26
C ALA E 343 -34.90 -37.02 -31.15
N LEU E 344 -34.29 -37.00 -32.33
CA LEU E 344 -34.38 -38.10 -33.29
C LEU E 344 -33.18 -39.03 -33.25
N LEU E 345 -32.32 -38.89 -32.24
CA LEU E 345 -31.13 -39.74 -32.15
C LEU E 345 -31.51 -41.22 -32.02
N ASP E 346 -32.47 -41.50 -31.14
CA ASP E 346 -32.87 -42.89 -30.91
C ASP E 346 -33.53 -43.51 -32.14
N THR E 347 -34.47 -42.79 -32.75
CA THR E 347 -35.18 -43.34 -33.91
C THR E 347 -34.25 -43.51 -35.11
N MET E 348 -33.41 -42.51 -35.40
CA MET E 348 -32.52 -42.60 -36.54
C MET E 348 -31.59 -43.79 -36.44
N TYR E 349 -31.20 -44.17 -35.23
CA TYR E 349 -30.31 -45.32 -35.05
C TYR E 349 -31.05 -46.64 -35.33
N ASP E 350 -32.28 -46.77 -34.82
CA ASP E 350 -33.05 -47.99 -34.97
C ASP E 350 -33.94 -48.04 -36.20
N LEU E 351 -34.32 -46.89 -36.77
CA LEU E 351 -35.21 -46.91 -37.93
C LEU E 351 -34.68 -47.69 -39.12
N PRO E 352 -33.39 -47.58 -39.51
CA PRO E 352 -32.94 -48.39 -40.66
C PRO E 352 -33.01 -49.89 -40.40
N SER E 353 -32.61 -50.32 -39.21
CA SER E 353 -32.65 -51.75 -38.88
C SER E 353 -34.08 -52.22 -38.69
N MET E 354 -34.97 -51.35 -38.18
CA MET E 354 -36.35 -51.74 -37.95
C MET E 354 -37.10 -51.85 -39.27
N GLU E 355 -38.19 -52.60 -39.24
CA GLU E 355 -39.04 -52.83 -40.39
C GLU E 355 -40.51 -52.61 -40.02
N ASP E 356 -41.34 -52.45 -41.05
CA ASP E 356 -42.78 -52.25 -40.88
C ASP E 356 -43.10 -50.94 -40.18
N VAL E 357 -42.30 -49.91 -40.45
CA VAL E 357 -42.49 -48.57 -39.88
C VAL E 357 -42.92 -47.68 -41.04
N GLU E 358 -44.22 -47.41 -41.15
CA GLU E 358 -44.72 -46.59 -42.25
C GLU E 358 -44.50 -45.10 -42.02
N LYS E 359 -44.69 -44.63 -40.78
CA LYS E 359 -44.53 -43.21 -40.50
C LYS E 359 -44.17 -43.02 -39.02
N VAL E 360 -43.57 -41.87 -38.73
CA VAL E 360 -43.16 -41.49 -37.40
C VAL E 360 -43.82 -40.16 -37.06
N VAL E 361 -44.33 -40.05 -35.82
CA VAL E 361 -44.99 -38.84 -35.34
C VAL E 361 -44.24 -38.35 -34.11
N ILE E 362 -43.92 -37.06 -34.10
CA ILE E 362 -43.22 -36.40 -33.01
C ILE E 362 -44.11 -35.33 -32.41
N ASP E 363 -44.00 -35.15 -31.10
CA ASP E 363 -44.79 -34.17 -30.37
C ASP E 363 -43.93 -33.57 -29.26
N GLU E 364 -44.53 -32.64 -28.51
CA GLU E 364 -43.82 -31.96 -27.43
C GLU E 364 -43.28 -32.94 -26.40
N SER E 365 -43.97 -34.08 -26.19
CA SER E 365 -43.50 -35.08 -25.24
C SER E 365 -42.13 -35.62 -25.61
N VAL E 366 -41.80 -35.63 -26.90
CA VAL E 366 -40.51 -36.13 -27.35
C VAL E 366 -39.38 -35.17 -26.99
N ILE E 367 -39.66 -33.86 -27.05
CA ILE E 367 -38.62 -32.86 -26.81
C ILE E 367 -38.07 -32.95 -25.40
N ASP E 368 -38.96 -33.02 -24.40
CA ASP E 368 -38.47 -33.08 -23.02
C ASP E 368 -37.81 -34.41 -22.70
N GLY E 369 -38.12 -35.47 -23.45
CA GLY E 369 -37.55 -36.77 -23.23
C GLY E 369 -38.41 -37.71 -22.42
N GLN E 370 -39.58 -37.26 -21.95
CA GLN E 370 -40.44 -38.11 -21.13
C GLN E 370 -41.00 -39.28 -21.93
N SER E 371 -41.33 -39.05 -23.21
CA SER E 371 -41.92 -40.09 -24.06
C SER E 371 -41.14 -40.23 -25.36
N GLU E 372 -40.97 -41.48 -25.77
CA GLU E 372 -40.28 -41.79 -27.02
C GLU E 372 -41.16 -41.39 -28.21
N PRO E 373 -40.56 -41.10 -29.37
CA PRO E 373 -41.37 -40.69 -30.53
C PRO E 373 -42.31 -41.80 -30.99
N LEU E 374 -43.56 -41.43 -31.24
CA LEU E 374 -44.56 -42.39 -31.69
C LEU E 374 -44.19 -42.95 -33.05
N LEU E 375 -44.31 -44.27 -33.19
CA LEU E 375 -44.01 -44.97 -34.42
C LEU E 375 -45.27 -45.65 -34.94
N ILE E 376 -45.58 -45.41 -36.22
CA ILE E 376 -46.76 -45.98 -36.87
C ILE E 376 -46.32 -47.21 -37.64
N TYR E 377 -47.11 -48.28 -37.52
CA TYR E 377 -46.84 -49.55 -38.19
C TYR E 377 -47.85 -49.77 -39.30
N GLY E 378 -47.36 -50.28 -40.43
CA GLY E 378 -48.20 -50.54 -41.60
C GLY E 378 -48.55 -52.02 -41.72
N LEU F 28 -23.41 -48.91 -47.71
CA LEU F 28 -24.15 -48.07 -46.77
C LEU F 28 -24.79 -48.94 -45.69
N PRO F 29 -23.99 -49.51 -44.79
CA PRO F 29 -24.55 -50.34 -43.74
C PRO F 29 -25.35 -49.54 -42.73
N THR F 30 -26.30 -50.21 -42.09
CA THR F 30 -27.13 -49.56 -41.10
C THR F 30 -26.30 -49.14 -39.89
N PRO F 31 -26.79 -48.19 -39.08
CA PRO F 31 -26.03 -47.78 -37.89
C PRO F 31 -25.74 -48.93 -36.95
N HIS F 32 -26.70 -49.84 -36.77
CA HIS F 32 -26.49 -50.99 -35.89
C HIS F 32 -25.33 -51.84 -36.38
N GLU F 33 -25.25 -52.06 -37.69
CA GLU F 33 -24.15 -52.85 -38.24
C GLU F 33 -22.82 -52.13 -38.03
N ILE F 34 -22.81 -50.81 -38.20
CA ILE F 34 -21.60 -50.04 -37.99
C ILE F 34 -21.13 -50.16 -36.54
N ARG F 35 -22.09 -50.12 -35.61
CA ARG F 35 -21.75 -50.25 -34.19
C ARG F 35 -21.09 -51.60 -33.91
N ASN F 36 -21.55 -52.66 -34.58
CA ASN F 36 -20.98 -53.97 -34.36
C ASN F 36 -19.51 -54.01 -34.76
N HIS F 37 -19.17 -53.36 -35.88
CA HIS F 37 -17.78 -53.32 -36.32
C HIS F 37 -16.92 -52.56 -35.32
N LEU F 38 -17.44 -51.44 -34.80
CA LEU F 38 -16.71 -50.67 -33.81
C LEU F 38 -16.53 -51.45 -32.52
N ASP F 39 -17.54 -52.25 -32.15
CA ASP F 39 -17.44 -53.04 -30.93
C ASP F 39 -16.30 -54.05 -31.00
N ASP F 40 -15.96 -54.51 -32.19
CA ASP F 40 -14.87 -55.47 -32.34
C ASP F 40 -13.53 -54.88 -31.90
N TYR F 41 -13.25 -53.63 -32.28
CA TYR F 41 -11.99 -52.99 -31.96
C TYR F 41 -12.06 -52.04 -30.78
N VAL F 42 -13.23 -51.47 -30.48
CA VAL F 42 -13.39 -50.53 -29.37
C VAL F 42 -14.42 -51.11 -28.41
N ILE F 43 -14.09 -51.08 -27.11
CA ILE F 43 -14.97 -51.61 -26.07
C ILE F 43 -15.08 -50.58 -24.94
N GLY F 44 -16.25 -50.57 -24.30
CA GLY F 44 -16.52 -49.67 -23.20
C GLY F 44 -17.05 -48.30 -23.57
N GLN F 45 -17.24 -48.02 -24.85
CA GLN F 45 -17.74 -46.74 -25.34
C GLN F 45 -18.95 -46.97 -26.24
N GLU F 46 -19.82 -47.89 -25.84
CA GLU F 46 -21.00 -48.22 -26.65
C GLU F 46 -21.88 -47.01 -26.92
N GLN F 47 -22.04 -46.14 -25.91
CA GLN F 47 -22.87 -44.95 -26.10
C GLN F 47 -22.31 -44.04 -27.19
N ALA F 48 -20.99 -43.82 -27.18
CA ALA F 48 -20.39 -42.96 -28.19
C ALA F 48 -20.52 -43.57 -29.58
N LYS F 49 -20.40 -44.90 -29.69
CA LYS F 49 -20.54 -45.57 -30.97
C LYS F 49 -21.91 -45.30 -31.58
N LYS F 50 -22.95 -45.28 -30.75
CA LYS F 50 -24.30 -45.02 -31.23
C LYS F 50 -24.40 -43.64 -31.88
N VAL F 51 -23.79 -42.63 -31.26
CA VAL F 51 -23.84 -41.27 -31.81
C VAL F 51 -23.09 -41.21 -33.13
N LEU F 52 -21.89 -41.80 -33.18
CA LEU F 52 -21.11 -41.76 -34.40
C LEU F 52 -21.74 -42.61 -35.51
N ALA F 53 -22.32 -43.75 -35.14
CA ALA F 53 -22.92 -44.63 -36.14
C ALA F 53 -24.08 -43.94 -36.85
N VAL F 54 -24.95 -43.27 -36.10
CA VAL F 54 -26.08 -42.58 -36.71
C VAL F 54 -25.60 -41.35 -37.47
N ALA F 55 -24.65 -40.61 -36.90
CA ALA F 55 -24.16 -39.40 -37.56
C ALA F 55 -23.44 -39.73 -38.86
N VAL F 56 -22.53 -40.72 -38.84
CA VAL F 56 -21.82 -41.08 -40.05
C VAL F 56 -22.77 -41.68 -41.07
N TYR F 57 -23.78 -42.41 -40.62
CA TYR F 57 -24.76 -43.00 -41.53
C TYR F 57 -25.49 -41.91 -42.31
N ASN F 58 -25.84 -40.82 -41.63
CA ASN F 58 -26.53 -39.72 -42.30
C ASN F 58 -25.62 -39.04 -43.31
N HIS F 59 -24.35 -38.84 -42.96
CA HIS F 59 -23.41 -38.18 -43.88
C HIS F 59 -23.23 -39.01 -45.13
N TYR F 60 -23.05 -40.32 -44.98
CA TYR F 60 -22.92 -41.18 -46.15
C TYR F 60 -24.22 -41.28 -46.91
N LYS F 61 -25.35 -41.26 -46.18
CA LYS F 61 -26.65 -41.31 -46.84
C LYS F 61 -26.85 -40.10 -47.73
N ARG F 62 -26.40 -38.93 -47.28
CA ARG F 62 -26.51 -37.73 -48.11
C ARG F 62 -25.63 -37.86 -49.35
N LEU F 63 -24.40 -38.36 -49.17
CA LEU F 63 -23.52 -38.56 -50.31
C LEU F 63 -24.07 -39.65 -51.21
N ARG F 64 -24.59 -40.73 -50.62
CA ARG F 64 -25.18 -41.81 -51.41
C ARG F 64 -26.38 -41.29 -52.19
N ASN F 65 -27.16 -40.40 -51.58
CA ASN F 65 -28.33 -39.81 -52.23
C ASN F 65 -27.93 -38.54 -52.98
N GLY F 66 -26.93 -38.69 -53.86
CA GLY F 66 -26.41 -37.59 -54.65
C GLY F 66 -27.38 -37.04 -55.68
N ASP F 67 -28.44 -37.78 -56.01
CA ASP F 67 -29.39 -37.31 -57.01
C ASP F 67 -30.02 -35.98 -56.62
N THR F 68 -30.41 -35.83 -55.35
CA THR F 68 -31.03 -34.60 -54.85
C THR F 68 -32.19 -34.15 -55.75
N SER F 69 -33.12 -35.07 -55.99
CA SER F 69 -34.24 -34.77 -56.88
C SER F 69 -35.11 -33.65 -56.32
N ASN F 70 -35.50 -33.75 -55.06
CA ASN F 70 -36.31 -32.70 -54.45
C ASN F 70 -35.48 -31.45 -54.25
N GLY F 71 -36.15 -30.30 -54.35
CA GLY F 71 -35.47 -29.02 -54.21
C GLY F 71 -34.76 -28.83 -52.89
N VAL F 72 -35.20 -29.52 -51.84
CA VAL F 72 -34.59 -29.36 -50.53
C VAL F 72 -33.12 -29.78 -50.55
N GLU F 73 -32.30 -29.01 -49.85
CA GLU F 73 -30.86 -29.24 -49.77
C GLU F 73 -30.50 -29.80 -48.39
N LEU F 74 -29.85 -30.96 -48.39
CA LEU F 74 -29.44 -31.58 -47.14
C LEU F 74 -28.24 -30.84 -46.56
N GLY F 75 -28.17 -30.77 -45.24
CA GLY F 75 -27.11 -30.07 -44.53
C GLY F 75 -26.19 -31.01 -43.79
N LYS F 76 -24.90 -30.68 -43.82
CA LYS F 76 -23.88 -31.49 -43.15
C LYS F 76 -24.00 -31.38 -41.64
N SER F 77 -23.72 -32.49 -40.95
CA SER F 77 -23.73 -32.56 -39.49
C SER F 77 -22.34 -32.95 -39.03
N ASN F 78 -21.73 -32.11 -38.21
CA ASN F 78 -20.38 -32.33 -37.69
C ASN F 78 -20.43 -32.77 -36.23
N ILE F 79 -19.65 -33.78 -35.91
CA ILE F 79 -19.59 -34.35 -34.56
C ILE F 79 -18.50 -33.65 -33.76
N LEU F 80 -18.70 -33.64 -32.43
CA LEU F 80 -17.77 -33.05 -31.49
C LEU F 80 -17.53 -34.10 -30.40
N LEU F 81 -16.33 -34.65 -30.36
CA LEU F 81 -15.96 -35.69 -29.40
C LEU F 81 -15.28 -35.05 -28.20
N ILE F 82 -15.83 -35.32 -27.01
CA ILE F 82 -15.28 -34.83 -25.75
C ILE F 82 -14.99 -36.05 -24.89
N GLY F 83 -13.70 -36.31 -24.67
CA GLY F 83 -13.30 -37.44 -23.86
C GLY F 83 -11.89 -37.27 -23.32
N PRO F 84 -11.50 -38.11 -22.36
CA PRO F 84 -10.14 -37.99 -21.80
C PRO F 84 -9.10 -38.54 -22.75
N THR F 85 -7.84 -38.29 -22.40
CA THR F 85 -6.73 -38.75 -23.21
C THR F 85 -6.70 -40.27 -23.27
N GLY F 86 -6.29 -40.79 -24.43
CA GLY F 86 -6.20 -42.23 -24.62
C GLY F 86 -7.49 -42.98 -24.40
N SER F 87 -8.64 -42.34 -24.67
CA SER F 87 -9.94 -42.95 -24.48
C SER F 87 -10.47 -43.63 -25.73
N GLY F 88 -9.84 -43.46 -26.89
CA GLY F 88 -10.26 -44.07 -28.13
C GLY F 88 -10.84 -43.11 -29.15
N LYS F 89 -10.67 -41.80 -28.97
CA LYS F 89 -11.20 -40.83 -29.93
C LYS F 89 -10.59 -41.04 -31.31
N THR F 90 -9.26 -41.09 -31.38
CA THR F 90 -8.59 -41.28 -32.66
C THR F 90 -8.92 -42.62 -33.28
N LEU F 91 -8.93 -43.68 -32.47
CA LEU F 91 -9.21 -45.02 -32.99
C LEU F 91 -10.59 -45.10 -33.63
N LEU F 92 -11.56 -44.37 -33.09
CA LEU F 92 -12.90 -44.41 -33.66
C LEU F 92 -12.92 -43.82 -35.07
N ALA F 93 -12.04 -42.85 -35.35
CA ALA F 93 -12.00 -42.22 -36.66
C ALA F 93 -11.57 -43.19 -37.75
N GLU F 94 -10.37 -43.78 -37.61
CA GLU F 94 -9.87 -44.66 -38.65
C GLU F 94 -10.66 -45.96 -38.74
N THR F 95 -11.23 -46.43 -37.62
CA THR F 95 -12.01 -47.67 -37.67
C THR F 95 -13.19 -47.53 -38.63
N LEU F 96 -13.86 -46.38 -38.62
CA LEU F 96 -14.97 -46.16 -39.53
C LEU F 96 -14.48 -46.17 -40.97
N ALA F 97 -13.35 -45.52 -41.24
CA ALA F 97 -12.80 -45.50 -42.59
C ALA F 97 -12.43 -46.89 -43.06
N ARG F 98 -11.94 -47.74 -42.14
CA ARG F 98 -11.60 -49.10 -42.51
C ARG F 98 -12.83 -49.87 -42.97
N LEU F 99 -13.96 -49.66 -42.30
CA LEU F 99 -15.19 -50.33 -42.67
C LEU F 99 -15.66 -49.86 -44.05
N LEU F 100 -15.83 -48.56 -44.21
CA LEU F 100 -16.23 -47.93 -45.46
C LEU F 100 -14.98 -47.25 -45.99
N ASP F 101 -14.33 -47.89 -46.97
CA ASP F 101 -13.08 -47.39 -47.53
C ASP F 101 -13.22 -45.96 -48.01
N VAL F 102 -12.48 -45.07 -47.36
CA VAL F 102 -12.46 -43.63 -47.66
C VAL F 102 -11.14 -43.10 -47.14
N PRO F 103 -10.59 -42.01 -47.69
CA PRO F 103 -9.34 -41.48 -47.15
C PRO F 103 -9.58 -40.88 -45.78
N PHE F 104 -8.59 -41.07 -44.89
CA PHE F 104 -8.66 -40.55 -43.53
C PHE F 104 -7.37 -39.80 -43.22
N THR F 105 -7.54 -38.61 -42.64
CA THR F 105 -6.42 -37.76 -42.25
C THR F 105 -6.68 -37.25 -40.84
N MET F 106 -5.58 -36.90 -40.15
CA MET F 106 -5.63 -36.40 -38.79
C MET F 106 -4.85 -35.10 -38.71
N ALA F 107 -5.34 -34.18 -37.89
CA ALA F 107 -4.71 -32.88 -37.68
C ALA F 107 -4.79 -32.54 -36.20
N ASP F 108 -4.01 -31.54 -35.81
CA ASP F 108 -3.95 -31.07 -34.44
C ASP F 108 -4.14 -29.56 -34.41
N ALA F 109 -4.96 -29.09 -33.47
CA ALA F 109 -5.21 -27.67 -33.34
C ALA F 109 -3.95 -26.91 -32.97
N THR F 110 -3.06 -27.53 -32.20
CA THR F 110 -1.82 -26.88 -31.81
C THR F 110 -0.95 -26.57 -33.03
N THR F 111 -1.02 -27.42 -34.05
CA THR F 111 -0.23 -27.22 -35.26
C THR F 111 -0.66 -25.95 -36.00
N LEU F 112 -1.97 -25.67 -36.01
CA LEU F 112 -2.51 -24.52 -36.73
C LEU F 112 -2.75 -23.30 -35.87
N THR F 113 -2.23 -23.26 -34.64
CA THR F 113 -2.44 -22.10 -33.79
C THR F 113 -1.46 -20.97 -34.08
N GLU F 114 -0.59 -21.13 -35.09
CA GLU F 114 0.37 -20.08 -35.44
C GLU F 114 -0.31 -18.76 -35.78
N ALA F 115 -1.49 -18.83 -36.40
CA ALA F 115 -2.29 -17.66 -36.78
C ALA F 115 -1.64 -16.85 -37.91
N GLY F 116 -0.68 -17.42 -38.62
CA GLY F 116 -0.02 -16.77 -39.73
C GLY F 116 -0.28 -17.53 -41.01
N TYR F 117 -0.96 -16.89 -41.97
CA TYR F 117 -1.32 -17.51 -43.24
C TYR F 117 -2.03 -18.85 -42.99
N VAL F 118 -3.09 -18.79 -42.19
CA VAL F 118 -3.84 -19.98 -41.83
C VAL F 118 -4.44 -20.65 -43.07
N GLY F 119 -4.74 -19.88 -44.11
CA GLY F 119 -5.31 -20.44 -45.32
C GLY F 119 -4.45 -21.53 -45.94
N GLU F 120 -3.13 -21.39 -45.84
CA GLU F 120 -2.22 -22.37 -46.42
C GLU F 120 -2.26 -23.71 -45.67
N ASP F 121 -2.32 -23.67 -44.34
CA ASP F 121 -2.32 -24.92 -43.58
C ASP F 121 -3.67 -25.64 -43.64
N VAL F 122 -4.78 -24.90 -43.63
CA VAL F 122 -6.09 -25.55 -43.68
C VAL F 122 -6.27 -26.29 -45.00
N GLU F 123 -5.84 -25.69 -46.10
CA GLU F 123 -5.94 -26.39 -47.38
C GLU F 123 -4.94 -27.52 -47.44
N ASN F 124 -3.80 -27.39 -46.74
CA ASN F 124 -2.80 -28.45 -46.70
C ASN F 124 -3.39 -29.73 -46.10
N ILE F 125 -4.36 -29.59 -45.19
CA ILE F 125 -5.00 -30.76 -44.62
C ILE F 125 -5.69 -31.55 -45.72
N ILE F 126 -6.29 -30.85 -46.69
CA ILE F 126 -6.95 -31.52 -47.81
C ILE F 126 -5.90 -32.13 -48.72
N GLN F 127 -4.73 -31.50 -48.83
CA GLN F 127 -3.66 -32.05 -49.65
C GLN F 127 -3.22 -33.39 -49.07
N LYS F 128 -3.13 -33.48 -47.74
CA LYS F 128 -2.75 -34.73 -47.11
C LYS F 128 -3.81 -35.80 -47.37
N LEU F 129 -5.08 -35.40 -47.32
CA LEU F 129 -6.17 -36.34 -47.60
C LEU F 129 -6.12 -36.81 -49.05
N LEU F 130 -5.81 -35.90 -49.96
CA LEU F 130 -5.74 -36.26 -51.37
C LEU F 130 -4.64 -37.26 -51.66
N GLN F 131 -3.58 -37.27 -50.85
CA GLN F 131 -2.50 -38.23 -51.05
C GLN F 131 -3.01 -39.66 -50.95
N LYS F 132 -3.92 -39.90 -50.00
CA LYS F 132 -4.50 -41.22 -49.81
C LYS F 132 -5.70 -41.46 -50.73
N SER F 133 -6.25 -40.41 -51.35
CA SER F 133 -7.39 -40.52 -52.23
C SER F 133 -6.99 -40.52 -53.71
N ASP F 134 -5.72 -40.81 -54.01
CA ASP F 134 -5.22 -40.81 -55.39
C ASP F 134 -5.48 -39.48 -56.10
N TYR F 135 -5.52 -38.40 -55.32
CA TYR F 135 -5.77 -37.06 -55.84
C TYR F 135 -7.05 -37.01 -56.67
N ASP F 136 -8.12 -37.60 -56.12
CA ASP F 136 -9.44 -37.65 -56.73
C ASP F 136 -10.37 -36.80 -55.87
N VAL F 137 -10.94 -35.77 -56.48
CA VAL F 137 -11.83 -34.86 -55.74
C VAL F 137 -13.06 -35.58 -55.23
N GLN F 138 -13.68 -36.41 -56.09
CA GLN F 138 -14.88 -37.13 -55.68
C GLN F 138 -14.60 -38.06 -54.51
N LYS F 139 -13.57 -38.90 -54.64
CA LYS F 139 -13.22 -39.82 -53.56
C LYS F 139 -12.74 -39.06 -52.32
N ALA F 140 -11.99 -37.98 -52.52
CA ALA F 140 -11.48 -37.21 -51.39
C ALA F 140 -12.60 -36.52 -50.62
N GLN F 141 -13.66 -36.10 -51.31
CA GLN F 141 -14.76 -35.42 -50.63
C GLN F 141 -15.43 -36.33 -49.60
N ARG F 142 -15.44 -37.64 -49.84
CA ARG F 142 -16.04 -38.60 -48.92
C ARG F 142 -15.15 -38.91 -47.73
N GLY F 143 -13.94 -38.36 -47.67
CA GLY F 143 -13.05 -38.65 -46.56
C GLY F 143 -13.58 -38.14 -45.24
N ILE F 144 -13.04 -38.71 -44.17
CA ILE F 144 -13.40 -38.38 -42.79
C ILE F 144 -12.20 -37.70 -42.15
N VAL F 145 -12.33 -36.42 -41.83
CA VAL F 145 -11.26 -35.65 -41.21
C VAL F 145 -11.45 -35.70 -39.69
N TYR F 146 -10.32 -35.73 -38.97
CA TYR F 146 -10.33 -35.77 -37.51
C TYR F 146 -9.35 -34.74 -36.97
N ILE F 147 -9.75 -34.07 -35.89
CA ILE F 147 -8.94 -33.07 -35.22
C ILE F 147 -9.00 -33.35 -33.74
N ASP F 148 -7.91 -33.01 -33.02
CA ASP F 148 -7.82 -33.25 -31.60
C ASP F 148 -7.19 -32.05 -30.91
N GLU F 149 -7.38 -31.99 -29.59
CA GLU F 149 -6.84 -30.93 -28.73
C GLU F 149 -7.45 -29.57 -29.08
N ILE F 150 -8.77 -29.57 -29.26
CA ILE F 150 -9.48 -28.34 -29.59
C ILE F 150 -9.57 -27.40 -28.39
N ASP F 151 -9.48 -27.94 -27.18
CA ASP F 151 -9.57 -27.12 -25.98
C ASP F 151 -8.41 -26.12 -25.87
N LYS F 152 -7.24 -26.48 -26.40
CA LYS F 152 -6.08 -25.60 -26.28
C LYS F 152 -6.29 -24.25 -26.95
N ILE F 153 -6.87 -24.25 -28.16
CA ILE F 153 -7.07 -22.97 -28.84
C ILE F 153 -8.14 -22.14 -28.13
N SER F 154 -9.11 -22.81 -27.51
CA SER F 154 -10.16 -22.09 -26.79
C SER F 154 -9.57 -21.31 -25.61
N ARG F 155 -10.09 -20.11 -25.39
CA ARG F 155 -9.63 -19.27 -24.28
C ARG F 155 -10.72 -18.31 -23.84
N GLY F 168 -6.47 -19.48 -28.84
CA GLY F 168 -6.56 -18.28 -29.65
C GLY F 168 -7.94 -18.09 -30.27
N GLU F 169 -8.53 -16.91 -30.04
CA GLU F 169 -9.84 -16.62 -30.60
C GLU F 169 -9.78 -16.49 -32.12
N GLY F 170 -8.71 -15.87 -32.63
CA GLY F 170 -8.59 -15.66 -34.06
C GLY F 170 -8.52 -16.94 -34.87
N VAL F 171 -7.84 -17.96 -34.35
CA VAL F 171 -7.74 -19.21 -35.10
C VAL F 171 -9.10 -19.87 -35.26
N GLN F 172 -9.99 -19.71 -34.27
CA GLN F 172 -11.31 -20.29 -34.38
C GLN F 172 -12.10 -19.65 -35.52
N GLN F 173 -11.83 -18.37 -35.80
CA GLN F 173 -12.52 -17.69 -36.89
C GLN F 173 -12.24 -18.37 -38.22
N ALA F 174 -10.99 -18.83 -38.41
CA ALA F 174 -10.63 -19.53 -39.64
C ALA F 174 -11.13 -20.97 -39.64
N LEU F 175 -11.16 -21.61 -38.47
CA LEU F 175 -11.58 -23.00 -38.39
C LEU F 175 -13.05 -23.18 -38.72
N LEU F 176 -13.91 -22.27 -38.28
CA LEU F 176 -15.34 -22.42 -38.53
C LEU F 176 -15.66 -22.40 -40.01
N LYS F 177 -14.91 -21.62 -40.80
CA LYS F 177 -15.14 -21.58 -42.23
C LYS F 177 -14.90 -22.94 -42.87
N LEU F 178 -13.88 -23.65 -42.39
CA LEU F 178 -13.57 -24.97 -42.93
C LEU F 178 -14.69 -25.98 -42.64
N ILE F 179 -15.30 -25.88 -41.46
CA ILE F 179 -16.36 -26.81 -41.09
C ILE F 179 -17.66 -26.48 -41.82
N GLU F 180 -18.00 -25.19 -41.91
CA GLU F 180 -19.23 -24.79 -42.57
C GLU F 180 -19.23 -25.16 -44.05
N GLY F 181 -18.05 -25.14 -44.68
CA GLY F 181 -17.90 -25.48 -46.09
C GLY F 181 -17.18 -24.39 -46.84
N THR F 182 -16.09 -24.75 -47.51
CA THR F 182 -15.28 -23.81 -48.28
C THR F 182 -14.53 -24.57 -49.34
N VAL F 183 -14.32 -23.91 -50.48
CA VAL F 183 -13.60 -24.51 -51.61
C VAL F 183 -12.12 -24.10 -51.47
N ALA F 184 -11.25 -25.10 -51.42
CA ALA F 184 -9.82 -24.90 -51.27
C ALA F 184 -9.06 -25.47 -52.48
N ALA F 185 -8.25 -24.63 -53.10
CA ALA F 185 -7.47 -25.05 -54.26
C ALA F 185 -6.20 -25.75 -53.79
N VAL F 186 -5.85 -26.83 -54.49
CA VAL F 186 -4.65 -27.63 -54.17
C VAL F 186 -3.91 -27.94 -55.45
N PRO F 187 -2.57 -28.07 -55.39
CA PRO F 187 -1.83 -28.39 -56.61
C PRO F 187 -2.16 -29.79 -57.08
N PRO F 188 -2.10 -30.05 -58.40
CA PRO F 188 -2.42 -31.39 -58.92
C PRO F 188 -1.26 -32.36 -58.76
N GLN F 189 -1.45 -33.35 -57.87
CA GLN F 189 -0.48 -34.42 -57.57
C GLN F 189 0.96 -33.92 -57.52
N GLY F 190 1.17 -32.85 -56.76
CA GLY F 190 2.48 -32.27 -56.62
C GLY F 190 2.98 -31.63 -57.89
N GLY F 191 4.14 -32.07 -58.37
CA GLY F 191 4.73 -31.54 -59.57
C GLY F 191 5.70 -30.41 -59.27
N ARG F 192 6.59 -30.16 -60.23
CA ARG F 192 7.57 -29.08 -60.07
C ARG F 192 6.87 -27.72 -59.95
N LYS F 193 5.83 -27.50 -60.74
CA LYS F 193 5.05 -26.27 -60.74
C LYS F 193 3.85 -26.49 -61.66
N HIS F 194 2.77 -25.75 -61.42
CA HIS F 194 1.57 -25.87 -62.24
C HIS F 194 0.85 -24.53 -62.25
N PRO F 195 0.09 -24.23 -63.29
CA PRO F 195 -0.63 -22.94 -63.34
C PRO F 195 -1.90 -22.99 -62.50
N GLN F 196 -2.43 -21.79 -62.24
CA GLN F 196 -3.65 -21.65 -61.45
C GLN F 196 -4.82 -22.42 -62.06
N GLN F 197 -4.84 -22.60 -63.38
CA GLN F 197 -5.93 -23.32 -64.02
C GLN F 197 -5.92 -24.80 -63.62
N GLU F 198 -4.74 -25.43 -63.60
CA GLU F 198 -4.64 -26.85 -63.27
C GLU F 198 -4.90 -27.13 -61.80
N PHE F 199 -4.82 -26.13 -60.92
CA PHE F 199 -5.04 -26.33 -59.49
C PHE F 199 -6.38 -27.00 -59.23
N LEU F 200 -6.36 -28.07 -58.44
CA LEU F 200 -7.57 -28.80 -58.11
C LEU F 200 -8.29 -28.15 -56.94
N GLN F 201 -9.58 -27.90 -57.12
CA GLN F 201 -10.42 -27.27 -56.11
C GLN F 201 -11.37 -28.33 -55.55
N VAL F 202 -11.31 -28.54 -54.23
CA VAL F 202 -12.12 -29.52 -53.54
C VAL F 202 -13.04 -28.81 -52.54
N ASP F 203 -14.32 -29.08 -52.64
CA ASP F 203 -15.31 -28.49 -51.74
C ASP F 203 -15.31 -29.23 -50.42
N THR F 204 -15.16 -28.50 -49.32
CA THR F 204 -15.14 -29.09 -47.99
C THR F 204 -16.53 -29.26 -47.39
N SER F 205 -17.59 -28.82 -48.09
CA SER F 205 -18.93 -28.96 -47.55
C SER F 205 -19.36 -30.42 -47.46
N LYS F 206 -18.85 -31.26 -48.37
CA LYS F 206 -19.19 -32.68 -48.40
C LYS F 206 -18.28 -33.54 -47.55
N ILE F 207 -17.29 -32.96 -46.87
CA ILE F 207 -16.35 -33.71 -46.04
C ILE F 207 -16.83 -33.67 -44.60
N LEU F 208 -16.76 -34.81 -43.91
CA LEU F 208 -17.17 -34.92 -42.53
C LEU F 208 -15.99 -34.56 -41.63
N PHE F 209 -16.20 -33.60 -40.74
CA PHE F 209 -15.18 -33.13 -39.81
C PHE F 209 -15.54 -33.54 -38.39
N ILE F 210 -14.56 -34.12 -37.69
CA ILE F 210 -14.72 -34.56 -36.30
C ILE F 210 -13.68 -33.82 -35.49
N CYS F 211 -14.13 -32.85 -34.69
CA CYS F 211 -13.23 -32.04 -33.86
C CYS F 211 -13.18 -32.62 -32.45
N GLY F 212 -12.31 -33.61 -32.27
CA GLY F 212 -12.15 -34.22 -30.97
C GLY F 212 -11.45 -33.30 -29.99
N GLY F 213 -11.61 -33.60 -28.70
CA GLY F 213 -11.00 -32.79 -27.68
C GLY F 213 -11.13 -33.44 -26.31
N ALA F 214 -10.40 -32.86 -25.36
CA ALA F 214 -10.41 -33.33 -23.97
C ALA F 214 -10.51 -32.09 -23.09
N PHE F 215 -11.71 -31.84 -22.57
CA PHE F 215 -12.00 -30.68 -21.74
C PHE F 215 -11.96 -31.12 -20.28
N ALA F 216 -10.78 -31.04 -19.68
CA ALA F 216 -10.61 -31.46 -18.29
C ALA F 216 -11.36 -30.55 -17.33
N GLY F 217 -11.28 -29.23 -17.51
CA GLY F 217 -11.93 -28.30 -16.61
C GLY F 217 -13.42 -28.10 -16.83
N LEU F 218 -13.99 -28.67 -17.89
CA LEU F 218 -15.42 -28.49 -18.17
C LEU F 218 -16.29 -29.19 -17.14
N ASP F 219 -15.81 -30.28 -16.52
CA ASP F 219 -16.60 -31.01 -15.55
C ASP F 219 -17.01 -30.11 -14.37
N LYS F 220 -16.08 -29.26 -13.92
CA LYS F 220 -16.41 -28.35 -12.83
C LYS F 220 -17.51 -27.39 -13.21
N VAL F 221 -17.48 -26.91 -14.46
CA VAL F 221 -18.51 -25.96 -14.92
C VAL F 221 -19.88 -26.61 -14.94
N ILE F 222 -19.96 -27.88 -15.33
CA ILE F 222 -21.25 -28.55 -15.41
C ILE F 222 -21.79 -28.81 -14.02
N SER F 223 -20.92 -29.21 -13.09
CA SER F 223 -21.36 -29.45 -11.71
C SER F 223 -21.91 -28.17 -11.09
N HIS F 224 -21.28 -27.03 -11.38
CA HIS F 224 -21.74 -25.76 -10.85
C HIS F 224 -23.14 -25.43 -11.36
N ARG F 225 -23.37 -25.63 -12.66
CA ARG F 225 -24.67 -25.33 -13.24
C ARG F 225 -25.73 -26.33 -12.84
N VAL F 226 -25.39 -27.61 -12.80
CA VAL F 226 -26.37 -28.66 -12.50
C VAL F 226 -26.42 -28.99 -11.02
N GLU F 227 -25.29 -29.22 -10.38
CA GLU F 227 -25.25 -29.58 -8.96
C GLU F 227 -25.13 -28.32 -8.12
N THR F 228 -24.96 -28.51 -6.81
CA THR F 228 -24.82 -27.38 -5.89
C THR F 228 -23.59 -26.56 -6.23
N GLY F 229 -23.73 -25.24 -6.10
CA GLY F 229 -22.63 -24.33 -6.39
C GLY F 229 -21.74 -24.07 -5.19
N SER F 230 -21.38 -25.14 -4.48
CA SER F 230 -20.52 -25.07 -3.30
C SER F 230 -19.40 -26.08 -3.47
N GLY F 231 -18.16 -25.60 -3.41
CA GLY F 231 -16.99 -26.44 -3.57
C GLY F 231 -15.95 -26.30 -2.47
N ILE F 232 -16.11 -25.30 -1.60
CA ILE F 232 -15.17 -25.02 -0.54
C ILE F 232 -15.76 -25.27 0.85
N GLY F 233 -17.03 -24.93 1.05
CA GLY F 233 -17.63 -25.06 2.36
C GLY F 233 -17.75 -26.46 2.93
N PHE F 234 -18.31 -26.54 4.15
CA PHE F 234 -18.49 -27.82 4.83
C PHE F 234 -19.44 -28.73 4.08
N GLY F 235 -20.53 -28.18 3.56
CA GLY F 235 -21.51 -28.96 2.84
C GLY F 235 -21.18 -29.24 1.39
N ALA F 236 -20.05 -28.73 0.90
CA ALA F 236 -19.64 -28.96 -0.47
C ALA F 236 -19.14 -30.38 -0.65
N THR F 237 -19.04 -30.79 -1.91
CA THR F 237 -18.57 -32.11 -2.30
C THR F 237 -17.15 -31.97 -2.82
N VAL F 238 -16.18 -32.42 -2.02
CA VAL F 238 -14.77 -32.35 -2.36
C VAL F 238 -14.17 -33.75 -2.43
N LYS F 239 -14.98 -34.73 -2.80
CA LYS F 239 -14.53 -36.12 -2.91
C LYS F 239 -13.71 -36.28 -4.20
N ALA F 240 -12.52 -35.69 -4.18
CA ALA F 240 -11.60 -35.71 -5.32
C ALA F 240 -10.72 -36.95 -5.32
N LYS F 241 -11.36 -38.12 -5.27
CA LYS F 241 -10.68 -39.42 -5.25
C LYS F 241 -10.06 -39.80 -6.60
N SER F 242 -10.32 -39.05 -7.66
CA SER F 242 -9.84 -39.25 -9.03
C SER F 242 -10.60 -40.37 -9.74
N ASP F 243 -11.61 -40.97 -9.11
CA ASP F 243 -12.38 -42.02 -9.78
C ASP F 243 -13.09 -41.48 -11.01
N LYS F 244 -13.67 -40.27 -10.90
CA LYS F 244 -14.37 -39.59 -11.98
C LYS F 244 -15.53 -40.42 -12.56
N ALA F 245 -16.13 -41.29 -11.74
CA ALA F 245 -17.29 -42.04 -12.24
C ALA F 245 -18.42 -41.08 -12.56
N SER F 246 -18.57 -40.02 -11.75
CA SER F 246 -19.59 -39.02 -12.02
C SER F 246 -19.31 -38.27 -13.31
N GLU F 247 -18.02 -38.11 -13.67
CA GLU F 247 -17.64 -37.41 -14.88
C GLU F 247 -18.29 -38.00 -16.12
N GLY F 248 -18.52 -39.31 -16.13
CA GLY F 248 -19.15 -39.95 -17.27
C GLY F 248 -20.56 -39.42 -17.48
N GLU F 249 -21.40 -39.49 -16.45
CA GLU F 249 -22.76 -38.96 -16.59
C GLU F 249 -22.81 -37.45 -16.50
N LEU F 250 -21.83 -36.83 -15.84
CA LEU F 250 -21.82 -35.37 -15.75
C LEU F 250 -21.50 -34.75 -17.09
N LEU F 251 -20.50 -35.27 -17.80
CA LEU F 251 -20.17 -34.73 -19.11
C LEU F 251 -21.26 -35.05 -20.12
N ALA F 252 -22.07 -36.08 -19.89
CA ALA F 252 -23.16 -36.39 -20.81
C ALA F 252 -24.20 -35.28 -20.84
N GLN F 253 -24.26 -34.44 -19.81
CA GLN F 253 -25.18 -33.32 -19.74
C GLN F 253 -24.61 -32.06 -20.37
N VAL F 254 -23.55 -32.20 -21.18
CA VAL F 254 -22.93 -31.05 -21.84
C VAL F 254 -23.96 -30.30 -22.67
N GLU F 255 -23.96 -28.98 -22.52
CA GLU F 255 -24.84 -28.08 -23.25
C GLU F 255 -23.99 -26.93 -23.77
N PRO F 256 -24.53 -26.11 -24.68
CA PRO F 256 -23.73 -24.98 -25.19
C PRO F 256 -23.33 -23.99 -24.11
N GLU F 257 -24.07 -23.90 -23.00
CA GLU F 257 -23.74 -22.96 -21.94
C GLU F 257 -22.36 -23.25 -21.35
N ASP F 258 -22.08 -24.52 -21.06
CA ASP F 258 -20.78 -24.86 -20.48
C ASP F 258 -19.64 -24.62 -21.46
N LEU F 259 -19.89 -24.78 -22.77
CA LEU F 259 -18.83 -24.59 -23.75
C LEU F 259 -18.42 -23.12 -23.86
N ILE F 260 -19.39 -22.20 -23.84
CA ILE F 260 -19.05 -20.79 -23.94
C ILE F 260 -18.25 -20.34 -22.72
N LYS F 261 -18.55 -20.90 -21.55
CA LYS F 261 -17.78 -20.56 -20.36
C LYS F 261 -16.34 -21.00 -20.53
N PHE F 262 -16.13 -22.14 -21.18
CA PHE F 262 -14.78 -22.65 -21.45
C PHE F 262 -13.99 -21.73 -22.38
N GLY F 263 -14.67 -20.86 -23.13
CA GLY F 263 -14.03 -19.94 -24.05
C GLY F 263 -14.42 -20.14 -25.51
N LEU F 264 -15.16 -21.19 -25.83
CA LEU F 264 -15.56 -21.43 -27.21
C LEU F 264 -16.59 -20.39 -27.66
N ILE F 265 -16.42 -19.90 -28.88
CA ILE F 265 -17.33 -18.90 -29.43
C ILE F 265 -18.64 -19.59 -29.80
N PRO F 266 -19.78 -18.89 -29.74
CA PRO F 266 -21.06 -19.55 -30.08
C PRO F 266 -21.14 -20.00 -31.53
N GLU F 267 -20.55 -19.25 -32.45
CA GLU F 267 -20.62 -19.61 -33.86
C GLU F 267 -19.99 -20.98 -34.11
N PHE F 268 -18.83 -21.24 -33.50
CA PHE F 268 -18.16 -22.52 -33.69
C PHE F 268 -18.99 -23.67 -33.12
N ILE F 269 -19.63 -23.44 -31.97
CA ILE F 269 -20.44 -24.48 -31.34
C ILE F 269 -21.63 -24.84 -32.24
N GLY F 270 -22.21 -23.84 -32.89
CA GLY F 270 -23.37 -24.09 -33.74
C GLY F 270 -23.08 -25.03 -34.89
N ARG F 271 -21.86 -24.97 -35.43
CA ARG F 271 -21.48 -25.85 -36.53
C ARG F 271 -21.17 -27.27 -36.08
N LEU F 272 -21.27 -27.56 -34.79
CA LEU F 272 -21.02 -28.89 -34.22
C LEU F 272 -22.27 -29.33 -33.48
N PRO F 273 -23.35 -29.64 -34.21
CA PRO F 273 -24.59 -30.03 -33.52
C PRO F 273 -24.49 -31.36 -32.78
N VAL F 274 -23.85 -32.35 -33.39
CA VAL F 274 -23.74 -33.67 -32.77
C VAL F 274 -22.60 -33.67 -31.77
N VAL F 275 -22.84 -34.28 -30.61
CA VAL F 275 -21.87 -34.36 -29.53
C VAL F 275 -21.82 -35.78 -29.00
N ALA F 276 -20.61 -36.35 -28.95
CA ALA F 276 -20.36 -37.68 -28.43
C ALA F 276 -19.42 -37.54 -27.25
N THR F 277 -19.76 -38.21 -26.15
CA THR F 277 -18.98 -38.12 -24.91
C THR F 277 -18.50 -39.48 -24.43
N LEU F 278 -17.18 -39.59 -24.23
CA LEU F 278 -16.56 -40.79 -23.69
C LEU F 278 -16.36 -40.55 -22.21
N ASN F 279 -16.71 -41.52 -21.37
CA ASN F 279 -16.60 -41.29 -19.93
C ASN F 279 -15.18 -41.48 -19.40
N GLU F 280 -14.63 -42.69 -19.50
CA GLU F 280 -13.30 -43.01 -19.00
C GLU F 280 -13.02 -44.47 -19.34
N LEU F 281 -11.73 -44.85 -19.21
CA LEU F 281 -11.29 -46.23 -19.39
C LEU F 281 -10.91 -46.73 -18.01
N SER F 282 -11.64 -47.70 -17.49
CA SER F 282 -11.38 -48.22 -16.16
C SER F 282 -10.24 -49.24 -16.19
N GLU F 283 -9.77 -49.61 -15.00
CA GLU F 283 -8.70 -50.58 -14.88
C GLU F 283 -9.13 -51.92 -15.47
N GLU F 284 -10.36 -52.34 -15.17
CA GLU F 284 -10.87 -53.59 -15.72
C GLU F 284 -11.01 -53.49 -17.23
N ALA F 285 -11.46 -52.32 -17.72
CA ALA F 285 -11.62 -52.13 -19.16
C ALA F 285 -10.30 -52.29 -19.89
N LEU F 286 -9.20 -51.84 -19.28
CA LEU F 286 -7.89 -51.97 -19.91
C LEU F 286 -7.52 -53.44 -20.08
N ILE F 287 -7.86 -54.27 -19.10
CA ILE F 287 -7.58 -55.70 -19.20
C ILE F 287 -8.28 -56.29 -20.40
N GLN F 288 -9.53 -55.88 -20.64
CA GLN F 288 -10.27 -56.38 -21.79
C GLN F 288 -9.62 -55.94 -23.10
N ILE F 289 -9.16 -54.69 -23.15
CA ILE F 289 -8.54 -54.17 -24.36
C ILE F 289 -7.27 -54.94 -24.70
N LEU F 290 -6.60 -55.50 -23.69
CA LEU F 290 -5.37 -56.25 -23.94
C LEU F 290 -5.61 -57.50 -24.76
N LYS F 291 -6.77 -58.16 -24.60
CA LYS F 291 -7.08 -59.41 -25.30
C LYS F 291 -8.36 -59.41 -26.12
N GLU F 292 -9.42 -58.76 -25.65
CA GLU F 292 -10.70 -58.81 -26.38
C GLU F 292 -10.68 -58.26 -27.80
N PRO F 293 -9.99 -57.16 -28.13
CA PRO F 293 -9.99 -56.68 -29.51
C PRO F 293 -9.45 -57.69 -30.50
N LYS F 294 -9.88 -57.53 -31.76
CA LYS F 294 -9.42 -58.41 -32.82
C LYS F 294 -7.90 -58.34 -32.96
N ASN F 295 -7.37 -57.14 -33.18
CA ASN F 295 -5.93 -56.92 -33.27
C ASN F 295 -5.41 -56.53 -31.88
N ALA F 296 -5.64 -57.44 -30.95
CA ALA F 296 -5.24 -57.23 -29.56
C ALA F 296 -3.73 -57.17 -29.43
N LEU F 297 -3.28 -56.42 -28.42
CA LEU F 297 -1.86 -56.28 -28.17
C LEU F 297 -1.20 -57.62 -27.86
N THR F 298 -1.86 -58.44 -27.03
CA THR F 298 -1.31 -59.74 -26.69
C THR F 298 -1.21 -60.64 -27.92
N LYS F 299 -2.21 -60.58 -28.80
CA LYS F 299 -2.19 -61.40 -30.01
C LYS F 299 -1.03 -61.02 -30.91
N GLN F 300 -0.70 -59.73 -30.98
CA GLN F 300 0.41 -59.28 -31.81
C GLN F 300 1.72 -59.92 -31.37
N TYR F 301 2.01 -59.87 -30.07
CA TYR F 301 3.24 -60.47 -29.56
C TYR F 301 3.17 -61.98 -29.62
N GLN F 302 2.01 -62.56 -29.34
CA GLN F 302 1.86 -64.01 -29.40
C GLN F 302 2.19 -64.53 -30.78
N ALA F 303 1.72 -63.85 -31.82
CA ALA F 303 2.02 -64.26 -33.18
C ALA F 303 3.51 -64.18 -33.46
N LEU F 304 4.16 -63.12 -32.96
CA LEU F 304 5.60 -62.95 -33.17
C LEU F 304 6.37 -64.10 -32.56
N PHE F 305 5.95 -64.58 -31.40
CA PHE F 305 6.62 -65.71 -30.77
C PHE F 305 6.26 -67.03 -31.45
N ASN F 306 5.02 -67.16 -31.93
CA ASN F 306 4.58 -68.39 -32.57
C ASN F 306 5.42 -68.72 -33.79
N LEU F 307 5.65 -67.74 -34.66
CA LEU F 307 6.44 -68.00 -35.86
C LEU F 307 7.88 -68.36 -35.49
N GLU F 308 8.38 -67.79 -34.39
CA GLU F 308 9.74 -68.12 -33.94
C GLU F 308 9.86 -69.60 -33.61
N GLY F 309 8.80 -70.20 -33.08
CA GLY F 309 8.78 -71.61 -32.73
C GLY F 309 8.41 -71.91 -31.29
N VAL F 310 8.04 -70.88 -30.52
CA VAL F 310 7.69 -71.03 -29.12
C VAL F 310 6.39 -70.27 -28.87
N ASP F 311 5.45 -70.90 -28.18
CA ASP F 311 4.18 -70.26 -27.88
C ASP F 311 4.34 -69.34 -26.68
N LEU F 312 3.35 -68.46 -26.50
CA LEU F 312 3.33 -67.49 -25.43
C LEU F 312 2.01 -67.57 -24.67
N GLU F 313 2.08 -67.46 -23.36
CA GLU F 313 0.91 -67.51 -22.48
C GLU F 313 0.92 -66.29 -21.57
N PHE F 314 -0.19 -65.56 -21.58
CA PHE F 314 -0.37 -64.36 -20.75
C PHE F 314 -1.34 -64.68 -19.63
N ARG F 315 -0.84 -64.83 -18.42
CA ARG F 315 -1.71 -65.11 -17.29
C ARG F 315 -2.53 -63.88 -16.94
N ASP F 316 -3.73 -64.12 -16.39
CA ASP F 316 -4.60 -63.02 -16.00
C ASP F 316 -3.94 -62.16 -14.93
N GLU F 317 -3.12 -62.75 -14.08
CA GLU F 317 -2.44 -61.99 -13.04
C GLU F 317 -1.54 -60.91 -13.64
N ALA F 318 -0.86 -61.23 -14.75
CA ALA F 318 0.00 -60.26 -15.40
C ALA F 318 -0.80 -59.10 -15.98
N LEU F 319 -2.03 -59.37 -16.43
CA LEU F 319 -2.85 -58.32 -17.04
C LEU F 319 -3.16 -57.20 -16.05
N ASP F 320 -3.52 -57.54 -14.81
CA ASP F 320 -3.84 -56.50 -13.84
C ASP F 320 -2.62 -55.65 -13.53
N ALA F 321 -1.44 -56.27 -13.48
CA ALA F 321 -0.21 -55.52 -13.22
C ALA F 321 0.01 -54.49 -14.33
N ILE F 322 -0.20 -54.89 -15.58
CA ILE F 322 -0.03 -53.97 -16.70
C ILE F 322 -1.10 -52.89 -16.65
N ALA F 323 -2.34 -53.28 -16.36
CA ALA F 323 -3.42 -52.30 -16.29
C ALA F 323 -3.21 -51.31 -15.16
N LYS F 324 -2.74 -51.79 -14.00
CA LYS F 324 -2.49 -50.89 -12.88
C LYS F 324 -1.43 -49.87 -13.21
N LYS F 325 -0.37 -50.29 -13.91
CA LYS F 325 0.69 -49.37 -14.28
C LYS F 325 0.17 -48.30 -15.24
N ALA F 326 -0.67 -48.69 -16.19
CA ALA F 326 -1.22 -47.73 -17.15
C ALA F 326 -2.10 -46.70 -16.44
N MET F 327 -2.89 -47.14 -15.45
CA MET F 327 -3.77 -46.23 -14.74
C MET F 327 -2.97 -45.17 -13.99
N ALA F 328 -1.90 -45.58 -13.31
CA ALA F 328 -1.08 -44.61 -12.58
C ALA F 328 -0.39 -43.65 -13.53
N ARG F 329 0.09 -44.15 -14.67
CA ARG F 329 0.75 -43.30 -15.65
C ARG F 329 -0.20 -42.30 -16.30
N LYS F 330 -1.50 -42.61 -16.34
CA LYS F 330 -2.54 -41.77 -16.92
C LYS F 330 -2.50 -41.73 -18.44
N THR F 331 -1.87 -42.72 -19.07
CA THR F 331 -1.77 -42.80 -20.52
C THR F 331 -2.90 -43.61 -21.14
N GLY F 332 -3.82 -44.14 -20.34
CA GLY F 332 -4.90 -44.93 -20.89
C GLY F 332 -4.36 -46.19 -21.56
N ALA F 333 -4.86 -46.47 -22.76
CA ALA F 333 -4.44 -47.65 -23.50
C ALA F 333 -3.10 -47.47 -24.19
N ARG F 334 -2.65 -46.22 -24.37
CA ARG F 334 -1.38 -45.96 -25.04
C ARG F 334 -0.21 -46.63 -24.32
N GLY F 335 -0.16 -46.51 -23.00
CA GLY F 335 0.94 -47.07 -22.23
C GLY F 335 1.03 -48.59 -22.28
N LEU F 336 -0.07 -49.27 -22.63
CA LEU F 336 -0.06 -50.73 -22.68
C LEU F 336 1.03 -51.26 -23.60
N ARG F 337 1.19 -50.65 -24.78
CA ARG F 337 2.19 -51.11 -25.72
C ARG F 337 3.60 -50.98 -25.16
N SER F 338 3.90 -49.84 -24.54
CA SER F 338 5.24 -49.63 -24.00
C SER F 338 5.54 -50.56 -22.83
N ILE F 339 4.56 -50.75 -21.93
CA ILE F 339 4.77 -51.61 -20.77
C ILE F 339 5.02 -53.05 -21.20
N VAL F 340 4.26 -53.54 -22.17
CA VAL F 340 4.43 -54.92 -22.61
C VAL F 340 5.74 -55.10 -23.35
N GLU F 341 6.10 -54.12 -24.19
CA GLU F 341 7.34 -54.24 -24.96
C GLU F 341 8.56 -54.29 -24.04
N ALA F 342 8.58 -53.45 -23.01
CA ALA F 342 9.71 -53.46 -22.08
C ALA F 342 9.80 -54.79 -21.34
N ALA F 343 8.66 -55.33 -20.92
CA ALA F 343 8.65 -56.60 -20.21
C ALA F 343 9.16 -57.74 -21.10
N LEU F 344 8.81 -57.71 -22.38
CA LEU F 344 9.22 -58.74 -23.33
C LEU F 344 10.53 -58.42 -24.03
N LEU F 345 11.16 -57.29 -23.72
CA LEU F 345 12.41 -56.93 -24.37
C LEU F 345 13.54 -57.89 -23.99
N ASP F 346 13.63 -58.24 -22.69
CA ASP F 346 14.70 -59.12 -22.25
C ASP F 346 14.60 -60.50 -22.89
N THR F 347 13.40 -61.10 -22.88
CA THR F 347 13.23 -62.43 -23.46
C THR F 347 13.45 -62.40 -24.97
N MET F 348 12.99 -61.35 -25.64
CA MET F 348 13.17 -61.25 -27.08
C MET F 348 14.64 -61.23 -27.48
N TYR F 349 15.50 -60.70 -26.61
CA TYR F 349 16.92 -60.63 -26.90
C TYR F 349 17.58 -61.99 -26.78
N ASP F 350 17.24 -62.76 -25.74
CA ASP F 350 17.87 -64.06 -25.49
C ASP F 350 17.11 -65.25 -26.05
N LEU F 351 15.79 -65.15 -26.24
CA LEU F 351 15.03 -66.30 -26.75
C LEU F 351 15.50 -66.81 -28.11
N PRO F 352 15.84 -65.97 -29.10
CA PRO F 352 16.31 -66.55 -30.38
C PRO F 352 17.59 -67.34 -30.23
N SER F 353 18.56 -66.83 -29.47
CA SER F 353 19.81 -67.55 -29.26
C SER F 353 19.57 -68.82 -28.46
N MET F 354 18.70 -68.76 -27.45
CA MET F 354 18.41 -69.91 -26.62
C MET F 354 17.56 -70.91 -27.39
N GLU F 355 17.64 -72.17 -26.95
CA GLU F 355 16.90 -73.27 -27.56
C GLU F 355 16.36 -74.16 -26.44
N ASP F 356 15.48 -75.09 -26.84
CA ASP F 356 14.82 -76.06 -25.95
C ASP F 356 13.69 -75.42 -25.17
N VAL F 357 13.34 -74.17 -25.46
CA VAL F 357 12.25 -73.47 -24.75
C VAL F 357 10.97 -73.88 -25.47
N GLU F 358 10.32 -74.92 -24.96
CA GLU F 358 9.09 -75.41 -25.57
C GLU F 358 7.98 -74.38 -25.48
N LYS F 359 7.86 -73.70 -24.33
CA LYS F 359 6.83 -72.70 -24.13
C LYS F 359 7.31 -71.66 -23.14
N VAL F 360 6.68 -70.49 -23.19
CA VAL F 360 7.00 -69.37 -22.31
C VAL F 360 5.71 -68.93 -21.60
N VAL F 361 5.84 -68.56 -20.34
CA VAL F 361 4.71 -68.10 -19.53
C VAL F 361 5.12 -66.80 -18.84
N ILE F 362 4.12 -65.95 -18.60
CA ILE F 362 4.32 -64.67 -17.93
C ILE F 362 3.36 -64.57 -16.77
N ASP F 363 3.80 -63.89 -15.71
CA ASP F 363 3.01 -63.69 -14.51
C ASP F 363 3.20 -62.26 -14.02
N GLU F 364 2.46 -61.90 -12.97
CA GLU F 364 2.54 -60.55 -12.41
C GLU F 364 3.95 -60.22 -11.95
N SER F 365 4.70 -61.22 -11.48
CA SER F 365 6.07 -60.97 -11.02
C SER F 365 6.95 -60.47 -12.15
N VAL F 366 6.76 -60.99 -13.36
CA VAL F 366 7.57 -60.57 -14.50
C VAL F 366 7.32 -59.10 -14.81
N ILE F 367 6.07 -58.65 -14.70
CA ILE F 367 5.73 -57.26 -14.99
C ILE F 367 6.47 -56.32 -14.04
N ASP F 368 6.57 -56.72 -12.76
CA ASP F 368 7.27 -55.89 -11.79
C ASP F 368 8.74 -55.72 -12.15
N GLY F 369 9.34 -56.72 -12.79
CA GLY F 369 10.72 -56.70 -13.19
C GLY F 369 11.64 -57.50 -12.30
N GLN F 370 11.18 -57.89 -11.11
CA GLN F 370 12.02 -58.67 -10.20
C GLN F 370 12.24 -60.08 -10.71
N SER F 371 11.23 -60.67 -11.35
CA SER F 371 11.28 -62.03 -11.85
C SER F 371 11.55 -62.07 -13.35
N GLU F 372 11.95 -63.26 -13.81
CA GLU F 372 12.26 -63.60 -15.19
C GLU F 372 11.13 -64.47 -15.76
N PRO F 373 10.74 -64.28 -17.02
CA PRO F 373 9.65 -65.11 -17.57
C PRO F 373 9.96 -66.61 -17.50
N LEU F 374 8.98 -67.37 -17.01
CA LEU F 374 9.14 -68.81 -16.88
C LEU F 374 9.32 -69.45 -18.26
N LEU F 375 10.24 -70.41 -18.34
CA LEU F 375 10.54 -71.13 -19.55
C LEU F 375 10.20 -72.61 -19.37
N ILE F 376 9.57 -73.19 -20.39
CA ILE F 376 9.18 -74.60 -20.39
C ILE F 376 10.13 -75.36 -21.30
N TYR F 377 10.56 -76.52 -20.84
CA TYR F 377 11.48 -77.39 -21.59
C TYR F 377 10.86 -78.76 -21.82
N LEU G 1 6.93 -3.32 6.39
CA LEU G 1 5.70 -4.04 6.10
C LEU G 1 6.00 -5.37 5.43
N VAL G 2 4.95 -6.07 5.02
CA VAL G 2 5.12 -7.38 4.37
C VAL G 2 5.85 -7.20 3.04
N PRO G 3 6.93 -7.96 2.75
CA PRO G 3 7.60 -7.81 1.46
C PRO G 3 7.01 -8.68 0.36
N MET G 4 6.70 -8.08 -0.78
CA MET G 4 6.15 -8.82 -1.89
C MET G 4 7.21 -9.70 -2.55
N VAL G 5 6.75 -10.79 -3.17
CA VAL G 5 7.62 -11.75 -3.85
C VAL G 5 7.03 -12.05 -5.21
N ILE G 6 7.88 -12.55 -6.10
CA ILE G 6 7.51 -12.90 -7.48
C ILE G 6 7.55 -14.41 -7.65
N GLU G 7 6.50 -14.95 -8.26
CA GLU G 7 6.38 -16.37 -8.55
C GLU G 7 6.32 -16.55 -10.06
N GLN G 8 7.17 -17.42 -10.59
CA GLN G 8 7.23 -17.70 -12.02
C GLN G 8 6.26 -18.82 -12.38
N THR G 9 5.44 -18.57 -13.39
CA THR G 9 4.47 -19.55 -13.88
C THR G 9 4.45 -19.48 -15.40
N SER G 10 3.71 -20.42 -16.01
CA SER G 10 3.62 -20.48 -17.46
C SER G 10 3.08 -19.20 -18.06
N ARG G 11 2.08 -18.58 -17.41
CA ARG G 11 1.51 -17.34 -17.92
C ARG G 11 2.54 -16.23 -17.93
N GLY G 12 3.33 -16.14 -16.88
CA GLY G 12 4.36 -15.11 -16.77
C GLY G 12 4.65 -14.83 -15.31
N GLU G 13 5.37 -13.75 -15.08
CA GLU G 13 5.69 -13.36 -13.71
C GLU G 13 4.43 -12.92 -12.99
N ARG G 14 4.30 -13.34 -11.73
CA ARG G 14 3.16 -13.01 -10.90
C ARG G 14 3.68 -12.52 -9.56
N SER G 15 2.94 -11.59 -8.95
CA SER G 15 3.31 -10.99 -7.68
C SER G 15 2.45 -11.57 -6.57
N PHE G 16 3.09 -11.97 -5.47
CA PHE G 16 2.42 -12.56 -4.33
C PHE G 16 2.99 -11.99 -3.03
N ASP G 17 2.14 -11.91 -2.03
CA ASP G 17 2.59 -11.50 -0.72
C ASP G 17 3.41 -12.64 -0.12
N ILE G 18 4.24 -12.32 0.88
CA ILE G 18 5.07 -13.36 1.49
C ILE G 18 4.18 -14.42 2.15
N TYR G 19 3.11 -13.99 2.81
CA TYR G 19 2.22 -14.94 3.45
C TYR G 19 1.33 -15.65 2.43
N SER G 20 0.82 -14.90 1.44
CA SER G 20 -0.02 -15.51 0.42
C SER G 20 0.77 -16.51 -0.40
N ARG G 21 2.03 -16.22 -0.68
CA ARG G 21 2.87 -17.14 -1.44
C ARG G 21 3.00 -18.47 -0.71
N LEU G 22 3.20 -18.43 0.61
CA LEU G 22 3.32 -19.66 1.37
C LEU G 22 1.98 -20.37 1.47
N LEU G 23 0.88 -19.61 1.46
CA LEU G 23 -0.44 -20.23 1.51
C LEU G 23 -0.67 -21.09 0.28
N LYS G 24 -0.08 -20.71 -0.85
CA LYS G 24 -0.20 -21.50 -2.06
C LYS G 24 0.46 -22.87 -1.90
N GLU G 25 1.44 -22.97 -1.00
CA GLU G 25 2.14 -24.21 -0.73
C GLU G 25 1.58 -24.94 0.48
N ARG G 26 0.33 -24.65 0.86
CA ARG G 26 -0.33 -25.31 1.98
C ARG G 26 0.37 -25.05 3.31
N VAL G 27 0.73 -23.79 3.55
CA VAL G 27 1.39 -23.36 4.77
C VAL G 27 0.53 -22.26 5.41
N ILE G 28 0.11 -22.49 6.65
CA ILE G 28 -0.73 -21.56 7.40
C ILE G 28 0.05 -21.10 8.63
N PHE G 29 0.03 -19.80 8.88
CA PHE G 29 0.73 -19.21 10.02
C PHE G 29 -0.24 -18.86 11.13
N LEU G 30 -0.06 -19.47 12.30
CA LEU G 30 -0.85 -19.18 13.49
C LEU G 30 0.06 -18.34 14.38
N THR G 31 -0.21 -17.04 14.45
CA THR G 31 0.62 -16.11 15.22
C THR G 31 -0.23 -15.18 16.06
N GLY G 32 0.24 -14.93 17.28
CA GLY G 32 -0.39 -14.01 18.20
C GLY G 32 -1.47 -14.61 19.06
N GLN G 33 -2.10 -13.72 19.83
CA GLN G 33 -3.16 -14.09 20.75
C GLN G 33 -4.33 -14.69 19.98
N VAL G 34 -4.70 -15.91 20.34
CA VAL G 34 -5.80 -16.60 19.67
C VAL G 34 -7.10 -15.84 19.95
N GLU G 35 -7.76 -15.41 18.88
CA GLU G 35 -9.01 -14.68 18.99
C GLU G 35 -9.95 -15.14 17.88
N ASP G 36 -11.21 -14.75 18.01
CA ASP G 36 -12.24 -15.14 17.06
C ASP G 36 -11.92 -14.67 15.64
N HIS G 37 -11.39 -13.45 15.50
CA HIS G 37 -11.15 -12.91 14.17
C HIS G 37 -10.07 -13.70 13.42
N MET G 38 -8.93 -13.94 14.06
CA MET G 38 -7.88 -14.68 13.38
C MET G 38 -8.24 -16.13 13.17
N ALA G 39 -9.01 -16.72 14.09
CA ALA G 39 -9.39 -18.12 13.96
C ALA G 39 -10.22 -18.35 12.71
N ASN G 40 -11.18 -17.48 12.44
CA ASN G 40 -11.99 -17.62 11.23
C ASN G 40 -11.13 -17.47 9.98
N LEU G 41 -10.05 -16.70 10.07
CA LEU G 41 -9.17 -16.56 8.92
C LEU G 41 -8.41 -17.85 8.68
N ILE G 42 -7.97 -18.51 9.74
CA ILE G 42 -7.29 -19.79 9.59
C ILE G 42 -8.26 -20.84 9.09
N VAL G 43 -9.48 -20.83 9.60
CA VAL G 43 -10.50 -21.79 9.16
C VAL G 43 -10.77 -21.63 7.68
N ALA G 44 -10.87 -20.39 7.21
CA ALA G 44 -11.11 -20.14 5.80
C ALA G 44 -9.95 -20.68 4.96
N GLN G 45 -8.73 -20.51 5.45
CA GLN G 45 -7.56 -21.01 4.73
C GLN G 45 -7.61 -22.53 4.63
N MET G 46 -8.00 -23.21 5.70
CA MET G 46 -8.06 -24.67 5.70
C MET G 46 -9.08 -25.16 4.69
N LEU G 47 -10.29 -24.63 4.75
CA LEU G 47 -11.35 -25.04 3.82
C LEU G 47 -10.95 -24.80 2.38
N PHE G 48 -10.29 -23.68 2.11
CA PHE G 48 -9.88 -23.38 0.74
C PHE G 48 -8.87 -24.40 0.23
N LEU G 49 -7.89 -24.76 1.06
CA LEU G 49 -6.89 -25.73 0.65
C LEU G 49 -7.51 -27.10 0.42
N GLU G 50 -8.52 -27.46 1.23
CA GLU G 50 -9.19 -28.74 1.07
C GLU G 50 -9.78 -28.89 -0.32
N ALA G 51 -10.37 -27.82 -0.85
CA ALA G 51 -10.98 -27.88 -2.18
C ALA G 51 -9.92 -28.05 -3.27
N GLU G 52 -8.81 -27.34 -3.16
CA GLU G 52 -7.76 -27.43 -4.17
C GLU G 52 -7.20 -28.84 -4.26
N ASN G 53 -6.85 -29.43 -3.12
CA ASN G 53 -6.29 -30.77 -3.10
C ASN G 53 -6.56 -31.43 -1.75
N PRO G 54 -7.66 -32.19 -1.58
CA PRO G 54 -7.89 -32.84 -0.28
C PRO G 54 -6.89 -33.92 0.06
N GLU G 55 -6.10 -34.40 -0.90
CA GLU G 55 -5.13 -35.44 -0.60
C GLU G 55 -3.85 -34.87 0.02
N LYS G 56 -3.37 -33.75 -0.49
CA LYS G 56 -2.13 -33.16 0.02
C LYS G 56 -2.31 -32.67 1.44
N ASP G 57 -1.23 -32.77 2.22
CA ASP G 57 -1.20 -32.35 3.61
C ASP G 57 -1.14 -30.83 3.73
N ILE G 58 -1.46 -30.35 4.93
CA ILE G 58 -1.44 -28.94 5.27
C ILE G 58 -0.47 -28.77 6.44
N TYR G 59 0.34 -27.72 6.38
CA TYR G 59 1.35 -27.44 7.41
C TYR G 59 0.95 -26.20 8.19
N LEU G 60 0.70 -26.38 9.49
CA LEU G 60 0.31 -25.31 10.40
C LEU G 60 1.50 -24.97 11.29
N TYR G 61 1.95 -23.73 11.22
CA TYR G 61 3.07 -23.24 12.01
C TYR G 61 2.48 -22.50 13.21
N ILE G 62 2.76 -23.00 14.42
CA ILE G 62 2.21 -22.46 15.65
C ILE G 62 3.28 -21.74 16.44
N ASN G 63 3.12 -20.43 16.60
CA ASN G 63 3.99 -19.59 17.42
C ASN G 63 3.04 -18.59 18.06
N SER G 64 2.56 -18.88 19.26
CA SER G 64 1.62 -17.98 19.92
C SER G 64 1.61 -18.26 21.41
N PRO G 65 1.15 -17.30 22.23
CA PRO G 65 1.06 -17.51 23.67
C PRO G 65 -0.27 -18.04 24.17
N GLY G 66 -1.18 -18.41 23.27
CA GLY G 66 -2.49 -18.94 23.65
C GLY G 66 -3.57 -17.90 23.53
N GLY G 67 -4.75 -18.27 24.04
CA GLY G 67 -5.88 -17.36 24.01
C GLY G 67 -7.22 -17.95 24.37
N VAL G 68 -8.26 -17.48 23.68
CA VAL G 68 -9.62 -17.93 23.95
C VAL G 68 -9.78 -19.40 23.57
N ILE G 69 -10.58 -20.12 24.37
CA ILE G 69 -10.81 -21.54 24.12
C ILE G 69 -11.83 -21.74 23.00
N THR G 70 -12.91 -20.94 23.01
CA THR G 70 -13.94 -21.07 21.97
C THR G 70 -13.35 -20.84 20.59
N ALA G 71 -12.50 -19.81 20.45
CA ALA G 71 -11.89 -19.54 19.16
C ALA G 71 -10.93 -20.66 18.77
N GLY G 72 -10.13 -21.13 19.71
CA GLY G 72 -9.20 -22.20 19.42
C GLY G 72 -9.90 -23.51 19.11
N MET G 73 -11.04 -23.75 19.75
CA MET G 73 -11.78 -24.99 19.52
C MET G 73 -12.41 -25.03 18.14
N SER G 74 -12.62 -23.88 17.50
CA SER G 74 -13.17 -23.88 16.15
C SER G 74 -12.16 -24.37 15.14
N ILE G 75 -10.86 -24.23 15.45
CA ILE G 75 -9.81 -24.70 14.56
C ILE G 75 -9.61 -26.19 14.73
N TYR G 76 -9.74 -26.69 15.96
CA TYR G 76 -9.56 -28.11 16.22
C TYR G 76 -10.61 -28.93 15.49
N ASP G 77 -11.87 -28.52 15.57
CA ASP G 77 -12.93 -29.25 14.90
C ASP G 77 -12.76 -29.19 13.39
N THR G 78 -12.24 -28.07 12.87
CA THR G 78 -12.02 -27.94 11.44
C THR G 78 -10.92 -28.89 10.97
N MET G 79 -9.85 -29.03 11.75
CA MET G 79 -8.75 -29.91 11.38
C MET G 79 -9.20 -31.36 11.32
N GLN G 80 -9.96 -31.81 12.31
CA GLN G 80 -10.42 -33.19 12.34
C GLN G 80 -11.47 -33.46 11.26
N PHE G 81 -12.29 -32.47 10.93
CA PHE G 81 -13.34 -32.67 9.95
C PHE G 81 -12.76 -32.90 8.55
N ILE G 82 -11.88 -32.00 8.10
CA ILE G 82 -11.33 -32.12 6.76
C ILE G 82 -10.52 -33.41 6.59
N LYS G 83 -10.57 -33.96 5.39
CA LYS G 83 -9.84 -35.18 5.07
C LYS G 83 -8.32 -35.02 5.09
N PRO G 84 -7.72 -33.99 4.48
CA PRO G 84 -6.26 -33.90 4.49
C PRO G 84 -5.67 -33.79 5.90
N ASP G 85 -4.50 -34.40 6.07
CA ASP G 85 -3.81 -34.35 7.34
C ASP G 85 -3.23 -32.97 7.56
N VAL G 86 -3.30 -32.50 8.80
CA VAL G 86 -2.82 -31.17 9.18
C VAL G 86 -1.56 -31.36 10.02
N SER G 87 -0.42 -31.03 9.43
CA SER G 87 0.86 -31.13 10.13
C SER G 87 1.05 -29.89 10.97
N THR G 88 1.53 -30.09 12.19
CA THR G 88 1.73 -29.01 13.16
C THR G 88 3.20 -28.90 13.52
N ILE G 89 3.74 -27.69 13.38
CA ILE G 89 5.12 -27.38 13.69
C ILE G 89 5.12 -26.28 14.73
N CYS G 90 5.93 -26.45 15.77
CA CYS G 90 6.02 -25.49 16.87
C CYS G 90 7.27 -24.63 16.67
N MET G 91 7.07 -23.33 16.56
CA MET G 91 8.14 -22.36 16.38
C MET G 91 8.12 -21.39 17.55
N GLY G 92 9.23 -21.32 18.27
CA GLY G 92 9.32 -20.42 19.40
C GLY G 92 8.65 -20.96 20.64
N GLN G 93 7.32 -21.05 20.63
CA GLN G 93 6.60 -21.55 21.79
C GLN G 93 5.19 -21.94 21.40
N ALA G 94 4.58 -22.76 22.26
CA ALA G 94 3.21 -23.23 22.09
C ALA G 94 2.60 -23.31 23.49
N ALA G 95 1.77 -22.33 23.82
CA ALA G 95 1.13 -22.24 25.12
C ALA G 95 -0.07 -23.19 25.16
N SER G 96 -0.90 -23.02 26.20
CA SER G 96 -2.08 -23.83 26.44
C SER G 96 -2.90 -24.11 25.19
N MET G 97 -3.32 -23.06 24.48
CA MET G 97 -4.09 -23.29 23.26
C MET G 97 -3.20 -23.76 22.12
N GLY G 98 -2.01 -23.18 22.01
CA GLY G 98 -1.09 -23.60 20.97
C GLY G 98 -0.66 -25.04 21.11
N ALA G 99 -0.60 -25.52 22.35
CA ALA G 99 -0.20 -26.91 22.59
C ALA G 99 -1.32 -27.86 22.24
N PHE G 100 -2.57 -27.46 22.49
CA PHE G 100 -3.69 -28.32 22.14
C PHE G 100 -3.79 -28.49 20.63
N LEU G 101 -3.58 -27.41 19.88
CA LEU G 101 -3.60 -27.49 18.44
C LEU G 101 -2.38 -28.25 17.93
N LEU G 102 -1.24 -28.10 18.61
CA LEU G 102 -0.02 -28.79 18.21
C LEU G 102 -0.18 -30.29 18.33
N THR G 103 -0.63 -30.77 19.48
CA THR G 103 -0.83 -32.19 19.67
C THR G 103 -2.02 -32.71 18.87
N ALA G 104 -2.96 -31.83 18.51
CA ALA G 104 -4.12 -32.22 17.72
C ALA G 104 -3.76 -32.57 16.28
N GLY G 105 -2.53 -32.29 15.85
CA GLY G 105 -2.13 -32.58 14.49
C GLY G 105 -2.15 -34.07 14.20
N ALA G 106 -2.04 -34.36 12.91
CA ALA G 106 -2.04 -35.74 12.45
C ALA G 106 -0.93 -36.55 13.10
N LYS G 107 -1.25 -37.79 13.47
CA LYS G 107 -0.29 -38.67 14.10
C LYS G 107 0.90 -38.92 13.18
N GLY G 108 2.10 -38.75 13.72
CA GLY G 108 3.33 -38.94 12.97
C GLY G 108 3.81 -37.72 12.23
N LYS G 109 2.99 -36.68 12.08
CA LYS G 109 3.35 -35.47 11.37
C LYS G 109 3.60 -34.29 12.30
N ARG G 110 3.38 -34.43 13.61
CA ARG G 110 3.61 -33.35 14.54
C ARG G 110 5.12 -33.18 14.76
N PHE G 111 5.60 -31.95 14.62
CA PHE G 111 7.01 -31.63 14.78
C PHE G 111 7.17 -30.42 15.67
N CYS G 112 8.40 -30.26 16.18
CA CYS G 112 8.74 -29.14 17.05
C CYS G 112 10.23 -28.84 16.89
N LEU G 113 10.56 -27.55 16.87
CA LEU G 113 11.94 -27.16 16.74
C LEU G 113 12.69 -27.46 18.05
N PRO G 114 14.01 -27.65 17.99
CA PRO G 114 14.74 -28.03 19.22
C PRO G 114 14.65 -27.04 20.37
N ASN G 115 14.60 -25.75 20.11
CA ASN G 115 14.57 -24.75 21.18
C ASN G 115 13.16 -24.27 21.53
N SER G 116 12.13 -24.89 20.96
CA SER G 116 10.77 -24.49 21.28
C SER G 116 10.37 -24.93 22.68
N ARG G 117 9.54 -24.11 23.32
CA ARG G 117 9.05 -24.36 24.67
C ARG G 117 7.54 -24.53 24.62
N VAL G 118 7.05 -25.67 25.10
CA VAL G 118 5.64 -26.01 25.10
C VAL G 118 5.13 -25.96 26.53
N MET G 119 4.22 -25.02 26.80
CA MET G 119 3.62 -24.84 28.12
C MET G 119 2.14 -25.19 28.06
N ILE G 120 1.68 -25.95 29.06
CA ILE G 120 0.28 -26.36 29.16
C ILE G 120 -0.23 -26.06 30.56
N HIS G 121 -1.44 -25.51 30.63
CA HIS G 121 -2.09 -25.21 31.89
C HIS G 121 -3.58 -25.46 31.72
N GLN G 122 -4.30 -25.41 32.85
CA GLN G 122 -5.74 -25.63 32.82
C GLN G 122 -6.47 -24.34 32.44
N PRO G 123 -7.73 -24.44 32.00
CA PRO G 123 -8.45 -23.23 31.61
C PRO G 123 -8.66 -22.28 32.78
N LEU G 124 -8.61 -20.99 32.48
CA LEU G 124 -8.81 -19.94 33.46
C LEU G 124 -9.89 -18.99 32.96
N GLY G 125 -10.75 -18.56 33.88
CA GLY G 125 -11.84 -17.67 33.55
C GLY G 125 -12.38 -17.04 34.82
N GLY G 126 -13.35 -16.15 34.64
CA GLY G 126 -13.96 -15.48 35.78
C GLY G 126 -15.33 -14.96 35.47
N TYR G 127 -16.12 -14.78 36.52
CA TYR G 127 -17.47 -14.27 36.40
C TYR G 127 -17.81 -13.45 37.63
N GLN G 128 -18.65 -12.44 37.44
CA GLN G 128 -19.10 -11.55 38.51
C GLN G 128 -20.62 -11.48 38.45
N GLY G 129 -21.27 -11.59 39.60
CA GLY G 129 -22.70 -11.53 39.66
C GLY G 129 -23.23 -12.30 40.85
N GLN G 130 -24.48 -12.75 40.72
CA GLN G 130 -25.15 -13.49 41.77
C GLN G 130 -24.55 -14.89 41.91
N ALA G 131 -24.77 -15.48 43.09
CA ALA G 131 -24.27 -16.82 43.36
C ALA G 131 -24.86 -17.84 42.40
N THR G 132 -26.14 -17.67 42.04
CA THR G 132 -26.77 -18.61 41.12
C THR G 132 -26.07 -18.61 39.77
N ASP G 133 -25.71 -17.43 39.26
CA ASP G 133 -25.02 -17.35 37.99
C ASP G 133 -23.62 -17.94 38.08
N ILE G 134 -22.92 -17.68 39.19
CA ILE G 134 -21.57 -18.18 39.39
C ILE G 134 -21.56 -19.71 39.32
N GLU G 135 -22.58 -20.35 39.90
CA GLU G 135 -22.65 -21.81 39.86
C GLU G 135 -22.77 -22.30 38.42
N ILE G 136 -23.55 -21.60 37.59
CA ILE G 136 -23.73 -21.99 36.20
C ILE G 136 -22.41 -21.89 35.45
N HIS G 137 -21.72 -20.76 35.59
CA HIS G 137 -20.45 -20.57 34.89
C HIS G 137 -19.37 -21.46 35.46
N ALA G 138 -19.40 -21.73 36.77
CA ALA G 138 -18.41 -22.59 37.38
C ALA G 138 -18.54 -24.02 36.86
N ARG G 139 -19.77 -24.48 36.66
CA ARG G 139 -19.97 -25.83 36.12
C ARG G 139 -19.53 -25.90 34.66
N GLU G 140 -19.76 -24.82 33.90
CA GLU G 140 -19.42 -24.81 32.49
C GLU G 140 -17.90 -24.89 32.30
N ILE G 141 -17.14 -24.05 33.00
CA ILE G 141 -15.69 -24.06 32.84
C ILE G 141 -15.10 -25.39 33.31
N LEU G 142 -15.71 -26.02 34.31
CA LEU G 142 -15.19 -27.31 34.76
C LEU G 142 -15.42 -28.38 33.70
N LYS G 143 -16.57 -28.33 33.01
CA LYS G 143 -16.82 -29.28 31.95
C LYS G 143 -15.82 -29.10 30.83
N VAL G 144 -15.51 -27.85 30.49
CA VAL G 144 -14.53 -27.56 29.45
C VAL G 144 -13.17 -28.12 29.85
N LYS G 145 -12.83 -28.03 31.14
CA LYS G 145 -11.56 -28.55 31.61
C LYS G 145 -11.48 -30.05 31.38
N GLY G 146 -12.56 -30.77 31.70
CA GLY G 146 -12.58 -32.21 31.44
C GLY G 146 -12.58 -32.51 29.96
N ARG G 147 -13.29 -31.70 29.19
CA ARG G 147 -13.34 -31.90 27.74
C ARG G 147 -11.96 -31.73 27.12
N MET G 148 -11.26 -30.66 27.48
CA MET G 148 -9.92 -30.42 26.93
C MET G 148 -8.94 -31.50 27.39
N ASN G 149 -9.01 -31.90 28.66
CA ASN G 149 -8.10 -32.93 29.15
C ASN G 149 -8.39 -34.28 28.48
N GLU G 150 -9.66 -34.57 28.20
CA GLU G 150 -10.00 -35.82 27.55
C GLU G 150 -9.39 -35.89 26.16
N LEU G 151 -9.49 -34.81 25.41
CA LEU G 151 -8.93 -34.77 24.06
C LEU G 151 -7.41 -34.77 24.11
N MET G 152 -6.82 -34.02 25.05
CA MET G 152 -5.37 -33.99 25.16
C MET G 152 -4.80 -35.37 25.46
N ALA G 153 -5.52 -36.15 26.26
CA ALA G 153 -5.06 -37.50 26.57
C ALA G 153 -5.10 -38.40 25.34
N LEU G 154 -6.14 -38.23 24.51
CA LEU G 154 -6.28 -39.05 23.31
C LEU G 154 -5.12 -38.87 22.37
N HIS G 155 -4.73 -37.62 22.10
CA HIS G 155 -3.63 -37.36 21.17
C HIS G 155 -2.29 -37.72 21.78
N THR G 156 -2.04 -37.29 23.02
CA THR G 156 -0.76 -37.60 23.65
C THR G 156 -0.62 -39.07 23.98
N GLY G 157 -1.72 -39.73 24.32
CA GLY G 157 -1.71 -41.14 24.67
C GLY G 157 -1.61 -41.41 26.15
N GLN G 158 -1.37 -40.39 26.97
CA GLN G 158 -1.28 -40.57 28.41
C GLN G 158 -2.67 -40.73 29.01
N SER G 159 -2.71 -41.30 30.21
CA SER G 159 -3.98 -41.50 30.88
C SER G 159 -4.57 -40.15 31.30
N LEU G 160 -5.89 -40.14 31.46
CA LEU G 160 -6.57 -38.92 31.85
C LEU G 160 -6.14 -38.46 33.23
N GLU G 161 -5.87 -39.40 34.13
CA GLU G 161 -5.44 -39.05 35.48
C GLU G 161 -4.11 -38.31 35.47
N GLN G 162 -3.16 -38.80 34.66
CA GLN G 162 -1.85 -38.15 34.59
C GLN G 162 -1.97 -36.75 34.02
N ILE G 163 -2.76 -36.59 32.96
CA ILE G 163 -2.93 -35.27 32.35
C ILE G 163 -3.53 -34.30 33.36
N GLU G 164 -4.52 -34.76 34.14
CA GLU G 164 -5.17 -33.89 35.11
C GLU G 164 -4.20 -33.36 36.14
N ARG G 165 -3.33 -34.24 36.67
CA ARG G 165 -2.36 -33.81 37.66
C ARG G 165 -1.31 -32.88 37.05
N ASP G 166 -0.82 -33.22 35.86
CA ASP G 166 0.22 -32.42 35.22
C ASP G 166 -0.30 -31.04 34.84
N THR G 167 -1.54 -30.95 34.36
CA THR G 167 -2.10 -29.67 33.93
C THR G 167 -2.77 -28.89 35.05
N GLU G 168 -2.66 -29.36 36.30
CA GLU G 168 -3.26 -28.61 37.41
C GLU G 168 -2.58 -27.27 37.60
N ARG G 169 -1.32 -27.16 37.19
CA ARG G 169 -0.54 -25.94 37.28
C ARG G 169 0.31 -25.83 36.03
N ASP G 170 0.82 -24.62 35.78
CA ASP G 170 1.65 -24.38 34.60
C ASP G 170 2.82 -25.35 34.57
N ARG G 171 3.00 -26.02 33.43
CA ARG G 171 4.06 -26.99 33.22
C ARG G 171 4.75 -26.69 31.90
N PHE G 172 6.05 -26.39 31.97
CA PHE G 172 6.84 -26.09 30.79
C PHE G 172 7.55 -27.35 30.33
N LEU G 173 7.45 -27.64 29.04
CA LEU G 173 8.04 -28.83 28.44
C LEU G 173 8.93 -28.42 27.28
N SER G 174 10.16 -28.91 27.30
CA SER G 174 11.10 -28.65 26.22
C SER G 174 10.77 -29.52 25.02
N ALA G 175 11.44 -29.26 23.91
CA ALA G 175 11.21 -30.05 22.70
C ALA G 175 11.46 -31.55 22.92
N PRO G 176 12.52 -31.99 23.60
CA PRO G 176 12.67 -33.44 23.80
C PRO G 176 11.65 -34.01 24.75
N GLU G 177 11.35 -33.29 25.84
CA GLU G 177 10.37 -33.76 26.80
C GLU G 177 9.00 -33.93 26.17
N ALA G 178 8.65 -33.06 25.22
CA ALA G 178 7.35 -33.18 24.56
C ALA G 178 7.21 -34.49 23.81
N VAL G 179 8.31 -35.00 23.26
CA VAL G 179 8.27 -36.26 22.52
C VAL G 179 7.86 -37.40 23.45
N GLU G 180 8.45 -37.44 24.64
CA GLU G 180 8.11 -38.49 25.59
C GLU G 180 6.68 -38.33 26.09
N TYR G 181 6.25 -37.09 26.33
CA TYR G 181 4.90 -36.86 26.80
C TYR G 181 3.86 -37.21 25.74
N GLY G 182 4.23 -37.13 24.46
CA GLY G 182 3.34 -37.45 23.37
C GLY G 182 2.76 -36.27 22.63
N LEU G 183 3.11 -35.04 23.02
CA LEU G 183 2.58 -33.87 22.33
C LEU G 183 3.06 -33.79 20.89
N VAL G 184 4.28 -34.26 20.62
CA VAL G 184 4.86 -34.24 19.28
C VAL G 184 5.52 -35.58 19.02
N ASP G 185 5.98 -35.76 17.78
CA ASP G 185 6.60 -37.00 17.34
C ASP G 185 8.10 -36.90 17.09
N SER G 186 8.54 -35.91 16.30
CA SER G 186 9.95 -35.76 15.98
C SER G 186 10.38 -34.31 16.10
N ILE G 187 11.70 -34.12 16.12
CA ILE G 187 12.34 -32.81 16.22
C ILE G 187 13.08 -32.53 14.92
N LEU G 188 12.79 -31.40 14.30
CA LEU G 188 13.42 -31.00 13.03
C LEU G 188 14.69 -30.21 13.32
N THR G 189 15.75 -30.93 13.68
CA THR G 189 17.02 -30.29 13.99
C THR G 189 17.66 -29.69 12.74
N HIS G 190 17.79 -30.50 11.68
CA HIS G 190 18.43 -30.05 10.45
C HIS G 190 17.77 -30.73 9.26
N ARG G 191 17.81 -30.05 8.12
CA ARG G 191 17.23 -30.58 6.90
C ARG G 191 18.08 -31.74 6.40
N ASN G 192 17.42 -32.83 6.02
CA ASN G 192 18.09 -34.03 5.51
C ASN G 192 17.61 -34.35 4.11
N LEU H 1 7.34 6.98 4.57
CA LEU H 1 6.88 6.38 3.32
C LEU H 1 7.98 5.57 2.68
N VAL H 2 7.66 4.37 2.21
CA VAL H 2 8.64 3.49 1.59
C VAL H 2 8.75 3.86 0.11
N PRO H 3 9.95 4.12 -0.41
CA PRO H 3 10.06 4.46 -1.84
C PRO H 3 10.03 3.22 -2.72
N MET H 4 9.66 3.46 -3.98
CA MET H 4 9.56 2.41 -4.99
C MET H 4 10.69 2.57 -6.00
N VAL H 5 11.25 1.44 -6.43
CA VAL H 5 12.33 1.41 -7.40
C VAL H 5 11.92 0.54 -8.57
N ILE H 6 12.53 0.80 -9.72
CA ILE H 6 12.27 0.07 -10.95
C ILE H 6 13.45 -0.86 -11.21
N GLU H 7 13.13 -2.11 -11.58
CA GLU H 7 14.12 -3.14 -11.88
C GLU H 7 13.93 -3.57 -13.33
N GLN H 8 15.02 -3.54 -14.10
CA GLN H 8 14.97 -3.94 -15.50
C GLN H 8 15.11 -5.45 -15.61
N THR H 9 14.17 -6.07 -16.30
CA THR H 9 14.16 -7.52 -16.48
C THR H 9 13.86 -7.83 -17.95
N SER H 10 14.08 -9.09 -18.32
CA SER H 10 13.82 -9.52 -19.69
C SER H 10 12.37 -9.29 -20.07
N ARG H 11 11.43 -9.62 -19.17
CA ARG H 11 10.02 -9.43 -19.46
C ARG H 11 9.70 -7.95 -19.67
N GLY H 12 10.35 -7.08 -18.91
CA GLY H 12 10.12 -5.65 -19.02
C GLY H 12 10.34 -4.99 -17.67
N GLU H 13 9.98 -3.71 -17.61
CA GLU H 13 10.13 -2.95 -16.38
C GLU H 13 9.21 -3.48 -15.30
N ARG H 14 9.73 -3.55 -14.08
CA ARG H 14 8.99 -4.01 -12.92
C ARG H 14 9.23 -3.05 -11.78
N SER H 15 8.21 -2.85 -10.95
CA SER H 15 8.26 -1.93 -9.82
C SER H 15 8.26 -2.72 -8.52
N PHE H 16 9.22 -2.42 -7.65
CA PHE H 16 9.37 -3.06 -6.36
C PHE H 16 9.61 -2.03 -5.28
N ASP H 17 9.23 -2.37 -4.05
CA ASP H 17 9.54 -1.52 -2.92
C ASP H 17 11.01 -1.74 -2.57
N ILE H 18 11.60 -0.76 -1.89
CA ILE H 18 13.02 -0.83 -1.55
C ILE H 18 13.33 -2.08 -0.75
N TYR H 19 12.43 -2.51 0.13
CA TYR H 19 12.70 -3.70 0.93
C TYR H 19 12.52 -4.97 0.12
N SER H 20 11.51 -5.03 -0.75
CA SER H 20 11.30 -6.22 -1.56
C SER H 20 12.41 -6.38 -2.58
N ARG H 21 12.91 -5.27 -3.14
CA ARG H 21 13.99 -5.33 -4.11
C ARG H 21 15.23 -5.98 -3.51
N LEU H 22 15.54 -5.64 -2.25
CA LEU H 22 16.69 -6.24 -1.60
C LEU H 22 16.43 -7.69 -1.25
N LEU H 23 15.18 -8.04 -0.95
CA LEU H 23 14.85 -9.43 -0.65
C LEU H 23 15.14 -10.31 -1.85
N LYS H 24 14.97 -9.77 -3.06
CA LYS H 24 15.28 -10.52 -4.27
C LYS H 24 16.74 -10.90 -4.31
N GLU H 25 17.61 -10.10 -3.68
CA GLU H 25 19.04 -10.36 -3.63
C GLU H 25 19.44 -11.10 -2.36
N ARG H 26 18.51 -11.79 -1.71
CA ARG H 26 18.79 -12.57 -0.51
C ARG H 26 19.25 -11.70 0.65
N VAL H 27 18.54 -10.60 0.88
CA VAL H 27 18.84 -9.67 1.97
C VAL H 27 17.59 -9.50 2.81
N ILE H 28 17.70 -9.80 4.11
CA ILE H 28 16.60 -9.70 5.06
C ILE H 28 16.96 -8.66 6.10
N PHE H 29 16.02 -7.77 6.40
CA PHE H 29 16.21 -6.71 7.37
C PHE H 29 15.56 -7.05 8.69
N LEU H 30 16.37 -7.10 9.76
CA LEU H 30 15.89 -7.34 11.12
C LEU H 30 16.03 -6.00 11.82
N THR H 31 14.89 -5.34 12.04
CA THR H 31 14.87 -4.01 12.63
C THR H 31 13.82 -3.88 13.71
N GLY H 32 14.19 -3.19 14.79
CA GLY H 32 13.30 -2.93 15.89
C GLY H 32 13.19 -4.04 16.91
N GLN H 33 12.27 -3.82 17.84
CA GLN H 33 12.00 -4.76 18.92
C GLN H 33 11.59 -6.11 18.36
N VAL H 34 12.24 -7.17 18.83
CA VAL H 34 11.91 -8.51 18.37
C VAL H 34 10.60 -8.94 19.00
N GLU H 35 9.72 -9.54 18.20
CA GLU H 35 8.43 -9.99 18.68
C GLU H 35 7.91 -11.09 17.76
N ASP H 36 6.77 -11.66 18.13
CA ASP H 36 6.20 -12.79 17.40
C ASP H 36 5.89 -12.46 15.94
N HIS H 37 5.29 -11.31 15.66
CA HIS H 37 4.89 -11.01 14.29
C HIS H 37 6.09 -10.75 13.39
N MET H 38 7.02 -9.91 13.81
CA MET H 38 8.18 -9.63 12.98
C MET H 38 9.04 -10.87 12.78
N ALA H 39 9.12 -11.74 13.80
CA ALA H 39 9.93 -12.94 13.68
C ALA H 39 9.34 -13.90 12.65
N ASN H 40 8.02 -14.05 12.64
CA ASN H 40 7.39 -14.94 11.67
C ASN H 40 7.60 -14.42 10.26
N LEU H 41 7.64 -13.10 10.09
CA LEU H 41 7.88 -12.53 8.77
C LEU H 41 9.28 -12.88 8.28
N ILE H 42 10.27 -12.77 9.16
CA ILE H 42 11.64 -13.10 8.80
C ILE H 42 11.76 -14.58 8.49
N VAL H 43 11.03 -15.41 9.22
CA VAL H 43 11.07 -16.85 9.00
C VAL H 43 10.52 -17.18 7.62
N ALA H 44 9.45 -16.50 7.22
CA ALA H 44 8.87 -16.75 5.90
C ALA H 44 9.83 -16.36 4.80
N GLN H 45 10.63 -15.32 5.01
CA GLN H 45 11.59 -14.91 3.99
C GLN H 45 12.73 -15.92 3.88
N MET H 46 13.15 -16.48 5.01
CA MET H 46 14.22 -17.47 4.98
C MET H 46 13.78 -18.72 4.24
N LEU H 47 12.55 -19.17 4.49
CA LEU H 47 12.05 -20.36 3.82
C LEU H 47 11.84 -20.10 2.33
N PHE H 48 11.32 -18.91 1.99
CA PHE H 48 11.09 -18.58 0.59
C PHE H 48 12.40 -18.58 -0.20
N LEU H 49 13.45 -17.98 0.37
CA LEU H 49 14.73 -17.95 -0.33
C LEU H 49 15.35 -19.32 -0.43
N GLU H 50 15.09 -20.19 0.55
CA GLU H 50 15.63 -21.55 0.51
C GLU H 50 15.15 -22.28 -0.73
N ALA H 51 13.87 -22.16 -1.04
CA ALA H 51 13.31 -22.84 -2.22
C ALA H 51 13.89 -22.29 -3.51
N GLU H 52 14.00 -20.97 -3.62
CA GLU H 52 14.53 -20.35 -4.83
C GLU H 52 15.94 -20.84 -5.14
N ASN H 53 16.83 -20.80 -4.16
CA ASN H 53 18.21 -21.24 -4.35
C ASN H 53 18.77 -21.69 -3.01
N PRO H 54 18.74 -23.00 -2.72
CA PRO H 54 19.29 -23.47 -1.43
C PRO H 54 20.81 -23.44 -1.36
N GLU H 55 21.50 -23.14 -2.46
CA GLU H 55 22.96 -23.10 -2.47
C GLU H 55 23.51 -21.73 -2.12
N LYS H 56 22.89 -20.65 -2.62
CA LYS H 56 23.38 -19.32 -2.33
C LYS H 56 23.22 -18.97 -0.86
N ASP H 57 23.99 -17.99 -0.42
CA ASP H 57 23.99 -17.54 0.96
C ASP H 57 23.02 -16.38 1.17
N ILE H 58 22.34 -16.40 2.31
CA ILE H 58 21.38 -15.38 2.68
C ILE H 58 22.09 -14.39 3.59
N TYR H 59 21.62 -13.15 3.59
CA TYR H 59 22.18 -12.07 4.41
C TYR H 59 21.12 -11.57 5.37
N LEU H 60 21.56 -11.25 6.60
CA LEU H 60 20.69 -10.76 7.66
C LEU H 60 21.32 -9.52 8.27
N TYR H 61 20.62 -8.38 8.17
CA TYR H 61 21.09 -7.13 8.71
C TYR H 61 20.40 -6.93 10.06
N ILE H 62 21.19 -7.01 11.13
CA ILE H 62 20.67 -6.93 12.49
C ILE H 62 20.94 -5.55 13.07
N ASN H 63 19.87 -4.79 13.29
CA ASN H 63 19.91 -3.48 13.96
C ASN H 63 18.68 -3.50 14.86
N SER H 64 18.84 -3.94 16.10
CA SER H 64 17.71 -4.05 17.00
C SER H 64 18.14 -3.94 18.45
N PRO H 65 17.29 -3.42 19.33
CA PRO H 65 17.64 -3.33 20.75
C PRO H 65 17.27 -4.57 21.56
N GLY H 66 16.91 -5.67 20.91
CA GLY H 66 16.52 -6.90 21.57
C GLY H 66 15.01 -7.05 21.64
N GLY H 67 14.59 -8.08 22.36
CA GLY H 67 13.17 -8.31 22.51
C GLY H 67 12.87 -9.63 23.18
N VAL H 68 11.77 -10.25 22.74
CA VAL H 68 11.33 -11.51 23.31
C VAL H 68 12.30 -12.62 22.91
N ILE H 69 12.55 -13.52 23.85
CA ILE H 69 13.47 -14.63 23.62
C ILE H 69 12.81 -15.70 22.75
N THR H 70 11.56 -16.06 23.06
CA THR H 70 10.85 -17.09 22.31
C THR H 70 10.80 -16.79 20.82
N ALA H 71 10.57 -15.52 20.47
CA ALA H 71 10.53 -15.15 19.06
C ALA H 71 11.90 -15.32 18.42
N GLY H 72 12.96 -15.02 19.18
CA GLY H 72 14.30 -15.14 18.64
C GLY H 72 14.69 -16.58 18.35
N MET H 73 14.26 -17.51 19.22
CA MET H 73 14.59 -18.91 19.00
C MET H 73 13.98 -19.44 17.70
N SER H 74 12.83 -18.90 17.30
CA SER H 74 12.22 -19.33 16.05
C SER H 74 13.11 -18.98 14.88
N ILE H 75 13.77 -17.82 14.94
CA ILE H 75 14.67 -17.40 13.88
C ILE H 75 15.95 -18.23 13.93
N TYR H 76 16.51 -18.42 15.13
CA TYR H 76 17.75 -19.18 15.27
C TYR H 76 17.57 -20.61 14.79
N ASP H 77 16.48 -21.27 15.19
CA ASP H 77 16.24 -22.64 14.77
C ASP H 77 16.07 -22.72 13.26
N THR H 78 15.41 -21.72 12.68
CA THR H 78 15.22 -21.71 11.22
C THR H 78 16.55 -21.56 10.49
N MET H 79 17.45 -20.74 11.02
CA MET H 79 18.73 -20.52 10.38
C MET H 79 19.55 -21.82 10.33
N GLN H 80 19.64 -22.51 11.46
CA GLN H 80 20.42 -23.74 11.51
C GLN H 80 19.77 -24.85 10.69
N PHE H 81 18.44 -24.86 10.61
CA PHE H 81 17.74 -25.91 9.89
C PHE H 81 18.02 -25.84 8.39
N ILE H 82 17.74 -24.70 7.77
CA ILE H 82 17.91 -24.56 6.33
C ILE H 82 19.38 -24.73 5.93
N LYS H 83 19.57 -25.30 4.75
CA LYS H 83 20.93 -25.52 4.22
C LYS H 83 21.70 -24.23 3.96
N PRO H 84 21.12 -23.18 3.36
CA PRO H 84 21.90 -21.96 3.09
C PRO H 84 22.55 -21.36 4.32
N ASP H 85 23.78 -20.91 4.15
CA ASP H 85 24.51 -20.25 5.21
C ASP H 85 23.95 -18.85 5.36
N VAL H 86 23.71 -18.44 6.60
CA VAL H 86 23.13 -17.13 6.89
C VAL H 86 24.25 -16.21 7.36
N SER H 87 24.45 -15.12 6.62
CA SER H 87 25.47 -14.14 6.93
C SER H 87 24.82 -13.04 7.75
N THR H 88 25.38 -12.76 8.92
CA THR H 88 24.86 -11.75 9.84
C THR H 88 25.76 -10.54 9.83
N ILE H 89 25.16 -9.37 9.65
CA ILE H 89 25.86 -8.09 9.62
C ILE H 89 25.24 -7.21 10.68
N CYS H 90 26.08 -6.62 11.52
CA CYS H 90 25.63 -5.76 12.60
C CYS H 90 25.71 -4.31 12.16
N MET H 91 24.56 -3.63 12.17
CA MET H 91 24.45 -2.23 11.79
C MET H 91 23.88 -1.46 12.97
N GLY H 92 24.62 -0.46 13.43
CA GLY H 92 24.16 0.35 14.54
C GLY H 92 24.34 -0.32 15.88
N GLN H 93 23.58 -1.38 16.16
CA GLN H 93 23.72 -2.06 17.44
C GLN H 93 23.12 -3.46 17.35
N ALA H 94 23.43 -4.25 18.38
CA ALA H 94 22.94 -5.63 18.49
C ALA H 94 22.88 -5.97 19.97
N ALA H 95 21.68 -6.00 20.52
CA ALA H 95 21.46 -6.30 21.93
C ALA H 95 21.51 -7.80 22.15
N SER H 96 21.08 -8.23 23.34
CA SER H 96 21.06 -9.63 23.77
C SER H 96 20.58 -10.59 22.69
N MET H 97 19.38 -10.35 22.15
CA MET H 97 18.87 -11.24 21.11
C MET H 97 19.58 -10.97 19.79
N GLY H 98 19.79 -9.70 19.45
CA GLY H 98 20.51 -9.38 18.23
C GLY H 98 21.91 -9.96 18.21
N ALA H 99 22.55 -9.98 19.37
CA ALA H 99 23.89 -10.55 19.46
C ALA H 99 23.84 -12.07 19.34
N PHE H 100 22.82 -12.68 19.94
CA PHE H 100 22.69 -14.13 19.85
C PHE H 100 22.46 -14.55 18.41
N LEU H 101 21.67 -13.78 17.67
CA LEU H 101 21.45 -14.09 16.27
C LEU H 101 22.69 -13.74 15.44
N LEU H 102 23.38 -12.67 15.83
CA LEU H 102 24.59 -12.25 15.12
C LEU H 102 25.65 -13.34 15.19
N THR H 103 25.94 -13.84 16.39
CA THR H 103 26.92 -14.90 16.55
C THR H 103 26.42 -16.22 16.00
N ALA H 104 25.11 -16.40 15.90
CA ALA H 104 24.54 -17.63 15.36
C ALA H 104 24.75 -17.77 13.86
N GLY H 105 25.27 -16.76 13.19
CA GLY H 105 25.49 -16.84 11.76
C GLY H 105 26.53 -17.88 11.42
N ALA H 106 26.65 -18.11 10.10
CA ALA H 106 27.60 -19.10 9.60
C ALA H 106 29.02 -18.71 9.98
N LYS H 107 29.78 -19.70 10.46
CA LYS H 107 31.16 -19.48 10.86
C LYS H 107 31.97 -18.95 9.69
N GLY H 108 32.57 -17.77 9.86
CA GLY H 108 33.37 -17.13 8.85
C GLY H 108 32.65 -16.06 8.06
N LYS H 109 31.32 -16.04 8.11
CA LYS H 109 30.52 -15.07 7.38
C LYS H 109 29.84 -14.04 8.28
N ARG H 110 30.22 -13.97 9.56
CA ARG H 110 29.67 -13.00 10.48
C ARG H 110 30.48 -11.72 10.39
N PHE H 111 29.80 -10.60 10.13
CA PHE H 111 30.44 -9.31 9.99
C PHE H 111 29.81 -8.28 10.90
N CYS H 112 30.56 -7.21 11.13
CA CYS H 112 30.12 -6.11 11.97
C CYS H 112 30.77 -4.83 11.47
N LEU H 113 30.03 -3.73 11.58
CA LEU H 113 30.54 -2.45 11.13
C LEU H 113 31.46 -1.86 12.21
N PRO H 114 32.40 -1.00 11.83
CA PRO H 114 33.36 -0.47 12.82
C PRO H 114 32.75 0.26 13.99
N ASN H 115 31.76 1.13 13.77
CA ASN H 115 31.15 1.90 14.85
C ASN H 115 29.96 1.19 15.48
N SER H 116 29.78 -0.11 15.23
CA SER H 116 28.67 -0.83 15.83
C SER H 116 28.93 -1.02 17.32
N ARG H 117 27.84 -1.27 18.05
CA ARG H 117 27.88 -1.48 19.50
C ARG H 117 27.10 -2.75 19.83
N VAL H 118 27.78 -3.72 20.40
CA VAL H 118 27.19 -5.01 20.75
C VAL H 118 27.07 -5.09 22.26
N MET H 119 25.93 -5.58 22.73
CA MET H 119 25.66 -5.71 24.16
C MET H 119 24.98 -7.04 24.41
N ILE H 120 25.47 -7.78 25.41
CA ILE H 120 24.94 -9.08 25.78
C ILE H 120 24.64 -9.07 27.27
N HIS H 121 23.44 -9.54 27.63
CA HIS H 121 23.02 -9.62 29.02
C HIS H 121 22.23 -10.90 29.21
N GLN H 122 22.02 -11.26 30.47
CA GLN H 122 21.25 -12.46 30.78
C GLN H 122 19.75 -12.18 30.61
N PRO H 123 18.93 -13.23 30.51
CA PRO H 123 17.50 -13.01 30.33
C PRO H 123 16.86 -12.35 31.54
N LEU H 124 15.85 -11.52 31.26
CA LEU H 124 15.10 -10.80 32.28
C LEU H 124 13.63 -11.11 32.11
N GLY H 125 12.96 -11.41 33.22
CA GLY H 125 11.55 -11.73 33.22
C GLY H 125 10.98 -11.53 34.61
N GLY H 126 9.66 -11.66 34.70
CA GLY H 126 8.99 -11.49 35.98
C GLY H 126 7.66 -12.19 36.02
N TYR H 127 7.26 -12.60 37.22
CA TYR H 127 5.99 -13.29 37.44
C TYR H 127 5.40 -12.85 38.77
N GLN H 128 4.08 -12.69 38.78
CA GLN H 128 3.33 -12.30 39.96
C GLN H 128 2.30 -13.37 40.26
N GLY H 129 2.30 -13.88 41.48
CA GLY H 129 1.34 -14.91 41.85
C GLY H 129 1.81 -15.66 43.09
N GLN H 130 1.29 -16.88 43.22
CA GLN H 130 1.61 -17.74 44.34
C GLN H 130 3.08 -18.16 44.30
N ALA H 131 3.59 -18.53 45.47
CA ALA H 131 4.97 -18.97 45.59
C ALA H 131 5.22 -20.22 44.75
N THR H 132 4.24 -21.13 44.70
CA THR H 132 4.39 -22.34 43.91
C THR H 132 4.59 -22.01 42.44
N ASP H 133 3.78 -21.10 41.91
CA ASP H 133 3.92 -20.71 40.51
C ASP H 133 5.25 -20.01 40.26
N ILE H 134 5.70 -19.20 41.23
CA ILE H 134 6.97 -18.50 41.10
C ILE H 134 8.12 -19.49 40.92
N GLU H 135 8.10 -20.57 41.70
CA GLU H 135 9.15 -21.59 41.59
C GLU H 135 9.16 -22.21 40.21
N ILE H 136 7.99 -22.36 39.59
CA ILE H 136 7.91 -22.96 38.26
C ILE H 136 8.52 -22.02 37.23
N HIS H 137 8.05 -20.77 37.19
CA HIS H 137 8.58 -19.82 36.22
C HIS H 137 10.04 -19.50 36.51
N ALA H 138 10.42 -19.47 37.78
CA ALA H 138 11.82 -19.19 38.13
C ALA H 138 12.74 -20.28 37.59
N ARG H 139 12.30 -21.53 37.65
CA ARG H 139 13.11 -22.62 37.11
C ARG H 139 13.18 -22.54 35.60
N GLU H 140 12.08 -22.15 34.96
CA GLU H 140 12.05 -22.10 33.49
C GLU H 140 13.01 -21.06 32.95
N ILE H 141 13.02 -19.86 33.54
CA ILE H 141 13.92 -18.83 33.03
C ILE H 141 15.37 -19.21 33.29
N LEU H 142 15.64 -19.93 34.38
CA LEU H 142 17.01 -20.36 34.64
C LEU H 142 17.46 -21.35 33.57
N LYS H 143 16.56 -22.21 33.13
CA LYS H 143 16.89 -23.16 32.07
C LYS H 143 17.22 -22.41 30.79
N VAL H 144 16.44 -21.38 30.48
CA VAL H 144 16.68 -20.57 29.28
C VAL H 144 18.03 -19.87 29.39
N LYS H 145 18.36 -19.39 30.58
CA LYS H 145 19.64 -18.71 30.78
C LYS H 145 20.79 -19.66 30.49
N GLY H 146 20.70 -20.89 31.02
CA GLY H 146 21.73 -21.87 30.76
C GLY H 146 21.76 -22.31 29.31
N ARG H 147 20.57 -22.49 28.71
CA ARG H 147 20.49 -22.91 27.33
C ARG H 147 21.06 -21.86 26.40
N MET H 148 20.74 -20.58 26.63
CA MET H 148 21.26 -19.52 25.78
C MET H 148 22.78 -19.40 25.93
N ASN H 149 23.28 -19.51 27.16
CA ASN H 149 24.72 -19.43 27.38
C ASN H 149 25.43 -20.60 26.74
N GLU H 150 24.83 -21.79 26.77
CA GLU H 150 25.44 -22.96 26.16
C GLU H 150 25.59 -22.78 24.65
N LEU H 151 24.60 -22.16 24.03
CA LEU H 151 24.66 -21.95 22.59
C LEU H 151 25.64 -20.84 22.22
N MET H 152 25.72 -19.79 23.04
CA MET H 152 26.65 -18.70 22.76
C MET H 152 28.09 -19.19 22.85
N ALA H 153 28.38 -20.05 23.82
CA ALA H 153 29.73 -20.60 23.96
C ALA H 153 30.13 -21.39 22.73
N LEU H 154 29.18 -22.09 22.12
CA LEU H 154 29.47 -22.90 20.94
C LEU H 154 29.86 -22.03 19.75
N HIS H 155 29.07 -20.99 19.46
CA HIS H 155 29.36 -20.14 18.33
C HIS H 155 30.58 -19.26 18.58
N THR H 156 30.63 -18.62 19.75
CA THR H 156 31.76 -17.74 20.06
C THR H 156 33.04 -18.52 20.28
N GLY H 157 32.95 -19.74 20.81
CA GLY H 157 34.12 -20.54 21.09
C GLY H 157 34.68 -20.36 22.49
N GLN H 158 34.08 -19.49 23.29
CA GLN H 158 34.53 -19.26 24.66
C GLN H 158 33.97 -20.36 25.57
N SER H 159 34.60 -20.50 26.73
CA SER H 159 34.14 -21.49 27.69
C SER H 159 32.82 -21.07 28.29
N LEU H 160 32.07 -22.06 28.77
CA LEU H 160 30.77 -21.79 29.38
C LEU H 160 30.92 -20.94 30.63
N GLU H 161 31.95 -21.21 31.44
CA GLU H 161 32.17 -20.44 32.66
C GLU H 161 32.42 -18.98 32.36
N GLN H 162 33.24 -18.70 31.34
CA GLN H 162 33.54 -17.32 30.97
C GLN H 162 32.28 -16.58 30.55
N ILE H 163 31.40 -17.25 29.80
CA ILE H 163 30.18 -16.61 29.33
C ILE H 163 29.28 -16.24 30.51
N GLU H 164 29.15 -17.15 31.48
CA GLU H 164 28.31 -16.87 32.64
C GLU H 164 28.80 -15.64 33.39
N ARG H 165 30.11 -15.51 33.57
CA ARG H 165 30.68 -14.36 34.26
C ARG H 165 30.42 -13.07 33.50
N ASP H 166 30.68 -13.08 32.19
CA ASP H 166 30.51 -11.87 31.39
C ASP H 166 29.03 -11.52 31.21
N THR H 167 28.17 -12.52 31.02
CA THR H 167 26.76 -12.25 30.81
C THR H 167 25.98 -12.04 32.11
N GLU H 168 26.63 -12.15 33.28
CA GLU H 168 25.94 -11.92 34.53
C GLU H 168 25.37 -10.51 34.59
N ARG H 169 26.11 -9.55 34.03
CA ARG H 169 25.71 -8.16 33.96
C ARG H 169 25.95 -7.68 32.53
N ASP H 170 25.29 -6.58 32.19
CA ASP H 170 25.42 -6.00 30.85
C ASP H 170 26.87 -5.72 30.52
N ARG H 171 27.30 -6.21 29.35
CA ARG H 171 28.66 -6.05 28.86
C ARG H 171 28.60 -5.50 27.45
N PHE H 172 29.24 -4.36 27.22
CA PHE H 172 29.27 -3.72 25.91
C PHE H 172 30.60 -4.02 25.23
N LEU H 173 30.52 -4.51 24.00
CA LEU H 173 31.69 -4.86 23.21
C LEU H 173 31.67 -4.09 21.90
N SER H 174 32.78 -3.45 21.57
CA SER H 174 32.89 -2.74 20.31
C SER H 174 33.14 -3.75 19.20
N ALA H 175 33.20 -3.25 17.96
CA ALA H 175 33.46 -4.14 16.82
C ALA H 175 34.78 -4.89 16.95
N PRO H 176 35.91 -4.24 17.28
CA PRO H 176 37.15 -5.03 17.41
C PRO H 176 37.11 -5.97 18.59
N GLU H 177 36.50 -5.54 19.70
CA GLU H 177 36.41 -6.39 20.88
C GLU H 177 35.56 -7.62 20.59
N ALA H 178 34.51 -7.47 19.78
CA ALA H 178 33.65 -8.59 19.44
C ALA H 178 34.43 -9.67 18.69
N VAL H 179 35.36 -9.25 17.82
CA VAL H 179 36.16 -10.21 17.07
C VAL H 179 36.97 -11.08 18.00
N GLU H 180 37.54 -10.49 19.05
CA GLU H 180 38.32 -11.25 20.01
C GLU H 180 37.43 -12.19 20.81
N TYR H 181 36.25 -11.71 21.22
CA TYR H 181 35.34 -12.53 22.00
C TYR H 181 34.79 -13.69 21.17
N GLY H 182 34.73 -13.53 19.85
CA GLY H 182 34.23 -14.56 18.96
C GLY H 182 32.82 -14.35 18.45
N LEU H 183 32.18 -13.22 18.79
CA LEU H 183 30.83 -12.98 18.31
C LEU H 183 30.80 -12.82 16.80
N VAL H 184 31.81 -12.15 16.24
CA VAL H 184 31.92 -11.90 14.81
C VAL H 184 33.30 -12.33 14.35
N ASP H 185 33.47 -12.42 13.03
CA ASP H 185 34.71 -12.85 12.41
C ASP H 185 35.57 -11.71 11.88
N SER H 186 34.98 -10.78 11.13
CA SER H 186 35.74 -9.68 10.56
C SER H 186 34.90 -8.41 10.54
N ILE H 187 35.56 -7.31 10.20
CA ILE H 187 34.96 -5.98 10.12
C ILE H 187 34.97 -5.52 8.67
N LEU H 188 33.87 -4.89 8.25
CA LEU H 188 33.72 -4.36 6.89
C LEU H 188 33.96 -2.85 6.95
N THR H 189 35.23 -2.46 6.84
CA THR H 189 35.58 -1.05 6.90
C THR H 189 35.32 -0.33 5.59
N HIS H 190 35.82 -0.87 4.49
CA HIS H 190 35.67 -0.25 3.18
C HIS H 190 35.46 -1.32 2.11
N ARG H 191 34.82 -0.90 1.01
CA ARG H 191 34.57 -1.80 -0.10
C ARG H 191 35.89 -2.07 -0.82
N ASN H 192 36.17 -3.35 -1.04
CA ASN H 192 37.40 -3.78 -1.73
C ASN H 192 37.06 -4.31 -3.11
N LEU I 1 -0.22 14.30 2.10
CA LEU I 1 -0.29 13.48 0.90
C LEU I 1 0.87 13.80 -0.04
N VAL I 2 1.48 12.77 -0.60
CA VAL I 2 2.62 12.92 -1.51
C VAL I 2 2.09 13.02 -2.95
N PRO I 3 2.52 13.98 -3.76
CA PRO I 3 2.03 14.04 -5.14
C PRO I 3 2.73 13.05 -6.04
N MET I 4 2.05 12.71 -7.13
CA MET I 4 2.54 11.79 -8.14
C MET I 4 2.94 12.57 -9.38
N VAL I 5 4.09 12.23 -9.95
CA VAL I 5 4.63 12.89 -11.14
C VAL I 5 4.87 11.85 -12.23
N ILE I 6 4.76 12.30 -13.47
CA ILE I 6 4.93 11.46 -14.65
C ILE I 6 6.32 11.67 -15.21
N GLU I 7 6.98 10.56 -15.57
CA GLU I 7 8.31 10.57 -16.17
C GLU I 7 8.20 10.03 -17.59
N GLN I 8 8.74 10.76 -18.55
CA GLN I 8 8.70 10.36 -19.95
C GLN I 8 9.97 9.57 -20.28
N THR I 9 9.78 8.33 -20.72
CA THR I 9 10.87 7.44 -21.10
C THR I 9 10.58 6.88 -22.49
N SER I 10 11.62 6.27 -23.08
CA SER I 10 11.46 5.68 -24.41
C SER I 10 10.39 4.59 -24.39
N ARG I 11 10.35 3.78 -23.33
CA ARG I 11 9.35 2.73 -23.24
C ARG I 11 7.95 3.32 -23.14
N GLY I 12 7.81 4.44 -22.44
CA GLY I 12 6.53 5.10 -22.29
C GLY I 12 6.49 5.86 -20.97
N GLU I 13 5.36 6.52 -20.77
CA GLU I 13 5.16 7.31 -19.56
C GLU I 13 5.01 6.39 -18.35
N ARG I 14 5.58 6.82 -17.22
CA ARG I 14 5.53 6.08 -15.97
C ARG I 14 5.21 7.05 -14.84
N SER I 15 4.50 6.56 -13.85
CA SER I 15 4.09 7.37 -12.70
C SER I 15 4.97 7.06 -11.50
N PHE I 16 5.50 8.10 -10.88
CA PHE I 16 6.39 7.99 -9.73
C PHE I 16 5.96 8.96 -8.64
N ASP I 17 6.17 8.55 -7.39
CA ASP I 17 5.93 9.47 -6.29
C ASP I 17 7.08 10.48 -6.29
N ILE I 18 6.83 11.64 -5.68
CA ILE I 18 7.83 12.70 -5.69
C ILE I 18 9.13 12.25 -5.05
N TYR I 19 9.06 11.42 -4.02
CA TYR I 19 10.29 10.96 -3.37
C TYR I 19 11.01 9.90 -4.20
N SER I 20 10.27 9.01 -4.85
CA SER I 20 10.89 7.98 -5.66
C SER I 20 11.52 8.56 -6.91
N ARG I 21 10.88 9.57 -7.50
CA ARG I 21 11.44 10.20 -8.69
C ARG I 21 12.81 10.80 -8.41
N LEU I 22 12.97 11.42 -7.24
CA LEU I 22 14.26 11.99 -6.89
C LEU I 22 15.26 10.91 -6.52
N LEU I 23 14.77 9.77 -6.02
CA LEU I 23 15.68 8.67 -5.68
C LEU I 23 16.38 8.18 -6.94
N LYS I 24 15.65 8.13 -8.06
CA LYS I 24 16.23 7.72 -9.33
C LYS I 24 17.42 8.58 -9.72
N GLU I 25 17.44 9.84 -9.28
CA GLU I 25 18.52 10.77 -9.57
C GLU I 25 19.58 10.80 -8.46
N ARG I 26 19.62 9.76 -7.62
CA ARG I 26 20.61 9.65 -6.54
C ARG I 26 20.44 10.72 -5.48
N VAL I 27 19.19 11.00 -5.11
CA VAL I 27 18.86 11.98 -4.08
C VAL I 27 18.11 11.26 -2.96
N ILE I 28 18.66 11.32 -1.75
CA ILE I 28 18.08 10.69 -0.57
C ILE I 28 17.68 11.79 0.40
N PHE I 29 16.48 11.68 0.95
CA PHE I 29 15.93 12.66 1.88
C PHE I 29 16.01 12.15 3.32
N LEU I 30 16.75 12.87 4.15
CA LEU I 30 16.87 12.57 5.58
C LEU I 30 16.02 13.62 6.29
N THR I 31 14.95 13.19 6.95
CA THR I 31 14.03 14.11 7.60
C THR I 31 13.50 13.54 8.91
N GLY I 32 13.36 14.42 9.89
CA GLY I 32 12.82 14.07 11.18
C GLY I 32 13.82 13.43 12.13
N GLN I 33 13.28 13.04 13.28
CA GLN I 33 14.08 12.39 14.32
C GLN I 33 14.70 11.11 13.79
N VAL I 34 16.01 10.97 13.99
CA VAL I 34 16.71 9.79 13.52
C VAL I 34 16.31 8.59 14.37
N GLU I 35 16.10 7.46 13.72
CA GLU I 35 15.70 6.24 14.42
C GLU I 35 16.10 5.04 13.58
N ASP I 36 15.96 3.86 14.19
CA ASP I 36 16.34 2.61 13.53
C ASP I 36 15.55 2.37 12.26
N HIS I 37 14.25 2.68 12.27
CA HIS I 37 13.41 2.39 11.11
C HIS I 37 13.79 3.24 9.91
N MET I 38 13.85 4.56 10.08
CA MET I 38 14.22 5.41 8.94
C MET I 38 15.66 5.19 8.52
N ALA I 39 16.53 4.85 9.48
CA ALA I 39 17.93 4.63 9.15
C ALA I 39 18.09 3.43 8.23
N ASN I 40 17.37 2.34 8.50
CA ASN I 40 17.44 1.17 7.63
C ASN I 40 16.94 1.51 6.24
N LEU I 41 15.99 2.43 6.14
CA LEU I 41 15.49 2.84 4.83
C LEU I 41 16.56 3.56 4.04
N ILE I 42 17.28 4.47 4.69
CA ILE I 42 18.34 5.21 4.02
C ILE I 42 19.47 4.26 3.63
N VAL I 43 19.80 3.31 4.50
CA VAL I 43 20.83 2.33 4.20
C VAL I 43 20.46 1.55 2.95
N ALA I 44 19.21 1.12 2.86
CA ALA I 44 18.78 0.37 1.68
C ALA I 44 18.86 1.24 0.44
N GLN I 45 18.51 2.52 0.56
CA GLN I 45 18.59 3.43 -0.58
C GLN I 45 20.03 3.64 -1.00
N MET I 46 20.95 3.73 -0.05
CA MET I 46 22.36 3.91 -0.37
C MET I 46 22.92 2.71 -1.09
N LEU I 47 22.68 1.50 -0.54
CA LEU I 47 23.18 0.29 -1.16
C LEU I 47 22.58 0.08 -2.54
N PHE I 48 21.30 0.43 -2.71
CA PHE I 48 20.65 0.26 -4.00
C PHE I 48 21.32 1.11 -5.07
N LEU I 49 21.63 2.37 -4.75
CA LEU I 49 22.26 3.25 -5.71
C LEU I 49 23.68 2.80 -6.04
N GLU I 50 24.38 2.24 -5.06
CA GLU I 50 25.74 1.76 -5.29
C GLU I 50 25.77 0.69 -6.39
N ALA I 51 24.79 -0.21 -6.38
CA ALA I 51 24.74 -1.25 -7.38
C ALA I 51 24.46 -0.70 -8.76
N GLU I 52 23.55 0.27 -8.86
CA GLU I 52 23.20 0.86 -10.15
C GLU I 52 24.40 1.55 -10.79
N ASN I 53 25.09 2.38 -10.03
CA ASN I 53 26.25 3.11 -10.53
C ASN I 53 27.17 3.47 -9.37
N PRO I 54 28.17 2.63 -9.05
CA PRO I 54 29.07 2.97 -7.93
C PRO I 54 29.99 4.15 -8.19
N GLU I 55 30.01 4.70 -9.41
CA GLU I 55 30.87 5.83 -9.73
C GLU I 55 30.18 7.17 -9.50
N LYS I 56 28.91 7.29 -9.86
CA LYS I 56 28.20 8.55 -9.67
C LYS I 56 28.06 8.88 -8.19
N ASP I 57 28.04 10.18 -7.90
CA ASP I 57 27.96 10.64 -6.52
C ASP I 57 26.52 10.70 -6.05
N ILE I 58 26.30 10.31 -4.80
CA ILE I 58 24.98 10.32 -4.18
C ILE I 58 24.81 11.63 -3.43
N TYR I 59 23.56 12.03 -3.22
CA TYR I 59 23.21 13.25 -2.52
C TYR I 59 22.34 12.90 -1.32
N LEU I 60 22.60 13.56 -0.19
CA LEU I 60 21.90 13.32 1.07
C LEU I 60 21.49 14.65 1.69
N TYR I 61 20.24 15.02 1.50
CA TYR I 61 19.72 16.25 2.10
C TYR I 61 19.46 15.97 3.57
N ILE I 62 19.94 16.86 4.44
CA ILE I 62 19.83 16.68 5.89
C ILE I 62 19.06 17.84 6.50
N ASN I 63 17.82 17.56 6.93
CA ASN I 63 16.98 18.51 7.65
C ASN I 63 16.38 17.68 8.79
N SER I 64 17.07 17.65 9.93
CA SER I 64 16.60 16.84 11.05
C SER I 64 17.05 17.45 12.37
N PRO I 65 16.31 17.22 13.46
CA PRO I 65 16.71 17.74 14.77
C PRO I 65 17.58 16.80 15.59
N GLY I 66 18.06 15.70 15.00
CA GLY I 66 18.88 14.74 15.70
C GLY I 66 18.11 13.51 16.11
N GLY I 67 18.79 12.63 16.84
CA GLY I 67 18.13 11.41 17.29
C GLY I 67 19.10 10.43 17.93
N VAL I 68 18.75 9.15 17.81
CA VAL I 68 19.54 8.08 18.39
C VAL I 68 20.93 8.04 17.76
N ILE I 69 21.93 7.78 18.59
CA ILE I 69 23.31 7.72 18.12
C ILE I 69 23.54 6.46 17.30
N THR I 70 23.10 5.31 17.82
CA THR I 70 23.32 4.02 17.16
C THR I 70 22.76 4.01 15.74
N ALA I 71 21.57 4.56 15.55
CA ALA I 71 20.98 4.59 14.20
C ALA I 71 21.85 5.43 13.27
N GLY I 72 22.40 6.53 13.78
CA GLY I 72 23.23 7.38 12.95
C GLY I 72 24.53 6.72 12.52
N MET I 73 25.15 5.94 13.42
CA MET I 73 26.40 5.29 13.07
C MET I 73 26.22 4.30 11.93
N SER I 74 25.04 3.68 11.82
CA SER I 74 24.80 2.77 10.71
C SER I 74 24.87 3.51 9.39
N ILE I 75 24.32 4.73 9.35
CA ILE I 75 24.36 5.54 8.14
C ILE I 75 25.78 6.01 7.87
N TYR I 76 26.49 6.43 8.92
CA TYR I 76 27.86 6.91 8.76
C TYR I 76 28.76 5.81 8.21
N ASP I 77 28.68 4.62 8.79
CA ASP I 77 29.51 3.50 8.33
C ASP I 77 29.14 3.13 6.89
N THR I 78 27.86 3.22 6.55
CA THR I 78 27.43 2.90 5.20
C THR I 78 27.99 3.90 4.20
N MET I 79 28.01 5.19 4.56
CA MET I 79 28.52 6.21 3.66
C MET I 79 30.01 6.01 3.38
N GLN I 80 30.77 5.61 4.39
CA GLN I 80 32.21 5.40 4.21
C GLN I 80 32.52 4.09 3.54
N PHE I 81 31.71 3.05 3.79
CA PHE I 81 31.97 1.74 3.18
C PHE I 81 31.82 1.79 1.67
N ILE I 82 30.68 2.28 1.18
CA ILE I 82 30.43 2.32 -0.25
C ILE I 82 31.44 3.23 -0.95
N LYS I 83 31.66 2.95 -2.24
CA LYS I 83 32.56 3.69 -3.10
C LYS I 83 32.07 5.08 -3.47
N PRO I 84 30.79 5.26 -3.84
CA PRO I 84 30.32 6.59 -4.22
C PRO I 84 30.54 7.65 -3.15
N ASP I 85 30.91 8.84 -3.60
CA ASP I 85 31.10 9.98 -2.71
C ASP I 85 29.71 10.52 -2.36
N VAL I 86 29.43 10.60 -1.07
CA VAL I 86 28.14 11.08 -0.58
C VAL I 86 28.24 12.59 -0.36
N SER I 87 27.43 13.34 -1.09
CA SER I 87 27.42 14.80 -1.01
C SER I 87 26.29 15.20 -0.07
N THR I 88 26.65 15.67 1.11
CA THR I 88 25.69 16.09 2.11
C THR I 88 25.33 17.56 1.95
N ILE I 89 24.06 17.86 2.12
CA ILE I 89 23.53 19.22 2.00
C ILE I 89 22.68 19.48 3.24
N CYS I 90 22.78 20.70 3.76
CA CYS I 90 22.07 21.12 4.97
C CYS I 90 20.93 22.04 4.59
N MET I 91 19.71 21.60 4.88
CA MET I 91 18.48 22.35 4.60
C MET I 91 17.79 22.60 5.93
N GLY I 92 17.58 23.87 6.26
CA GLY I 92 16.91 24.22 7.49
C GLY I 92 17.83 24.14 8.70
N GLN I 93 18.23 22.94 9.08
CA GLN I 93 19.11 22.79 10.25
C GLN I 93 19.79 21.44 10.22
N ALA I 94 20.76 21.28 11.10
CA ALA I 94 21.52 20.04 11.25
C ALA I 94 21.97 19.96 12.70
N ALA I 95 21.30 19.10 13.46
CA ALA I 95 21.59 18.90 14.88
C ALA I 95 22.79 17.98 15.02
N SER I 96 23.01 17.50 16.26
CA SER I 96 24.11 16.61 16.61
C SER I 96 24.36 15.50 15.59
N MET I 97 23.33 14.69 15.32
CA MET I 97 23.51 13.62 14.34
C MET I 97 23.53 14.19 12.93
N GLY I 98 22.65 15.15 12.64
CA GLY I 98 22.64 15.76 11.33
C GLY I 98 23.95 16.43 11.01
N ALA I 99 24.61 17.01 12.00
CA ALA I 99 25.89 17.66 11.79
C ALA I 99 27.00 16.64 11.64
N PHE I 100 26.95 15.58 12.44
CA PHE I 100 27.96 14.52 12.35
C PHE I 100 27.88 13.84 10.98
N LEU I 101 26.67 13.67 10.47
CA LEU I 101 26.51 13.09 9.14
C LEU I 101 26.86 14.10 8.06
N LEU I 102 26.54 15.37 8.30
CA LEU I 102 26.84 16.41 7.32
C LEU I 102 28.34 16.52 7.08
N THR I 103 29.12 16.62 8.15
CA THR I 103 30.57 16.71 8.01
C THR I 103 31.17 15.40 7.52
N ALA I 104 30.46 14.28 7.69
CA ALA I 104 30.95 12.99 7.24
C ALA I 104 30.95 12.85 5.72
N GLY I 105 30.35 13.78 5.00
CA GLY I 105 30.31 13.72 3.56
C GLY I 105 31.70 13.80 2.96
N ALA I 106 31.76 13.44 1.67
CA ALA I 106 33.02 13.45 0.95
C ALA I 106 33.66 14.83 0.97
N LYS I 107 34.97 14.85 1.15
CA LYS I 107 35.71 16.11 1.19
C LYS I 107 35.53 16.88 -0.09
N GLY I 108 35.15 18.15 0.02
CA GLY I 108 34.93 18.99 -1.12
C GLY I 108 33.52 18.96 -1.69
N LYS I 109 32.65 18.09 -1.18
CA LYS I 109 31.27 17.96 -1.65
C LYS I 109 30.26 18.22 -0.54
N ARG I 110 30.68 18.86 0.55
CA ARG I 110 29.78 19.19 1.64
C ARG I 110 29.28 20.61 1.43
N PHE I 111 27.96 20.79 1.44
CA PHE I 111 27.36 22.10 1.22
C PHE I 111 26.30 22.38 2.28
N CYS I 112 25.92 23.64 2.35
CA CYS I 112 24.91 24.10 3.29
C CYS I 112 24.28 25.38 2.73
N LEU I 113 22.98 25.52 2.95
CA LEU I 113 22.28 26.69 2.48
C LEU I 113 22.68 27.90 3.32
N PRO I 114 22.52 29.12 2.78
CA PRO I 114 22.97 30.31 3.54
C PRO I 114 22.31 30.51 4.88
N ASN I 115 21.00 30.24 5.02
CA ASN I 115 20.29 30.46 6.26
C ASN I 115 20.17 29.21 7.14
N SER I 116 20.86 28.13 6.80
CA SER I 116 20.79 26.94 7.62
C SER I 116 21.50 27.18 8.95
N ARG I 117 21.09 26.42 9.97
CA ARG I 117 21.64 26.53 11.31
C ARG I 117 22.12 25.15 11.76
N VAL I 118 23.42 25.04 12.02
CA VAL I 118 24.03 23.79 12.47
C VAL I 118 24.22 23.86 13.97
N MET I 119 24.15 22.70 14.62
CA MET I 119 24.32 22.62 16.07
C MET I 119 24.98 21.31 16.42
N ILE I 120 25.96 21.38 17.31
CA ILE I 120 26.72 20.22 17.78
C ILE I 120 26.74 20.21 19.30
N HIS I 121 26.47 19.05 19.88
CA HIS I 121 26.49 18.89 21.32
C HIS I 121 26.95 17.48 21.64
N GLN I 122 27.29 17.25 22.90
CA GLN I 122 27.75 15.94 23.33
C GLN I 122 26.56 14.98 23.47
N PRO I 123 26.82 13.67 23.52
CA PRO I 123 25.71 12.72 23.62
C PRO I 123 24.88 12.90 24.89
N LEU I 124 23.62 12.50 24.79
CA LEU I 124 22.65 12.55 25.88
C LEU I 124 22.18 11.15 26.19
N GLY I 125 22.15 10.80 27.47
CA GLY I 125 21.73 9.48 27.88
C GLY I 125 21.43 9.43 29.36
N GLY I 126 20.90 8.29 29.78
CA GLY I 126 20.56 8.10 31.18
C GLY I 126 20.27 6.66 31.48
N TYR I 127 20.42 6.31 32.76
CA TYR I 127 20.17 4.96 33.22
C TYR I 127 19.72 4.99 34.68
N GLN I 128 18.79 4.09 35.01
CA GLN I 128 18.26 3.95 36.36
C GLN I 128 18.49 2.52 36.81
N GLY I 129 19.13 2.35 37.96
CA GLY I 129 19.38 1.02 38.46
C GLY I 129 20.50 1.05 39.50
N GLN I 130 21.05 -0.13 39.75
CA GLN I 130 22.13 -0.30 40.71
C GLN I 130 23.34 0.56 40.32
N ALA I 131 24.17 0.85 41.33
CA ALA I 131 25.36 1.65 41.09
C ALA I 131 26.32 0.95 40.14
N THR I 132 26.40 -0.39 40.24
CA THR I 132 27.29 -1.14 39.36
C THR I 132 26.87 -0.98 37.91
N ASP I 133 25.57 -1.13 37.64
CA ASP I 133 25.08 -0.97 36.27
C ASP I 133 25.27 0.46 35.78
N ILE I 134 25.09 1.43 36.67
CA ILE I 134 25.27 2.83 36.28
C ILE I 134 26.69 3.08 35.80
N GLU I 135 27.67 2.51 36.50
CA GLU I 135 29.07 2.66 36.09
C GLU I 135 29.30 2.03 34.72
N ILE I 136 28.70 0.86 34.49
CA ILE I 136 28.85 0.19 33.20
C ILE I 136 28.30 1.06 32.08
N HIS I 137 27.05 1.50 32.22
CA HIS I 137 26.44 2.33 31.19
C HIS I 137 27.12 3.69 31.07
N ALA I 138 27.62 4.22 32.19
CA ALA I 138 28.29 5.52 32.15
C ALA I 138 29.56 5.47 31.32
N ARG I 139 30.30 4.36 31.40
CA ARG I 139 31.53 4.23 30.62
C ARG I 139 31.25 4.18 29.13
N GLU I 140 30.10 3.66 28.72
CA GLU I 140 29.80 3.56 27.30
C GLU I 140 29.60 4.94 26.67
N ILE I 141 28.79 5.78 27.32
CA ILE I 141 28.54 7.11 26.78
C ILE I 141 29.81 7.93 26.72
N LEU I 142 30.75 7.70 27.64
CA LEU I 142 32.02 8.40 27.57
C LEU I 142 32.82 7.93 26.37
N LYS I 143 32.82 6.62 26.10
CA LYS I 143 33.53 6.11 24.94
C LYS I 143 32.88 6.63 23.66
N VAL I 144 31.54 6.65 23.64
CA VAL I 144 30.84 7.17 22.48
C VAL I 144 31.15 8.64 22.28
N LYS I 145 31.21 9.40 23.39
CA LYS I 145 31.55 10.81 23.29
C LYS I 145 32.96 10.99 22.75
N GLY I 146 33.90 10.19 23.26
CA GLY I 146 35.26 10.26 22.75
C GLY I 146 35.38 9.76 21.33
N ARG I 147 34.61 8.72 21.00
CA ARG I 147 34.64 8.16 19.66
C ARG I 147 34.04 9.13 18.65
N MET I 148 32.93 9.78 19.01
CA MET I 148 32.29 10.72 18.09
C MET I 148 33.15 11.96 17.90
N ASN I 149 33.81 12.42 18.96
CA ASN I 149 34.66 13.61 18.83
C ASN I 149 35.89 13.32 17.98
N GLU I 150 36.43 12.10 18.08
CA GLU I 150 37.58 11.73 17.26
C GLU I 150 37.25 11.81 15.78
N LEU I 151 36.08 11.30 15.40
CA LEU I 151 35.67 11.32 14.00
C LEU I 151 35.42 12.75 13.54
N MET I 152 34.84 13.58 14.39
CA MET I 152 34.56 14.96 14.02
C MET I 152 35.85 15.70 13.71
N ALA I 153 36.89 15.45 14.49
CA ALA I 153 38.18 16.09 14.24
C ALA I 153 38.75 15.64 12.91
N LEU I 154 38.55 14.38 12.55
CA LEU I 154 39.08 13.84 11.31
C LEU I 154 38.46 14.53 10.09
N HIS I 155 37.15 14.73 10.12
CA HIS I 155 36.47 15.36 8.98
C HIS I 155 36.64 16.87 8.98
N THR I 156 36.30 17.52 10.10
CA THR I 156 36.43 18.97 10.19
C THR I 156 37.87 19.43 10.10
N GLY I 157 38.80 18.65 10.65
CA GLY I 157 40.21 19.00 10.65
C GLY I 157 40.66 19.73 11.89
N GLN I 158 39.74 20.04 12.81
CA GLN I 158 40.09 20.71 14.05
C GLN I 158 40.73 19.72 15.01
N SER I 159 41.49 20.25 15.96
CA SER I 159 42.14 19.39 16.93
C SER I 159 41.12 18.77 17.86
N LEU I 160 41.47 17.61 18.42
CA LEU I 160 40.58 16.91 19.34
C LEU I 160 40.28 17.76 20.57
N GLU I 161 41.29 18.48 21.07
CA GLU I 161 41.11 19.31 22.25
C GLU I 161 40.08 20.41 22.00
N GLN I 162 40.16 21.05 20.84
CA GLN I 162 39.22 22.12 20.50
C GLN I 162 37.80 21.57 20.36
N ILE I 163 37.66 20.38 19.78
CA ILE I 163 36.34 19.79 19.60
C ILE I 163 35.70 19.49 20.95
N GLU I 164 36.50 19.03 21.92
CA GLU I 164 35.97 18.71 23.23
C GLU I 164 35.41 19.95 23.92
N ARG I 165 36.17 21.05 23.89
CA ARG I 165 35.71 22.28 24.52
C ARG I 165 34.44 22.81 23.87
N ASP I 166 34.40 22.83 22.55
CA ASP I 166 33.24 23.37 21.84
C ASP I 166 32.01 22.48 21.97
N THR I 167 32.20 21.16 22.06
CA THR I 167 31.07 20.24 22.17
C THR I 167 30.62 20.01 23.61
N GLU I 168 31.30 20.60 24.60
CA GLU I 168 30.90 20.43 25.99
C GLU I 168 29.47 20.92 26.20
N ARG I 169 29.10 22.02 25.55
CA ARG I 169 27.77 22.60 25.63
C ARG I 169 27.28 22.86 24.22
N ASP I 170 25.96 23.02 24.10
CA ASP I 170 25.33 23.27 22.81
C ASP I 170 25.93 24.49 22.14
N ARG I 171 26.43 24.31 20.93
CA ARG I 171 27.04 25.37 20.14
C ARG I 171 26.34 25.44 18.79
N PHE I 172 25.82 26.62 18.47
CA PHE I 172 25.11 26.84 17.21
C PHE I 172 26.05 27.56 16.26
N LEU I 173 26.15 27.04 15.03
CA LEU I 173 27.03 27.58 14.01
C LEU I 173 26.24 27.92 12.75
N SER I 174 26.37 29.15 12.29
CA SER I 174 25.73 29.58 11.07
C SER I 174 26.45 28.95 9.87
N ALA I 175 25.85 29.11 8.69
CA ALA I 175 26.46 28.57 7.48
C ALA I 175 27.87 29.10 7.24
N PRO I 176 28.14 30.40 7.32
CA PRO I 176 29.53 30.84 7.11
C PRO I 176 30.46 30.37 8.20
N GLU I 177 29.99 30.38 9.46
CA GLU I 177 30.82 29.94 10.57
C GLU I 177 31.18 28.47 10.44
N ALA I 178 30.27 27.66 9.90
CA ALA I 178 30.55 26.24 9.73
C ALA I 178 31.68 26.00 8.74
N VAL I 179 31.79 26.84 7.71
CA VAL I 179 32.85 26.68 6.73
C VAL I 179 34.21 26.85 7.38
N GLU I 180 34.34 27.85 8.26
CA GLU I 180 35.61 28.07 8.95
C GLU I 180 35.93 26.92 9.89
N TYR I 181 34.92 26.41 10.59
CA TYR I 181 35.14 25.30 11.51
C TYR I 181 35.55 24.05 10.77
N GLY I 182 34.98 23.83 9.58
CA GLY I 182 35.29 22.67 8.75
C GLY I 182 34.13 21.72 8.54
N LEU I 183 32.96 21.98 9.12
CA LEU I 183 31.82 21.09 8.94
C LEU I 183 31.38 21.03 7.49
N VAL I 184 31.49 22.13 6.76
CA VAL I 184 31.08 22.22 5.36
C VAL I 184 32.22 22.83 4.55
N ASP I 185 32.12 22.69 3.24
CA ASP I 185 33.11 23.18 2.30
C ASP I 185 32.69 24.46 1.58
N SER I 186 31.44 24.54 1.12
CA SER I 186 30.98 25.71 0.39
C SER I 186 29.51 25.96 0.69
N ILE I 187 29.05 27.14 0.28
CA ILE I 187 27.68 27.61 0.48
C ILE I 187 27.01 27.72 -0.89
N LEU I 188 25.76 27.25 -0.97
CA LEU I 188 24.97 27.30 -2.20
C LEU I 188 23.97 28.44 -2.08
N THR I 189 24.39 29.64 -2.49
CA THR I 189 23.50 30.80 -2.42
C THR I 189 22.58 30.88 -3.63
N HIS I 190 23.13 30.73 -4.84
CA HIS I 190 22.34 30.80 -6.06
C HIS I 190 22.94 29.85 -7.09
N ARG I 191 22.11 29.45 -8.05
CA ARG I 191 22.55 28.55 -9.10
C ARG I 191 23.30 29.34 -10.16
N ASN I 192 24.53 28.93 -10.44
CA ASN I 192 25.37 29.59 -11.44
C ASN I 192 25.27 28.88 -12.78
N LEU J 1 -11.56 13.18 2.03
CA LEU J 1 -11.13 12.39 0.88
C LEU J 1 -10.73 13.28 -0.27
N VAL J 2 -9.63 12.93 -0.92
CA VAL J 2 -9.10 13.70 -2.05
C VAL J 2 -9.73 13.17 -3.33
N PRO J 3 -10.29 14.01 -4.20
CA PRO J 3 -10.89 13.51 -5.44
C PRO J 3 -9.88 13.35 -6.56
N MET J 4 -10.23 12.48 -7.50
CA MET J 4 -9.41 12.18 -8.66
C MET J 4 -10.06 12.76 -9.92
N VAL J 5 -9.23 13.33 -10.79
CA VAL J 5 -9.68 13.94 -12.03
C VAL J 5 -8.96 13.27 -13.20
N ILE J 6 -9.56 13.40 -14.38
CA ILE J 6 -9.05 12.83 -15.61
C ILE J 6 -8.49 13.93 -16.49
N GLU J 7 -7.35 13.64 -17.13
CA GLU J 7 -6.68 14.54 -18.04
C GLU J 7 -6.68 13.91 -19.43
N GLN J 8 -7.09 14.67 -20.44
CA GLN J 8 -7.15 14.18 -21.81
C GLN J 8 -5.82 14.47 -22.49
N THR J 9 -4.89 13.52 -22.38
CA THR J 9 -3.58 13.63 -22.98
C THR J 9 -3.55 12.99 -24.36
N SER J 10 -2.46 13.23 -25.09
CA SER J 10 -2.30 12.64 -26.41
C SER J 10 -2.24 11.13 -26.32
N ARG J 11 -1.50 10.60 -25.34
CA ARG J 11 -1.37 9.17 -25.14
C ARG J 11 -2.49 8.65 -24.23
N GLY J 12 -3.72 8.83 -24.71
CA GLY J 12 -4.88 8.41 -23.96
C GLY J 12 -5.18 9.36 -22.82
N GLU J 13 -5.94 8.84 -21.85
CA GLU J 13 -6.34 9.60 -20.66
C GLU J 13 -5.68 9.04 -19.42
N ARG J 14 -5.31 9.93 -18.51
CA ARG J 14 -4.66 9.58 -17.25
C ARG J 14 -5.45 10.16 -16.10
N SER J 15 -5.49 9.41 -14.99
CA SER J 15 -6.19 9.84 -13.79
C SER J 15 -5.17 10.38 -12.80
N PHE J 16 -5.41 11.60 -12.32
CA PHE J 16 -4.54 12.28 -11.37
C PHE J 16 -5.35 12.82 -10.20
N ASP J 17 -4.71 12.87 -9.04
CA ASP J 17 -5.37 13.47 -7.90
C ASP J 17 -5.44 14.98 -8.14
N ILE J 18 -6.36 15.64 -7.43
CA ILE J 18 -6.56 17.07 -7.62
C ILE J 18 -5.28 17.85 -7.39
N TYR J 19 -4.47 17.46 -6.39
CA TYR J 19 -3.24 18.18 -6.13
C TYR J 19 -2.16 17.88 -7.14
N SER J 20 -2.07 16.63 -7.61
CA SER J 20 -1.05 16.28 -8.60
C SER J 20 -1.34 16.95 -9.93
N ARG J 21 -2.63 17.09 -10.28
CA ARG J 21 -2.99 17.74 -11.54
C ARG J 21 -2.50 19.18 -11.55
N LEU J 22 -2.63 19.88 -10.43
CA LEU J 22 -2.18 21.26 -10.37
C LEU J 22 -0.66 21.34 -10.33
N LEU J 23 0.00 20.33 -9.74
CA LEU J 23 1.46 20.32 -9.72
C LEU J 23 2.01 20.29 -11.13
N LYS J 24 1.32 19.59 -12.03
CA LYS J 24 1.74 19.53 -13.42
C LYS J 24 1.72 20.91 -14.06
N GLU J 25 0.88 21.82 -13.54
CA GLU J 25 0.77 23.18 -14.02
C GLU J 25 1.65 24.16 -13.24
N ARG J 26 2.63 23.66 -12.48
CA ARG J 26 3.54 24.49 -11.70
C ARG J 26 2.81 25.24 -10.59
N VAL J 27 1.96 24.53 -9.87
CA VAL J 27 1.20 25.08 -8.75
C VAL J 27 1.47 24.22 -7.52
N ILE J 28 1.95 24.85 -6.46
CA ILE J 28 2.27 24.19 -5.20
C ILE J 28 1.39 24.78 -4.10
N PHE J 29 0.87 23.91 -3.24
CA PHE J 29 -0.01 24.29 -2.15
C PHE J 29 0.73 24.22 -0.82
N LEU J 30 0.80 25.35 -0.12
CA LEU J 30 1.41 25.44 1.21
C LEU J 30 0.26 25.71 2.16
N THR J 31 -0.12 24.69 2.94
CA THR J 31 -1.23 24.81 3.88
C THR J 31 -0.91 24.11 5.19
N GLY J 32 -1.42 24.70 6.27
CA GLY J 32 -1.23 24.18 7.60
C GLY J 32 0.05 24.63 8.26
N GLN J 33 0.23 24.16 9.49
CA GLN J 33 1.41 24.49 10.27
C GLN J 33 2.67 24.04 9.55
N VAL J 34 3.64 24.95 9.45
CA VAL J 34 4.89 24.63 8.76
C VAL J 34 5.70 23.69 9.63
N GLU J 35 6.28 22.66 9.00
CA GLU J 35 7.09 21.69 9.71
C GLU J 35 8.10 21.09 8.75
N ASP J 36 9.03 20.32 9.32
CA ASP J 36 10.10 19.71 8.54
C ASP J 36 9.55 18.77 7.47
N HIS J 37 8.54 17.96 7.81
CA HIS J 37 8.02 16.98 6.85
C HIS J 37 7.40 17.64 5.63
N MET J 38 6.48 18.59 5.84
CA MET J 38 5.85 19.23 4.70
C MET J 38 6.83 20.11 3.94
N ALA J 39 7.79 20.72 4.66
CA ALA J 39 8.76 21.58 4.00
C ALA J 39 9.62 20.78 3.04
N ASN J 40 10.00 19.56 3.43
CA ASN J 40 10.80 18.72 2.54
C ASN J 40 10.00 18.26 1.33
N LEU J 41 8.67 18.32 1.40
CA LEU J 41 7.83 17.96 0.27
C LEU J 41 7.73 19.10 -0.72
N ILE J 42 7.64 20.34 -0.22
CA ILE J 42 7.57 21.49 -1.10
C ILE J 42 8.91 21.69 -1.80
N VAL J 43 10.01 21.46 -1.10
CA VAL J 43 11.33 21.60 -1.70
C VAL J 43 11.48 20.62 -2.85
N ALA J 44 11.00 19.40 -2.67
CA ALA J 44 11.08 18.40 -3.73
C ALA J 44 10.29 18.84 -4.96
N GLN J 45 9.12 19.44 -4.74
CA GLN J 45 8.32 19.92 -5.86
C GLN J 45 9.01 21.07 -6.58
N MET J 46 9.64 21.98 -5.83
CA MET J 46 10.32 23.10 -6.46
C MET J 46 11.48 22.63 -7.31
N LEU J 47 12.26 21.67 -6.80
CA LEU J 47 13.39 21.16 -7.56
C LEU J 47 12.93 20.38 -8.78
N PHE J 48 11.86 19.59 -8.63
CA PHE J 48 11.36 18.81 -9.76
C PHE J 48 10.86 19.73 -10.87
N LEU J 49 10.13 20.79 -10.51
CA LEU J 49 9.63 21.71 -11.51
C LEU J 49 10.77 22.44 -12.21
N GLU J 50 11.84 22.73 -11.47
CA GLU J 50 12.99 23.42 -12.06
C GLU J 50 13.59 22.60 -13.20
N ALA J 51 13.70 21.28 -13.00
CA ALA J 51 14.28 20.42 -14.02
C ALA J 51 13.43 20.40 -15.28
N GLU J 52 12.10 20.35 -15.13
CA GLU J 52 11.22 20.29 -16.29
C GLU J 52 11.34 21.54 -17.15
N ASN J 53 11.21 22.72 -16.54
CA ASN J 53 11.29 23.98 -17.28
C ASN J 53 11.80 25.07 -16.35
N PRO J 54 13.11 25.39 -16.39
CA PRO J 54 13.61 26.47 -15.54
C PRO J 54 13.04 27.84 -15.88
N GLU J 55 12.71 28.09 -17.14
CA GLU J 55 12.21 29.40 -17.52
C GLU J 55 10.81 29.67 -16.98
N LYS J 56 9.93 28.67 -17.00
CA LYS J 56 8.57 28.87 -16.54
C LYS J 56 8.51 29.17 -15.05
N ASP J 57 7.57 30.03 -14.68
CA ASP J 57 7.39 30.44 -13.29
C ASP J 57 6.60 29.42 -12.50
N ILE J 58 6.94 29.33 -11.21
CA ILE J 58 6.29 28.42 -10.27
C ILE J 58 5.37 29.24 -9.38
N TYR J 59 4.17 28.73 -9.15
CA TYR J 59 3.17 29.40 -8.33
C TYR J 59 3.07 28.72 -6.97
N LEU J 60 3.08 29.53 -5.91
CA LEU J 60 3.00 29.06 -4.54
C LEU J 60 1.81 29.72 -3.86
N TYR J 61 0.96 28.90 -3.24
CA TYR J 61 -0.24 29.36 -2.54
C TYR J 61 0.01 29.18 -1.06
N ILE J 62 -0.03 30.29 -0.31
CA ILE J 62 0.28 30.28 1.11
C ILE J 62 -0.97 30.60 1.92
N ASN J 63 -1.52 29.57 2.56
CA ASN J 63 -2.65 29.70 3.49
C ASN J 63 -2.22 28.91 4.72
N SER J 64 -1.52 29.55 5.65
CA SER J 64 -1.01 28.84 6.81
C SER J 64 -0.90 29.75 8.02
N PRO J 65 -0.97 29.21 9.24
CA PRO J 65 -0.83 30.04 10.45
C PRO J 65 0.60 30.15 10.96
N GLY J 66 1.60 29.69 10.22
CA GLY J 66 2.98 29.76 10.61
C GLY J 66 3.49 28.43 11.13
N GLY J 67 4.72 28.45 11.64
CA GLY J 67 5.31 27.22 12.16
C GLY J 67 6.78 27.38 12.50
N VAL J 68 7.50 26.26 12.38
CA VAL J 68 8.92 26.24 12.70
C VAL J 68 9.70 27.16 11.77
N ILE J 69 10.63 27.91 12.35
CA ILE J 69 11.44 28.85 11.58
C ILE J 69 12.41 28.10 10.66
N THR J 70 13.03 27.03 11.17
CA THR J 70 14.03 26.31 10.38
C THR J 70 13.42 25.69 9.13
N ALA J 71 12.23 25.09 9.26
CA ALA J 71 11.58 24.48 8.10
C ALA J 71 11.29 25.52 7.03
N GLY J 72 10.82 26.70 7.44
CA GLY J 72 10.53 27.74 6.48
C GLY J 72 11.76 28.25 5.74
N MET J 73 12.90 28.30 6.42
CA MET J 73 14.12 28.77 5.78
C MET J 73 14.55 27.84 4.65
N SER J 74 14.30 26.54 4.80
CA SER J 74 14.63 25.60 3.74
C SER J 74 13.86 25.93 2.47
N ILE J 75 12.61 26.34 2.63
CA ILE J 75 11.78 26.72 1.49
C ILE J 75 12.27 28.04 0.91
N TYR J 76 12.56 29.01 1.79
CA TYR J 76 13.03 30.32 1.34
C TYR J 76 14.35 30.21 0.60
N ASP J 77 15.30 29.45 1.15
CA ASP J 77 16.59 29.30 0.49
C ASP J 77 16.44 28.58 -0.85
N THR J 78 15.51 27.63 -0.91
CA THR J 78 15.28 26.90 -2.16
C THR J 78 14.74 27.82 -3.24
N MET J 79 13.82 28.73 -2.87
CA MET J 79 13.23 29.64 -3.84
C MET J 79 14.28 30.53 -4.48
N GLN J 80 15.15 31.12 -3.66
CA GLN J 80 16.19 32.00 -4.19
C GLN J 80 17.20 31.24 -5.03
N PHE J 81 17.50 30.00 -4.65
CA PHE J 81 18.50 29.21 -5.38
C PHE J 81 18.03 28.89 -6.79
N ILE J 82 16.82 28.35 -6.93
CA ILE J 82 16.32 27.97 -8.25
C ILE J 82 16.16 29.19 -9.15
N LYS J 83 16.58 29.02 -10.40
CA LYS J 83 16.47 30.07 -11.40
C LYS J 83 15.04 30.57 -11.61
N PRO J 84 14.02 29.72 -11.79
CA PRO J 84 12.66 30.23 -12.01
C PRO J 84 12.16 31.15 -10.90
N ASP J 85 11.29 32.06 -11.29
CA ASP J 85 10.70 33.01 -10.37
C ASP J 85 9.48 32.38 -9.70
N VAL J 86 9.47 32.41 -8.38
CA VAL J 86 8.38 31.84 -7.58
C VAL J 86 7.37 32.94 -7.31
N SER J 87 6.14 32.73 -7.77
CA SER J 87 5.06 33.69 -7.60
C SER J 87 4.21 33.27 -6.42
N THR J 88 4.31 34.01 -5.32
CA THR J 88 3.57 33.72 -4.11
C THR J 88 2.20 34.37 -4.14
N ILE J 89 1.22 33.66 -3.60
CA ILE J 89 -0.16 34.13 -3.51
C ILE J 89 -0.64 33.84 -2.09
N CYS J 90 -1.43 34.75 -1.54
CA CYS J 90 -1.94 34.65 -0.19
C CYS J 90 -3.45 34.42 -0.20
N MET J 91 -3.88 33.28 0.32
CA MET J 91 -5.28 32.90 0.40
C MET J 91 -5.63 32.71 1.86
N GLY J 92 -6.64 33.44 2.33
CA GLY J 92 -7.07 33.32 3.72
C GLY J 92 -6.22 34.09 4.70
N GLN J 93 -5.00 33.63 4.96
CA GLN J 93 -4.12 34.31 5.90
C GLN J 93 -2.68 33.96 5.60
N ALA J 94 -1.78 34.73 6.21
CA ALA J 94 -0.34 34.54 6.05
C ALA J 94 0.31 35.03 7.33
N ALA J 95 0.68 34.10 8.20
CA ALA J 95 1.31 34.40 9.48
C ALA J 95 2.79 34.69 9.27
N SER J 96 3.54 34.75 10.38
CA SER J 96 4.97 35.04 10.40
C SER J 96 5.75 34.34 9.30
N MET J 97 5.65 33.01 9.22
CA MET J 97 6.38 32.31 8.17
C MET J 97 5.68 32.47 6.83
N GLY J 98 4.35 32.38 6.83
CA GLY J 98 3.62 32.56 5.59
C GLY J 98 3.85 33.92 4.97
N ALA J 99 4.02 34.95 5.81
CA ALA J 99 4.27 36.29 5.30
C ALA J 99 5.71 36.42 4.80
N PHE J 100 6.65 35.80 5.51
CA PHE J 100 8.04 35.85 5.08
C PHE J 100 8.21 35.17 3.74
N LEU J 101 7.56 34.02 3.56
CA LEU J 101 7.63 33.33 2.28
C LEU J 101 6.86 34.08 1.22
N LEU J 102 5.77 34.74 1.61
CA LEU J 102 4.98 35.53 0.67
C LEU J 102 5.80 36.67 0.08
N THR J 103 6.41 37.49 0.95
CA THR J 103 7.23 38.58 0.48
C THR J 103 8.50 38.09 -0.20
N ALA J 104 8.95 36.87 0.13
CA ALA J 104 10.15 36.31 -0.49
C ALA J 104 9.96 36.06 -1.98
N GLY J 105 8.73 36.04 -2.47
CA GLY J 105 8.49 35.80 -3.88
C GLY J 105 9.15 36.84 -4.77
N ALA J 106 9.21 36.50 -6.05
CA ALA J 106 9.82 37.36 -7.05
C ALA J 106 9.16 38.73 -7.06
N LYS J 107 9.98 39.77 -7.23
CA LYS J 107 9.48 41.13 -7.29
C LYS J 107 8.53 41.30 -8.46
N GLY J 108 7.36 41.85 -8.19
CA GLY J 108 6.35 42.07 -9.21
C GLY J 108 5.40 40.91 -9.44
N LYS J 109 5.64 39.76 -8.81
CA LYS J 109 4.79 38.58 -8.97
C LYS J 109 4.19 38.12 -7.64
N ARG J 110 4.15 38.99 -6.64
CA ARG J 110 3.57 38.69 -5.33
C ARG J 110 2.14 39.21 -5.33
N PHE J 111 1.19 38.33 -5.04
CA PHE J 111 -0.22 38.69 -5.04
C PHE J 111 -0.88 38.26 -3.74
N CYS J 112 -2.06 38.83 -3.52
CA CYS J 112 -2.88 38.54 -2.35
C CYS J 112 -4.33 38.82 -2.69
N LEU J 113 -5.22 38.04 -2.13
CA LEU J 113 -6.63 38.22 -2.38
C LEU J 113 -7.15 39.41 -1.57
N PRO J 114 -8.21 40.08 -2.04
CA PRO J 114 -8.68 41.28 -1.32
C PRO J 114 -9.09 41.06 0.13
N ASN J 115 -9.70 39.93 0.45
CA ASN J 115 -10.15 39.65 1.81
C ASN J 115 -9.13 38.85 2.61
N SER J 116 -7.89 38.77 2.16
CA SER J 116 -6.87 38.03 2.88
C SER J 116 -6.28 38.88 4.00
N ARG J 117 -5.68 38.19 4.97
CA ARG J 117 -5.06 38.81 6.13
C ARG J 117 -3.58 38.44 6.15
N VAL J 118 -2.79 39.29 6.80
CA VAL J 118 -1.36 39.07 6.96
C VAL J 118 -1.00 39.38 8.40
N MET J 119 -0.05 38.64 8.94
CA MET J 119 0.38 38.81 10.32
C MET J 119 1.88 38.57 10.42
N ILE J 120 2.60 39.55 10.95
CA ILE J 120 4.04 39.48 11.13
C ILE J 120 4.35 39.72 12.60
N HIS J 121 5.15 38.84 13.18
CA HIS J 121 5.56 38.95 14.57
C HIS J 121 6.96 38.38 14.72
N GLN J 122 7.60 38.71 15.83
CA GLN J 122 8.95 38.24 16.06
C GLN J 122 8.93 36.76 16.42
N PRO J 123 10.08 36.08 16.34
CA PRO J 123 10.12 34.65 16.64
C PRO J 123 9.71 34.33 18.08
N LEU J 124 9.23 33.11 18.26
CA LEU J 124 8.81 32.57 19.54
C LEU J 124 9.67 31.35 19.88
N GLY J 125 10.14 31.28 21.11
CA GLY J 125 10.96 30.16 21.52
C GLY J 125 11.08 30.10 23.03
N GLY J 126 11.70 29.02 23.49
CA GLY J 126 11.91 28.83 24.91
C GLY J 126 12.88 27.71 25.23
N TYR J 127 13.51 27.79 26.40
CA TYR J 127 14.46 26.77 26.83
C TYR J 127 14.44 26.67 28.34
N GLN J 128 14.63 25.44 28.83
CA GLN J 128 14.65 25.14 30.26
C GLN J 128 15.98 24.48 30.58
N GLY J 129 16.69 25.02 31.56
CA GLY J 129 17.97 24.45 31.95
C GLY J 129 18.77 25.46 32.76
N GLN J 130 20.08 25.26 32.76
CA GLN J 130 20.99 26.12 33.49
C GLN J 130 21.06 27.49 32.85
N ALA J 131 21.54 28.47 33.64
CA ALA J 131 21.67 29.83 33.14
C ALA J 131 22.67 29.91 32.00
N THR J 132 23.73 29.10 32.06
CA THR J 132 24.75 29.11 31.00
C THR J 132 24.13 28.73 29.65
N ASP J 133 23.37 27.65 29.62
CA ASP J 133 22.76 27.23 28.35
C ASP J 133 21.65 28.19 27.93
N ILE J 134 20.95 28.80 28.89
CA ILE J 134 19.89 29.74 28.55
C ILE J 134 20.47 30.93 27.78
N GLU J 135 21.62 31.42 28.23
CA GLU J 135 22.27 32.54 27.54
C GLU J 135 22.63 32.17 26.10
N ILE J 136 23.04 30.92 25.89
CA ILE J 136 23.42 30.46 24.55
C ILE J 136 22.22 30.51 23.62
N HIS J 137 21.16 29.78 23.98
CA HIS J 137 19.95 29.75 23.15
C HIS J 137 19.36 31.13 22.96
N ALA J 138 19.52 32.01 23.95
CA ALA J 138 18.97 33.36 23.83
C ALA J 138 19.70 34.15 22.75
N ARG J 139 21.00 33.94 22.60
CA ARG J 139 21.76 34.65 21.58
C ARG J 139 21.29 34.27 20.18
N GLU J 140 20.95 33.00 19.97
CA GLU J 140 20.55 32.55 18.65
C GLU J 140 19.19 33.09 18.25
N ILE J 141 18.20 33.00 19.15
CA ILE J 141 16.88 33.50 18.82
C ILE J 141 16.93 35.00 18.57
N LEU J 142 17.82 35.71 19.27
CA LEU J 142 17.99 37.13 19.01
C LEU J 142 18.66 37.32 17.66
N LYS J 143 19.62 36.46 17.33
CA LYS J 143 20.29 36.54 16.04
C LYS J 143 19.33 36.17 14.92
N VAL J 144 18.47 35.17 15.16
CA VAL J 144 17.49 34.77 14.16
C VAL J 144 16.50 35.91 13.93
N LYS J 145 16.12 36.59 15.01
CA LYS J 145 15.20 37.72 14.88
C LYS J 145 15.81 38.81 14.01
N GLY J 146 17.08 39.14 14.25
CA GLY J 146 17.75 40.13 13.43
C GLY J 146 17.92 39.65 12.00
N ARG J 147 18.24 38.37 11.83
CA ARG J 147 18.41 37.82 10.49
C ARG J 147 17.10 37.85 9.71
N MET J 148 16.00 37.47 10.35
CA MET J 148 14.71 37.47 9.67
C MET J 148 14.24 38.89 9.36
N ASN J 149 14.56 39.85 10.23
CA ASN J 149 14.14 41.22 9.99
C ASN J 149 14.95 41.86 8.86
N GLU J 150 16.20 41.42 8.68
CA GLU J 150 17.01 41.95 7.60
C GLU J 150 16.48 41.51 6.25
N LEU J 151 16.15 40.22 6.13
CA LEU J 151 15.62 39.70 4.87
C LEU J 151 14.26 40.30 4.55
N MET J 152 13.41 40.45 5.57
CA MET J 152 12.08 41.02 5.33
C MET J 152 12.19 42.46 4.86
N ALA J 153 13.16 43.20 5.42
CA ALA J 153 13.37 44.59 5.01
C ALA J 153 13.78 44.66 3.55
N LEU J 154 14.57 43.70 3.10
CA LEU J 154 15.05 43.70 1.71
C LEU J 154 13.90 43.55 0.73
N HIS J 155 13.03 42.57 0.96
CA HIS J 155 11.92 42.35 0.04
C HIS J 155 10.88 43.46 0.15
N THR J 156 10.49 43.80 1.37
CA THR J 156 9.49 44.85 1.56
C THR J 156 10.02 46.21 1.10
N GLY J 157 11.31 46.46 1.29
CA GLY J 157 11.92 47.71 0.92
C GLY J 157 11.96 48.75 2.03
N GLN J 158 11.40 48.43 3.19
CA GLN J 158 11.40 49.37 4.31
C GLN J 158 12.69 49.25 5.10
N SER J 159 12.97 50.29 5.90
CA SER J 159 14.18 50.31 6.69
C SER J 159 14.14 49.23 7.77
N LEU J 160 15.34 48.79 8.18
CA LEU J 160 15.46 47.75 9.19
C LEU J 160 14.85 48.21 10.51
N GLU J 161 15.11 49.45 10.91
CA GLU J 161 14.58 49.94 12.19
C GLU J 161 13.06 49.95 12.19
N GLN J 162 12.44 50.28 11.06
CA GLN J 162 10.99 50.30 10.99
C GLN J 162 10.42 48.90 11.18
N ILE J 163 11.07 47.90 10.56
CA ILE J 163 10.60 46.52 10.68
C ILE J 163 10.68 46.05 12.13
N GLU J 164 11.74 46.45 12.85
CA GLU J 164 11.89 46.04 14.23
C GLU J 164 10.76 46.57 15.10
N ARG J 165 10.39 47.84 14.91
CA ARG J 165 9.32 48.42 15.69
C ARG J 165 8.00 47.70 15.46
N ASP J 166 7.69 47.38 14.21
CA ASP J 166 6.44 46.70 13.89
C ASP J 166 6.47 45.24 14.31
N THR J 167 7.59 44.55 14.06
CA THR J 167 7.70 43.14 14.40
C THR J 167 7.78 42.88 15.89
N GLU J 168 8.09 43.90 16.70
CA GLU J 168 8.18 43.72 18.15
C GLU J 168 6.91 43.09 18.71
N ARG J 169 5.75 43.54 18.24
CA ARG J 169 4.46 43.02 18.68
C ARG J 169 3.64 42.66 17.45
N ASP J 170 2.70 41.72 17.65
CA ASP J 170 1.83 41.25 16.57
C ASP J 170 1.15 42.40 15.86
N ARG J 171 1.23 42.38 14.53
CA ARG J 171 0.64 43.38 13.66
C ARG J 171 -0.20 42.69 12.60
N PHE J 172 -1.36 43.26 12.30
CA PHE J 172 -2.28 42.72 11.30
C PHE J 172 -2.37 43.70 10.14
N LEU J 173 -2.07 43.21 8.94
CA LEU J 173 -2.09 44.01 7.73
C LEU J 173 -3.10 43.45 6.74
N SER J 174 -4.01 44.30 6.29
CA SER J 174 -5.00 43.90 5.30
C SER J 174 -4.33 43.78 3.93
N ALA J 175 -5.08 43.34 2.94
CA ALA J 175 -4.52 43.22 1.60
C ALA J 175 -4.05 44.56 1.03
N PRO J 176 -4.84 45.64 1.07
CA PRO J 176 -4.31 46.91 0.56
C PRO J 176 -3.18 47.45 1.40
N GLU J 177 -3.23 47.23 2.71
CA GLU J 177 -2.17 47.69 3.60
C GLU J 177 -0.85 47.01 3.27
N ALA J 178 -0.90 45.73 2.92
CA ALA J 178 0.31 44.99 2.59
C ALA J 178 0.99 45.59 1.37
N VAL J 179 0.20 46.06 0.40
CA VAL J 179 0.76 46.66 -0.80
C VAL J 179 1.61 47.87 -0.45
N GLU J 180 1.10 48.73 0.43
CA GLU J 180 1.86 49.91 0.84
C GLU J 180 3.10 49.52 1.62
N TYR J 181 2.98 48.52 2.51
CA TYR J 181 4.12 48.08 3.30
C TYR J 181 5.19 47.47 2.43
N GLY J 182 4.81 46.78 1.35
CA GLY J 182 5.75 46.15 0.43
C GLY J 182 5.76 44.64 0.49
N LEU J 183 4.94 44.02 1.34
CA LEU J 183 4.92 42.57 1.42
C LEU J 183 4.46 41.95 0.11
N VAL J 184 3.51 42.60 -0.57
CA VAL J 184 2.96 42.14 -1.82
C VAL J 184 2.98 43.29 -2.82
N ASP J 185 2.80 42.95 -4.09
CA ASP J 185 2.85 43.91 -5.19
C ASP J 185 1.47 44.35 -5.66
N SER J 186 0.54 43.43 -5.87
CA SER J 186 -0.79 43.78 -6.36
C SER J 186 -1.82 42.82 -5.78
N ILE J 187 -3.09 43.15 -6.05
CA ILE J 187 -4.24 42.38 -5.58
C ILE J 187 -4.96 41.80 -6.77
N LEU J 188 -5.41 40.54 -6.63
CA LEU J 188 -6.14 39.82 -7.68
C LEU J 188 -7.62 39.83 -7.31
N THR J 189 -8.34 40.84 -7.78
CA THR J 189 -9.76 40.97 -7.48
C THR J 189 -10.61 40.11 -8.42
N HIS J 190 -10.43 40.27 -9.73
CA HIS J 190 -11.20 39.53 -10.72
C HIS J 190 -10.30 39.17 -11.89
N ARG J 191 -10.69 38.14 -12.62
CA ARG J 191 -9.94 37.68 -13.78
C ARG J 191 -10.16 38.63 -14.95
N ASN J 192 -9.07 39.02 -15.60
CA ASN J 192 -9.11 39.93 -16.74
C ASN J 192 -8.41 39.29 -17.94
N LEU K 1 -17.26 2.89 3.44
CA LEU K 1 -16.77 4.20 3.02
C LEU K 1 -17.48 4.64 1.73
N VAL K 2 -16.82 5.45 0.91
CA VAL K 2 -17.48 5.95 -0.31
C VAL K 2 -17.72 4.80 -1.28
N PRO K 3 -18.88 4.74 -1.97
CA PRO K 3 -19.12 3.67 -2.93
C PRO K 3 -18.62 4.03 -4.32
N MET K 4 -17.88 3.14 -4.97
CA MET K 4 -17.38 3.41 -6.31
C MET K 4 -18.50 3.27 -7.34
N VAL K 5 -18.45 4.11 -8.37
CA VAL K 5 -19.41 4.11 -9.46
C VAL K 5 -18.65 4.15 -10.78
N ILE K 6 -19.31 3.69 -11.84
CA ILE K 6 -18.73 3.63 -13.17
C ILE K 6 -19.60 4.37 -14.17
N GLU K 7 -18.95 4.86 -15.22
CA GLU K 7 -19.61 5.54 -16.33
C GLU K 7 -19.37 4.68 -17.56
N GLN K 8 -20.43 4.03 -18.06
CA GLN K 8 -20.32 3.16 -19.22
C GLN K 8 -20.65 3.95 -20.48
N THR K 9 -19.60 4.50 -21.09
CA THR K 9 -19.70 5.30 -22.30
C THR K 9 -18.57 4.89 -23.24
N SER K 10 -18.54 5.53 -24.40
CA SER K 10 -17.53 5.27 -25.42
C SER K 10 -16.14 5.67 -24.92
N ARG K 11 -15.13 5.43 -25.76
CA ARG K 11 -13.72 5.73 -25.45
C ARG K 11 -13.29 5.10 -24.12
N GLY K 12 -13.85 3.92 -23.82
CA GLY K 12 -13.52 3.20 -22.62
C GLY K 12 -14.38 3.57 -21.43
N GLU K 13 -14.36 2.69 -20.43
CA GLU K 13 -15.12 2.87 -19.19
C GLU K 13 -14.17 3.33 -18.09
N ARG K 14 -14.64 4.29 -17.30
CA ARG K 14 -13.86 4.86 -16.20
C ARG K 14 -14.62 4.69 -14.90
N SER K 15 -13.91 4.28 -13.86
CA SER K 15 -14.46 4.08 -12.53
C SER K 15 -13.97 5.18 -11.61
N PHE K 16 -14.91 5.83 -10.92
CA PHE K 16 -14.60 6.91 -9.99
C PHE K 16 -15.44 6.80 -8.74
N ASP K 17 -14.96 7.42 -7.68
CA ASP K 17 -15.76 7.49 -6.46
C ASP K 17 -16.96 8.39 -6.75
N ILE K 18 -18.01 8.22 -5.95
CA ILE K 18 -19.23 8.99 -6.17
C ILE K 18 -18.96 10.48 -6.10
N TYR K 19 -18.06 10.91 -5.20
CA TYR K 19 -17.76 12.33 -5.11
C TYR K 19 -17.04 12.83 -6.36
N SER K 20 -16.07 12.07 -6.86
CA SER K 20 -15.35 12.49 -8.06
C SER K 20 -16.25 12.47 -9.28
N ARG K 21 -17.18 11.52 -9.35
CA ARG K 21 -18.10 11.44 -10.47
C ARG K 21 -18.92 12.73 -10.57
N LEU K 22 -19.44 13.20 -9.44
CA LEU K 22 -20.22 14.43 -9.44
C LEU K 22 -19.34 15.64 -9.76
N LEU K 23 -18.06 15.59 -9.39
CA LEU K 23 -17.16 16.70 -9.69
C LEU K 23 -17.06 16.92 -11.19
N LYS K 24 -17.10 15.85 -11.97
CA LYS K 24 -17.07 15.97 -13.42
C LYS K 24 -18.26 16.77 -13.93
N GLU K 25 -19.38 16.69 -13.22
CA GLU K 25 -20.59 17.42 -13.56
C GLU K 25 -20.62 18.81 -12.94
N ARG K 26 -19.48 19.32 -12.47
CA ARG K 26 -19.38 20.65 -11.88
C ARG K 26 -20.21 20.76 -10.60
N VAL K 27 -19.98 19.83 -9.68
CA VAL K 27 -20.67 19.79 -8.40
C VAL K 27 -19.62 19.59 -7.31
N ILE K 28 -19.55 20.53 -6.37
CA ILE K 28 -18.59 20.50 -5.27
C ILE K 28 -19.37 20.43 -3.97
N PHE K 29 -18.98 19.47 -3.11
CA PHE K 29 -19.63 19.26 -1.83
C PHE K 29 -18.88 19.96 -0.71
N LEU K 30 -19.55 20.89 -0.04
CA LEU K 30 -19.00 21.62 1.11
C LEU K 30 -19.72 21.05 2.32
N THR K 31 -19.02 20.21 3.09
CA THR K 31 -19.58 19.56 4.25
C THR K 31 -18.62 19.62 5.43
N GLY K 32 -19.19 19.74 6.62
CA GLY K 32 -18.43 19.78 7.84
C GLY K 32 -17.88 21.15 8.19
N GLN K 33 -17.09 21.15 9.27
CA GLN K 33 -16.48 22.38 9.77
C GLN K 33 -15.53 22.95 8.74
N VAL K 34 -15.62 24.26 8.51
CA VAL K 34 -14.73 24.90 7.56
C VAL K 34 -13.34 24.99 8.18
N GLU K 35 -12.33 24.69 7.38
CA GLU K 35 -10.95 24.71 7.84
C GLU K 35 -10.03 24.93 6.64
N ASP K 36 -8.76 25.14 6.95
CA ASP K 36 -7.77 25.40 5.91
C ASP K 36 -7.64 24.25 4.92
N HIS K 37 -7.65 23.02 5.40
CA HIS K 37 -7.46 21.88 4.51
C HIS K 37 -8.64 21.68 3.58
N MET K 38 -9.86 21.67 4.11
CA MET K 38 -11.03 21.46 3.25
C MET K 38 -11.23 22.65 2.32
N ALA K 39 -11.03 23.87 2.82
CA ALA K 39 -11.21 25.05 1.98
C ALA K 39 -10.19 25.06 0.85
N ASN K 40 -8.95 24.66 1.14
CA ASN K 40 -7.92 24.63 0.11
C ASN K 40 -8.29 23.64 -0.98
N LEU K 41 -8.89 22.51 -0.59
CA LEU K 41 -9.31 21.51 -1.56
C LEU K 41 -10.41 22.05 -2.46
N ILE K 42 -11.39 22.75 -1.87
CA ILE K 42 -12.48 23.30 -2.66
C ILE K 42 -11.95 24.33 -3.65
N VAL K 43 -10.93 25.09 -3.25
CA VAL K 43 -10.35 26.09 -4.13
C VAL K 43 -9.76 25.42 -5.36
N ALA K 44 -9.11 24.27 -5.17
CA ALA K 44 -8.53 23.56 -6.30
C ALA K 44 -9.61 23.09 -7.26
N GLN K 45 -10.72 22.59 -6.72
CA GLN K 45 -11.82 22.14 -7.57
C GLN K 45 -12.41 23.30 -8.36
N MET K 46 -12.57 24.46 -7.71
CA MET K 46 -13.10 25.63 -8.39
C MET K 46 -12.17 26.07 -9.51
N LEU K 47 -10.88 26.17 -9.20
CA LEU K 47 -9.90 26.57 -10.20
C LEU K 47 -9.80 25.53 -11.30
N PHE K 48 -9.85 24.25 -10.93
CA PHE K 48 -9.75 23.18 -11.92
C PHE K 48 -10.91 23.22 -12.90
N LEU K 49 -12.14 23.29 -12.38
CA LEU K 49 -13.31 23.31 -13.25
C LEU K 49 -13.33 24.52 -14.17
N GLU K 50 -12.72 25.63 -13.74
CA GLU K 50 -12.67 26.82 -14.57
C GLU K 50 -11.98 26.54 -15.90
N ALA K 51 -10.92 25.72 -15.87
CA ALA K 51 -10.17 25.41 -17.09
C ALA K 51 -11.02 24.70 -18.13
N GLU K 52 -11.86 23.76 -17.70
CA GLU K 52 -12.67 23.00 -18.66
C GLU K 52 -13.64 23.89 -19.42
N ASN K 53 -14.49 24.63 -18.69
CA ASN K 53 -15.49 25.48 -19.33
C ASN K 53 -15.79 26.68 -18.45
N PRO K 54 -15.13 27.82 -18.67
CA PRO K 54 -15.44 29.02 -17.88
C PRO K 54 -16.87 29.50 -18.03
N GLU K 55 -17.55 29.13 -19.11
CA GLU K 55 -18.92 29.58 -19.32
C GLU K 55 -19.93 28.77 -18.51
N LYS K 56 -19.69 27.47 -18.35
CA LYS K 56 -20.62 26.63 -17.61
C LYS K 56 -20.59 26.98 -16.12
N ASP K 57 -21.74 26.79 -15.49
CA ASP K 57 -21.89 27.10 -14.08
C ASP K 57 -21.35 25.98 -13.20
N ILE K 58 -20.97 26.35 -11.99
CA ILE K 58 -20.45 25.44 -10.98
C ILE K 58 -21.44 25.40 -9.82
N TYR K 59 -21.74 24.21 -9.33
CA TYR K 59 -22.68 24.03 -8.24
C TYR K 59 -21.93 23.73 -6.94
N LEU K 60 -22.38 24.37 -5.87
CA LEU K 60 -21.79 24.23 -4.55
C LEU K 60 -22.89 23.88 -3.56
N TYR K 61 -22.75 22.75 -2.89
CA TYR K 61 -23.72 22.26 -1.92
C TYR K 61 -23.17 22.56 -0.52
N ILE K 62 -23.95 23.29 0.27
CA ILE K 62 -23.52 23.74 1.59
C ILE K 62 -24.39 23.08 2.66
N ASN K 63 -23.74 22.27 3.49
CA ASN K 63 -24.32 21.60 4.65
C ASN K 63 -23.34 21.70 5.81
N SER K 64 -22.76 22.89 6.00
CA SER K 64 -21.73 23.12 6.99
C SER K 64 -22.25 23.77 8.26
N PRO K 65 -21.74 23.40 9.44
CA PRO K 65 -22.16 24.06 10.69
C PRO K 65 -21.35 25.29 11.05
N GLY K 66 -20.52 25.80 10.13
CA GLY K 66 -19.67 26.96 10.35
C GLY K 66 -18.23 26.56 10.58
N GLY K 67 -17.39 27.58 10.71
CA GLY K 67 -15.98 27.33 10.93
C GLY K 67 -15.10 28.56 10.98
N VAL K 68 -13.82 28.37 10.64
CA VAL K 68 -12.86 29.47 10.65
C VAL K 68 -13.24 30.52 9.61
N ILE K 69 -12.88 31.77 9.89
CA ILE K 69 -13.18 32.86 8.98
C ILE K 69 -12.14 32.94 7.86
N THR K 70 -10.86 32.81 8.20
CA THR K 70 -9.79 32.90 7.21
C THR K 70 -9.99 31.88 6.09
N ALA K 71 -10.34 30.65 6.44
CA ALA K 71 -10.57 29.63 5.43
C ALA K 71 -11.75 30.00 4.54
N GLY K 72 -12.78 30.61 5.12
CA GLY K 72 -13.94 31.00 4.35
C GLY K 72 -13.65 32.08 3.32
N MET K 73 -12.80 33.05 3.69
CA MET K 73 -12.49 34.12 2.76
C MET K 73 -11.72 33.61 1.56
N SER K 74 -10.97 32.51 1.72
CA SER K 74 -10.25 31.95 0.58
C SER K 74 -11.21 31.42 -0.47
N ILE K 75 -12.38 30.96 -0.04
CA ILE K 75 -13.39 30.44 -0.97
C ILE K 75 -14.18 31.59 -1.57
N TYR K 76 -14.59 32.56 -0.75
CA TYR K 76 -15.35 33.71 -1.24
C TYR K 76 -14.58 34.46 -2.33
N ASP K 77 -13.30 34.72 -2.08
CA ASP K 77 -12.50 35.44 -3.07
C ASP K 77 -12.33 34.61 -4.33
N THR K 78 -12.24 33.30 -4.18
CA THR K 78 -12.09 32.43 -5.35
C THR K 78 -13.34 32.44 -6.21
N MET K 79 -14.52 32.43 -5.57
CA MET K 79 -15.77 32.41 -6.32
C MET K 79 -15.94 33.68 -7.14
N GLN K 80 -15.66 34.84 -6.54
CA GLN K 80 -15.82 36.11 -7.25
C GLN K 80 -14.74 36.29 -8.31
N PHE K 81 -13.56 35.72 -8.11
CA PHE K 81 -12.47 35.88 -9.07
C PHE K 81 -12.77 35.18 -10.38
N ILE K 82 -13.10 33.89 -10.32
CA ILE K 82 -13.35 33.12 -11.54
C ILE K 82 -14.55 33.66 -12.31
N LYS K 83 -14.51 33.43 -13.64
CA LYS K 83 -15.59 33.88 -14.50
C LYS K 83 -16.87 33.07 -14.32
N PRO K 84 -16.86 31.74 -14.24
CA PRO K 84 -18.13 31.00 -14.11
C PRO K 84 -18.90 31.37 -12.85
N ASP K 85 -20.22 31.44 -13.01
CA ASP K 85 -21.11 31.75 -11.90
C ASP K 85 -21.26 30.53 -11.02
N VAL K 86 -21.10 30.72 -9.72
CA VAL K 86 -21.18 29.63 -8.73
C VAL K 86 -22.59 29.61 -8.17
N SER K 87 -23.26 28.48 -8.32
CA SER K 87 -24.62 28.29 -7.84
C SER K 87 -24.55 27.58 -6.49
N THR K 88 -25.02 28.27 -5.46
CA THR K 88 -25.00 27.73 -4.10
C THR K 88 -26.36 27.16 -3.74
N ILE K 89 -26.34 26.02 -3.07
CA ILE K 89 -27.55 25.31 -2.66
C ILE K 89 -27.37 24.94 -1.19
N CYS K 90 -28.40 25.19 -0.39
CA CYS K 90 -28.37 24.91 1.04
C CYS K 90 -29.07 23.58 1.30
N MET K 91 -28.31 22.63 1.84
CA MET K 91 -28.80 21.30 2.18
C MET K 91 -28.61 21.09 3.67
N GLY K 92 -29.71 20.81 4.37
CA GLY K 92 -29.64 20.60 5.79
C GLY K 92 -29.54 21.88 6.59
N GLN K 93 -28.41 22.56 6.50
CA GLN K 93 -28.24 23.81 7.24
C GLN K 93 -27.09 24.61 6.63
N ALA K 94 -27.05 25.88 7.02
CA ALA K 94 -26.01 26.81 6.57
C ALA K 94 -25.78 27.79 7.72
N ALA K 95 -24.69 27.58 8.45
CA ALA K 95 -24.34 28.41 9.60
C ALA K 95 -23.68 29.70 9.13
N SER K 96 -23.10 30.45 10.08
CA SER K 96 -22.43 31.71 9.84
C SER K 96 -21.54 31.72 8.60
N MET K 97 -20.60 30.78 8.54
CA MET K 97 -19.72 30.72 7.38
C MET K 97 -20.46 30.16 6.16
N GLY K 98 -21.23 29.11 6.36
CA GLY K 98 -21.99 28.54 5.25
C GLY K 98 -22.98 29.53 4.67
N ALA K 99 -23.58 30.37 5.51
CA ALA K 99 -24.54 31.35 5.04
C ALA K 99 -23.84 32.45 4.26
N PHE K 100 -22.64 32.85 4.69
CA PHE K 100 -21.89 33.86 3.97
C PHE K 100 -21.55 33.38 2.58
N LEU K 101 -21.21 32.09 2.45
CA LEU K 101 -20.91 31.52 1.14
C LEU K 101 -22.18 31.29 0.34
N LEU K 102 -23.29 30.99 1.02
CA LEU K 102 -24.55 30.76 0.33
C LEU K 102 -25.03 32.04 -0.36
N THR K 103 -25.08 33.15 0.39
CA THR K 103 -25.50 34.41 -0.19
C THR K 103 -24.46 34.95 -1.16
N ALA K 104 -23.20 34.56 -1.01
CA ALA K 104 -22.14 35.01 -1.91
C ALA K 104 -22.30 34.45 -3.32
N GLY K 105 -23.16 33.46 -3.53
CA GLY K 105 -23.36 32.90 -4.85
C GLY K 105 -23.86 33.92 -5.83
N ALA K 106 -23.84 33.51 -7.10
CA ALA K 106 -24.30 34.35 -8.19
C ALA K 106 -25.76 34.75 -8.00
N LYS K 107 -26.05 36.02 -8.26
CA LYS K 107 -27.41 36.52 -8.13
C LYS K 107 -28.34 35.77 -9.08
N GLY K 108 -29.46 35.30 -8.54
CA GLY K 108 -30.41 34.55 -9.32
C GLY K 108 -30.15 33.05 -9.37
N LYS K 109 -29.01 32.59 -8.83
CA LYS K 109 -28.64 31.18 -8.83
C LYS K 109 -28.38 30.66 -7.42
N ARG K 110 -29.02 31.26 -6.43
CA ARG K 110 -28.90 30.86 -5.03
C ARG K 110 -30.20 30.14 -4.67
N PHE K 111 -30.07 28.90 -4.22
CA PHE K 111 -31.23 28.07 -3.87
C PHE K 111 -31.09 27.51 -2.47
N CYS K 112 -32.22 27.02 -1.96
CA CYS K 112 -32.30 26.44 -0.64
C CYS K 112 -33.48 25.48 -0.62
N LEU K 113 -33.30 24.33 0.04
CA LEU K 113 -34.35 23.35 0.11
C LEU K 113 -35.44 23.85 1.07
N PRO K 114 -36.69 23.37 0.91
CA PRO K 114 -37.78 23.88 1.75
C PRO K 114 -37.58 23.71 3.25
N ASN K 115 -37.03 22.59 3.70
CA ASN K 115 -36.84 22.33 5.12
C ASN K 115 -35.45 22.69 5.60
N SER K 116 -34.68 23.45 4.82
CA SER K 116 -33.35 23.85 5.25
C SER K 116 -33.44 25.00 6.25
N ARG K 117 -32.41 25.11 7.09
CA ARG K 117 -32.31 26.15 8.09
C ARG K 117 -31.07 26.98 7.83
N VAL K 118 -31.13 28.25 8.23
CA VAL K 118 -30.01 29.17 8.06
C VAL K 118 -29.88 29.99 9.34
N MET K 119 -28.64 30.30 9.71
CA MET K 119 -28.38 31.11 10.89
C MET K 119 -27.16 31.98 10.61
N ILE K 120 -27.20 33.21 11.13
CA ILE K 120 -26.12 34.17 10.96
C ILE K 120 -25.84 34.82 12.31
N HIS K 121 -24.56 34.93 12.63
CA HIS K 121 -24.14 35.55 13.88
C HIS K 121 -22.79 36.21 13.64
N GLN K 122 -22.41 37.08 14.57
CA GLN K 122 -21.17 37.81 14.46
C GLN K 122 -19.98 36.90 14.76
N PRO K 123 -18.77 37.27 14.32
CA PRO K 123 -17.61 36.43 14.58
C PRO K 123 -17.29 36.34 16.06
N LEU K 124 -16.81 35.15 16.46
CA LEU K 124 -16.43 34.87 17.83
C LEU K 124 -14.96 34.46 17.88
N GLY K 125 -14.22 35.01 18.84
CA GLY K 125 -12.82 34.73 18.99
C GLY K 125 -12.37 35.10 20.40
N GLY K 126 -11.10 34.82 20.67
CA GLY K 126 -10.53 35.14 21.97
C GLY K 126 -9.03 35.13 21.94
N TYR K 127 -8.43 35.91 22.84
CA TYR K 127 -6.99 36.01 22.97
C TYR K 127 -6.61 36.15 24.43
N GLN K 128 -5.52 35.49 24.81
CA GLN K 128 -5.00 35.52 26.17
C GLN K 128 -3.60 36.11 26.14
N GLY K 129 -3.36 37.12 26.99
CA GLY K 129 -2.06 37.75 27.03
C GLY K 129 -2.16 39.13 27.63
N GLN K 130 -1.14 39.94 27.33
CA GLN K 130 -1.06 41.30 27.82
C GLN K 130 -2.19 42.15 27.26
N ALA K 131 -2.52 43.22 28.00
CA ALA K 131 -3.57 44.13 27.58
C ALA K 131 -3.26 44.78 26.23
N THR K 132 -1.97 45.08 26.00
CA THR K 132 -1.58 45.71 24.74
C THR K 132 -1.90 44.80 23.55
N ASP K 133 -1.63 43.50 23.68
CA ASP K 133 -1.91 42.57 22.60
C ASP K 133 -3.40 42.39 22.41
N ILE K 134 -4.17 42.39 23.52
CA ILE K 134 -5.62 42.24 23.43
C ILE K 134 -6.23 43.33 22.56
N GLU K 135 -5.76 44.57 22.72
CA GLU K 135 -6.28 45.66 21.91
C GLU K 135 -6.03 45.43 20.43
N ILE K 136 -4.86 44.87 20.09
CA ILE K 136 -4.54 44.57 18.71
C ILE K 136 -5.50 43.53 18.16
N HIS K 137 -5.70 42.44 18.90
CA HIS K 137 -6.60 41.38 18.45
C HIS K 137 -8.04 41.84 18.48
N ALA K 138 -8.43 42.64 19.48
CA ALA K 138 -9.80 43.11 19.55
C ALA K 138 -10.12 44.01 18.37
N ARG K 139 -9.17 44.85 17.96
CA ARG K 139 -9.40 45.70 16.80
C ARG K 139 -9.52 44.88 15.53
N GLU K 140 -8.72 43.81 15.42
CA GLU K 140 -8.72 42.99 14.21
C GLU K 140 -10.05 42.28 14.03
N ILE K 141 -10.58 41.66 15.08
CA ILE K 141 -11.85 40.95 14.96
C ILE K 141 -12.98 41.91 14.68
N LEU K 142 -12.91 43.13 15.23
CA LEU K 142 -13.96 44.11 14.97
C LEU K 142 -13.97 44.52 13.51
N LYS K 143 -12.77 44.69 12.92
CA LYS K 143 -12.68 45.03 11.50
C LYS K 143 -13.27 43.91 10.66
N VAL K 144 -12.98 42.66 11.04
CA VAL K 144 -13.51 41.51 10.33
C VAL K 144 -15.03 41.52 10.39
N LYS K 145 -15.58 41.79 11.58
CA LYS K 145 -17.03 41.83 11.74
C LYS K 145 -17.65 42.90 10.85
N GLY K 146 -17.03 44.09 10.80
CA GLY K 146 -17.54 45.14 9.94
C GLY K 146 -17.38 44.78 8.48
N ARG K 147 -16.25 44.16 8.12
CA ARG K 147 -16.02 43.77 6.74
C ARG K 147 -17.01 42.70 6.30
N MET K 148 -17.26 41.71 7.17
CA MET K 148 -18.20 40.64 6.81
C MET K 148 -19.61 41.19 6.65
N ASN K 149 -20.01 42.13 7.52
CA ASN K 149 -21.34 42.70 7.42
C ASN K 149 -21.50 43.49 6.13
N GLU K 150 -20.45 44.19 5.71
CA GLU K 150 -20.50 44.96 4.47
C GLU K 150 -20.76 44.05 3.27
N LEU K 151 -20.07 42.92 3.21
CA LEU K 151 -20.24 41.99 2.10
C LEU K 151 -21.62 41.33 2.13
N MET K 152 -22.07 40.95 3.33
CA MET K 152 -23.39 40.32 3.45
C MET K 152 -24.48 41.27 3.00
N ALA K 153 -24.36 42.55 3.34
CA ALA K 153 -25.34 43.54 2.93
C ALA K 153 -25.39 43.68 1.42
N LEU K 154 -24.23 43.61 0.77
CA LEU K 154 -24.14 43.75 -0.68
C LEU K 154 -24.91 42.64 -1.39
N HIS K 155 -24.67 41.40 -1.00
CA HIS K 155 -25.32 40.27 -1.65
C HIS K 155 -26.80 40.22 -1.31
N THR K 156 -27.15 40.30 -0.02
CA THR K 156 -28.55 40.24 0.38
C THR K 156 -29.32 41.46 -0.09
N GLY K 157 -28.69 42.63 -0.08
CA GLY K 157 -29.32 43.87 -0.48
C GLY K 157 -29.82 44.70 0.67
N GLN K 158 -29.82 44.16 1.89
CA GLN K 158 -30.29 44.89 3.05
C GLN K 158 -29.27 45.96 3.44
N SER K 159 -29.72 46.92 4.23
CA SER K 159 -28.84 47.99 4.67
C SER K 159 -27.85 47.47 5.70
N LEU K 160 -26.70 48.15 5.79
CA LEU K 160 -25.67 47.74 6.73
C LEU K 160 -26.18 47.82 8.17
N GLU K 161 -27.02 48.81 8.47
CA GLU K 161 -27.56 48.94 9.82
C GLU K 161 -28.44 47.75 10.18
N GLN K 162 -29.28 47.30 9.26
CA GLN K 162 -30.15 46.17 9.53
C GLN K 162 -29.34 44.90 9.77
N ILE K 163 -28.29 44.70 8.97
CA ILE K 163 -27.45 43.51 9.13
C ILE K 163 -26.76 43.53 10.48
N GLU K 164 -26.30 44.71 10.92
CA GLU K 164 -25.61 44.81 12.20
C GLU K 164 -26.53 44.43 13.35
N ARG K 165 -27.77 44.91 13.34
CA ARG K 165 -28.70 44.59 14.41
C ARG K 165 -29.06 43.11 14.41
N ASP K 166 -29.31 42.55 13.24
CA ASP K 166 -29.69 41.14 13.14
C ASP K 166 -28.53 40.20 13.47
N THR K 167 -27.30 40.60 13.14
CA THR K 167 -26.14 39.74 13.39
C THR K 167 -25.55 39.90 14.78
N GLU K 168 -26.11 40.76 15.63
CA GLU K 168 -25.58 40.91 16.98
C GLU K 168 -25.72 39.61 17.75
N ARG K 169 -26.82 38.90 17.54
CA ARG K 169 -27.08 37.62 18.20
C ARG K 169 -27.55 36.63 17.14
N ASP K 170 -27.46 35.35 17.48
CA ASP K 170 -27.87 34.27 16.58
C ASP K 170 -29.32 34.48 16.13
N ARG K 171 -29.52 34.47 14.82
CA ARG K 171 -30.84 34.64 14.22
C ARG K 171 -31.07 33.49 13.25
N PHE K 172 -32.05 32.64 13.57
CA PHE K 172 -32.37 31.48 12.73
C PHE K 172 -33.42 31.86 11.71
N LEU K 173 -33.12 31.61 10.44
CA LEU K 173 -34.00 31.92 9.32
C LEU K 173 -34.33 30.66 8.55
N SER K 174 -35.62 30.43 8.33
CA SER K 174 -36.07 29.29 7.55
C SER K 174 -35.88 29.59 6.07
N ALA K 175 -36.13 28.57 5.24
CA ALA K 175 -35.99 28.74 3.79
C ALA K 175 -36.86 29.86 3.24
N PRO K 176 -38.14 29.97 3.58
CA PRO K 176 -38.92 31.10 3.03
C PRO K 176 -38.46 32.44 3.57
N GLU K 177 -38.10 32.49 4.85
CA GLU K 177 -37.64 33.75 5.44
C GLU K 177 -36.35 34.21 4.78
N ALA K 178 -35.50 33.27 4.38
CA ALA K 178 -34.24 33.63 3.72
C ALA K 178 -34.49 34.35 2.41
N VAL K 179 -35.53 33.94 1.69
CA VAL K 179 -35.85 34.57 0.41
C VAL K 179 -36.19 36.04 0.62
N GLU K 180 -37.02 36.33 1.63
CA GLU K 180 -37.38 37.71 1.91
C GLU K 180 -36.17 38.51 2.35
N TYR K 181 -35.32 37.92 3.20
CA TYR K 181 -34.14 38.62 3.67
C TYR K 181 -33.18 38.91 2.51
N GLY K 182 -33.05 37.97 1.58
CA GLY K 182 -32.18 38.11 0.43
C GLY K 182 -31.02 37.16 0.37
N LEU K 183 -30.89 36.25 1.35
CA LEU K 183 -29.78 35.30 1.34
C LEU K 183 -29.86 34.37 0.14
N VAL K 184 -31.07 33.99 -0.26
CA VAL K 184 -31.30 33.10 -1.38
C VAL K 184 -32.36 33.70 -2.29
N ASP K 185 -32.40 33.21 -3.52
CA ASP K 185 -33.31 33.71 -4.54
C ASP K 185 -34.58 32.88 -4.70
N SER K 186 -34.51 31.57 -4.53
CA SER K 186 -35.70 30.74 -4.70
C SER K 186 -35.51 29.43 -3.97
N ILE K 187 -36.60 28.64 -3.94
CA ILE K 187 -36.65 27.35 -3.26
C ILE K 187 -36.89 26.26 -4.29
N LEU K 188 -36.28 25.09 -4.07
CA LEU K 188 -36.42 23.93 -4.94
C LEU K 188 -37.25 22.89 -4.20
N THR K 189 -38.55 22.84 -4.51
CA THR K 189 -39.45 21.89 -3.87
C THR K 189 -39.50 20.56 -4.62
N HIS K 190 -39.82 20.60 -5.91
CA HIS K 190 -39.90 19.41 -6.74
C HIS K 190 -39.33 19.70 -8.12
N ARG K 191 -38.87 18.65 -8.77
CA ARG K 191 -38.31 18.79 -10.10
C ARG K 191 -39.41 19.05 -11.12
N ASN K 192 -39.14 19.99 -12.03
CA ASN K 192 -40.10 20.35 -13.08
C ASN K 192 -39.67 19.77 -14.42
N LEU L 1 -14.09 -6.49 7.18
CA LEU L 1 -13.63 -5.99 5.89
C LEU L 1 -14.72 -6.16 4.84
N VAL L 2 -14.77 -5.22 3.90
CA VAL L 2 -15.76 -5.25 2.83
C VAL L 2 -15.38 -6.34 1.81
N PRO L 3 -16.25 -7.33 1.52
CA PRO L 3 -15.88 -8.35 0.53
C PRO L 3 -16.19 -7.93 -0.90
N MET L 4 -15.20 -8.00 -1.78
CA MET L 4 -15.39 -7.64 -3.17
C MET L 4 -16.07 -8.77 -3.94
N VAL L 5 -16.75 -8.39 -5.02
CA VAL L 5 -17.45 -9.34 -5.89
C VAL L 5 -17.15 -8.99 -7.33
N ILE L 6 -17.31 -9.99 -8.20
CA ILE L 6 -17.08 -9.84 -9.63
C ILE L 6 -18.39 -10.05 -10.36
N GLU L 7 -18.62 -9.23 -11.38
CA GLU L 7 -19.80 -9.31 -12.22
C GLU L 7 -19.33 -9.56 -13.65
N GLN L 8 -20.14 -10.27 -14.42
CA GLN L 8 -19.81 -10.57 -15.80
C GLN L 8 -20.59 -9.62 -16.71
N THR L 9 -19.86 -8.96 -17.60
CA THR L 9 -20.43 -8.02 -18.55
C THR L 9 -19.87 -8.33 -19.93
N SER L 10 -20.54 -7.78 -20.95
CA SER L 10 -20.11 -8.02 -22.32
C SER L 10 -18.70 -7.49 -22.54
N ARG L 11 -18.39 -6.33 -21.97
CA ARG L 11 -17.05 -5.77 -22.10
C ARG L 11 -16.02 -6.68 -21.42
N GLY L 12 -16.36 -7.20 -20.25
CA GLY L 12 -15.47 -8.06 -19.51
C GLY L 12 -15.80 -8.05 -18.04
N GLU L 13 -15.11 -8.91 -17.31
CA GLU L 13 -15.33 -9.02 -15.87
C GLU L 13 -14.80 -7.78 -15.16
N ARG L 14 -15.56 -7.29 -14.19
CA ARG L 14 -15.22 -6.10 -13.43
C ARG L 14 -15.46 -6.36 -11.95
N SER L 15 -14.48 -6.00 -11.12
CA SER L 15 -14.58 -6.17 -9.68
C SER L 15 -15.29 -4.97 -9.07
N PHE L 16 -16.22 -5.24 -8.15
CA PHE L 16 -16.97 -4.21 -7.49
C PHE L 16 -17.14 -4.54 -6.01
N ASP L 17 -17.32 -3.49 -5.21
CA ASP L 17 -17.54 -3.66 -3.78
C ASP L 17 -18.95 -4.22 -3.56
N ILE L 18 -19.18 -4.73 -2.36
CA ILE L 18 -20.50 -5.29 -2.05
C ILE L 18 -21.54 -4.18 -2.04
N TYR L 19 -21.21 -3.03 -1.46
CA TYR L 19 -22.16 -1.92 -1.43
C TYR L 19 -22.31 -1.28 -2.81
N SER L 20 -21.20 -1.14 -3.53
CA SER L 20 -21.27 -0.56 -4.87
C SER L 20 -22.05 -1.46 -5.82
N ARG L 21 -21.89 -2.77 -5.67
CA ARG L 21 -22.62 -3.72 -6.52
C ARG L 21 -24.12 -3.55 -6.33
N LEU L 22 -24.56 -3.37 -5.09
CA LEU L 22 -25.99 -3.19 -4.83
C LEU L 22 -26.46 -1.81 -5.29
N LEU L 23 -25.57 -0.83 -5.28
CA LEU L 23 -25.95 0.50 -5.75
C LEU L 23 -26.37 0.45 -7.21
N LYS L 24 -25.74 -0.42 -7.99
CA LYS L 24 -26.11 -0.56 -9.40
C LYS L 24 -27.56 -1.03 -9.53
N GLU L 25 -28.07 -1.76 -8.54
CA GLU L 25 -29.44 -2.23 -8.52
C GLU L 25 -30.38 -1.26 -7.84
N ARG L 26 -29.96 -0.01 -7.65
CA ARG L 26 -30.78 1.03 -7.03
C ARG L 26 -31.12 0.66 -5.58
N VAL L 27 -30.10 0.29 -4.82
CA VAL L 27 -30.23 -0.08 -3.42
C VAL L 27 -29.26 0.77 -2.61
N ILE L 28 -29.79 1.51 -1.64
CA ILE L 28 -29.01 2.37 -0.76
C ILE L 28 -29.23 1.92 0.67
N PHE L 29 -28.15 1.92 1.45
CA PHE L 29 -28.18 1.48 2.84
C PHE L 29 -27.95 2.66 3.78
N LEU L 30 -28.96 2.95 4.61
CA LEU L 30 -28.87 3.99 5.63
C LEU L 30 -28.62 3.25 6.94
N THR L 31 -27.39 3.33 7.45
CA THR L 31 -27.00 2.63 8.65
C THR L 31 -26.23 3.55 9.60
N GLY L 32 -26.41 3.29 10.89
CA GLY L 32 -25.74 4.02 11.93
C GLY L 32 -26.37 5.37 12.23
N GLN L 33 -25.67 6.10 13.11
CA GLN L 33 -26.13 7.42 13.50
C GLN L 33 -26.14 8.36 12.31
N VAL L 34 -27.18 9.19 12.23
CA VAL L 34 -27.31 10.13 11.12
C VAL L 34 -26.41 11.32 11.41
N GLU L 35 -25.66 11.74 10.40
CA GLU L 35 -24.76 12.88 10.53
C GLU L 35 -24.53 13.49 9.16
N ASP L 36 -23.82 14.62 9.14
CA ASP L 36 -23.62 15.37 7.90
C ASP L 36 -22.88 14.57 6.83
N HIS L 37 -21.79 13.88 7.21
CA HIS L 37 -20.99 13.19 6.21
C HIS L 37 -21.75 12.03 5.57
N MET L 38 -22.36 11.16 6.38
CA MET L 38 -23.10 10.03 5.82
C MET L 38 -24.30 10.49 5.03
N ALA L 39 -24.95 11.57 5.47
CA ALA L 39 -26.12 12.07 4.75
C ALA L 39 -25.75 12.57 3.37
N ASN L 40 -24.61 13.25 3.24
CA ASN L 40 -24.17 13.72 1.94
C ASN L 40 -23.91 12.55 1.00
N LEU L 41 -23.47 11.42 1.55
CA LEU L 41 -23.21 10.25 0.72
C LEU L 41 -24.51 9.68 0.18
N ILE L 42 -25.55 9.65 1.01
CA ILE L 42 -26.85 9.16 0.58
C ILE L 42 -27.45 10.08 -0.46
N VAL L 43 -27.29 11.39 -0.26
CA VAL L 43 -27.80 12.37 -1.22
C VAL L 43 -27.13 12.18 -2.57
N ALA L 44 -25.82 11.94 -2.56
CA ALA L 44 -25.11 11.73 -3.82
C ALA L 44 -25.58 10.48 -4.53
N GLN L 45 -25.94 9.45 -3.78
CA GLN L 45 -26.43 8.22 -4.39
C GLN L 45 -27.81 8.42 -5.00
N MET L 46 -28.69 9.14 -4.30
CA MET L 46 -30.03 9.38 -4.82
C MET L 46 -29.96 10.16 -6.13
N LEU L 47 -29.13 11.20 -6.17
CA LEU L 47 -29.00 12.00 -7.38
C LEU L 47 -28.34 11.19 -8.50
N PHE L 48 -27.33 10.41 -8.16
CA PHE L 48 -26.65 9.59 -9.16
C PHE L 48 -27.60 8.62 -9.83
N LEU L 49 -28.47 7.97 -9.04
CA LEU L 49 -29.42 7.03 -9.59
C LEU L 49 -30.47 7.74 -10.45
N GLU L 50 -30.82 8.97 -10.08
CA GLU L 50 -31.79 9.73 -10.86
C GLU L 50 -31.29 9.93 -12.28
N ALA L 51 -30.00 10.23 -12.43
CA ALA L 51 -29.42 10.42 -13.77
C ALA L 51 -29.47 9.14 -14.58
N GLU L 52 -29.18 8.00 -13.95
CA GLU L 52 -29.18 6.73 -14.66
C GLU L 52 -30.57 6.39 -15.20
N ASN L 53 -31.57 6.45 -14.33
CA ASN L 53 -32.95 6.12 -14.72
C ASN L 53 -33.90 6.88 -13.80
N PRO L 54 -34.45 8.03 -14.23
CA PRO L 54 -35.38 8.75 -13.36
C PRO L 54 -36.72 8.05 -13.17
N GLU L 55 -37.04 7.05 -13.99
CA GLU L 55 -38.30 6.34 -13.86
C GLU L 55 -38.23 5.18 -12.89
N LYS L 56 -37.13 4.44 -12.88
CA LYS L 56 -37.00 3.29 -11.99
C LYS L 56 -36.96 3.73 -10.54
N ASP L 57 -37.62 2.96 -9.68
CA ASP L 57 -37.68 3.27 -8.26
C ASP L 57 -36.35 2.98 -7.57
N ILE L 58 -36.25 3.41 -6.32
CA ILE L 58 -35.06 3.23 -5.49
C ILE L 58 -35.50 2.56 -4.20
N TYR L 59 -34.64 1.67 -3.68
CA TYR L 59 -34.90 0.92 -2.46
C TYR L 59 -33.92 1.38 -1.38
N LEU L 60 -34.48 1.98 -0.32
CA LEU L 60 -33.70 2.50 0.79
C LEU L 60 -33.94 1.63 2.02
N TYR L 61 -32.88 0.97 2.49
CA TYR L 61 -32.93 0.12 3.68
C TYR L 61 -32.51 0.97 4.87
N ILE L 62 -33.42 1.14 5.84
CA ILE L 62 -33.20 1.98 7.00
C ILE L 62 -33.02 1.13 8.24
N ASN L 63 -31.87 1.29 8.90
CA ASN L 63 -31.58 0.63 10.17
C ASN L 63 -30.67 1.59 10.93
N SER L 64 -31.25 2.41 11.80
CA SER L 64 -30.45 3.40 12.52
C SER L 64 -31.17 3.79 13.79
N PRO L 65 -30.45 4.27 14.81
CA PRO L 65 -31.09 4.74 16.04
C PRO L 65 -31.40 6.23 16.07
N GLY L 66 -31.23 6.92 14.94
CA GLY L 66 -31.49 8.34 14.83
C GLY L 66 -30.21 9.16 14.84
N GLY L 67 -30.39 10.48 14.79
CA GLY L 67 -29.24 11.37 14.79
C GLY L 67 -29.64 12.82 14.60
N VAL L 68 -28.75 13.56 13.94
CA VAL L 68 -28.99 14.98 13.69
C VAL L 68 -30.21 15.16 12.81
N ILE L 69 -31.02 16.16 13.14
CA ILE L 69 -32.23 16.45 12.37
C ILE L 69 -31.90 17.16 11.06
N THR L 70 -30.97 18.13 11.11
CA THR L 70 -30.61 18.87 9.90
C THR L 70 -30.09 17.94 8.81
N ALA L 71 -29.26 16.98 9.19
CA ALA L 71 -28.73 16.03 8.20
C ALA L 71 -29.86 15.21 7.60
N GLY L 72 -30.80 14.76 8.44
CA GLY L 72 -31.90 13.96 7.93
C GLY L 72 -32.81 14.74 7.00
N MET L 73 -33.03 16.03 7.27
CA MET L 73 -33.90 16.83 6.43
C MET L 73 -33.37 16.94 5.01
N SER L 74 -32.04 16.95 4.85
CA SER L 74 -31.47 17.00 3.51
C SER L 74 -31.88 15.76 2.73
N ILE L 75 -31.83 14.60 3.38
CA ILE L 75 -32.24 13.36 2.75
C ILE L 75 -33.73 13.39 2.43
N TYR L 76 -34.53 13.89 3.36
CA TYR L 76 -35.98 13.96 3.16
C TYR L 76 -36.31 14.88 1.98
N ASP L 77 -35.67 16.05 1.94
CA ASP L 77 -35.93 16.98 0.85
C ASP L 77 -35.48 16.40 -0.49
N THR L 78 -34.35 15.71 -0.49
CA THR L 78 -33.85 15.10 -1.72
C THR L 78 -34.81 14.04 -2.24
N MET L 79 -35.40 13.25 -1.33
CA MET L 79 -36.32 12.20 -1.74
C MET L 79 -37.55 12.77 -2.42
N GLN L 80 -38.13 13.82 -1.84
CA GLN L 80 -39.32 14.43 -2.41
C GLN L 80 -39.01 15.16 -3.71
N PHE L 81 -37.81 15.73 -3.82
CA PHE L 81 -37.44 16.48 -5.01
C PHE L 81 -37.34 15.58 -6.24
N ILE L 82 -36.50 14.55 -6.17
CA ILE L 82 -36.29 13.68 -7.31
C ILE L 82 -37.59 12.98 -7.73
N LYS L 83 -37.66 12.65 -9.01
CA LYS L 83 -38.79 11.96 -9.63
C LYS L 83 -38.92 10.50 -9.18
N PRO L 84 -37.84 9.72 -9.13
CA PRO L 84 -37.96 8.32 -8.72
C PRO L 84 -38.60 8.15 -7.35
N ASP L 85 -39.48 7.15 -7.26
CA ASP L 85 -40.13 6.82 -6.00
C ASP L 85 -39.12 6.09 -5.13
N VAL L 86 -39.03 6.52 -3.87
CA VAL L 86 -38.10 5.93 -2.91
C VAL L 86 -38.87 4.96 -2.03
N SER L 87 -38.52 3.68 -2.13
CA SER L 87 -39.18 2.63 -1.35
C SER L 87 -38.37 2.40 -0.08
N THR L 88 -38.89 2.88 1.04
CA THR L 88 -38.21 2.74 2.31
C THR L 88 -38.53 1.39 2.94
N ILE L 89 -37.50 0.76 3.51
CA ILE L 89 -37.62 -0.53 4.15
C ILE L 89 -36.96 -0.42 5.52
N CYS L 90 -37.65 -0.87 6.56
CA CYS L 90 -37.16 -0.80 7.93
C CYS L 90 -36.59 -2.14 8.35
N MET L 91 -35.28 -2.17 8.59
CA MET L 91 -34.56 -3.36 9.02
C MET L 91 -34.10 -3.12 10.46
N GLY L 92 -34.50 -4.01 11.36
CA GLY L 92 -34.08 -3.89 12.74
C GLY L 92 -34.85 -2.85 13.53
N GLN L 93 -34.64 -1.57 13.21
CA GLN L 93 -35.34 -0.52 13.93
C GLN L 93 -35.31 0.77 13.13
N ALA L 94 -36.13 1.72 13.58
CA ALA L 94 -36.23 3.04 12.97
C ALA L 94 -36.63 4.03 14.05
N ALA L 95 -35.69 4.86 14.46
CA ALA L 95 -35.92 5.85 15.51
C ALA L 95 -36.58 7.08 14.91
N SER L 96 -36.63 8.17 15.69
CA SER L 96 -37.24 9.43 15.29
C SER L 96 -36.89 9.86 13.86
N MET L 97 -35.60 9.93 13.55
CA MET L 97 -35.22 10.32 12.19
C MET L 97 -35.43 9.17 11.23
N GLY L 98 -35.07 7.96 11.64
CA GLY L 98 -35.28 6.80 10.78
C GLY L 98 -36.73 6.62 10.42
N ALA L 99 -37.63 6.88 11.38
CA ALA L 99 -39.05 6.73 11.13
C ALA L 99 -39.55 7.86 10.24
N PHE L 100 -39.02 9.07 10.42
CA PHE L 100 -39.43 10.19 9.59
C PHE L 100 -39.06 9.94 8.13
N LEU L 101 -37.90 9.33 7.91
CA LEU L 101 -37.50 8.99 6.55
C LEU L 101 -38.24 7.76 6.05
N LEU L 102 -38.60 6.86 6.96
CA LEU L 102 -39.35 5.66 6.59
C LEU L 102 -40.72 6.03 6.05
N THR L 103 -41.48 6.83 6.81
CA THR L 103 -42.79 7.26 6.37
C THR L 103 -42.73 8.24 5.21
N ALA L 104 -41.57 8.88 5.00
CA ALA L 104 -41.41 9.82 3.90
C ALA L 104 -41.42 9.12 2.54
N GLY L 105 -41.21 7.80 2.52
CA GLY L 105 -41.20 7.07 1.27
C GLY L 105 -42.48 7.23 0.48
N ALA L 106 -42.40 6.89 -0.80
CA ALA L 106 -43.53 6.97 -1.71
C ALA L 106 -44.71 6.19 -1.18
N LYS L 107 -45.89 6.80 -1.27
CA LYS L 107 -47.12 6.16 -0.81
C LYS L 107 -47.34 4.84 -1.54
N GLY L 108 -47.54 3.78 -0.77
CA GLY L 108 -47.73 2.45 -1.30
C GLY L 108 -46.46 1.65 -1.48
N LYS L 109 -45.29 2.25 -1.22
CA LYS L 109 -44.00 1.58 -1.36
C LYS L 109 -43.20 1.65 -0.07
N ARG L 110 -43.88 1.79 1.07
CA ARG L 110 -43.25 1.84 2.38
C ARG L 110 -43.44 0.48 3.03
N PHE L 111 -42.33 -0.17 3.37
CA PHE L 111 -42.36 -1.49 3.96
C PHE L 111 -41.57 -1.54 5.26
N CYS L 112 -41.87 -2.56 6.05
CA CYS L 112 -41.20 -2.81 7.32
C CYS L 112 -41.21 -4.30 7.57
N LEU L 113 -40.09 -4.81 8.08
CA LEU L 113 -39.99 -6.23 8.35
C LEU L 113 -40.81 -6.58 9.59
N PRO L 114 -41.29 -7.82 9.71
CA PRO L 114 -42.17 -8.17 10.84
C PRO L 114 -41.57 -7.96 12.23
N ASN L 115 -40.29 -8.22 12.43
CA ASN L 115 -39.68 -8.09 13.74
C ASN L 115 -39.02 -6.73 13.98
N SER L 116 -39.19 -5.78 13.08
CA SER L 116 -38.59 -4.47 13.28
C SER L 116 -39.34 -3.71 14.37
N ARG L 117 -38.62 -2.82 15.04
CA ARG L 117 -39.17 -2.00 16.12
C ARG L 117 -39.03 -0.53 15.74
N VAL L 118 -40.15 0.15 15.57
CA VAL L 118 -40.17 1.56 15.21
C VAL L 118 -40.34 2.37 16.49
N MET L 119 -39.75 3.57 16.50
CA MET L 119 -39.85 4.46 17.65
C MET L 119 -39.86 5.89 17.18
N ILE L 120 -40.71 6.71 17.79
CA ILE L 120 -40.85 8.12 17.46
C ILE L 120 -40.85 8.94 18.74
N HIS L 121 -40.11 10.05 18.73
CA HIS L 121 -40.04 10.95 19.86
C HIS L 121 -39.82 12.36 19.36
N GLN L 122 -40.11 13.34 20.20
CA GLN L 122 -39.94 14.73 19.83
C GLN L 122 -38.45 15.09 19.83
N PRO L 123 -38.07 16.13 19.09
CA PRO L 123 -36.64 16.50 19.04
C PRO L 123 -36.10 16.88 20.42
N LEU L 124 -34.82 16.57 20.62
CA LEU L 124 -34.12 16.85 21.86
C LEU L 124 -32.87 17.66 21.56
N GLY L 125 -32.60 18.66 22.39
CA GLY L 125 -31.45 19.51 22.23
C GLY L 125 -31.20 20.31 23.49
N GLY L 126 -30.15 21.13 23.44
CA GLY L 126 -29.80 21.95 24.59
C GLY L 126 -28.83 23.05 24.25
N TYR L 127 -28.89 24.15 24.99
CA TYR L 127 -28.02 25.29 24.79
C TYR L 127 -27.62 25.89 26.12
N GLN L 128 -26.36 26.31 26.22
CA GLN L 128 -25.81 26.93 27.41
C GLN L 128 -25.45 28.37 27.06
N GLY L 129 -25.96 29.32 27.82
CA GLY L 129 -25.66 30.71 27.56
C GLY L 129 -26.63 31.61 28.30
N GLN L 130 -26.68 32.87 27.84
CA GLN L 130 -27.55 33.86 28.43
C GLN L 130 -29.01 33.50 28.21
N ALA L 131 -29.87 34.04 29.08
CA ALA L 131 -31.30 33.79 28.97
C ALA L 131 -31.84 34.25 27.63
N THR L 132 -31.32 35.36 27.10
CA THR L 132 -31.78 35.87 25.81
C THR L 132 -31.50 34.86 24.71
N ASP L 133 -30.29 34.29 24.69
CA ASP L 133 -29.95 33.30 23.68
C ASP L 133 -30.80 32.05 23.83
N ILE L 134 -31.07 31.64 25.07
CA ILE L 134 -31.88 30.45 25.32
C ILE L 134 -33.27 30.62 24.70
N GLU L 135 -33.84 31.82 24.81
CA GLU L 135 -35.16 32.08 24.24
C GLU L 135 -35.13 31.91 22.73
N ILE L 136 -34.06 32.38 22.08
CA ILE L 136 -33.93 32.27 20.64
C ILE L 136 -33.82 30.80 20.24
N HIS L 137 -32.94 30.05 20.91
CA HIS L 137 -32.75 28.65 20.59
C HIS L 137 -34.00 27.83 20.90
N ALA L 138 -34.69 28.16 22.00
CA ALA L 138 -35.91 27.44 22.35
C ALA L 138 -36.97 27.63 21.28
N ARG L 139 -37.04 28.82 20.68
CA ARG L 139 -38.00 29.07 19.62
C ARG L 139 -37.70 28.23 18.40
N GLU L 140 -36.42 28.00 18.10
CA GLU L 140 -36.05 27.25 16.90
C GLU L 140 -36.36 25.77 17.04
N ILE L 141 -36.11 25.18 18.21
CA ILE L 141 -36.40 23.77 18.38
C ILE L 141 -37.90 23.53 18.40
N LEU L 142 -38.67 24.47 18.96
CA LEU L 142 -40.12 24.31 18.98
C LEU L 142 -40.67 24.39 17.56
N LYS L 143 -40.08 25.25 16.72
CA LYS L 143 -40.52 25.34 15.34
C LYS L 143 -40.24 24.03 14.61
N VAL L 144 -39.08 23.45 14.87
CA VAL L 144 -38.72 22.17 14.25
C VAL L 144 -39.69 21.09 14.68
N LYS L 145 -40.11 21.12 15.95
CA LYS L 145 -41.06 20.13 16.44
C LYS L 145 -42.38 20.26 15.70
N GLY L 146 -42.85 21.48 15.52
CA GLY L 146 -44.09 21.69 14.79
C GLY L 146 -43.95 21.31 13.32
N ARG L 147 -42.80 21.62 12.73
CA ARG L 147 -42.59 21.31 11.32
C ARG L 147 -42.50 19.80 11.10
N MET L 148 -41.78 19.10 11.97
CA MET L 148 -41.66 17.66 11.82
C MET L 148 -42.99 16.96 12.04
N ASN L 149 -43.76 17.40 13.05
CA ASN L 149 -45.05 16.80 13.31
C ASN L 149 -46.02 17.05 12.16
N GLU L 150 -45.95 18.25 11.57
CA GLU L 150 -46.82 18.57 10.44
C GLU L 150 -46.56 17.64 9.26
N LEU L 151 -45.30 17.31 9.00
CA LEU L 151 -44.96 16.43 7.89
C LEU L 151 -45.32 14.98 8.22
N MET L 152 -45.10 14.57 9.46
CA MET L 152 -45.44 13.20 9.85
C MET L 152 -46.93 12.95 9.68
N ALA L 153 -47.76 13.93 10.05
CA ALA L 153 -49.20 13.78 9.89
C ALA L 153 -49.58 13.65 8.44
N LEU L 154 -48.87 14.36 7.56
CA LEU L 154 -49.17 14.31 6.12
C LEU L 154 -48.92 12.92 5.57
N HIS L 155 -47.75 12.35 5.85
CA HIS L 155 -47.43 11.03 5.33
C HIS L 155 -48.25 9.94 6.02
N THR L 156 -48.32 9.98 7.35
CA THR L 156 -49.08 8.97 8.08
C THR L 156 -50.58 9.12 7.83
N GLY L 157 -51.05 10.35 7.70
CA GLY L 157 -52.46 10.62 7.48
C GLY L 157 -53.25 10.89 8.74
N GLN L 158 -52.62 10.78 9.92
CA GLN L 158 -53.31 11.04 11.17
C GLN L 158 -53.37 12.55 11.43
N SER L 159 -54.24 12.93 12.35
CA SER L 159 -54.40 14.34 12.68
C SER L 159 -53.17 14.86 13.40
N LEU L 160 -52.94 16.17 13.27
CA LEU L 160 -51.79 16.79 13.93
C LEU L 160 -51.90 16.69 15.44
N GLU L 161 -53.11 16.80 15.98
CA GLU L 161 -53.29 16.72 17.43
C GLU L 161 -52.92 15.35 17.96
N GLN L 162 -53.24 14.29 17.21
CA GLN L 162 -52.91 12.94 17.65
C GLN L 162 -51.40 12.72 17.61
N ILE L 163 -50.72 13.28 16.61
CA ILE L 163 -49.28 13.11 16.50
C ILE L 163 -48.58 13.79 17.67
N GLU L 164 -49.05 14.98 18.05
CA GLU L 164 -48.42 15.70 19.16
C GLU L 164 -48.51 14.91 20.46
N ARG L 165 -49.67 14.32 20.74
CA ARG L 165 -49.83 13.53 21.96
C ARG L 165 -48.90 12.32 21.95
N ASP L 166 -48.84 11.61 20.83
CA ASP L 166 -48.02 10.40 20.73
C ASP L 166 -46.54 10.74 20.77
N THR L 167 -46.12 11.85 20.15
CA THR L 167 -44.72 12.22 20.10
C THR L 167 -44.22 12.96 21.32
N GLU L 168 -45.08 13.25 22.31
CA GLU L 168 -44.62 13.94 23.51
C GLU L 168 -43.59 13.10 24.24
N ARG L 169 -43.78 11.78 24.26
CA ARG L 169 -42.86 10.84 24.90
C ARG L 169 -42.57 9.71 23.93
N ASP L 170 -41.51 8.97 24.22
CA ASP L 170 -41.12 7.85 23.37
C ASP L 170 -42.25 6.84 23.24
N ARG L 171 -42.51 6.42 22.01
CA ARG L 171 -43.56 5.45 21.71
C ARG L 171 -42.98 4.41 20.76
N PHE L 172 -42.98 3.14 21.20
CA PHE L 172 -42.46 2.04 20.41
C PHE L 172 -43.63 1.36 19.68
N LEU L 173 -43.54 1.30 18.36
CA LEU L 173 -44.56 0.70 17.52
C LEU L 173 -43.99 -0.49 16.78
N SER L 174 -44.64 -1.65 16.93
CA SER L 174 -44.22 -2.85 16.23
C SER L 174 -44.58 -2.73 14.76
N ALA L 175 -44.17 -3.72 13.96
CA ALA L 175 -44.47 -3.68 12.53
C ALA L 175 -45.97 -3.67 12.25
N PRO L 176 -46.80 -4.54 12.85
CA PRO L 176 -48.24 -4.44 12.57
C PRO L 176 -48.84 -3.14 13.06
N GLU L 177 -48.39 -2.66 14.22
CA GLU L 177 -48.90 -1.41 14.76
C GLU L 177 -48.58 -0.24 13.84
N ALA L 178 -47.40 -0.27 13.20
CA ALA L 178 -47.03 0.81 12.29
C ALA L 178 -47.92 0.85 11.06
N VAL L 179 -48.40 -0.32 10.61
CA VAL L 179 -49.26 -0.35 9.43
C VAL L 179 -50.55 0.40 9.69
N GLU L 180 -51.20 0.12 10.83
CA GLU L 180 -52.44 0.80 11.15
C GLU L 180 -52.20 2.27 11.48
N TYR L 181 -51.05 2.60 12.08
CA TYR L 181 -50.76 3.98 12.40
C TYR L 181 -50.58 4.83 11.15
N GLY L 182 -50.08 4.23 10.07
CA GLY L 182 -49.87 4.92 8.82
C GLY L 182 -48.41 5.15 8.46
N LEU L 183 -47.47 4.78 9.33
CA LEU L 183 -46.06 4.98 9.03
C LEU L 183 -45.63 4.17 7.82
N VAL L 184 -46.12 2.93 7.72
CA VAL L 184 -45.78 2.02 6.63
C VAL L 184 -47.06 1.49 5.99
N ASP L 185 -46.93 1.06 4.74
CA ASP L 185 -48.05 0.54 3.97
C ASP L 185 -48.32 -0.94 4.20
N SER L 186 -47.28 -1.77 4.26
CA SER L 186 -47.47 -3.20 4.44
C SER L 186 -46.18 -3.83 4.95
N ILE L 187 -46.30 -5.07 5.40
CA ILE L 187 -45.18 -5.84 5.94
C ILE L 187 -44.66 -6.79 4.87
N LEU L 188 -43.34 -6.92 4.79
CA LEU L 188 -42.68 -7.79 3.83
C LEU L 188 -42.34 -9.10 4.55
N THR L 189 -43.34 -9.99 4.62
CA THR L 189 -43.13 -11.27 5.28
C THR L 189 -42.22 -12.17 4.45
N HIS L 190 -42.44 -12.24 3.14
CA HIS L 190 -41.63 -13.05 2.25
C HIS L 190 -41.55 -12.36 0.90
N ARG L 191 -40.63 -12.84 0.07
CA ARG L 191 -40.47 -12.27 -1.27
C ARG L 191 -41.73 -12.45 -2.09
N ASN L 192 -42.40 -13.59 -1.93
CA ASN L 192 -43.63 -13.88 -2.67
C ASN L 192 -44.86 -13.52 -1.84
N LEU M 1 -3.63 -9.13 8.28
CA LEU M 1 -3.58 -9.05 6.83
C LEU M 1 -4.19 -10.30 6.21
N VAL M 2 -5.36 -10.13 5.60
CA VAL M 2 -6.04 -11.28 4.97
C VAL M 2 -5.22 -11.75 3.78
N PRO M 3 -5.06 -13.06 3.56
CA PRO M 3 -4.29 -13.53 2.40
C PRO M 3 -5.09 -13.48 1.12
N MET M 4 -4.37 -13.46 0.01
CA MET M 4 -4.95 -13.43 -1.33
C MET M 4 -4.82 -14.80 -1.97
N VAL M 5 -5.91 -15.27 -2.59
CA VAL M 5 -5.96 -16.56 -3.26
C VAL M 5 -6.26 -16.33 -4.73
N ILE M 6 -5.65 -17.16 -5.59
CA ILE M 6 -5.82 -17.07 -7.04
C ILE M 6 -6.78 -18.16 -7.50
N GLU M 7 -7.80 -17.77 -8.24
CA GLU M 7 -8.77 -18.68 -8.82
C GLU M 7 -8.43 -18.80 -10.30
N GLN M 8 -8.17 -20.03 -10.76
CA GLN M 8 -7.76 -20.28 -12.13
C GLN M 8 -8.87 -20.96 -12.92
N THR M 9 -9.22 -20.37 -14.06
CA THR M 9 -10.23 -20.89 -14.96
C THR M 9 -9.74 -20.69 -16.39
N SER M 10 -10.47 -21.27 -17.34
CA SER M 10 -10.09 -21.15 -18.75
C SER M 10 -10.05 -19.69 -19.20
N ARG M 11 -10.98 -18.87 -18.72
CA ARG M 11 -11.01 -17.46 -19.10
C ARG M 11 -9.76 -16.73 -18.63
N GLY M 12 -9.31 -17.01 -17.41
CA GLY M 12 -8.13 -16.35 -16.89
C GLY M 12 -7.98 -16.62 -15.40
N GLU M 13 -7.07 -15.87 -14.79
CA GLU M 13 -6.77 -15.98 -13.37
C GLU M 13 -7.18 -14.69 -12.67
N ARG M 14 -7.88 -14.83 -11.53
CA ARG M 14 -8.34 -13.71 -10.73
C ARG M 14 -7.82 -13.87 -9.31
N SER M 15 -7.49 -12.75 -8.67
CA SER M 15 -6.99 -12.72 -7.30
C SER M 15 -8.08 -12.20 -6.38
N PHE M 16 -8.33 -12.93 -5.30
CA PHE M 16 -9.36 -12.60 -4.34
C PHE M 16 -8.84 -12.77 -2.92
N ASP M 17 -9.45 -12.03 -2.00
CA ASP M 17 -9.13 -12.24 -0.60
C ASP M 17 -9.79 -13.54 -0.17
N ILE M 18 -9.32 -14.10 0.94
CA ILE M 18 -9.86 -15.37 1.41
C ILE M 18 -11.36 -15.27 1.67
N TYR M 19 -11.81 -14.14 2.22
CA TYR M 19 -13.24 -13.99 2.51
C TYR M 19 -14.06 -13.84 1.24
N SER M 20 -13.54 -13.12 0.25
CA SER M 20 -14.31 -12.92 -0.99
C SER M 20 -14.35 -14.19 -1.82
N ARG M 21 -13.29 -14.99 -1.79
CA ARG M 21 -13.30 -16.25 -2.55
C ARG M 21 -14.38 -17.18 -2.06
N LEU M 22 -14.57 -17.25 -0.74
CA LEU M 22 -15.60 -18.11 -0.19
C LEU M 22 -16.99 -17.55 -0.42
N LEU M 23 -17.12 -16.24 -0.60
CA LEU M 23 -18.43 -15.66 -0.86
C LEU M 23 -19.01 -16.18 -2.16
N LYS M 24 -18.16 -16.44 -3.16
CA LYS M 24 -18.64 -16.99 -4.43
C LYS M 24 -19.32 -18.33 -4.23
N GLU M 25 -18.95 -19.06 -3.18
CA GLU M 25 -19.54 -20.35 -2.86
C GLU M 25 -20.71 -20.21 -1.89
N ARG M 26 -21.28 -19.01 -1.76
CA ARG M 26 -22.44 -18.77 -0.90
C ARG M 26 -22.11 -19.08 0.56
N VAL M 27 -20.96 -18.62 1.02
CA VAL M 27 -20.49 -18.80 2.38
C VAL M 27 -20.29 -17.42 3.01
N ILE M 28 -21.05 -17.12 4.05
CA ILE M 28 -21.00 -15.86 4.77
C ILE M 28 -20.42 -16.11 6.15
N PHE M 29 -19.50 -15.23 6.56
CA PHE M 29 -18.84 -15.33 7.86
C PHE M 29 -19.41 -14.32 8.84
N LEU M 30 -19.94 -14.82 9.96
CA LEU M 30 -20.47 -14.01 11.04
C LEU M 30 -19.47 -14.09 12.19
N THR M 31 -18.81 -12.98 12.48
CA THR M 31 -17.78 -12.94 13.51
C THR M 31 -17.88 -11.68 14.36
N GLY M 32 -17.64 -11.84 15.65
CA GLY M 32 -17.62 -10.74 16.59
C GLY M 32 -19.00 -10.35 17.09
N GLN M 33 -18.99 -9.28 17.88
CA GLN M 33 -20.22 -8.76 18.46
C GLN M 33 -21.15 -8.28 17.36
N VAL M 34 -22.43 -8.63 17.50
CA VAL M 34 -23.40 -8.21 16.50
C VAL M 34 -23.64 -6.71 16.65
N GLU M 35 -23.73 -6.01 15.52
CA GLU M 35 -23.94 -4.58 15.52
C GLU M 35 -24.55 -4.19 14.18
N ASP M 36 -24.97 -2.93 14.10
CA ASP M 36 -25.62 -2.41 12.90
C ASP M 36 -24.70 -2.48 11.69
N HIS M 37 -23.42 -2.12 11.85
CA HIS M 37 -22.50 -2.09 10.72
C HIS M 37 -22.20 -3.49 10.19
N MET M 38 -21.79 -4.41 11.07
CA MET M 38 -21.49 -5.76 10.62
C MET M 38 -22.74 -6.47 10.10
N ALA M 39 -23.88 -6.25 10.75
CA ALA M 39 -25.12 -6.88 10.30
C ALA M 39 -25.51 -6.39 8.92
N ASN M 40 -25.34 -5.09 8.67
CA ASN M 40 -25.65 -4.54 7.36
C ASN M 40 -24.81 -5.20 6.28
N LEU M 41 -23.55 -5.50 6.60
CA LEU M 41 -22.68 -6.16 5.63
C LEU M 41 -23.17 -7.56 5.31
N ILE M 42 -23.61 -8.29 6.34
CA ILE M 42 -24.10 -9.65 6.12
C ILE M 42 -25.37 -9.62 5.29
N VAL M 43 -26.24 -8.64 5.54
CA VAL M 43 -27.48 -8.53 4.78
C VAL M 43 -27.17 -8.27 3.31
N ALA M 44 -26.18 -7.42 3.04
CA ALA M 44 -25.83 -7.12 1.66
C ALA M 44 -25.36 -8.37 0.94
N GLN M 45 -24.68 -9.27 1.65
CA GLN M 45 -24.23 -10.50 1.02
C GLN M 45 -25.40 -11.42 0.69
N MET M 46 -26.42 -11.44 1.55
CA MET M 46 -27.58 -12.29 1.29
C MET M 46 -28.35 -11.81 0.08
N LEU M 47 -28.55 -10.50 -0.05
CA LEU M 47 -29.28 -9.96 -1.19
C LEU M 47 -28.49 -10.17 -2.47
N PHE M 48 -27.17 -9.96 -2.41
CA PHE M 48 -26.32 -10.15 -3.58
C PHE M 48 -26.39 -11.59 -4.08
N LEU M 49 -26.31 -12.55 -3.16
CA LEU M 49 -26.36 -13.95 -3.54
C LEU M 49 -27.75 -14.31 -4.07
N GLU M 50 -28.80 -13.73 -3.48
CA GLU M 50 -30.16 -14.00 -3.94
C GLU M 50 -30.32 -13.61 -5.40
N ALA M 51 -29.73 -12.48 -5.80
CA ALA M 51 -29.82 -12.03 -7.18
C ALA M 51 -29.10 -12.98 -8.12
N GLU M 52 -27.90 -13.44 -7.73
CA GLU M 52 -27.13 -14.34 -8.57
C GLU M 52 -27.90 -15.64 -8.81
N ASN M 53 -28.44 -16.23 -7.74
CA ASN M 53 -29.22 -17.46 -7.86
C ASN M 53 -30.20 -17.54 -6.70
N PRO M 54 -31.52 -17.47 -6.93
CA PRO M 54 -32.47 -17.58 -5.82
C PRO M 54 -32.80 -19.01 -5.41
N GLU M 55 -32.15 -20.02 -5.99
CA GLU M 55 -32.41 -21.42 -5.67
C GLU M 55 -31.30 -22.07 -4.86
N LYS M 56 -30.04 -21.73 -5.12
CA LYS M 56 -28.94 -22.33 -4.39
C LYS M 56 -28.95 -21.93 -2.92
N ASP M 57 -28.56 -22.87 -2.06
CA ASP M 57 -28.54 -22.63 -0.63
C ASP M 57 -27.38 -21.72 -0.25
N ILE M 58 -27.56 -20.99 0.86
CA ILE M 58 -26.57 -20.08 1.39
C ILE M 58 -26.12 -20.62 2.74
N TYR M 59 -24.81 -20.56 2.98
CA TYR M 59 -24.22 -21.06 4.22
C TYR M 59 -23.82 -19.89 5.09
N LEU M 60 -24.00 -20.05 6.40
CA LEU M 60 -23.71 -19.02 7.39
C LEU M 60 -22.94 -19.66 8.54
N TYR M 61 -21.70 -19.22 8.73
CA TYR M 61 -20.84 -19.71 9.81
C TYR M 61 -20.97 -18.71 10.95
N ILE M 62 -21.47 -19.18 12.09
CA ILE M 62 -21.75 -18.32 13.24
C ILE M 62 -20.74 -18.59 14.35
N ASN M 63 -20.03 -17.52 14.75
CA ASN M 63 -19.09 -17.55 15.86
C ASN M 63 -19.16 -16.14 16.45
N SER M 64 -19.96 -15.95 17.48
CA SER M 64 -20.10 -14.62 18.04
C SER M 64 -20.68 -14.64 19.44
N PRO M 65 -20.16 -13.82 20.42
CA PRO M 65 -20.74 -13.78 21.77
C PRO M 65 -21.93 -12.83 21.88
N GLY M 66 -22.87 -12.95 20.95
CA GLY M 66 -24.06 -12.11 20.97
C GLY M 66 -23.78 -10.67 20.58
N GLY M 67 -24.79 -9.83 20.83
CA GLY M 67 -24.67 -8.42 20.49
C GLY M 67 -26.02 -7.73 20.55
N VAL M 68 -26.10 -6.61 19.83
CA VAL M 68 -27.33 -5.83 19.80
C VAL M 68 -28.47 -6.66 19.24
N ILE M 69 -29.61 -6.61 19.92
CA ILE M 69 -30.78 -7.39 19.50
C ILE M 69 -31.36 -6.84 18.20
N THR M 70 -31.46 -5.51 18.06
CA THR M 70 -32.06 -4.93 16.86
C THR M 70 -31.29 -5.33 15.61
N ALA M 71 -29.96 -5.33 15.69
CA ALA M 71 -29.16 -5.73 14.54
C ALA M 71 -29.42 -7.19 14.18
N GLY M 72 -29.62 -8.03 15.18
CA GLY M 72 -29.87 -9.44 14.92
C GLY M 72 -31.17 -9.70 14.18
N MET M 73 -32.23 -8.99 14.55
CA MET M 73 -33.52 -9.19 13.90
C MET M 73 -33.46 -8.88 12.41
N SER M 74 -32.60 -7.94 12.01
CA SER M 74 -32.47 -7.62 10.58
C SER M 74 -31.98 -8.84 9.82
N ILE M 75 -30.99 -9.55 10.39
CA ILE M 75 -30.46 -10.74 9.75
C ILE M 75 -31.50 -11.85 9.72
N TYR M 76 -32.20 -12.04 10.84
CA TYR M 76 -33.21 -13.11 10.92
C TYR M 76 -34.34 -12.87 9.93
N ASP M 77 -34.85 -11.64 9.87
CA ASP M 77 -35.93 -11.35 8.94
C ASP M 77 -35.45 -11.49 7.49
N THR M 78 -34.21 -11.10 7.22
CA THR M 78 -33.67 -11.20 5.87
C THR M 78 -33.60 -12.66 5.42
N MET M 79 -33.14 -13.54 6.31
CA MET M 79 -33.02 -14.96 5.97
C MET M 79 -34.37 -15.56 5.60
N GLN M 80 -35.39 -15.27 6.41
CA GLN M 80 -36.72 -15.79 6.13
C GLN M 80 -37.35 -15.11 4.91
N PHE M 81 -37.03 -13.84 4.70
CA PHE M 81 -37.62 -13.10 3.58
C PHE M 81 -37.15 -13.63 2.23
N ILE M 82 -35.86 -13.94 2.10
CA ILE M 82 -35.32 -14.41 0.83
C ILE M 82 -35.68 -15.87 0.63
N LYS M 83 -35.93 -16.22 -0.63
CA LYS M 83 -36.27 -17.59 -0.99
C LYS M 83 -35.18 -18.62 -0.67
N PRO M 84 -33.89 -18.37 -0.96
CA PRO M 84 -32.87 -19.38 -0.67
C PRO M 84 -32.83 -19.81 0.80
N ASP M 85 -32.60 -21.10 0.99
CA ASP M 85 -32.49 -21.66 2.33
C ASP M 85 -31.12 -21.30 2.89
N VAL M 86 -31.11 -20.71 4.08
CA VAL M 86 -29.88 -20.26 4.72
C VAL M 86 -29.45 -21.32 5.73
N SER M 87 -28.34 -21.98 5.43
CA SER M 87 -27.80 -22.98 6.33
C SER M 87 -26.97 -22.30 7.40
N THR M 88 -26.97 -22.89 8.60
CA THR M 88 -26.26 -22.33 9.74
C THR M 88 -25.34 -23.38 10.34
N ILE M 89 -24.08 -23.02 10.50
CA ILE M 89 -23.05 -23.88 11.04
C ILE M 89 -22.40 -23.15 12.21
N CYS M 90 -22.42 -23.76 13.38
CA CYS M 90 -21.87 -23.14 14.58
C CYS M 90 -20.41 -23.52 14.73
N MET M 91 -19.54 -22.52 14.74
CA MET M 91 -18.09 -22.70 14.91
C MET M 91 -17.67 -22.00 16.19
N GLY M 92 -17.06 -22.75 17.09
CA GLY M 92 -16.59 -22.18 18.34
C GLY M 92 -17.68 -22.04 19.37
N GLN M 93 -18.59 -21.08 19.15
CA GLN M 93 -19.69 -20.88 20.09
C GLN M 93 -20.80 -20.09 19.42
N ALA M 94 -21.93 -20.00 20.12
CA ALA M 94 -23.10 -19.28 19.65
C ALA M 94 -23.87 -18.82 20.89
N ALA M 95 -23.74 -17.53 21.21
CA ALA M 95 -24.40 -16.96 22.38
C ALA M 95 -25.86 -16.66 22.04
N SER M 96 -26.53 -15.91 22.92
CA SER M 96 -27.94 -15.55 22.78
C SER M 96 -28.36 -15.16 21.37
N MET M 97 -27.70 -14.15 20.79
CA MET M 97 -28.08 -13.74 19.44
C MET M 97 -27.58 -14.74 18.41
N GLY M 98 -26.38 -15.28 18.61
CA GLY M 98 -25.87 -16.27 17.68
C GLY M 98 -26.73 -17.51 17.65
N ALA M 99 -27.21 -17.93 18.81
CA ALA M 99 -28.05 -19.12 18.89
C ALA M 99 -29.39 -18.89 18.20
N PHE M 100 -29.94 -17.67 18.32
CA PHE M 100 -31.21 -17.38 17.67
C PHE M 100 -31.06 -17.47 16.16
N LEU M 101 -29.93 -16.99 15.63
CA LEU M 101 -29.70 -17.08 14.20
C LEU M 101 -29.37 -18.51 13.79
N LEU M 102 -28.68 -19.24 14.66
CA LEU M 102 -28.34 -20.63 14.38
C LEU M 102 -29.59 -21.48 14.20
N THR M 103 -30.49 -21.45 15.18
CA THR M 103 -31.73 -22.21 15.09
C THR M 103 -32.67 -21.65 14.03
N ALA M 104 -32.48 -20.40 13.61
CA ALA M 104 -33.33 -19.80 12.60
C ALA M 104 -33.07 -20.36 11.21
N GLY M 105 -32.00 -21.12 11.02
CA GLY M 105 -31.71 -21.69 9.72
C GLY M 105 -32.78 -22.65 9.25
N ALA M 106 -32.72 -22.95 7.96
CA ALA M 106 -33.68 -23.84 7.34
C ALA M 106 -33.71 -25.20 8.03
N LYS M 107 -34.91 -25.74 8.20
CA LYS M 107 -35.09 -27.03 8.83
C LYS M 107 -34.31 -28.10 8.07
N GLY M 108 -33.52 -28.88 8.80
CA GLY M 108 -32.71 -29.92 8.21
C GLY M 108 -31.37 -29.45 7.69
N LYS M 109 -31.07 -28.15 7.79
CA LYS M 109 -29.81 -27.59 7.32
C LYS M 109 -29.14 -26.76 8.41
N ARG M 110 -29.31 -27.18 9.67
CA ARG M 110 -28.71 -26.53 10.83
C ARG M 110 -27.69 -27.51 11.40
N PHE M 111 -26.43 -27.06 11.47
CA PHE M 111 -25.35 -27.90 11.94
C PHE M 111 -24.51 -27.17 12.99
N CYS M 112 -23.74 -27.97 13.72
CA CYS M 112 -22.86 -27.47 14.76
C CYS M 112 -21.72 -28.45 14.92
N LEU M 113 -20.53 -27.92 15.22
CA LEU M 113 -19.37 -28.77 15.39
C LEU M 113 -19.47 -29.49 16.74
N PRO M 114 -18.79 -30.63 16.90
CA PRO M 114 -18.93 -31.39 18.16
C PRO M 114 -18.54 -30.66 19.42
N ASN M 115 -17.51 -29.82 19.40
CA ASN M 115 -17.05 -29.13 20.60
C ASN M 115 -17.60 -27.71 20.74
N SER M 116 -18.61 -27.35 19.96
CA SER M 116 -19.18 -26.01 20.06
C SER M 116 -20.01 -25.87 21.33
N ARG M 117 -20.07 -24.64 21.84
CA ARG M 117 -20.82 -24.31 23.05
C ARG M 117 -21.91 -23.32 22.68
N VAL M 118 -23.15 -23.66 23.00
CA VAL M 118 -24.31 -22.84 22.70
C VAL M 118 -24.91 -22.37 24.01
N MET M 119 -25.06 -21.04 24.15
CA MET M 119 -25.62 -20.44 25.35
C MET M 119 -26.78 -19.52 24.95
N ILE M 120 -27.89 -19.62 25.69
CA ILE M 120 -29.08 -18.82 25.44
C ILE M 120 -29.49 -18.14 26.73
N HIS M 121 -29.87 -16.87 26.63
CA HIS M 121 -30.32 -16.10 27.78
C HIS M 121 -31.34 -15.09 27.32
N GLN M 122 -32.01 -14.46 28.28
CA GLN M 122 -33.02 -13.46 27.97
C GLN M 122 -32.35 -12.14 27.60
N PRO M 123 -33.08 -11.22 26.97
CA PRO M 123 -32.47 -9.95 26.57
C PRO M 123 -32.00 -9.12 27.76
N LEU M 124 -30.99 -8.30 27.50
CA LEU M 124 -30.38 -7.41 28.49
C LEU M 124 -30.55 -5.98 28.03
N GLY M 125 -30.99 -5.11 28.93
CA GLY M 125 -31.19 -3.71 28.60
C GLY M 125 -31.28 -2.87 29.84
N GLY M 126 -31.20 -1.56 29.64
CA GLY M 126 -31.27 -0.61 30.73
C GLY M 126 -31.66 0.76 30.24
N TYR M 127 -32.33 1.51 31.10
CA TYR M 127 -32.77 2.86 30.78
C TYR M 127 -32.69 3.72 32.03
N GLN M 128 -32.27 4.98 31.84
CA GLN M 128 -32.14 5.96 32.90
C GLN M 128 -33.04 7.14 32.57
N GLY M 129 -33.87 7.54 33.51
CA GLY M 129 -34.77 8.66 33.28
C GLY M 129 -35.95 8.62 34.24
N GLN M 130 -37.02 9.31 33.82
CA GLN M 130 -38.23 9.41 34.61
C GLN M 130 -38.94 8.06 34.71
N ALA M 131 -39.73 7.91 35.77
CA ALA M 131 -40.47 6.68 36.01
C ALA M 131 -41.42 6.39 34.85
N THR M 132 -42.04 7.42 34.28
CA THR M 132 -42.95 7.23 33.16
C THR M 132 -42.23 6.62 31.97
N ASP M 133 -41.03 7.14 31.67
CA ASP M 133 -40.26 6.60 30.56
C ASP M 133 -39.81 5.17 30.83
N ILE M 134 -39.49 4.85 32.09
CA ILE M 134 -39.04 3.51 32.44
C ILE M 134 -40.11 2.48 32.11
N GLU M 135 -41.36 2.78 32.43
CA GLU M 135 -42.45 1.85 32.12
C GLU M 135 -42.56 1.61 30.63
N ILE M 136 -42.33 2.65 29.83
CA ILE M 136 -42.40 2.52 28.38
C ILE M 136 -41.30 1.59 27.88
N HIS M 137 -40.06 1.82 28.34
CA HIS M 137 -38.95 0.97 27.91
C HIS M 137 -39.06 -0.42 28.52
N ALA M 138 -39.54 -0.51 29.76
CA ALA M 138 -39.69 -1.82 30.39
C ALA M 138 -40.72 -2.67 29.65
N ARG M 139 -41.79 -2.05 29.18
CA ARG M 139 -42.78 -2.81 28.41
C ARG M 139 -42.21 -3.24 27.08
N GLU M 140 -41.36 -2.40 26.48
CA GLU M 140 -40.77 -2.72 25.18
C GLU M 140 -39.86 -3.94 25.26
N ILE M 141 -38.97 -3.98 26.25
CA ILE M 141 -38.05 -5.10 26.35
C ILE M 141 -38.79 -6.39 26.69
N LEU M 142 -39.89 -6.31 27.45
CA LEU M 142 -40.63 -7.51 27.77
C LEU M 142 -41.32 -8.07 26.53
N LYS M 143 -41.83 -7.19 25.67
CA LYS M 143 -42.44 -7.64 24.42
C LYS M 143 -41.42 -8.33 23.54
N VAL M 144 -40.20 -7.79 23.51
CA VAL M 144 -39.13 -8.40 22.73
C VAL M 144 -38.78 -9.77 23.29
N LYS M 145 -38.78 -9.90 24.61
CA LYS M 145 -38.47 -11.19 25.24
C LYS M 145 -39.51 -12.23 24.84
N GLY M 146 -40.79 -11.89 24.97
CA GLY M 146 -41.84 -12.81 24.58
C GLY M 146 -41.80 -13.11 23.10
N ARG M 147 -41.51 -12.10 22.29
CA ARG M 147 -41.44 -12.29 20.85
C ARG M 147 -40.30 -13.23 20.48
N MET M 148 -39.12 -13.02 21.08
CA MET M 148 -37.98 -13.89 20.79
C MET M 148 -38.23 -15.31 21.23
N ASN M 149 -38.84 -15.49 22.41
CA ASN M 149 -39.12 -16.82 22.91
C ASN M 149 -40.09 -17.56 22.00
N GLU M 150 -41.07 -16.84 21.46
CA GLU M 150 -42.04 -17.45 20.54
C GLU M 150 -41.35 -17.97 19.29
N LEU M 151 -40.45 -17.16 18.73
CA LEU M 151 -39.74 -17.58 17.52
C LEU M 151 -38.82 -18.74 17.81
N MET M 152 -38.11 -18.70 18.94
CA MET M 152 -37.20 -19.79 19.29
C MET M 152 -37.98 -21.10 19.48
N ALA M 153 -39.16 -21.00 20.09
CA ALA M 153 -39.98 -22.19 20.28
C ALA M 153 -40.43 -22.77 18.94
N LEU M 154 -40.74 -21.89 17.98
CA LEU M 154 -41.19 -22.33 16.66
C LEU M 154 -40.12 -23.14 15.96
N HIS M 155 -38.89 -22.61 15.91
CA HIS M 155 -37.81 -23.30 15.22
C HIS M 155 -37.36 -24.53 16.01
N THR M 156 -37.16 -24.37 17.32
CA THR M 156 -36.73 -25.49 18.15
C THR M 156 -37.80 -26.56 18.27
N GLY M 157 -39.07 -26.16 18.30
CA GLY M 157 -40.17 -27.08 18.45
C GLY M 157 -40.58 -27.33 19.88
N GLN M 158 -39.87 -26.75 20.85
CA GLN M 158 -40.20 -26.91 22.26
C GLN M 158 -41.38 -26.01 22.60
N SER M 159 -42.03 -26.31 23.73
CA SER M 159 -43.16 -25.52 24.16
C SER M 159 -42.69 -24.15 24.64
N LEU M 160 -43.59 -23.16 24.56
CA LEU M 160 -43.26 -21.81 24.98
C LEU M 160 -42.93 -21.77 26.46
N GLU M 161 -43.67 -22.52 27.28
CA GLU M 161 -43.41 -22.53 28.72
C GLU M 161 -42.02 -23.09 29.01
N GLN M 162 -41.62 -24.14 28.30
CA GLN M 162 -40.30 -24.72 28.53
C GLN M 162 -39.19 -23.74 28.13
N ILE M 163 -39.42 -22.96 27.08
CA ILE M 163 -38.40 -22.01 26.63
C ILE M 163 -38.28 -20.86 27.62
N GLU M 164 -39.38 -20.49 28.28
CA GLU M 164 -39.32 -19.38 29.24
C GLU M 164 -38.50 -19.75 30.47
N ARG M 165 -38.71 -20.94 31.01
CA ARG M 165 -37.96 -21.36 32.20
C ARG M 165 -36.49 -21.55 31.88
N ASP M 166 -36.18 -22.12 30.72
CA ASP M 166 -34.79 -22.39 30.35
C ASP M 166 -34.03 -21.09 30.04
N THR M 167 -34.68 -20.12 29.43
CA THR M 167 -34.02 -18.87 29.06
C THR M 167 -34.07 -17.81 30.16
N GLU M 168 -34.59 -18.12 31.35
CA GLU M 168 -34.61 -17.13 32.42
C GLU M 168 -33.20 -16.74 32.83
N ARG M 169 -32.28 -17.71 32.84
CA ARG M 169 -30.89 -17.51 33.18
C ARG M 169 -30.03 -18.18 32.12
N ASP M 170 -28.74 -17.84 32.12
CA ASP M 170 -27.79 -18.41 31.18
C ASP M 170 -27.81 -19.94 31.26
N ARG M 171 -27.95 -20.58 30.11
CA ARG M 171 -28.02 -22.04 30.00
C ARG M 171 -27.04 -22.50 28.92
N PHE M 172 -25.84 -22.88 29.33
CA PHE M 172 -24.85 -23.36 28.37
C PHE M 172 -25.23 -24.74 27.88
N LEU M 173 -25.11 -24.95 26.57
CA LEU M 173 -25.44 -26.21 25.94
C LEU M 173 -24.29 -26.69 25.07
N SER M 174 -24.24 -28.00 24.86
CA SER M 174 -23.25 -28.65 24.02
C SER M 174 -23.89 -29.05 22.72
N ALA M 175 -23.05 -29.46 21.76
CA ALA M 175 -23.56 -29.88 20.46
C ALA M 175 -24.56 -31.03 20.56
N PRO M 176 -24.31 -32.12 21.31
CA PRO M 176 -25.34 -33.17 21.39
C PRO M 176 -26.60 -32.68 22.09
N GLU M 177 -26.45 -31.85 23.12
CA GLU M 177 -27.62 -31.33 23.82
C GLU M 177 -28.47 -30.46 22.91
N ALA M 178 -27.82 -29.68 22.04
CA ALA M 178 -28.56 -28.82 21.12
C ALA M 178 -29.41 -29.64 20.15
N VAL M 179 -28.93 -30.81 19.75
CA VAL M 179 -29.68 -31.64 18.81
C VAL M 179 -31.00 -32.07 19.42
N GLU M 180 -30.96 -32.55 20.67
CA GLU M 180 -32.19 -32.99 21.32
C GLU M 180 -33.07 -31.81 21.68
N TYR M 181 -32.47 -30.67 22.04
CA TYR M 181 -33.25 -29.49 22.38
C TYR M 181 -34.01 -28.97 21.16
N GLY M 182 -33.41 -29.09 19.97
CA GLY M 182 -34.00 -28.63 18.73
C GLY M 182 -33.32 -27.44 18.10
N LEU M 183 -32.27 -26.90 18.72
CA LEU M 183 -31.58 -25.76 18.13
C LEU M 183 -30.91 -26.13 16.81
N VAL M 184 -30.40 -27.35 16.70
CA VAL M 184 -29.72 -27.83 15.51
C VAL M 184 -30.29 -29.19 15.13
N ASP M 185 -29.99 -29.61 13.90
CA ASP M 185 -30.47 -30.87 13.34
C ASP M 185 -29.46 -32.00 13.46
N SER M 186 -28.20 -31.75 13.13
CA SER M 186 -27.18 -32.79 13.17
C SER M 186 -25.81 -32.17 13.42
N ILE M 187 -24.85 -33.04 13.73
CA ILE M 187 -23.47 -32.66 14.00
C ILE M 187 -22.59 -33.11 12.86
N LEU M 188 -21.63 -32.26 12.48
CA LEU M 188 -20.68 -32.53 11.41
C LEU M 188 -19.37 -32.97 12.04
N THR M 189 -19.27 -34.27 12.36
CA THR M 189 -18.07 -34.81 12.98
C THR M 189 -16.93 -34.95 11.99
N HIS M 190 -17.18 -35.62 10.87
CA HIS M 190 -16.17 -35.84 9.84
C HIS M 190 -16.84 -35.79 8.47
N ARG M 191 -16.01 -35.75 7.43
CA ARG M 191 -16.48 -35.70 6.06
C ARG M 191 -16.77 -37.11 5.55
N LEU N 1 -17.27 9.96 62.36
CA LEU N 1 -16.21 10.08 63.36
C LEU N 1 -16.55 9.13 64.51
N VAL N 2 -15.54 8.70 65.27
CA VAL N 2 -15.78 7.74 66.35
C VAL N 2 -16.56 8.44 67.48
N PRO N 3 -17.57 7.80 68.08
CA PRO N 3 -18.31 8.46 69.15
C PRO N 3 -17.52 8.47 70.46
N MET N 4 -17.77 9.51 71.25
CA MET N 4 -17.10 9.69 72.52
C MET N 4 -17.91 9.05 73.65
N VAL N 5 -17.21 8.40 74.57
CA VAL N 5 -17.80 7.72 75.72
C VAL N 5 -17.23 8.33 76.99
N ILE N 6 -18.07 8.49 78.00
CA ILE N 6 -17.68 9.08 79.27
C ILE N 6 -17.20 7.98 80.21
N GLU N 7 -16.07 8.23 80.85
CA GLU N 7 -15.47 7.31 81.81
C GLU N 7 -15.47 8.02 83.16
N GLN N 8 -16.13 7.42 84.15
CA GLN N 8 -16.21 7.97 85.49
C GLN N 8 -15.14 7.29 86.34
N THR N 9 -14.24 8.10 86.90
CA THR N 9 -13.13 7.64 87.74
C THR N 9 -13.16 8.41 89.05
N SER N 10 -12.21 8.08 89.93
CA SER N 10 -12.13 8.74 91.24
C SER N 10 -11.96 10.24 91.09
N ARG N 11 -11.13 10.69 90.14
CA ARG N 11 -10.94 12.12 89.94
C ARG N 11 -12.22 12.81 89.49
N GLY N 12 -12.95 12.21 88.57
CA GLY N 12 -14.19 12.79 88.08
C GLY N 12 -14.53 12.25 86.70
N GLU N 13 -15.32 13.03 85.97
CA GLU N 13 -15.73 12.64 84.63
C GLU N 13 -14.55 12.75 83.66
N ARG N 14 -14.41 11.74 82.81
CA ARG N 14 -13.36 11.68 81.80
C ARG N 14 -13.97 11.29 80.47
N SER N 15 -13.51 11.94 79.40
CA SER N 15 -14.00 11.67 78.05
C SER N 15 -12.99 10.83 77.27
N PHE N 16 -13.50 9.92 76.43
CA PHE N 16 -12.65 9.05 75.63
C PHE N 16 -13.36 8.64 74.36
N ASP N 17 -12.57 8.24 73.37
CA ASP N 17 -13.13 7.70 72.14
C ASP N 17 -13.47 6.23 72.36
N ILE N 18 -14.30 5.68 71.49
CA ILE N 18 -14.75 4.29 71.63
C ILE N 18 -13.56 3.34 71.62
N TYR N 19 -12.59 3.54 70.73
CA TYR N 19 -11.44 2.64 70.67
C TYR N 19 -10.55 2.78 71.90
N SER N 20 -10.33 4.02 72.35
CA SER N 20 -9.48 4.24 73.53
C SER N 20 -10.11 3.65 74.79
N ARG N 21 -11.43 3.77 74.93
CA ARG N 21 -12.11 3.23 76.11
C ARG N 21 -11.92 1.72 76.19
N LEU N 22 -12.10 1.02 75.07
CA LEU N 22 -11.93 -0.42 75.07
C LEU N 22 -10.48 -0.81 75.29
N LEU N 23 -9.53 0.04 74.87
CA LEU N 23 -8.12 -0.25 75.07
C LEU N 23 -7.80 -0.37 76.55
N LYS N 24 -8.45 0.44 77.39
CA LYS N 24 -8.22 0.35 78.83
C LYS N 24 -8.63 -1.02 79.37
N GLU N 25 -9.57 -1.69 78.70
CA GLU N 25 -10.03 -3.02 79.08
C GLU N 25 -9.16 -4.13 78.51
N ARG N 26 -7.97 -3.80 78.00
CA ARG N 26 -7.05 -4.78 77.41
C ARG N 26 -7.69 -5.42 76.18
N VAL N 27 -8.15 -4.56 75.26
CA VAL N 27 -8.78 -4.98 74.01
C VAL N 27 -8.17 -4.19 72.88
N ILE N 28 -7.69 -4.90 71.85
CA ILE N 28 -7.05 -4.31 70.68
C ILE N 28 -7.85 -4.72 69.45
N PHE N 29 -8.07 -3.78 68.55
CA PHE N 29 -8.84 -3.99 67.33
C PHE N 29 -7.92 -4.05 66.11
N LEU N 30 -8.03 -5.14 65.35
CA LEU N 30 -7.26 -5.35 64.13
C LEU N 30 -8.27 -5.33 62.99
N THR N 31 -8.25 -4.25 62.20
CA THR N 31 -9.19 -4.09 61.10
C THR N 31 -8.48 -3.60 59.85
N GLY N 32 -8.97 -4.06 58.70
CA GLY N 32 -8.45 -3.67 57.41
C GLY N 32 -7.21 -4.44 56.99
N GLN N 33 -6.63 -3.97 55.89
CA GLN N 33 -5.43 -4.58 55.34
C GLN N 33 -4.25 -4.40 56.27
N VAL N 34 -3.45 -5.45 56.41
CA VAL N 34 -2.28 -5.39 57.27
C VAL N 34 -1.19 -4.56 56.59
N GLU N 35 -0.49 -3.75 57.37
CA GLU N 35 0.57 -2.91 56.84
C GLU N 35 1.50 -2.51 57.98
N ASP N 36 2.63 -1.92 57.61
CA ASP N 36 3.63 -1.50 58.59
C ASP N 36 3.06 -0.48 59.58
N HIS N 37 2.26 0.46 59.10
CA HIS N 37 1.73 1.50 59.98
C HIS N 37 0.75 0.94 61.00
N MET N 38 -0.28 0.23 60.54
CA MET N 38 -1.25 -0.33 61.46
C MET N 38 -0.62 -1.38 62.36
N ALA N 39 0.32 -2.18 61.83
CA ALA N 39 0.96 -3.20 62.64
C ALA N 39 1.77 -2.60 63.77
N ASN N 40 2.52 -1.53 63.47
CA ASN N 40 3.30 -0.87 64.52
C ASN N 40 2.39 -0.29 65.60
N LEU N 41 1.22 0.20 65.21
CA LEU N 41 0.28 0.75 66.18
C LEU N 41 -0.17 -0.32 67.17
N ILE N 42 -0.48 -1.52 66.68
CA ILE N 42 -0.92 -2.60 67.56
C ILE N 42 0.23 -3.04 68.46
N VAL N 43 1.46 -3.04 67.95
CA VAL N 43 2.62 -3.43 68.75
C VAL N 43 2.76 -2.50 69.95
N ALA N 44 2.58 -1.19 69.72
CA ALA N 44 2.67 -0.23 70.82
C ALA N 44 1.61 -0.51 71.87
N GLN N 45 0.40 -0.87 71.44
CA GLN N 45 -0.67 -1.16 72.39
C GLN N 45 -0.31 -2.37 73.25
N MET N 46 0.24 -3.41 72.64
CA MET N 46 0.62 -4.61 73.41
C MET N 46 1.69 -4.28 74.44
N LEU N 47 2.67 -3.46 74.06
CA LEU N 47 3.73 -3.08 74.99
C LEU N 47 3.17 -2.26 76.13
N PHE N 48 2.25 -1.34 75.84
CA PHE N 48 1.66 -0.50 76.88
C PHE N 48 0.86 -1.34 77.87
N LEU N 49 0.05 -2.28 77.37
CA LEU N 49 -0.74 -3.13 78.25
C LEU N 49 0.15 -4.01 79.10
N GLU N 50 1.29 -4.46 78.56
CA GLU N 50 2.20 -5.29 79.32
C GLU N 50 2.74 -4.53 80.52
N ALA N 51 3.15 -3.28 80.32
CA ALA N 51 3.65 -2.47 81.43
C ALA N 51 2.54 -2.20 82.45
N GLU N 52 1.32 -1.95 81.97
CA GLU N 52 0.19 -1.73 82.87
C GLU N 52 -0.05 -2.95 83.73
N ASN N 53 -0.07 -4.13 83.11
CA ASN N 53 -0.29 -5.39 83.82
C ASN N 53 0.42 -6.51 83.05
N PRO N 54 1.50 -7.09 83.58
CA PRO N 54 2.19 -8.16 82.84
C PRO N 54 1.62 -9.56 83.04
N GLU N 55 0.47 -9.69 83.70
CA GLU N 55 -0.16 -10.99 83.94
C GLU N 55 -1.60 -11.07 83.46
N LYS N 56 -2.27 -9.95 83.23
CA LYS N 56 -3.65 -9.97 82.76
C LYS N 56 -3.70 -10.28 81.28
N ASP N 57 -4.67 -11.09 80.89
CA ASP N 57 -4.81 -11.48 79.48
C ASP N 57 -5.33 -10.32 78.65
N ILE N 58 -4.88 -10.28 77.39
CA ILE N 58 -5.26 -9.26 76.43
C ILE N 58 -6.16 -9.92 75.39
N TYR N 59 -7.10 -9.15 74.84
CA TYR N 59 -8.05 -9.60 73.84
C TYR N 59 -7.74 -8.93 72.51
N LEU N 60 -7.66 -9.72 71.45
CA LEU N 60 -7.37 -9.23 70.10
C LEU N 60 -8.49 -9.67 69.17
N TYR N 61 -9.22 -8.70 68.63
CA TYR N 61 -10.30 -8.97 67.68
C TYR N 61 -9.71 -8.87 66.28
N ILE N 62 -9.94 -9.90 65.46
CA ILE N 62 -9.38 -9.97 64.12
C ILE N 62 -10.49 -10.00 63.09
N ASN N 63 -10.51 -8.99 62.23
CA ASN N 63 -11.46 -8.91 61.11
C ASN N 63 -10.70 -8.17 60.02
N SER N 64 -10.09 -8.92 59.10
CA SER N 64 -9.28 -8.29 58.05
C SER N 64 -9.17 -9.24 56.87
N PRO N 65 -8.97 -8.73 55.66
CA PRO N 65 -8.80 -9.61 54.49
C PRO N 65 -7.36 -10.04 54.25
N GLY N 66 -6.46 -9.85 55.22
CA GLY N 66 -5.06 -10.22 55.06
C GLY N 66 -4.23 -9.04 54.57
N GLY N 67 -2.95 -9.31 54.35
CA GLY N 67 -2.06 -8.28 53.89
C GLY N 67 -0.60 -8.68 53.83
N VAL N 68 0.28 -7.73 54.17
CA VAL N 68 1.71 -7.99 54.14
C VAL N 68 2.07 -9.04 55.19
N ILE N 69 3.10 -9.83 54.88
CA ILE N 69 3.56 -10.88 55.78
C ILE N 69 4.53 -10.33 56.82
N THR N 70 5.45 -9.47 56.41
CA THR N 70 6.43 -8.91 57.34
C THR N 70 5.74 -8.14 58.46
N ALA N 71 4.73 -7.34 58.11
CA ALA N 71 4.00 -6.59 59.14
C ALA N 71 3.35 -7.54 60.13
N GLY N 72 2.82 -8.66 59.64
CA GLY N 72 2.20 -9.63 60.53
C GLY N 72 3.17 -10.28 61.49
N MET N 73 4.42 -10.50 61.06
CA MET N 73 5.39 -11.14 61.94
C MET N 73 5.71 -10.28 63.15
N SER N 74 5.69 -8.96 63.00
CA SER N 74 5.96 -8.08 64.13
C SER N 74 4.91 -8.28 65.22
N ILE N 75 3.65 -8.42 64.83
CA ILE N 75 2.58 -8.65 65.79
C ILE N 75 2.70 -10.04 66.39
N TYR N 76 3.00 -11.03 65.55
CA TYR N 76 3.12 -12.41 66.03
C TYR N 76 4.27 -12.56 67.00
N ASP N 77 5.44 -12.00 66.67
CA ASP N 77 6.60 -12.12 67.54
C ASP N 77 6.36 -11.44 68.88
N THR N 78 5.63 -10.33 68.88
CA THR N 78 5.35 -9.63 70.13
C THR N 78 4.45 -10.46 71.03
N MET N 79 3.41 -11.07 70.45
CA MET N 79 2.49 -11.89 71.24
C MET N 79 3.23 -13.05 71.91
N GLN N 80 4.16 -13.68 71.20
CA GLN N 80 4.94 -14.78 71.74
C GLN N 80 6.09 -14.31 72.61
N PHE N 81 6.43 -13.02 72.59
CA PHE N 81 7.52 -12.47 73.37
C PHE N 81 7.05 -11.98 74.74
N ILE N 82 5.98 -11.19 74.78
CA ILE N 82 5.49 -10.66 76.05
C ILE N 82 4.90 -11.79 76.88
N LYS N 83 4.93 -11.59 78.20
CA LYS N 83 4.42 -12.55 79.18
C LYS N 83 2.90 -12.73 79.13
N PRO N 84 2.08 -11.67 79.02
CA PRO N 84 0.63 -11.87 79.00
C PRO N 84 0.16 -12.76 77.86
N ASP N 85 -0.95 -13.45 78.11
CA ASP N 85 -1.56 -14.34 77.13
C ASP N 85 -2.56 -13.52 76.31
N VAL N 86 -2.42 -13.57 74.99
CA VAL N 86 -3.27 -12.83 74.08
C VAL N 86 -4.38 -13.74 73.57
N SER N 87 -5.62 -13.40 73.93
CA SER N 87 -6.79 -14.16 73.48
C SER N 87 -7.24 -13.57 72.16
N THR N 88 -7.19 -14.37 71.10
CA THR N 88 -7.57 -13.92 69.76
C THR N 88 -9.01 -14.30 69.47
N ILE N 89 -9.73 -13.36 68.84
CA ILE N 89 -11.12 -13.55 68.47
C ILE N 89 -11.29 -13.15 67.01
N CYS N 90 -12.02 -13.95 66.27
CA CYS N 90 -12.27 -13.72 64.84
C CYS N 90 -13.69 -13.25 64.64
N MET N 91 -13.85 -12.12 63.95
CA MET N 91 -15.14 -11.52 63.65
C MET N 91 -15.26 -11.31 62.15
N GLY N 92 -16.31 -11.85 61.56
CA GLY N 92 -16.52 -11.69 60.13
C GLY N 92 -15.70 -12.60 59.25
N GLN N 93 -14.38 -12.40 59.21
CA GLN N 93 -13.53 -13.22 58.37
C GLN N 93 -12.08 -13.11 58.81
N ALA N 94 -11.31 -14.15 58.49
CA ALA N 94 -9.88 -14.22 58.81
C ALA N 94 -9.15 -14.79 57.62
N ALA N 95 -8.31 -13.98 57.00
CA ALA N 95 -7.53 -14.39 55.84
C ALA N 95 -6.21 -15.00 56.30
N SER N 96 -5.28 -15.22 55.35
CA SER N 96 -3.97 -15.78 55.61
C SER N 96 -3.29 -15.18 56.83
N MET N 97 -3.11 -13.85 56.84
CA MET N 97 -2.47 -13.21 57.97
C MET N 97 -3.40 -13.16 59.18
N GLY N 98 -4.68 -12.88 58.95
CA GLY N 98 -5.63 -12.86 60.06
C GLY N 98 -5.73 -14.21 60.75
N ALA N 99 -5.74 -15.28 59.96
CA ALA N 99 -5.82 -16.62 60.53
C ALA N 99 -4.51 -17.01 61.20
N PHE N 100 -3.38 -16.58 60.62
CA PHE N 100 -2.08 -16.89 61.22
C PHE N 100 -1.96 -16.26 62.60
N LEU N 101 -2.42 -15.02 62.75
CA LEU N 101 -2.39 -14.38 64.06
C LEU N 101 -3.46 -14.98 64.97
N LEU N 102 -4.59 -15.38 64.39
CA LEU N 102 -5.67 -15.99 65.17
C LEU N 102 -5.19 -17.27 65.84
N THR N 103 -4.66 -18.21 65.06
CA THR N 103 -4.18 -19.46 65.62
C THR N 103 -2.93 -19.28 66.46
N ALA N 104 -2.25 -18.13 66.35
CA ALA N 104 -1.05 -17.87 67.14
C ALA N 104 -1.36 -17.46 68.57
N GLY N 105 -2.62 -17.21 68.91
CA GLY N 105 -2.99 -16.83 70.25
C GLY N 105 -2.64 -17.90 71.28
N ALA N 106 -2.83 -17.53 72.53
CA ALA N 106 -2.55 -18.43 73.64
C ALA N 106 -3.44 -19.66 73.55
N LYS N 107 -2.84 -20.82 73.80
CA LYS N 107 -3.57 -22.09 73.76
C LYS N 107 -4.72 -22.07 74.75
N GLY N 108 -5.93 -22.37 74.25
CA GLY N 108 -7.12 -22.37 75.06
C GLY N 108 -7.85 -21.04 75.11
N LYS N 109 -7.29 -19.98 74.52
CA LYS N 109 -7.90 -18.66 74.51
C LYS N 109 -8.20 -18.19 73.09
N ARG N 110 -8.29 -19.11 72.13
CA ARG N 110 -8.57 -18.78 70.73
C ARG N 110 -10.04 -19.09 70.47
N PHE N 111 -10.80 -18.05 70.12
CA PHE N 111 -12.23 -18.18 69.85
C PHE N 111 -12.58 -17.58 68.50
N CYS N 112 -13.73 -18.00 67.98
CA CYS N 112 -14.24 -17.51 66.71
C CYS N 112 -15.75 -17.45 66.81
N LEU N 113 -16.34 -16.54 66.06
CA LEU N 113 -17.79 -16.40 66.07
C LEU N 113 -18.42 -17.49 65.21
N PRO N 114 -19.69 -17.82 65.46
CA PRO N 114 -20.33 -18.90 64.68
C PRO N 114 -20.38 -18.65 63.18
N ASN N 115 -20.65 -17.42 62.75
CA ASN N 115 -20.73 -17.10 61.33
C ASN N 115 -19.41 -16.64 60.75
N SER N 116 -18.34 -16.62 61.53
CA SER N 116 -17.04 -16.20 61.02
C SER N 116 -16.48 -17.29 60.11
N ARG N 117 -15.66 -16.86 59.15
CA ARG N 117 -15.03 -17.74 58.17
C ARG N 117 -13.52 -17.56 58.20
N VAL N 118 -12.81 -18.65 57.97
CA VAL N 118 -11.35 -18.66 57.97
C VAL N 118 -10.86 -19.11 56.61
N MET N 119 -9.89 -18.39 56.06
CA MET N 119 -9.29 -18.69 54.77
C MET N 119 -7.78 -18.70 54.93
N ILE N 120 -7.14 -19.74 54.42
CA ILE N 120 -5.69 -19.91 54.50
C ILE N 120 -5.15 -20.22 53.11
N HIS N 121 -4.05 -19.55 52.76
CA HIS N 121 -3.41 -19.74 51.46
C HIS N 121 -1.92 -19.52 51.62
N GLN N 122 -1.17 -19.92 50.59
CA GLN N 122 0.27 -19.76 50.60
C GLN N 122 0.66 -18.31 50.29
N PRO N 123 1.89 -17.90 50.60
CA PRO N 123 2.29 -16.51 50.33
C PRO N 123 2.17 -16.15 48.86
N LEU N 124 2.01 -14.85 48.61
CA LEU N 124 1.87 -14.30 47.27
C LEU N 124 2.95 -13.25 47.08
N GLY N 125 3.67 -13.33 45.97
CA GLY N 125 4.72 -12.38 45.69
C GLY N 125 5.08 -12.36 44.22
N GLY N 126 5.94 -11.42 43.86
CA GLY N 126 6.39 -11.27 42.50
C GLY N 126 7.62 -10.39 42.38
N TYR N 127 8.42 -10.62 41.34
CA TYR N 127 9.62 -9.84 41.12
C TYR N 127 9.89 -9.75 39.62
N GLN N 128 10.45 -8.62 39.20
CA GLN N 128 10.78 -8.36 37.80
C GLN N 128 12.23 -7.92 37.73
N GLY N 129 13.00 -8.56 36.86
CA GLY N 129 14.40 -8.20 36.72
C GLY N 129 15.17 -9.36 36.09
N GLN N 130 16.48 -9.36 36.36
CA GLN N 130 17.35 -10.39 35.83
C GLN N 130 17.05 -11.73 36.49
N ALA N 131 17.40 -12.81 35.78
CA ALA N 131 17.16 -14.16 36.28
C ALA N 131 17.90 -14.42 37.58
N THR N 132 19.08 -13.81 37.75
CA THR N 132 19.84 -14.01 38.98
C THR N 132 19.06 -13.48 40.18
N ASP N 133 18.55 -12.25 40.07
CA ASP N 133 17.77 -11.67 41.17
C ASP N 133 16.49 -12.46 41.42
N ILE N 134 15.89 -13.02 40.37
CA ILE N 134 14.66 -13.79 40.54
C ILE N 134 14.91 -15.01 41.41
N GLU N 135 16.04 -15.71 41.18
CA GLU N 135 16.36 -16.87 41.98
C GLU N 135 16.48 -16.50 43.46
N ILE N 136 17.00 -15.31 43.74
CA ILE N 136 17.14 -14.87 45.12
C ILE N 136 15.77 -14.63 45.74
N HIS N 137 14.96 -13.79 45.09
CA HIS N 137 13.62 -13.51 45.61
C HIS N 137 12.77 -14.77 45.64
N ALA N 138 12.97 -15.68 44.68
CA ALA N 138 12.21 -16.92 44.66
C ALA N 138 12.56 -17.79 45.85
N ARG N 139 13.86 -17.92 46.15
CA ARG N 139 14.28 -18.70 47.30
C ARG N 139 13.77 -18.08 48.59
N GLU N 140 13.75 -16.75 48.66
CA GLU N 140 13.31 -16.06 49.87
C GLU N 140 11.84 -16.33 50.16
N ILE N 141 10.97 -16.13 49.17
CA ILE N 141 9.55 -16.37 49.37
C ILE N 141 9.28 -17.83 49.70
N LEU N 142 10.12 -18.74 49.20
CA LEU N 142 9.92 -20.15 49.51
C LEU N 142 10.21 -20.43 50.97
N LYS N 143 11.26 -19.82 51.52
CA LYS N 143 11.57 -19.99 52.93
C LYS N 143 10.43 -19.51 53.81
N VAL N 144 9.80 -18.39 53.42
CA VAL N 144 8.67 -17.86 54.17
C VAL N 144 7.53 -18.86 54.18
N LYS N 145 7.27 -19.48 53.03
CA LYS N 145 6.20 -20.47 52.93
C LYS N 145 6.47 -21.64 53.88
N GLY N 146 7.69 -22.17 53.85
CA GLY N 146 8.02 -23.27 54.73
C GLY N 146 8.04 -22.84 56.19
N ARG N 147 8.57 -21.65 56.46
CA ARG N 147 8.62 -21.14 57.83
C ARG N 147 7.21 -20.93 58.37
N MET N 148 6.34 -20.30 57.59
CA MET N 148 4.98 -20.05 58.03
C MET N 148 4.21 -21.34 58.25
N ASN N 149 4.42 -22.33 57.37
CA ASN N 149 3.73 -23.60 57.52
C ASN N 149 4.17 -24.31 58.80
N GLU N 150 5.45 -24.17 59.16
CA GLU N 150 5.94 -24.80 60.39
C GLU N 150 5.23 -24.24 61.61
N LEU N 151 5.09 -22.92 61.68
CA LEU N 151 4.42 -22.30 62.82
C LEU N 151 2.94 -22.68 62.87
N MET N 152 2.27 -22.69 61.71
CA MET N 152 0.86 -23.06 61.67
C MET N 152 0.67 -24.49 62.17
N ALA N 153 1.60 -25.38 61.84
CA ALA N 153 1.51 -26.76 62.30
C ALA N 153 1.69 -26.84 63.81
N LEU N 154 2.57 -26.00 64.36
CA LEU N 154 2.83 -26.01 65.80
C LEU N 154 1.60 -25.60 66.59
N HIS N 155 0.97 -24.48 66.22
CA HIS N 155 -0.20 -24.00 66.96
C HIS N 155 -1.40 -24.88 66.74
N THR N 156 -1.73 -25.19 65.48
CA THR N 156 -2.88 -26.02 65.19
C THR N 156 -2.65 -27.47 65.61
N GLY N 157 -1.42 -27.95 65.50
CA GLY N 157 -1.09 -29.32 65.86
C GLY N 157 -1.15 -30.30 64.72
N GLN N 158 -1.49 -29.84 63.51
CA GLN N 158 -1.56 -30.70 62.35
C GLN N 158 -0.15 -30.97 61.82
N SER N 159 -0.03 -32.07 61.07
CA SER N 159 1.27 -32.42 60.51
C SER N 159 1.70 -31.39 59.47
N LEU N 160 3.01 -31.23 59.33
CA LEU N 160 3.55 -30.28 58.37
C LEU N 160 3.13 -30.63 56.94
N GLU N 161 3.10 -31.93 56.63
CA GLU N 161 2.69 -32.36 55.30
C GLU N 161 1.25 -31.97 55.02
N GLN N 162 0.37 -32.17 56.00
CA GLN N 162 -1.04 -31.81 55.81
C GLN N 162 -1.19 -30.32 55.59
N ILE N 163 -0.45 -29.51 56.34
CA ILE N 163 -0.54 -28.06 56.19
C ILE N 163 -0.10 -27.63 54.80
N GLU N 164 0.97 -28.26 54.28
CA GLU N 164 1.46 -27.92 52.95
C GLU N 164 0.43 -28.28 51.89
N ARG N 165 -0.25 -29.42 52.06
CA ARG N 165 -1.25 -29.84 51.08
C ARG N 165 -2.46 -28.92 51.08
N ASP N 166 -2.85 -28.44 52.26
CA ASP N 166 -4.02 -27.58 52.37
C ASP N 166 -3.72 -26.12 52.07
N THR N 167 -2.45 -25.71 52.07
CA THR N 167 -2.08 -24.32 51.80
C THR N 167 -1.67 -24.07 50.35
N GLU N 168 -1.59 -25.11 49.51
CA GLU N 168 -1.22 -24.91 48.12
C GLU N 168 -2.24 -24.06 47.38
N ARG N 169 -3.50 -24.09 47.82
CA ARG N 169 -4.57 -23.31 47.23
C ARG N 169 -5.47 -22.78 48.34
N ASP N 170 -6.22 -21.73 48.00
CA ASP N 170 -7.12 -21.11 48.97
C ASP N 170 -8.11 -22.15 49.50
N ARG N 171 -8.16 -22.27 50.83
CA ARG N 171 -9.04 -23.21 51.51
C ARG N 171 -9.85 -22.45 52.55
N PHE N 172 -11.17 -22.57 52.47
CA PHE N 172 -12.07 -21.91 53.40
C PHE N 172 -12.47 -22.88 54.50
N LEU N 173 -12.71 -22.33 55.69
CA LEU N 173 -13.09 -23.14 56.83
C LEU N 173 -14.07 -22.37 57.71
N SER N 174 -15.20 -23.00 58.02
CA SER N 174 -16.20 -22.41 58.89
C SER N 174 -15.75 -22.52 60.34
N ALA N 175 -16.52 -21.88 61.23
CA ALA N 175 -16.17 -21.94 62.65
C ALA N 175 -16.17 -23.37 63.20
N PRO N 176 -17.14 -24.23 62.89
CA PRO N 176 -17.04 -25.62 63.39
C PRO N 176 -15.84 -26.36 62.83
N GLU N 177 -15.56 -26.15 61.53
CA GLU N 177 -14.42 -26.82 60.90
C GLU N 177 -13.10 -26.30 61.47
N ALA N 178 -13.05 -25.02 61.82
CA ALA N 178 -11.81 -24.46 62.38
C ALA N 178 -11.45 -25.14 63.69
N VAL N 179 -12.45 -25.48 64.49
CA VAL N 179 -12.19 -26.15 65.77
C VAL N 179 -11.55 -27.51 65.52
N GLU N 180 -12.05 -28.25 64.54
CA GLU N 180 -11.48 -29.55 64.21
C GLU N 180 -10.06 -29.42 63.70
N TYR N 181 -9.80 -28.40 62.89
CA TYR N 181 -8.47 -28.19 62.33
C TYR N 181 -7.46 -27.69 63.36
N GLY N 182 -7.91 -27.26 64.54
CA GLY N 182 -7.03 -26.77 65.57
C GLY N 182 -6.73 -25.29 65.54
N LEU N 183 -7.33 -24.54 64.61
CA LEU N 183 -7.09 -23.11 64.56
C LEU N 183 -7.63 -22.42 65.80
N VAL N 184 -8.79 -22.86 66.27
CA VAL N 184 -9.44 -22.31 67.46
C VAL N 184 -9.87 -23.47 68.34
N ASP N 185 -10.05 -23.18 69.62
CA ASP N 185 -10.42 -24.20 70.60
C ASP N 185 -11.92 -24.29 70.82
N SER N 186 -12.61 -23.16 70.92
CA SER N 186 -14.05 -23.15 71.17
C SER N 186 -14.70 -22.04 70.38
N ILE N 187 -16.03 -22.15 70.23
CA ILE N 187 -16.85 -21.18 69.53
C ILE N 187 -17.71 -20.45 70.54
N LEU N 188 -17.69 -19.12 70.49
CA LEU N 188 -18.48 -18.29 71.40
C LEU N 188 -19.80 -17.99 70.70
N THR N 189 -20.87 -18.64 71.16
CA THR N 189 -22.20 -18.49 70.57
C THR N 189 -23.08 -17.53 71.36
N HIS N 190 -23.21 -17.73 72.67
CA HIS N 190 -24.04 -16.89 73.50
C HIS N 190 -23.37 -16.66 74.85
N ARG N 191 -23.35 -15.39 75.29
CA ARG N 191 -22.76 -15.08 76.58
C ARG N 191 -23.54 -15.73 77.72
N ASN N 192 -24.85 -15.91 77.53
CA ASN N 192 -25.70 -16.52 78.55
C ASN N 192 -25.22 -17.92 78.90
N LEU O 1 -7.12 6.18 63.46
CA LEU O 1 -6.80 7.11 64.54
C LEU O 1 -6.01 6.40 65.64
N VAL O 2 -4.98 7.06 66.15
CA VAL O 2 -4.15 6.45 67.20
C VAL O 2 -4.94 6.45 68.50
N PRO O 3 -4.90 5.38 69.30
CA PRO O 3 -5.64 5.38 70.56
C PRO O 3 -4.93 6.18 71.64
N MET O 4 -5.73 6.61 72.62
CA MET O 4 -5.25 7.42 73.73
C MET O 4 -5.05 6.55 74.97
N VAL O 5 -4.04 6.91 75.76
CA VAL O 5 -3.68 6.21 76.98
C VAL O 5 -3.55 7.23 78.09
N ILE O 6 -4.15 6.93 79.25
CA ILE O 6 -4.11 7.82 80.40
C ILE O 6 -2.85 7.54 81.20
N GLU O 7 -2.15 8.59 81.57
CA GLU O 7 -0.94 8.51 82.38
C GLU O 7 -1.27 9.08 83.76
N GLN O 8 -1.15 8.24 84.79
CA GLN O 8 -1.42 8.64 86.17
C GLN O 8 -0.09 8.81 86.90
N THR O 9 0.10 9.99 87.49
CA THR O 9 1.30 10.28 88.27
C THR O 9 0.87 11.01 89.52
N SER O 10 1.85 11.36 90.35
CA SER O 10 1.56 12.07 91.59
C SER O 10 0.91 13.42 91.29
N ARG O 11 1.35 14.09 90.22
CA ARG O 11 0.75 15.37 89.85
C ARG O 11 -0.73 15.20 89.51
N GLY O 12 -1.08 14.15 88.79
CA GLY O 12 -2.44 13.90 88.40
C GLY O 12 -2.49 13.18 87.06
N GLU O 13 -3.70 13.04 86.54
CA GLU O 13 -3.92 12.38 85.27
C GLU O 13 -3.44 13.23 84.11
N ARG O 14 -2.96 12.57 83.07
CA ARG O 14 -2.48 13.24 81.86
C ARG O 14 -2.85 12.37 80.67
N SER O 15 -3.18 13.02 79.55
CA SER O 15 -3.61 12.34 78.33
C SER O 15 -2.49 12.35 77.30
N PHE O 16 -2.18 11.17 76.76
CA PHE O 16 -1.13 11.01 75.75
C PHE O 16 -1.58 10.03 74.68
N ASP O 17 -1.04 10.22 73.48
CA ASP O 17 -1.27 9.29 72.40
C ASP O 17 -0.39 8.07 72.62
N ILE O 18 -0.70 6.97 71.92
CA ILE O 18 0.07 5.74 72.10
C ILE O 18 1.55 5.95 71.78
N TYR O 19 1.85 6.71 70.72
CA TYR O 19 3.24 6.94 70.36
C TYR O 19 3.94 7.86 71.36
N SER O 20 3.25 8.92 71.80
CA SER O 20 3.85 9.85 72.76
C SER O 20 4.12 9.16 74.09
N ARG O 21 3.22 8.30 74.53
CA ARG O 21 3.42 7.61 75.80
C ARG O 21 4.68 6.75 75.76
N LEU O 22 4.91 6.06 74.64
CA LEU O 22 6.11 5.25 74.51
C LEU O 22 7.36 6.11 74.35
N LEU O 23 7.21 7.35 73.86
CA LEU O 23 8.37 8.22 73.71
C LEU O 23 8.98 8.55 75.07
N LYS O 24 8.15 8.68 76.10
CA LYS O 24 8.65 8.95 77.45
C LYS O 24 9.57 7.82 77.92
N GLU O 25 9.34 6.60 77.43
CA GLU O 25 10.14 5.45 77.79
C GLU O 25 11.37 5.30 76.89
N ARG O 26 11.72 6.33 76.13
CA ARG O 26 12.88 6.31 75.24
C ARG O 26 12.72 5.26 74.14
N VAL O 27 11.51 5.17 73.59
CA VAL O 27 11.18 4.23 72.52
C VAL O 27 10.75 5.03 71.31
N ILE O 28 11.49 4.89 70.21
CA ILE O 28 11.22 5.58 68.95
C ILE O 28 10.81 4.54 67.91
N PHE O 29 9.86 4.90 67.05
CA PHE O 29 9.35 4.01 66.01
C PHE O 29 9.79 4.53 64.64
N LEU O 30 10.44 3.68 63.87
CA LEU O 30 10.90 3.99 62.51
C LEU O 30 10.05 3.12 61.58
N THR O 31 8.89 3.66 61.18
CA THR O 31 7.95 2.96 60.33
C THR O 31 7.82 3.64 58.97
N GLY O 32 7.53 2.82 57.95
CA GLY O 32 7.34 3.29 56.60
C GLY O 32 8.62 3.63 55.86
N GLN O 33 8.42 4.18 54.67
CA GLN O 33 9.54 4.55 53.80
C GLN O 33 10.42 5.59 54.48
N VAL O 34 11.73 5.46 54.29
CA VAL O 34 12.69 6.38 54.88
C VAL O 34 12.81 7.59 53.96
N GLU O 35 12.23 8.72 54.38
CA GLU O 35 12.24 9.97 53.65
C GLU O 35 12.88 11.05 54.52
N ASP O 36 12.88 12.28 54.03
CA ASP O 36 13.47 13.39 54.76
C ASP O 36 12.59 13.86 55.92
N HIS O 37 11.27 13.96 55.69
CA HIS O 37 10.37 14.45 56.73
C HIS O 37 10.34 13.51 57.93
N MET O 38 10.18 12.20 57.70
CA MET O 38 10.12 11.26 58.80
C MET O 38 11.47 11.17 59.51
N ALA O 39 12.57 11.21 58.75
CA ALA O 39 13.89 11.14 59.35
C ALA O 39 14.17 12.35 60.23
N ASN O 40 13.73 13.53 59.78
CA ASN O 40 13.91 14.74 60.57
C ASN O 40 13.16 14.64 61.90
N LEU O 41 11.98 14.02 61.87
CA LEU O 41 11.21 13.86 63.10
C LEU O 41 11.92 12.96 64.10
N ILE O 42 12.53 11.87 63.61
CA ILE O 42 13.25 10.96 64.49
C ILE O 42 14.46 11.65 65.11
N VAL O 43 15.14 12.49 64.33
CA VAL O 43 16.29 13.21 64.85
C VAL O 43 15.88 14.11 66.01
N ALA O 44 14.72 14.77 65.89
CA ALA O 44 14.25 15.64 66.96
C ALA O 44 13.98 14.84 68.22
N GLN O 45 13.47 13.61 68.08
CA GLN O 45 13.19 12.79 69.25
C GLN O 45 14.48 12.32 69.93
N MET O 46 15.53 12.09 69.15
CA MET O 46 16.80 11.64 69.73
C MET O 46 17.42 12.75 70.58
N LEU O 47 17.46 13.97 70.05
CA LEU O 47 18.04 15.08 70.79
C LEU O 47 17.24 15.37 72.06
N PHE O 48 15.91 15.23 71.98
CA PHE O 48 15.06 15.49 73.14
C PHE O 48 15.37 14.52 74.27
N LEU O 49 15.49 13.24 73.97
CA LEU O 49 15.79 12.24 74.99
C LEU O 49 17.16 12.48 75.60
N GLU O 50 18.12 12.93 74.79
CA GLU O 50 19.46 13.19 75.29
C GLU O 50 19.45 14.29 76.34
N ALA O 51 18.68 15.35 76.11
CA ALA O 51 18.65 16.48 77.05
C ALA O 51 18.06 16.07 78.40
N GLU O 52 16.97 15.31 78.41
CA GLU O 52 16.37 14.91 79.68
C GLU O 52 17.27 13.91 80.42
N ASN O 53 17.90 13.00 79.69
CA ASN O 53 18.78 12.00 80.29
C ASN O 53 19.82 11.61 79.23
N PRO O 54 21.02 12.21 79.27
CA PRO O 54 22.04 11.87 78.28
C PRO O 54 22.80 10.58 78.55
N GLU O 55 22.41 9.79 79.56
CA GLU O 55 23.05 8.53 79.88
C GLU O 55 22.14 7.32 79.80
N LYS O 56 20.84 7.50 79.69
CA LYS O 56 19.92 6.37 79.62
C LYS O 56 19.84 5.85 78.19
N ASP O 57 19.79 4.53 78.06
CA ASP O 57 19.73 3.90 76.74
C ASP O 57 18.42 4.22 76.04
N ILE O 58 18.49 4.33 74.71
CA ILE O 58 17.36 4.61 73.86
C ILE O 58 17.04 3.34 73.08
N TYR O 59 15.77 3.17 72.72
CA TYR O 59 15.31 2.01 71.96
C TYR O 59 14.70 2.49 70.66
N LEU O 60 15.18 1.94 69.55
CA LEU O 60 14.72 2.30 68.22
C LEU O 60 14.18 1.06 67.52
N TYR O 61 12.88 1.08 67.22
CA TYR O 61 12.23 -0.02 66.52
C TYR O 61 12.22 0.30 65.04
N ILE O 62 12.65 -0.65 64.22
CA ILE O 62 12.77 -0.46 62.77
C ILE O 62 11.94 -1.49 62.04
N ASN O 63 10.92 -1.02 61.31
CA ASN O 63 10.05 -1.84 60.46
C ASN O 63 9.80 -0.94 59.26
N SER O 64 10.61 -1.09 58.20
CA SER O 64 10.48 -0.21 57.05
C SER O 64 11.02 -0.90 55.81
N PRO O 65 10.49 -0.61 54.63
CA PRO O 65 11.02 -1.20 53.40
C PRO O 65 12.18 -0.44 52.76
N GLY O 66 12.79 0.48 53.49
CA GLY O 66 13.91 1.27 52.99
C GLY O 66 13.46 2.62 52.46
N GLY O 67 14.44 3.36 51.92
CA GLY O 67 14.14 4.67 51.37
C GLY O 67 15.39 5.40 50.92
N VAL O 68 15.36 6.72 51.10
CA VAL O 68 16.47 7.59 50.70
C VAL O 68 17.69 7.30 51.56
N ILE O 69 18.87 7.53 50.99
CA ILE O 69 20.14 7.31 51.68
C ILE O 69 20.54 8.53 52.49
N THR O 70 20.39 9.72 51.93
CA THR O 70 20.78 10.95 52.63
C THR O 70 20.02 11.09 53.95
N ALA O 71 18.71 10.80 53.93
CA ALA O 71 17.92 10.88 55.15
C ALA O 71 18.45 9.92 56.21
N GLY O 72 18.85 8.72 55.79
CA GLY O 72 19.38 7.74 56.73
C GLY O 72 20.67 8.20 57.39
N MET O 73 21.52 8.91 56.65
CA MET O 73 22.78 9.36 57.22
C MET O 73 22.56 10.31 58.37
N SER O 74 21.50 11.12 58.31
CA SER O 74 21.22 12.04 59.41
C SER O 74 20.92 11.27 60.70
N ILE O 75 20.12 10.21 60.58
CA ILE O 75 19.80 9.39 61.74
C ILE O 75 21.05 8.68 62.25
N TYR O 76 21.84 8.11 61.33
CA TYR O 76 23.05 7.40 61.71
C TYR O 76 24.06 8.33 62.38
N ASP O 77 24.29 9.50 61.79
CA ASP O 77 25.25 10.44 62.35
C ASP O 77 24.81 10.92 63.73
N THR O 78 23.51 11.15 63.90
CA THR O 78 23.01 11.62 65.20
C THR O 78 23.21 10.56 66.27
N MET O 79 22.95 9.29 65.95
CA MET O 79 23.11 8.22 66.93
C MET O 79 24.55 8.15 67.43
N GLN O 80 25.52 8.22 66.52
CA GLN O 80 26.91 8.16 66.92
C GLN O 80 27.35 9.45 67.61
N PHE O 81 26.79 10.59 67.21
CA PHE O 81 27.18 11.86 67.81
C PHE O 81 26.73 11.96 69.27
N ILE O 82 25.48 11.61 69.55
CA ILE O 82 24.99 11.70 70.92
C ILE O 82 25.66 10.64 71.81
N LYS O 83 25.60 10.87 73.11
CA LYS O 83 26.19 10.00 74.12
C LYS O 83 25.36 8.74 74.39
N PRO O 84 24.02 8.84 74.54
CA PRO O 84 23.23 7.63 74.81
C PRO O 84 23.41 6.53 73.76
N ASP O 85 23.42 5.30 74.24
CA ASP O 85 23.55 4.13 73.37
C ASP O 85 22.17 3.77 72.85
N VAL O 86 22.01 3.84 71.54
CA VAL O 86 20.74 3.55 70.90
C VAL O 86 20.66 2.05 70.62
N SER O 87 19.74 1.38 71.30
CA SER O 87 19.53 -0.06 71.11
C SER O 87 18.56 -0.22 69.96
N THR O 88 19.00 -0.88 68.89
CA THR O 88 18.20 -1.07 67.70
C THR O 88 17.58 -2.46 67.67
N ILE O 89 16.27 -2.50 67.50
CA ILE O 89 15.49 -3.73 67.40
C ILE O 89 14.71 -3.65 66.10
N CYS O 90 14.71 -4.74 65.34
CA CYS O 90 14.01 -4.79 64.06
C CYS O 90 12.80 -5.71 64.14
N MET O 91 11.64 -5.16 63.79
CA MET O 91 10.38 -5.89 63.76
C MET O 91 9.91 -5.91 62.32
N GLY O 92 9.42 -7.06 61.87
CA GLY O 92 8.98 -7.16 60.50
C GLY O 92 10.15 -7.34 59.55
N GLN O 93 10.48 -6.31 58.79
CA GLN O 93 11.58 -6.37 57.84
C GLN O 93 12.43 -5.10 57.93
N ALA O 94 13.70 -5.25 57.53
CA ALA O 94 14.66 -4.16 57.53
C ALA O 94 15.39 -4.18 56.18
N ALA O 95 15.16 -3.14 55.38
CA ALA O 95 15.77 -3.02 54.06
C ALA O 95 17.12 -2.30 54.19
N SER O 96 17.69 -1.91 53.05
CA SER O 96 18.98 -1.22 52.98
C SER O 96 19.18 -0.15 54.05
N MET O 97 18.24 0.77 54.19
CA MET O 97 18.40 1.79 55.22
C MET O 97 18.04 1.26 56.60
N GLY O 98 17.11 0.32 56.67
CA GLY O 98 16.76 -0.26 57.96
C GLY O 98 17.90 -1.12 58.50
N ALA O 99 18.53 -1.89 57.62
CA ALA O 99 19.64 -2.75 58.02
C ALA O 99 20.86 -1.92 58.39
N PHE O 100 21.10 -0.83 57.64
CA PHE O 100 22.26 0.01 57.93
C PHE O 100 22.12 0.67 59.29
N LEU O 101 20.91 1.14 59.62
CA LEU O 101 20.69 1.75 60.92
C LEU O 101 20.62 0.70 62.02
N LEU O 102 20.06 -0.47 61.71
CA LEU O 102 19.97 -1.55 62.69
C LEU O 102 21.35 -1.96 63.19
N THR O 103 22.25 -2.27 62.25
CA THR O 103 23.62 -2.65 62.63
C THR O 103 24.41 -1.49 63.20
N ALA O 104 23.94 -0.25 63.01
CA ALA O 104 24.64 0.92 63.52
C ALA O 104 24.43 1.14 65.01
N GLY O 105 23.55 0.37 65.65
CA GLY O 105 23.30 0.53 67.06
C GLY O 105 24.52 0.25 67.91
N ALA O 106 24.40 0.47 69.22
CA ALA O 106 25.51 0.23 70.13
C ALA O 106 25.87 -1.24 70.15
N LYS O 107 27.17 -1.52 70.17
CA LYS O 107 27.65 -2.90 70.21
C LYS O 107 27.11 -3.61 71.44
N GLY O 108 26.46 -4.75 71.22
CA GLY O 108 25.87 -5.53 72.29
C GLY O 108 24.44 -5.18 72.62
N LYS O 109 23.85 -4.18 71.96
CA LYS O 109 22.47 -3.77 72.19
C LYS O 109 21.64 -3.81 70.91
N ARG O 110 22.05 -4.64 69.95
CA ARG O 110 21.35 -4.81 68.68
C ARG O 110 20.68 -6.17 68.71
N PHE O 111 19.35 -6.17 68.69
CA PHE O 111 18.57 -7.39 68.75
C PHE O 111 17.67 -7.52 67.52
N CYS O 112 17.10 -8.71 67.36
CA CYS O 112 16.25 -8.99 66.21
C CYS O 112 15.22 -10.05 66.61
N LEU O 113 13.99 -9.85 66.15
CA LEU O 113 12.95 -10.81 66.44
C LEU O 113 13.20 -12.10 65.67
N PRO O 114 12.64 -13.23 66.12
CA PRO O 114 12.92 -14.49 65.41
C PRO O 114 12.41 -14.54 63.98
N ASN O 115 11.19 -14.10 63.72
CA ASN O 115 10.63 -14.16 62.38
C ASN O 115 10.91 -12.92 61.54
N SER O 116 11.80 -12.04 61.98
CA SER O 116 12.13 -10.88 61.18
C SER O 116 13.06 -11.30 60.03
N ARG O 117 13.13 -10.45 59.01
CA ARG O 117 13.97 -10.72 57.84
C ARG O 117 14.60 -9.42 57.37
N VAL O 118 15.93 -9.40 57.33
CA VAL O 118 16.70 -8.25 56.90
C VAL O 118 17.17 -8.45 55.47
N MET O 119 17.34 -7.35 54.75
CA MET O 119 17.79 -7.37 53.36
C MET O 119 18.78 -6.23 53.14
N ILE O 120 19.92 -6.56 52.56
CA ILE O 120 20.98 -5.61 52.27
C ILE O 120 21.29 -5.64 50.78
N HIS O 121 21.51 -4.48 50.19
CA HIS O 121 21.84 -4.37 48.78
C HIS O 121 22.61 -3.08 48.56
N GLN O 122 23.21 -2.97 47.38
CA GLN O 122 23.99 -1.79 47.04
C GLN O 122 23.07 -0.62 46.75
N PRO O 123 23.58 0.62 46.81
CA PRO O 123 22.74 1.78 46.55
C PRO O 123 22.11 1.75 45.15
N LEU O 124 21.07 2.57 45.00
CA LEU O 124 20.34 2.72 43.75
C LEU O 124 20.32 4.19 43.36
N GLY O 125 20.25 4.44 42.07
CA GLY O 125 20.23 5.80 41.58
C GLY O 125 20.02 5.87 40.09
N GLY O 126 20.34 7.02 39.54
CA GLY O 126 20.19 7.25 38.11
C GLY O 126 20.17 8.72 37.80
N TYR O 127 20.47 9.03 36.53
CA TYR O 127 20.49 10.40 36.06
C TYR O 127 20.26 10.40 34.56
N GLN O 128 19.74 11.53 34.07
CA GLN O 128 19.45 11.72 32.65
C GLN O 128 19.97 13.09 32.25
N GLY O 129 20.81 13.13 31.24
CA GLY O 129 21.38 14.38 30.78
C GLY O 129 22.61 14.13 29.92
N GLN O 130 23.50 15.12 29.92
CA GLN O 130 24.73 15.04 29.14
C GLN O 130 25.68 14.00 29.75
N ALA O 131 26.67 13.60 28.94
CA ALA O 131 27.63 12.62 29.40
C ALA O 131 28.50 13.14 30.52
N THR O 132 28.81 14.43 30.50
CA THR O 132 29.65 15.00 31.56
C THR O 132 28.93 14.95 32.90
N ASP O 133 27.66 15.35 32.93
CA ASP O 133 26.89 15.32 34.17
C ASP O 133 26.71 13.89 34.67
N ILE O 134 26.62 12.91 33.76
CA ILE O 134 26.44 11.53 34.17
C ILE O 134 27.67 11.03 34.91
N GLU O 135 28.86 11.37 34.43
CA GLU O 135 30.09 10.96 35.09
C GLU O 135 30.14 11.48 36.53
N ILE O 136 29.66 12.71 36.73
CA ILE O 136 29.65 13.29 38.08
C ILE O 136 28.74 12.49 38.99
N HIS O 137 27.48 12.30 38.59
CA HIS O 137 26.55 11.54 39.41
C HIS O 137 26.99 10.09 39.56
N ALA O 138 27.68 9.55 38.55
CA ALA O 138 28.17 8.18 38.66
C ALA O 138 29.24 8.06 39.73
N ARG O 139 30.18 9.00 39.75
CA ARG O 139 31.22 8.98 40.78
C ARG O 139 30.63 9.22 42.16
N GLU O 140 29.61 10.08 42.25
CA GLU O 140 28.99 10.39 43.54
C GLU O 140 28.35 9.15 44.15
N ILE O 141 27.48 8.47 43.39
CA ILE O 141 26.83 7.28 43.92
C ILE O 141 27.85 6.18 44.18
N LEU O 142 28.94 6.15 43.40
CA LEU O 142 29.96 5.14 43.63
C LEU O 142 30.65 5.36 44.97
N LYS O 143 30.90 6.63 45.32
CA LYS O 143 31.51 6.94 46.59
C LYS O 143 30.61 6.53 47.74
N VAL O 144 29.29 6.73 47.58
CA VAL O 144 28.34 6.33 48.61
C VAL O 144 28.39 4.83 48.83
N LYS O 145 28.49 4.06 47.74
CA LYS O 145 28.57 2.61 47.86
C LYS O 145 29.79 2.20 48.66
N GLY O 146 30.95 2.78 48.35
CA GLY O 146 32.15 2.46 49.10
C GLY O 146 32.06 2.93 50.54
N ARG O 147 31.54 4.14 50.75
CA ARG O 147 31.40 4.67 52.11
C ARG O 147 30.45 3.83 52.93
N MET O 148 29.30 3.45 52.36
CA MET O 148 28.34 2.64 53.08
C MET O 148 28.91 1.26 53.40
N ASN O 149 29.70 0.70 52.49
CA ASN O 149 30.27 -0.62 52.73
C ASN O 149 31.32 -0.55 53.84
N GLU O 150 32.07 0.56 53.92
CA GLU O 150 33.08 0.70 54.96
C GLU O 150 32.44 0.71 56.33
N LEU O 151 31.35 1.46 56.50
CA LEU O 151 30.67 1.53 57.79
C LEU O 151 30.06 0.19 58.15
N MET O 152 29.50 -0.52 57.17
CA MET O 152 28.90 -1.82 57.44
C MET O 152 29.95 -2.81 57.92
N ALA O 153 31.14 -2.77 57.33
CA ALA O 153 32.22 -3.66 57.75
C ALA O 153 32.65 -3.36 59.18
N LEU O 154 32.63 -2.08 59.55
CA LEU O 154 33.04 -1.68 60.90
C LEU O 154 32.06 -2.18 61.95
N HIS O 155 30.76 -2.03 61.71
CA HIS O 155 29.77 -2.45 62.69
C HIS O 155 29.59 -3.96 62.69
N THR O 156 29.59 -4.58 61.50
CA THR O 156 29.42 -6.03 61.42
C THR O 156 30.71 -6.79 61.68
N GLY O 157 31.86 -6.12 61.60
CA GLY O 157 33.13 -6.77 61.82
C GLY O 157 33.68 -7.54 60.63
N GLN O 158 32.87 -7.76 59.60
CA GLN O 158 33.31 -8.48 58.42
C GLN O 158 34.33 -7.64 57.65
N SER O 159 34.88 -8.23 56.60
CA SER O 159 35.87 -7.55 55.77
C SER O 159 35.18 -6.77 54.67
N LEU O 160 35.85 -5.69 54.24
CA LEU O 160 35.29 -4.85 53.18
C LEU O 160 35.09 -5.63 51.89
N GLU O 161 36.03 -6.52 51.57
CA GLU O 161 35.92 -7.32 50.35
C GLU O 161 34.70 -8.23 50.42
N GLN O 162 34.48 -8.89 51.56
CA GLN O 162 33.32 -9.76 51.70
C GLN O 162 32.02 -8.96 51.59
N ILE O 163 31.99 -7.77 52.20
CA ILE O 163 30.78 -6.94 52.14
C ILE O 163 30.48 -6.55 50.71
N GLU O 164 31.51 -6.19 49.94
CA GLU O 164 31.31 -5.81 48.55
C GLU O 164 30.73 -6.96 47.73
N ARG O 165 31.20 -8.18 47.99
CA ARG O 165 30.69 -9.33 47.26
C ARG O 165 29.26 -9.66 47.64
N ASP O 166 28.90 -9.45 48.91
CA ASP O 166 27.56 -9.76 49.39
C ASP O 166 26.55 -8.66 49.10
N THR O 167 27.00 -7.43 48.81
CA THR O 167 26.12 -6.32 48.54
C THR O 167 25.91 -6.04 47.05
N GLU O 168 26.62 -6.74 46.17
CA GLU O 168 26.44 -6.52 44.74
C GLU O 168 25.01 -6.82 44.30
N ARG O 169 24.33 -7.72 45.01
CA ARG O 169 22.96 -8.08 44.72
C ARG O 169 22.21 -8.23 46.03
N ASP O 170 20.88 -8.14 45.94
CA ASP O 170 20.03 -8.26 47.12
C ASP O 170 20.30 -9.57 47.85
N ARG O 171 20.59 -9.48 49.14
CA ARG O 171 20.88 -10.63 49.98
C ARG O 171 19.95 -10.62 51.18
N PHE O 172 19.20 -11.71 51.35
CA PHE O 172 18.27 -11.85 52.46
C PHE O 172 18.95 -12.64 53.58
N LEU O 173 18.62 -12.27 54.82
CA LEU O 173 19.18 -12.94 55.99
C LEU O 173 18.13 -13.04 57.07
N SER O 174 18.03 -14.22 57.68
CA SER O 174 17.10 -14.46 58.77
C SER O 174 17.73 -13.97 60.07
N ALA O 175 16.98 -14.11 61.17
CA ALA O 175 17.51 -13.69 62.46
C ALA O 175 18.76 -14.47 62.86
N PRO O 176 18.81 -15.80 62.79
CA PRO O 176 20.05 -16.49 63.15
C PRO O 176 21.21 -16.14 62.23
N GLU O 177 20.94 -16.00 60.93
CA GLU O 177 22.00 -15.66 59.98
C GLU O 177 22.58 -14.28 60.29
N ALA O 178 21.75 -13.35 60.75
CA ALA O 178 22.24 -12.02 61.07
C ALA O 178 23.23 -12.07 62.23
N VAL O 179 22.99 -12.94 63.20
CA VAL O 179 23.89 -13.07 64.34
C VAL O 179 25.27 -13.51 63.86
N GLU O 180 25.31 -14.55 63.02
CA GLU O 180 26.59 -15.04 62.52
C GLU O 180 27.28 -14.00 61.63
N TYR O 181 26.50 -13.20 60.90
CA TYR O 181 27.04 -12.17 60.02
C TYR O 181 27.47 -10.92 60.77
N GLY O 182 27.35 -10.88 62.09
CA GLY O 182 27.71 -9.70 62.85
C GLY O 182 26.75 -8.54 62.74
N LEU O 183 25.63 -8.71 62.03
CA LEU O 183 24.66 -7.63 61.87
C LEU O 183 23.93 -7.36 63.18
N VAL O 184 23.67 -8.40 63.97
CA VAL O 184 22.99 -8.28 65.24
C VAL O 184 23.79 -9.06 66.28
N ASP O 185 23.29 -9.06 67.51
CA ASP O 185 23.95 -9.73 68.64
C ASP O 185 23.16 -10.90 69.19
N SER O 186 21.87 -10.70 69.51
CA SER O 186 21.04 -11.74 70.08
C SER O 186 19.66 -11.68 69.46
N ILE O 187 18.85 -12.68 69.83
CA ILE O 187 17.47 -12.80 69.38
C ILE O 187 16.58 -12.78 70.61
N LEU O 188 15.53 -11.96 70.57
CA LEU O 188 14.59 -11.83 71.69
C LEU O 188 13.45 -12.83 71.52
N THR O 189 13.78 -14.09 71.81
CA THR O 189 12.78 -15.16 71.68
C THR O 189 11.67 -15.00 72.71
N HIS O 190 12.01 -14.63 73.94
CA HIS O 190 11.01 -14.45 74.98
C HIS O 190 11.50 -13.38 75.96
N ARG O 191 10.53 -12.80 76.67
CA ARG O 191 10.85 -11.76 77.65
C ARG O 191 11.74 -12.28 78.77
N ASN O 192 11.60 -13.56 79.11
CA ASN O 192 12.41 -14.18 80.17
C ASN O 192 13.90 -14.06 79.89
N LEU P 1 1.95 11.49 62.53
CA LEU P 1 1.60 12.23 63.74
C LEU P 1 2.84 12.59 64.53
N VAL P 2 3.04 13.87 64.78
CA VAL P 2 4.21 14.30 65.55
C VAL P 2 3.99 13.94 67.02
N PRO P 3 4.98 13.42 67.74
CA PRO P 3 4.74 13.05 69.13
C PRO P 3 4.78 14.27 70.05
N MET P 4 3.87 14.27 71.03
CA MET P 4 3.77 15.35 71.99
C MET P 4 4.63 15.05 73.21
N VAL P 5 5.28 16.08 73.74
CA VAL P 5 6.16 15.96 74.90
C VAL P 5 5.74 17.00 75.92
N ILE P 6 5.98 16.68 77.19
CA ILE P 6 5.63 17.56 78.31
C ILE P 6 6.87 18.29 78.78
N GLU P 7 6.70 19.58 79.08
CA GLU P 7 7.77 20.45 79.55
C GLU P 7 7.49 20.79 81.01
N GLN P 8 8.43 20.43 81.89
CA GLN P 8 8.30 20.68 83.32
C GLN P 8 8.85 22.06 83.65
N THR P 9 7.99 22.93 84.20
CA THR P 9 8.35 24.27 84.61
C THR P 9 7.81 24.55 86.00
N SER P 10 8.25 25.67 86.58
CA SER P 10 7.83 26.04 87.93
C SER P 10 6.31 26.17 88.05
N ARG P 11 5.66 26.74 87.03
CA ARG P 11 4.20 26.89 87.10
C ARG P 11 3.51 25.54 87.12
N GLY P 12 3.96 24.61 86.28
CA GLY P 12 3.35 23.28 86.22
C GLY P 12 3.83 22.52 85.00
N GLU P 13 2.93 21.70 84.45
CA GLU P 13 3.21 20.89 83.28
C GLU P 13 2.65 21.58 82.04
N ARG P 14 3.45 21.58 80.97
CA ARG P 14 3.07 22.18 79.69
C ARG P 14 3.26 21.16 78.60
N SER P 15 2.28 21.07 77.70
CA SER P 15 2.31 20.12 76.59
C SER P 15 2.78 20.82 75.33
N PHE P 16 3.77 20.24 74.66
CA PHE P 16 4.33 20.80 73.44
C PHE P 16 4.62 19.70 72.44
N ASP P 17 4.55 20.06 71.16
CA ASP P 17 4.91 19.13 70.11
C ASP P 17 6.43 19.08 70.01
N ILE P 18 6.94 18.04 69.35
CA ILE P 18 8.38 17.87 69.25
C ILE P 18 9.05 19.08 68.60
N TYR P 19 8.43 19.65 67.57
CA TYR P 19 9.02 20.81 66.90
C TYR P 19 8.91 22.07 67.74
N SER P 20 7.77 22.27 68.39
CA SER P 20 7.59 23.46 69.21
C SER P 20 8.53 23.44 70.42
N ARG P 21 8.74 22.26 71.01
CA ARG P 21 9.62 22.15 72.17
C ARG P 21 11.04 22.56 71.79
N LEU P 22 11.54 22.08 70.64
CA LEU P 22 12.87 22.45 70.21
C LEU P 22 12.96 23.91 69.82
N LEU P 23 11.83 24.49 69.35
CA LEU P 23 11.84 25.90 68.99
C LEU P 23 12.12 26.77 70.21
N LYS P 24 11.70 26.32 71.39
CA LYS P 24 11.97 27.06 72.61
C LYS P 24 13.47 27.15 72.87
N GLU P 25 14.24 26.17 72.38
CA GLU P 25 15.69 26.14 72.53
C GLU P 25 16.41 26.85 71.39
N ARG P 26 15.70 27.68 70.61
CA ARG P 26 16.29 28.40 69.48
C ARG P 26 16.79 27.43 68.42
N VAL P 27 16.00 26.41 68.12
CA VAL P 27 16.32 25.40 67.13
C VAL P 27 15.22 25.41 66.07
N ILE P 28 15.63 25.63 64.81
CA ILE P 28 14.71 25.67 63.67
C ILE P 28 15.06 24.50 62.75
N PHE P 29 14.03 23.93 62.12
CA PHE P 29 14.15 22.78 61.23
C PHE P 29 13.80 23.17 59.79
N LEU P 30 14.80 23.17 58.92
CA LEU P 30 14.62 23.46 57.50
C LEU P 30 14.61 22.12 56.78
N THR P 31 13.41 21.62 56.48
CA THR P 31 13.23 20.34 55.82
C THR P 31 12.28 20.48 54.63
N GLY P 32 12.62 19.78 53.54
CA GLY P 32 11.81 19.80 52.34
C GLY P 32 12.16 20.91 51.38
N GLN P 33 11.48 20.88 50.23
CA GLN P 33 11.71 21.86 49.17
C GLN P 33 11.55 23.28 49.68
N VAL P 34 12.42 24.16 49.19
CA VAL P 34 12.41 25.56 49.62
C VAL P 34 11.37 26.29 48.76
N GLU P 35 10.25 26.64 49.37
CA GLU P 35 9.15 27.36 48.73
C GLU P 35 8.92 28.65 49.52
N ASP P 36 7.87 29.39 49.13
CA ASP P 36 7.56 30.65 49.79
C ASP P 36 6.86 30.45 51.12
N HIS P 37 6.05 29.39 51.26
CA HIS P 37 5.33 29.17 52.51
C HIS P 37 6.27 28.69 53.62
N MET P 38 7.03 27.63 53.37
CA MET P 38 7.94 27.12 54.39
C MET P 38 9.01 28.13 54.73
N ALA P 39 9.49 28.89 53.74
CA ALA P 39 10.53 29.88 54.00
C ALA P 39 9.98 31.00 54.88
N ASN P 40 8.76 31.46 54.59
CA ASN P 40 8.15 32.51 55.40
C ASN P 40 7.99 32.06 56.84
N LEU P 41 7.71 30.77 57.05
CA LEU P 41 7.57 30.25 58.41
C LEU P 41 8.87 30.35 59.17
N ILE P 42 9.98 30.00 58.51
CA ILE P 42 11.29 30.07 59.17
C ILE P 42 11.62 31.52 59.52
N VAL P 43 11.22 32.46 58.66
CA VAL P 43 11.50 33.87 58.92
C VAL P 43 10.79 34.31 60.19
N ALA P 44 9.53 33.89 60.37
CA ALA P 44 8.79 34.26 61.57
C ALA P 44 9.49 33.71 62.82
N GLN P 45 10.00 32.48 62.75
CA GLN P 45 10.70 31.90 63.88
C GLN P 45 11.95 32.70 64.23
N MET P 46 12.71 33.12 63.22
CA MET P 46 13.92 33.90 63.45
C MET P 46 13.60 35.20 64.16
N LEU P 47 12.58 35.92 63.67
CA LEU P 47 12.21 37.18 64.29
C LEU P 47 11.70 36.99 65.72
N PHE P 48 10.92 35.93 65.95
CA PHE P 48 10.39 35.66 67.28
C PHE P 48 11.52 35.42 68.27
N LEU P 49 12.52 34.62 67.88
CA LEU P 49 13.64 34.36 68.77
C LEU P 49 14.44 35.62 69.05
N GLU P 50 14.51 36.53 68.07
CA GLU P 50 15.25 37.78 68.27
C GLU P 50 14.63 38.61 69.40
N ALA P 51 13.30 38.69 69.43
CA ALA P 51 12.63 39.46 70.47
C ALA P 51 12.82 38.81 71.84
N GLU P 52 12.83 37.48 71.89
CA GLU P 52 13.02 36.78 73.15
C GLU P 52 14.42 37.03 73.70
N ASN P 53 15.44 36.81 72.88
CA ASN P 53 16.83 37.02 73.29
C ASN P 53 17.63 37.38 72.04
N PRO P 54 17.88 38.67 71.79
CA PRO P 54 18.64 39.06 70.61
C PRO P 54 20.14 38.85 70.71
N GLU P 55 20.63 38.21 71.78
CA GLU P 55 22.06 37.96 71.97
C GLU P 55 22.41 36.48 71.97
N LYS P 56 21.43 35.58 72.07
CA LYS P 56 21.69 34.15 72.09
C LYS P 56 21.70 33.60 70.67
N ASP P 57 22.68 32.74 70.39
CA ASP P 57 22.83 32.15 69.07
C ASP P 57 21.65 31.23 68.75
N ILE P 58 21.25 31.22 67.49
CA ILE P 58 20.15 30.40 66.99
C ILE P 58 20.75 29.24 66.20
N TYR P 59 20.09 28.09 66.25
CA TYR P 59 20.53 26.88 65.56
C TYR P 59 19.53 26.53 64.46
N LEU P 60 20.04 26.32 63.26
CA LEU P 60 19.22 25.99 62.09
C LEU P 60 19.73 24.70 61.45
N TYR P 61 18.90 23.67 61.47
CA TYR P 61 19.24 22.38 60.86
C TYR P 61 18.70 22.38 59.44
N ILE P 62 19.52 21.95 58.49
CA ILE P 62 19.17 21.95 57.07
C ILE P 62 19.32 20.55 56.51
N ASN P 63 18.22 20.00 56.00
CA ASN P 63 18.20 18.69 55.35
C ASN P 63 17.12 18.79 54.29
N SER P 64 17.50 19.09 53.05
CA SER P 64 16.52 19.23 51.99
C SER P 64 17.22 19.18 50.64
N PRO P 65 16.51 18.86 49.57
CA PRO P 65 17.12 18.83 48.23
C PRO P 65 17.13 20.16 47.50
N GLY P 66 16.86 21.28 48.18
CA GLY P 66 16.87 22.59 47.55
C GLY P 66 15.51 23.02 47.06
N GLY P 67 15.48 24.23 46.48
CA GLY P 67 14.24 24.78 45.97
C GLY P 67 14.36 26.13 45.30
N VAL P 68 13.34 26.96 45.47
CA VAL P 68 13.32 28.28 44.84
C VAL P 68 14.40 29.18 45.42
N ILE P 69 14.87 30.12 44.60
CA ILE P 69 15.93 31.04 45.01
C ILE P 69 15.34 32.23 45.77
N THR P 70 14.23 32.78 45.28
CA THR P 70 13.62 33.93 45.94
C THR P 70 13.26 33.62 47.39
N ALA P 71 12.73 32.42 47.63
CA ALA P 71 12.39 32.03 49.00
C ALA P 71 13.63 31.97 49.87
N GLY P 72 14.72 31.41 49.34
CA GLY P 72 15.95 31.32 50.09
C GLY P 72 16.57 32.67 50.40
N MET P 73 16.43 33.63 49.48
CA MET P 73 17.00 34.96 49.70
C MET P 73 16.38 35.64 50.92
N SER P 74 15.09 35.40 51.18
CA SER P 74 14.45 35.99 52.34
C SER P 74 15.08 35.46 53.62
N ILE P 75 15.38 34.16 53.65
CA ILE P 75 16.01 33.56 54.84
C ILE P 75 17.42 34.10 55.02
N TYR P 76 18.17 34.20 53.92
CA TYR P 76 19.54 34.70 53.99
C TYR P 76 19.58 36.14 54.48
N ASP P 77 18.73 36.99 53.90
CA ASP P 77 18.71 38.40 54.30
C ASP P 77 18.32 38.55 55.77
N THR P 78 17.42 37.70 56.26
CA THR P 78 17.01 37.78 57.66
C THR P 78 18.15 37.38 58.59
N MET P 79 18.86 36.31 58.25
CA MET P 79 19.97 35.86 59.08
C MET P 79 21.04 36.94 59.23
N GLN P 80 21.34 37.65 58.14
CA GLN P 80 22.33 38.72 58.17
C GLN P 80 21.78 40.01 58.76
N PHE P 81 20.45 40.19 58.75
CA PHE P 81 19.86 41.41 59.29
C PHE P 81 19.79 41.38 60.81
N ILE P 82 19.30 40.29 61.38
CA ILE P 82 19.17 40.20 62.83
C ILE P 82 20.56 40.08 63.47
N LYS P 83 20.61 40.43 64.75
CA LYS P 83 21.84 40.39 65.54
C LYS P 83 22.27 38.99 65.95
N PRO P 84 21.37 38.10 66.40
CA PRO P 84 21.80 36.75 66.78
C PRO P 84 22.54 36.02 65.67
N ASP P 85 23.61 35.32 66.06
CA ASP P 85 24.39 34.54 65.12
C ASP P 85 23.70 33.21 64.90
N VAL P 86 23.27 32.96 63.67
CA VAL P 86 22.55 31.74 63.33
C VAL P 86 23.58 30.67 62.96
N SER P 87 23.69 29.65 63.80
CA SER P 87 24.60 28.53 63.55
C SER P 87 23.87 27.50 62.71
N THR P 88 24.36 27.27 61.49
CA THR P 88 23.74 26.33 60.57
C THR P 88 24.45 24.99 60.63
N ILE P 89 23.65 23.92 60.58
CA ILE P 89 24.14 22.54 60.63
C ILE P 89 23.49 21.78 59.48
N CYS P 90 24.29 20.96 58.79
CA CYS P 90 23.85 20.18 57.66
C CYS P 90 23.66 18.72 58.05
N MET P 91 22.48 18.18 57.76
CA MET P 91 22.14 16.79 58.07
C MET P 91 21.70 16.10 56.78
N GLY P 92 22.37 15.00 56.44
CA GLY P 92 22.02 14.25 55.25
C GLY P 92 22.54 14.82 53.94
N GLN P 93 22.03 15.97 53.51
CA GLN P 93 22.45 16.56 52.25
C GLN P 93 22.14 18.04 52.24
N ALA P 94 22.89 18.77 51.42
CA ALA P 94 22.74 20.22 51.27
C ALA P 94 22.80 20.54 49.78
N ALA P 95 21.68 20.99 49.23
CA ALA P 95 21.58 21.35 47.82
C ALA P 95 21.98 22.81 47.62
N SER P 96 21.72 23.33 46.42
CA SER P 96 22.02 24.73 46.07
C SER P 96 21.58 25.70 47.15
N MET P 97 20.28 25.71 47.48
CA MET P 97 19.81 26.64 48.50
C MET P 97 20.23 26.17 49.88
N GLY P 98 20.22 24.86 50.12
CA GLY P 98 20.64 24.35 51.41
C GLY P 98 22.09 24.67 51.70
N ALA P 99 22.94 24.57 50.68
CA ALA P 99 24.36 24.87 50.84
C ALA P 99 24.61 26.36 50.94
N PHE P 100 23.86 27.16 50.17
CA PHE P 100 24.03 28.60 50.24
C PHE P 100 23.67 29.13 51.62
N LEU P 101 22.60 28.61 52.20
CA LEU P 101 22.21 29.02 53.55
C LEU P 101 23.18 28.47 54.58
N LEU P 102 23.70 27.26 54.34
CA LEU P 102 24.65 26.65 55.27
C LEU P 102 25.91 27.49 55.38
N THR P 103 26.53 27.81 54.23
CA THR P 103 27.73 28.63 54.25
C THR P 103 27.44 30.07 54.64
N ALA P 104 26.18 30.49 54.62
CA ALA P 104 25.83 31.86 54.99
C ALA P 104 25.78 32.08 56.49
N GLY P 105 25.85 31.01 57.28
CA GLY P 105 25.82 31.11 58.73
C GLY P 105 26.95 31.96 59.29
N ALA P 106 26.91 32.17 60.61
CA ALA P 106 27.92 32.97 61.27
C ALA P 106 29.28 32.30 61.17
N LYS P 107 30.31 33.10 60.89
CA LYS P 107 31.66 32.59 60.76
C LYS P 107 32.11 31.93 62.06
N GLY P 108 32.62 30.71 61.95
CA GLY P 108 33.03 29.95 63.10
C GLY P 108 31.93 29.16 63.76
N LYS P 109 30.70 29.21 63.21
CA LYS P 109 29.55 28.49 63.75
C LYS P 109 28.86 27.66 62.67
N ARG P 110 29.58 27.32 61.60
CA ARG P 110 29.04 26.52 60.50
C ARG P 110 29.59 25.11 60.65
N PHE P 111 28.71 24.16 60.93
CA PHE P 111 29.08 22.77 61.17
C PHE P 111 28.35 21.85 60.20
N CYS P 112 28.87 20.62 60.11
CA CYS P 112 28.30 19.60 59.24
C CYS P 112 28.59 18.22 59.81
N LEU P 113 27.69 17.29 59.56
CA LEU P 113 27.84 15.93 60.05
C LEU P 113 28.87 15.19 59.19
N PRO P 114 29.46 14.11 59.71
CA PRO P 114 30.49 13.40 58.92
C PRO P 114 29.97 12.79 57.63
N ASN P 115 28.87 12.04 57.67
CA ASN P 115 28.33 11.38 56.49
C ASN P 115 27.34 12.26 55.73
N SER P 116 27.38 13.57 55.93
CA SER P 116 26.51 14.48 55.20
C SER P 116 27.06 14.71 53.80
N ARG P 117 26.27 15.38 52.97
CA ARG P 117 26.65 15.69 51.60
C ARG P 117 26.31 17.13 51.28
N VAL P 118 27.04 17.69 50.31
CA VAL P 118 26.85 19.06 49.86
C VAL P 118 26.86 19.06 48.33
N MET P 119 25.99 19.88 47.75
CA MET P 119 25.88 19.99 46.29
C MET P 119 25.67 21.45 45.92
N ILE P 120 26.51 21.96 45.02
CA ILE P 120 26.44 23.34 44.56
C ILE P 120 26.36 23.35 43.04
N HIS P 121 25.49 24.19 42.50
CA HIS P 121 25.35 24.33 41.05
C HIS P 121 24.78 25.70 40.76
N GLN P 122 24.86 26.09 39.49
CA GLN P 122 24.37 27.39 39.08
C GLN P 122 22.85 27.38 39.03
N PRO P 123 22.21 28.56 39.06
CA PRO P 123 20.74 28.62 39.02
C PRO P 123 20.15 27.92 37.81
N LEU P 124 18.86 27.60 37.93
CA LEU P 124 18.09 26.96 36.88
C LEU P 124 16.87 27.81 36.57
N GLY P 125 16.44 27.78 35.32
CA GLY P 125 15.29 28.57 34.93
C GLY P 125 14.86 28.28 33.52
N GLY P 126 14.06 29.18 32.99
CA GLY P 126 13.56 29.06 31.64
C GLY P 126 12.37 29.95 31.41
N TYR P 127 12.05 30.17 30.13
CA TYR P 127 10.94 31.01 29.75
C TYR P 127 10.50 30.63 28.35
N GLN P 128 9.23 30.91 28.05
CA GLN P 128 8.63 30.61 26.76
C GLN P 128 7.83 31.83 26.33
N GLY P 129 8.14 32.34 25.14
CA GLY P 129 7.46 33.51 24.63
C GLY P 129 8.27 34.18 23.53
N GLN P 130 8.04 35.48 23.36
CA GLN P 130 8.74 36.24 22.35
C GLN P 130 10.23 36.33 22.66
N ALA P 131 11.01 36.62 21.62
CA ALA P 131 12.46 36.73 21.79
C ALA P 131 12.82 37.87 22.73
N THR P 132 12.07 38.96 22.68
CA THR P 132 12.35 40.10 23.55
C THR P 132 12.20 39.72 25.01
N ASP P 133 11.08 39.08 25.36
CA ASP P 133 10.86 38.67 26.74
C ASP P 133 11.93 37.68 27.20
N ILE P 134 12.42 36.83 26.29
CA ILE P 134 13.45 35.86 26.65
C ILE P 134 14.72 36.58 27.07
N GLU P 135 15.12 37.62 26.31
CA GLU P 135 16.31 38.39 26.64
C GLU P 135 16.19 38.99 28.04
N ILE P 136 15.00 39.44 28.41
CA ILE P 136 14.78 40.01 29.73
C ILE P 136 15.01 38.96 30.81
N HIS P 137 14.27 37.85 30.75
CA HIS P 137 14.43 36.80 31.74
C HIS P 137 15.82 36.19 31.71
N ALA P 138 16.48 36.21 30.54
CA ALA P 138 17.82 35.67 30.45
C ALA P 138 18.81 36.54 31.21
N ARG P 139 18.71 37.86 31.04
CA ARG P 139 19.60 38.77 31.75
C ARG P 139 19.37 38.68 33.27
N GLU P 140 18.11 38.50 33.67
CA GLU P 140 17.78 38.46 35.10
C GLU P 140 18.41 37.25 35.77
N ILE P 141 18.23 36.05 35.21
CA ILE P 141 18.79 34.85 35.83
C ILE P 141 20.31 34.92 35.81
N LEU P 142 20.89 35.62 34.83
CA LEU P 142 22.34 35.75 34.78
C LEU P 142 22.83 36.61 35.95
N LYS P 143 22.09 37.67 36.28
CA LYS P 143 22.46 38.51 37.40
C LYS P 143 22.42 37.71 38.70
N VAL P 144 21.42 36.84 38.84
CA VAL P 144 21.31 36.01 40.04
C VAL P 144 22.53 35.11 40.17
N LYS P 145 22.99 34.54 39.06
CA LYS P 145 24.17 33.68 39.08
C LYS P 145 25.39 34.46 39.55
N GLY P 146 25.59 35.66 39.02
CA GLY P 146 26.71 36.48 39.45
C GLY P 146 26.56 36.93 40.88
N ARG P 147 25.34 37.33 41.27
CA ARG P 147 25.08 37.79 42.63
C ARG P 147 25.31 36.67 43.63
N MET P 148 24.72 35.50 43.39
CA MET P 148 24.87 34.37 44.30
C MET P 148 26.32 33.92 44.38
N ASN P 149 27.04 33.97 43.26
CA ASN P 149 28.45 33.56 43.27
C ASN P 149 29.28 34.52 44.11
N GLU P 150 28.97 35.82 44.04
CA GLU P 150 29.69 36.81 44.83
C GLU P 150 29.54 36.53 46.31
N LEU P 151 28.31 36.24 46.75
CA LEU P 151 28.06 35.96 48.16
C LEU P 151 28.76 34.68 48.60
N MET P 152 28.74 33.66 47.74
CA MET P 152 29.39 32.39 48.09
C MET P 152 30.90 32.59 48.26
N ALA P 153 31.49 33.42 47.42
CA ALA P 153 32.92 33.70 47.54
C ALA P 153 33.24 34.42 48.84
N LEU P 154 32.34 35.32 49.27
CA LEU P 154 32.54 36.06 50.49
C LEU P 154 32.55 35.15 51.72
N HIS P 155 31.53 34.30 51.85
CA HIS P 155 31.45 33.43 53.03
C HIS P 155 32.51 32.35 52.99
N THR P 156 32.64 31.64 51.86
CA THR P 156 33.63 30.58 51.76
C THR P 156 35.05 31.13 51.75
N GLY P 157 35.25 32.31 51.14
CA GLY P 157 36.56 32.91 51.04
C GLY P 157 37.31 32.58 49.77
N GLN P 158 36.71 31.79 48.87
CA GLN P 158 37.34 31.45 47.62
C GLN P 158 37.19 32.59 46.63
N SER P 159 38.02 32.57 45.58
CA SER P 159 37.97 33.62 44.58
C SER P 159 36.73 33.47 43.72
N LEU P 160 36.26 34.59 43.18
CA LEU P 160 35.06 34.57 42.35
C LEU P 160 35.26 33.70 41.12
N GLU P 161 36.45 33.74 40.53
CA GLU P 161 36.72 32.92 39.35
C GLU P 161 36.63 31.44 39.69
N GLN P 162 37.16 31.04 40.85
CA GLN P 162 37.11 29.64 41.26
C GLN P 162 35.68 29.18 41.48
N ILE P 163 34.85 30.04 42.07
CA ILE P 163 33.46 29.67 42.32
C ILE P 163 32.71 29.48 41.00
N GLU P 164 32.95 30.38 40.04
CA GLU P 164 32.29 30.26 38.75
C GLU P 164 32.67 28.97 38.04
N ARG P 165 33.94 28.58 38.13
CA ARG P 165 34.38 27.35 37.49
C ARG P 165 33.78 26.12 38.17
N ASP P 166 33.61 26.16 39.49
CA ASP P 166 33.07 25.03 40.22
C ASP P 166 31.54 24.99 40.20
N THR P 167 30.88 26.09 39.84
CA THR P 167 29.43 26.14 39.79
C THR P 167 28.85 25.94 38.39
N GLU P 168 29.69 25.89 37.36
CA GLU P 168 29.20 25.67 36.00
C GLU P 168 28.44 24.35 35.87
N ARG P 169 28.77 23.37 36.71
CA ARG P 169 28.13 22.07 36.71
C ARG P 169 27.99 21.59 38.15
N ASP P 170 27.09 20.62 38.34
CA ASP P 170 26.87 20.05 39.66
C ASP P 170 28.17 19.53 40.25
N ARG P 171 28.52 20.02 41.44
CA ARG P 171 29.73 19.63 42.14
C ARG P 171 29.34 19.12 43.52
N PHE P 172 29.72 17.88 43.82
CA PHE P 172 29.42 17.26 45.11
C PHE P 172 30.65 17.37 46.01
N LEU P 173 30.40 17.55 47.30
CA LEU P 173 31.47 17.68 48.28
C LEU P 173 31.06 17.04 49.59
N SER P 174 31.99 16.30 50.19
CA SER P 174 31.75 15.64 51.46
C SER P 174 32.10 16.61 52.60
N ALA P 175 31.84 16.17 53.83
CA ALA P 175 32.16 17.01 54.99
C ALA P 175 33.62 17.42 55.05
N PRO P 176 34.60 16.51 54.88
CA PRO P 176 36.00 16.96 54.91
C PRO P 176 36.33 17.93 53.79
N GLU P 177 35.77 17.69 52.60
CA GLU P 177 36.04 18.56 51.46
C GLU P 177 35.42 19.94 51.65
N ALA P 178 34.24 19.99 52.28
CA ALA P 178 33.58 21.26 52.51
C ALA P 178 34.38 22.15 53.45
N VAL P 179 35.05 21.55 54.43
CA VAL P 179 35.86 22.32 55.38
C VAL P 179 37.01 23.00 54.63
N GLU P 180 37.67 22.25 53.75
CA GLU P 180 38.78 22.81 52.98
C GLU P 180 38.29 23.89 52.04
N TYR P 181 37.12 23.70 51.42
CA TYR P 181 36.59 24.69 50.51
C TYR P 181 36.20 25.97 51.23
N GLY P 182 35.71 25.85 52.46
CA GLY P 182 35.29 26.99 53.28
C GLY P 182 33.80 27.08 53.51
N LEU P 183 33.01 26.14 52.99
CA LEU P 183 31.57 26.17 53.21
C LEU P 183 31.22 26.01 54.68
N VAL P 184 31.98 25.19 55.40
CA VAL P 184 31.75 24.92 56.82
C VAL P 184 33.07 25.08 57.57
N ASP P 185 32.96 25.33 58.86
CA ASP P 185 34.12 25.57 59.71
C ASP P 185 34.67 24.29 60.36
N SER P 186 33.80 23.36 60.76
CA SER P 186 34.27 22.14 61.42
C SER P 186 33.23 21.05 61.27
N ILE P 187 33.64 19.84 61.62
CA ILE P 187 32.80 18.65 61.55
C ILE P 187 32.47 18.21 62.97
N LEU P 188 31.18 17.97 63.22
CA LEU P 188 30.70 17.51 64.52
C LEU P 188 30.59 16.00 64.46
N THR P 189 31.51 15.31 65.13
CA THR P 189 31.54 13.85 65.15
C THR P 189 30.99 13.25 66.44
N HIS P 190 31.41 13.77 67.58
CA HIS P 190 30.94 13.27 68.87
C HIS P 190 30.78 14.43 69.85
N ARG P 191 29.79 14.28 70.73
CA ARG P 191 29.55 15.28 71.76
C ARG P 191 30.67 15.28 72.80
N ASN P 192 31.22 14.09 73.08
CA ASN P 192 32.28 13.96 74.08
C ASN P 192 33.51 14.79 73.71
N GLU P 193 33.82 14.89 72.41
CA GLU P 193 34.99 15.67 71.99
C GLU P 193 34.89 17.12 72.43
N ASN P 194 33.70 17.71 72.34
CA ASN P 194 33.49 19.09 72.76
C ASN P 194 32.00 19.42 72.82
N LEU Q 1 3.50 21.90 59.48
CA LEU Q 1 2.86 22.15 60.77
C LEU Q 1 3.43 23.42 61.39
N VAL Q 2 2.56 24.40 61.61
CA VAL Q 2 3.00 25.68 62.20
C VAL Q 2 3.45 25.44 63.64
N PRO Q 3 4.60 25.96 64.06
CA PRO Q 3 5.02 25.74 65.45
C PRO Q 3 4.26 26.66 66.41
N MET Q 4 4.17 26.20 67.66
CA MET Q 4 3.49 26.94 68.72
C MET Q 4 4.50 27.65 69.59
N VAL Q 5 4.20 28.91 69.91
CA VAL Q 5 5.02 29.75 70.77
C VAL Q 5 4.22 30.08 72.01
N ILE Q 6 4.93 30.31 73.12
CA ILE Q 6 4.32 30.58 74.41
C ILE Q 6 4.46 32.05 74.74
N GLU Q 7 3.35 32.70 75.05
CA GLU Q 7 3.34 34.10 75.45
C GLU Q 7 3.02 34.13 76.94
N GLN Q 8 3.99 34.56 77.74
CA GLN Q 8 3.86 34.64 79.19
C GLN Q 8 3.56 36.08 79.59
N THR Q 9 2.41 36.31 80.21
CA THR Q 9 1.99 37.62 80.66
C THR Q 9 1.75 37.58 82.17
N SER Q 10 1.48 38.75 82.75
CA SER Q 10 1.26 38.87 84.19
C SER Q 10 0.18 37.90 84.67
N ARG Q 11 -0.87 37.71 83.88
CA ARG Q 11 -1.94 36.79 84.27
C ARG Q 11 -1.45 35.35 84.29
N GLY Q 12 -0.62 34.97 83.34
CA GLY Q 12 -0.11 33.62 83.28
C GLY Q 12 0.33 33.23 81.88
N GLU Q 13 0.75 31.98 81.77
CA GLU Q 13 1.23 31.44 80.50
C GLU Q 13 0.11 31.33 79.47
N ARG Q 14 0.44 31.67 78.23
CA ARG Q 14 -0.48 31.58 77.10
C ARG Q 14 0.22 30.88 75.95
N SER Q 15 -0.57 30.36 75.01
CA SER Q 15 -0.07 29.63 73.86
C SER Q 15 -0.59 30.26 72.57
N PHE Q 16 0.31 30.42 71.59
CA PHE Q 16 -0.04 31.02 70.30
C PHE Q 16 0.77 30.37 69.19
N ASP Q 17 0.22 30.44 67.97
CA ASP Q 17 0.94 29.96 66.81
C ASP Q 17 1.91 31.05 66.36
N ILE Q 18 2.88 30.67 65.53
CA ILE Q 18 3.89 31.63 65.09
C ILE Q 18 3.26 32.82 64.37
N TYR Q 19 2.27 32.57 63.50
CA TYR Q 19 1.65 33.67 62.78
C TYR Q 19 0.78 34.53 63.69
N SER Q 20 0.02 33.91 64.60
CA SER Q 20 -0.83 34.67 65.51
C SER Q 20 0.00 35.52 66.46
N ARG Q 21 1.12 34.99 66.95
CA ARG Q 21 1.96 35.75 67.87
C ARG Q 21 2.47 37.03 67.21
N LEU Q 22 2.91 36.94 65.96
CA LEU Q 22 3.39 38.13 65.26
C LEU Q 22 2.26 39.09 64.92
N LEU Q 23 1.02 38.61 64.86
CA LEU Q 23 -0.10 39.50 64.56
C LEU Q 23 -0.32 40.49 65.69
N LYS Q 24 0.05 40.12 66.92
CA LYS Q 24 -0.08 41.04 68.05
C LYS Q 24 0.87 42.22 67.90
N GLU Q 25 2.01 42.01 67.24
CA GLU Q 25 3.00 43.05 66.99
C GLU Q 25 2.69 43.88 65.75
N ARG Q 26 1.48 43.77 65.19
CA ARG Q 26 1.07 44.53 64.01
C ARG Q 26 1.90 44.12 62.78
N VAL Q 27 2.10 42.81 62.62
CA VAL Q 27 2.87 42.25 61.51
C VAL Q 27 1.95 41.31 60.74
N ILE Q 28 1.74 41.60 59.46
CA ILE Q 28 0.89 40.81 58.57
C ILE Q 28 1.77 40.17 57.50
N PHE Q 29 1.43 38.95 57.12
CA PHE Q 29 2.19 38.19 56.12
C PHE Q 29 1.37 38.02 54.85
N LEU Q 30 1.96 38.39 53.72
CA LEU Q 30 1.34 38.27 52.39
C LEU Q 30 2.17 37.25 51.63
N THR Q 31 1.79 35.97 51.75
CA THR Q 31 2.49 34.86 51.12
C THR Q 31 1.61 34.18 50.09
N GLY Q 32 2.21 33.77 48.98
CA GLY Q 32 1.53 33.07 47.92
C GLY Q 32 0.81 33.99 46.95
N GLN Q 33 0.12 33.35 46.00
CA GLN Q 33 -0.62 34.08 44.97
C GLN Q 33 -1.69 34.96 45.59
N VAL Q 34 -1.89 36.14 45.00
CA VAL Q 34 -2.88 37.09 45.49
C VAL Q 34 -4.24 36.69 44.94
N GLU Q 35 -5.11 36.18 45.82
CA GLU Q 35 -6.46 35.78 45.48
C GLU Q 35 -7.42 36.47 46.44
N ASP Q 36 -8.72 36.31 46.16
CA ASP Q 36 -9.74 36.93 46.99
C ASP Q 36 -9.74 36.40 48.41
N HIS Q 37 -9.55 35.07 48.57
CA HIS Q 37 -9.59 34.48 49.89
C HIS Q 37 -8.45 34.98 50.79
N MET Q 38 -7.21 34.91 50.29
CA MET Q 38 -6.09 35.37 51.11
C MET Q 38 -6.14 36.88 51.31
N ALA Q 39 -6.53 37.62 50.27
CA ALA Q 39 -6.62 39.07 50.40
C ALA Q 39 -7.69 39.47 51.40
N ASN Q 40 -8.81 38.76 51.41
CA ASN Q 40 -9.87 39.06 52.37
C ASN Q 40 -9.39 38.85 53.80
N LEU Q 41 -8.55 37.82 54.00
CA LEU Q 41 -8.00 37.57 55.33
C LEU Q 41 -7.13 38.72 55.80
N ILE Q 42 -6.30 39.26 54.89
CA ILE Q 42 -5.43 40.37 55.24
C ILE Q 42 -6.25 41.60 55.58
N VAL Q 43 -7.36 41.80 54.86
CA VAL Q 43 -8.23 42.95 55.12
C VAL Q 43 -8.77 42.89 56.54
N ALA Q 44 -9.15 41.69 57.00
CA ALA Q 44 -9.65 41.54 58.36
C ALA Q 44 -8.57 41.90 59.38
N GLN Q 45 -7.33 41.47 59.12
CA GLN Q 45 -6.24 41.77 60.04
C GLN Q 45 -5.97 43.26 60.11
N MET Q 46 -6.02 43.95 58.98
CA MET Q 46 -5.76 45.39 58.97
C MET Q 46 -6.84 46.14 59.74
N LEU Q 47 -8.09 45.69 59.66
CA LEU Q 47 -9.16 46.36 60.40
C LEU Q 47 -9.07 46.06 61.88
N PHE Q 48 -8.68 44.83 62.24
CA PHE Q 48 -8.56 44.48 63.66
C PHE Q 48 -7.48 45.30 64.33
N LEU Q 49 -6.34 45.47 63.68
CA LEU Q 49 -5.26 46.26 64.24
C LEU Q 49 -5.65 47.72 64.39
N GLU Q 50 -6.46 48.24 63.47
CA GLU Q 50 -6.90 49.63 63.56
C GLU Q 50 -7.71 49.87 64.81
N ALA Q 51 -8.62 48.95 65.14
CA ALA Q 51 -9.43 49.12 66.35
C ALA Q 51 -8.57 49.03 67.60
N GLU Q 52 -7.62 48.09 67.62
CA GLU Q 52 -6.73 47.94 68.76
C GLU Q 52 -5.95 49.21 69.00
N ASN Q 53 -5.31 49.74 67.96
CA ASN Q 53 -4.52 50.97 68.05
C ASN Q 53 -4.56 51.63 66.67
N PRO Q 54 -5.45 52.60 66.44
CA PRO Q 54 -5.55 53.22 65.12
C PRO Q 54 -4.44 54.21 64.78
N GLU Q 55 -3.44 54.39 65.64
CA GLU Q 55 -2.33 55.31 65.38
C GLU Q 55 -0.98 54.60 65.23
N LYS Q 56 -0.85 53.38 65.71
CA LYS Q 56 0.42 52.68 65.63
C LYS Q 56 0.63 52.10 64.24
N ASP Q 57 1.87 52.18 63.75
CA ASP Q 57 2.20 51.70 62.42
C ASP Q 57 2.07 50.19 62.33
N ILE Q 58 1.63 49.73 61.17
CA ILE Q 58 1.47 48.32 60.86
C ILE Q 58 2.58 47.93 59.91
N TYR Q 59 3.01 46.68 60.00
CA TYR Q 59 4.09 46.15 59.16
C TYR Q 59 3.52 45.05 58.29
N LEU Q 60 3.81 45.11 57.00
CA LEU Q 60 3.32 44.15 56.01
C LEU Q 60 4.51 43.57 55.25
N TYR Q 61 4.75 42.27 55.42
CA TYR Q 61 5.81 41.58 54.72
C TYR Q 61 5.19 40.95 53.47
N ILE Q 62 5.85 41.14 52.33
CA ILE Q 62 5.32 40.67 51.04
C ILE Q 62 6.33 39.78 50.36
N ASN Q 63 5.93 38.52 50.13
CA ASN Q 63 6.72 37.54 49.40
C ASN Q 63 5.67 36.77 48.60
N SER Q 64 5.44 37.21 47.36
CA SER Q 64 4.41 36.60 46.52
C SER Q 64 4.75 36.79 45.05
N PRO Q 65 4.38 35.85 44.18
CA PRO Q 65 4.64 36.01 42.75
C PRO Q 65 3.58 36.78 41.99
N GLY Q 66 2.67 37.45 42.68
CA GLY Q 66 1.59 38.19 42.07
C GLY Q 66 0.32 37.38 42.00
N GLY Q 67 -0.70 37.98 41.40
CA GLY Q 67 -1.98 37.30 41.27
C GLY Q 67 -3.09 38.15 40.72
N VAL Q 68 -4.31 37.91 41.22
CA VAL Q 68 -5.47 38.65 40.75
C VAL Q 68 -5.31 40.14 41.09
N ILE Q 69 -5.90 40.99 40.25
CA ILE Q 69 -5.82 42.43 40.45
C ILE Q 69 -6.92 42.88 41.40
N THR Q 70 -8.14 42.36 41.22
CA THR Q 70 -9.25 42.74 42.10
C THR Q 70 -8.93 42.44 43.56
N ALA Q 71 -8.32 41.28 43.82
CA ALA Q 71 -7.96 40.93 45.19
C ALA Q 71 -6.95 41.92 45.76
N GLY Q 72 -5.94 42.26 44.97
CA GLY Q 72 -4.95 43.23 45.42
C GLY Q 72 -5.53 44.60 45.68
N MET Q 73 -6.55 44.99 44.90
CA MET Q 73 -7.17 46.29 45.09
C MET Q 73 -7.81 46.41 46.47
N SER Q 74 -8.34 45.30 47.00
CA SER Q 74 -8.94 45.32 48.33
C SER Q 74 -7.91 45.71 49.38
N ILE Q 75 -6.69 45.16 49.25
CA ILE Q 75 -5.63 45.48 50.20
C ILE Q 75 -5.19 46.93 50.04
N TYR Q 76 -5.01 47.38 48.79
CA TYR Q 76 -4.57 48.73 48.53
C TYR Q 76 -5.58 49.75 49.04
N ASP Q 77 -6.85 49.57 48.68
CA ASP Q 77 -7.88 50.50 49.14
C ASP Q 77 -8.01 50.48 50.66
N THR Q 78 -7.82 49.31 51.27
CA THR Q 78 -7.92 49.22 52.72
C THR Q 78 -6.77 49.96 53.39
N MET Q 79 -5.55 49.83 52.87
CA MET Q 79 -4.41 50.51 53.47
C MET Q 79 -4.57 52.03 53.41
N GLN Q 80 -5.04 52.54 52.28
CA GLN Q 80 -5.22 53.98 52.13
C GLN Q 80 -6.43 54.50 52.87
N PHE Q 81 -7.35 53.62 53.28
CA PHE Q 81 -8.54 54.05 53.99
C PHE Q 81 -8.28 54.22 55.48
N ILE Q 82 -7.65 53.22 56.10
CA ILE Q 82 -7.38 53.29 57.53
C ILE Q 82 -6.33 54.36 57.83
N LYS Q 83 -6.31 54.81 59.07
CA LYS Q 83 -5.40 55.83 59.55
C LYS Q 83 -3.96 55.34 59.79
N PRO Q 84 -3.74 54.15 60.38
CA PRO Q 84 -2.36 53.69 60.58
C PRO Q 84 -1.54 53.66 59.30
N ASP Q 85 -0.24 53.93 59.46
CA ASP Q 85 0.69 53.91 58.34
C ASP Q 85 1.19 52.47 58.19
N VAL Q 86 0.93 51.87 57.05
CA VAL Q 86 1.31 50.49 56.77
C VAL Q 86 2.70 50.49 56.15
N SER Q 87 3.70 50.05 56.93
CA SER Q 87 5.06 49.97 56.44
C SER Q 87 5.20 48.67 55.67
N THR Q 88 5.52 48.78 54.38
CA THR Q 88 5.64 47.62 53.50
C THR Q 88 7.09 47.19 53.36
N ILE Q 89 7.30 45.88 53.44
CA ILE Q 89 8.62 45.26 53.30
C ILE Q 89 8.47 44.08 52.36
N CYS Q 90 9.42 43.95 51.41
CA CYS Q 90 9.40 42.86 50.44
C CYS Q 90 10.53 41.89 50.77
N MET Q 91 10.21 40.60 50.74
CA MET Q 91 11.17 39.53 51.02
C MET Q 91 11.12 38.54 49.87
N GLY Q 92 12.29 38.24 49.30
CA GLY Q 92 12.37 37.30 48.20
C GLY Q 92 12.07 37.89 46.84
N GLN Q 93 10.80 38.20 46.57
CA GLN Q 93 10.43 38.76 45.29
C GLN Q 93 9.12 39.51 45.39
N ALA Q 94 8.91 40.43 44.46
CA ALA Q 94 7.71 41.25 44.40
C ALA Q 94 7.29 41.37 42.95
N ALA Q 95 6.13 40.82 42.62
CA ALA Q 95 5.59 40.85 41.27
C ALA Q 95 4.71 42.08 41.09
N SER Q 96 3.98 42.13 39.97
CA SER Q 96 3.07 43.23 39.63
C SER Q 96 2.22 43.67 40.82
N MET Q 97 1.48 42.73 41.42
CA MET Q 97 0.65 43.08 42.56
C MET Q 97 1.48 43.27 43.82
N GLY Q 98 2.49 42.42 44.01
CA GLY Q 98 3.35 42.57 45.19
C GLY Q 98 4.06 43.90 45.19
N ALA Q 99 4.55 44.32 44.02
CA ALA Q 99 5.24 45.60 43.91
C ALA Q 99 4.27 46.76 44.05
N PHE Q 100 3.05 46.62 43.51
CA PHE Q 100 2.06 47.68 43.62
C PHE Q 100 1.69 47.92 45.08
N LEU Q 101 1.55 46.85 45.85
CA LEU Q 101 1.25 47.01 47.27
C LEU Q 101 2.47 47.51 48.03
N LEU Q 102 3.66 47.08 47.61
CA LEU Q 102 4.89 47.52 48.25
C LEU Q 102 5.05 49.03 48.14
N THR Q 103 4.98 49.55 46.92
CA THR Q 103 5.10 51.00 46.73
C THR Q 103 3.90 51.75 47.27
N ALA Q 104 2.79 51.08 47.56
CA ALA Q 104 1.61 51.74 48.09
C ALA Q 104 1.72 52.04 49.58
N GLY Q 105 2.75 51.55 50.26
CA GLY Q 105 2.92 51.81 51.67
C GLY Q 105 3.11 53.29 51.95
N ALA Q 106 3.13 53.61 53.25
CA ALA Q 106 3.30 54.98 53.67
C ALA Q 106 4.66 55.51 53.27
N LYS Q 107 4.69 56.76 52.81
CA LYS Q 107 5.93 57.39 52.39
C LYS Q 107 6.94 57.40 53.54
N GLY Q 108 8.18 57.03 53.22
CA GLY Q 108 9.23 56.97 54.20
C GLY Q 108 9.23 55.70 55.04
N LYS Q 109 8.28 54.78 54.81
CA LYS Q 109 8.21 53.52 55.54
C LYS Q 109 8.16 52.32 54.59
N ARG Q 110 8.70 52.48 53.38
CA ARG Q 110 8.75 51.42 52.38
C ARG Q 110 10.21 50.97 52.29
N PHE Q 111 10.46 49.72 52.69
CA PHE Q 111 11.80 49.16 52.72
C PHE Q 111 11.85 47.87 51.90
N CYS Q 112 13.09 47.47 51.59
CA CYS Q 112 13.33 46.27 50.81
C CYS Q 112 14.61 45.62 51.31
N LEU Q 113 14.69 44.30 51.18
CA LEU Q 113 15.88 43.57 51.60
C LEU Q 113 16.98 43.73 50.54
N PRO Q 114 18.24 43.56 50.93
CA PRO Q 114 19.33 43.77 49.95
C PRO Q 114 19.30 42.85 48.75
N ASN Q 115 19.05 41.55 48.93
CA ASN Q 115 19.06 40.59 47.84
C ASN Q 115 17.67 40.31 47.27
N SER Q 116 16.69 41.14 47.60
CA SER Q 116 15.35 40.96 47.07
C SER Q 116 15.30 41.47 45.62
N ARG Q 117 14.20 41.16 44.95
CA ARG Q 117 14.00 41.54 43.56
C ARG Q 117 12.55 41.97 43.37
N VAL Q 118 12.34 42.80 42.35
CA VAL Q 118 11.03 43.33 42.02
C VAL Q 118 10.79 43.22 40.53
N MET Q 119 9.54 42.94 40.17
CA MET Q 119 9.14 42.80 38.77
C MET Q 119 7.80 43.49 38.57
N ILE Q 120 7.75 44.40 37.60
CA ILE Q 120 6.55 45.16 37.27
C ILE Q 120 6.19 44.91 35.82
N HIS Q 121 4.90 44.68 35.57
CA HIS Q 121 4.41 44.42 34.22
C HIS Q 121 2.96 44.86 34.14
N GLN Q 122 2.47 44.97 32.90
CA GLN Q 122 1.11 45.39 32.66
C GLN Q 122 0.13 44.26 32.95
N PRO Q 123 -1.15 44.57 33.14
CA PRO Q 123 -2.13 43.50 33.45
C PRO Q 123 -2.20 42.44 32.37
N LEU Q 124 -2.63 41.25 32.78
CA LEU Q 124 -2.80 40.09 31.90
C LEU Q 124 -4.25 39.63 31.97
N GLY Q 125 -4.87 39.47 30.81
CA GLY Q 125 -6.25 39.05 30.77
C GLY Q 125 -6.58 38.41 29.43
N GLY Q 126 -7.74 37.76 29.39
CA GLY Q 126 -8.20 37.12 28.19
C GLY Q 126 -9.67 36.82 28.26
N TYR Q 127 -10.33 36.86 27.10
CA TYR Q 127 -11.75 36.59 27.01
C TYR Q 127 -12.05 35.87 25.70
N GLN Q 128 -13.03 34.97 25.76
CA GLN Q 128 -13.47 34.20 24.60
C GLN Q 128 -14.97 34.40 24.43
N GLY Q 129 -15.38 34.76 23.22
CA GLY Q 129 -16.78 35.00 22.96
C GLY Q 129 -16.96 35.85 21.71
N GLN Q 130 -18.14 36.45 21.61
CA GLN Q 130 -18.47 37.28 20.48
C GLN Q 130 -17.60 38.54 20.45
N ALA Q 131 -17.44 39.11 19.26
CA ALA Q 131 -16.62 40.31 19.09
C ALA Q 131 -17.12 41.46 19.94
N THR Q 132 -18.44 41.58 20.12
CA THR Q 132 -18.98 42.66 20.94
C THR Q 132 -18.50 42.55 22.38
N ASP Q 133 -18.61 41.36 22.96
CA ASP Q 133 -18.15 41.15 24.33
C ASP Q 133 -16.65 41.37 24.46
N ILE Q 134 -15.89 41.09 23.41
CA ILE Q 134 -14.44 41.28 23.45
C ILE Q 134 -14.12 42.77 23.62
N GLU Q 135 -14.81 43.62 22.86
CA GLU Q 135 -14.59 45.06 22.97
C GLU Q 135 -14.83 45.55 24.39
N ILE Q 136 -15.87 45.00 25.03
CA ILE Q 136 -16.20 45.38 26.40
C ILE Q 136 -15.05 45.02 27.35
N HIS Q 137 -14.68 43.74 27.39
CA HIS Q 137 -13.60 43.30 28.26
C HIS Q 137 -12.28 43.95 27.88
N ALA Q 138 -12.07 44.21 26.58
CA ALA Q 138 -10.83 44.85 26.15
C ALA Q 138 -10.73 46.26 26.71
N ARG Q 139 -11.82 47.04 26.61
CA ARG Q 139 -11.83 48.38 27.14
C ARG Q 139 -11.67 48.36 28.66
N GLU Q 140 -12.25 47.36 29.32
CA GLU Q 140 -12.18 47.26 30.77
C GLU Q 140 -10.75 47.05 31.24
N ILE Q 141 -10.06 46.07 30.67
CA ILE Q 141 -8.68 45.80 31.08
C ILE Q 141 -7.79 46.98 30.72
N LEU Q 142 -8.10 47.69 29.65
CA LEU Q 142 -7.29 48.85 29.27
C LEU Q 142 -7.40 49.94 30.32
N LYS Q 143 -8.60 50.17 30.84
CA LYS Q 143 -8.78 51.18 31.89
C LYS Q 143 -8.00 50.80 33.13
N VAL Q 144 -7.97 49.51 33.47
CA VAL Q 144 -7.22 49.04 34.62
C VAL Q 144 -5.75 49.33 34.45
N LYS Q 145 -5.23 49.12 33.23
CA LYS Q 145 -3.83 49.38 32.95
C LYS Q 145 -3.49 50.85 33.20
N GLY Q 146 -4.31 51.75 32.66
CA GLY Q 146 -4.07 53.16 32.87
C GLY Q 146 -4.27 53.57 34.31
N ARG Q 147 -5.31 53.04 34.96
CA ARG Q 147 -5.59 53.36 36.36
C ARG Q 147 -4.43 52.94 37.25
N MET Q 148 -3.97 51.70 37.09
CA MET Q 148 -2.88 51.21 37.93
C MET Q 148 -1.58 51.98 37.66
N ASN Q 149 -1.35 52.37 36.41
CA ASN Q 149 -0.15 53.12 36.08
C ASN Q 149 -0.18 54.50 36.73
N GLU Q 150 -1.37 55.10 36.83
CA GLU Q 150 -1.49 56.41 37.46
C GLU Q 150 -1.11 56.34 38.93
N LEU Q 151 -1.60 55.32 39.63
CA LEU Q 151 -1.28 55.16 41.03
C LEU Q 151 0.21 54.92 41.24
N MET Q 152 0.82 54.12 40.37
CA MET Q 152 2.25 53.83 40.49
C MET Q 152 3.06 55.12 40.31
N ALA Q 153 2.64 55.98 39.40
CA ALA Q 153 3.33 57.25 39.19
C ALA Q 153 3.21 58.14 40.42
N LEU Q 154 2.09 58.03 41.14
CA LEU Q 154 1.88 58.85 42.33
C LEU Q 154 2.79 58.42 43.48
N HIS Q 155 2.87 57.12 43.73
CA HIS Q 155 3.69 56.63 44.83
C HIS Q 155 5.18 56.70 44.50
N THR Q 156 5.55 56.33 43.27
CA THR Q 156 6.95 56.37 42.87
C THR Q 156 7.42 57.77 42.48
N GLY Q 157 6.49 58.66 42.13
CA GLY Q 157 6.85 60.00 41.71
C GLY Q 157 7.33 60.10 40.29
N GLN Q 158 7.39 58.99 39.55
CA GLN Q 158 7.82 59.01 38.16
C GLN Q 158 6.67 59.53 37.29
N SER Q 159 7.04 59.99 36.09
CA SER Q 159 6.03 60.49 35.18
C SER Q 159 5.18 59.34 34.65
N LEU Q 160 3.94 59.64 34.29
CA LEU Q 160 3.05 58.61 33.76
C LEU Q 160 3.59 58.03 32.47
N GLU Q 161 4.21 58.86 31.64
CA GLU Q 161 4.78 58.38 30.38
C GLU Q 161 5.90 57.38 30.64
N GLN Q 162 6.74 57.65 31.62
CA GLN Q 162 7.83 56.74 31.94
C GLN Q 162 7.31 55.40 32.44
N ILE Q 163 6.29 55.42 33.31
CA ILE Q 163 5.72 54.19 33.84
C ILE Q 163 5.11 53.37 32.72
N GLU Q 164 4.42 54.04 31.78
CA GLU Q 164 3.80 53.34 30.66
C GLU Q 164 4.83 52.59 29.82
N ARG Q 165 5.98 53.23 29.55
CA ARG Q 165 7.01 52.58 28.74
C ARG Q 165 7.60 51.36 29.45
N ASP Q 166 7.85 51.47 30.76
CA ASP Q 166 8.42 50.35 31.50
C ASP Q 166 7.41 49.23 31.69
N THR Q 167 6.15 49.58 31.95
CA THR Q 167 5.11 48.57 32.17
C THR Q 167 4.79 47.77 30.92
N GLU Q 168 5.09 48.29 29.73
CA GLU Q 168 4.82 47.59 28.47
C GLU Q 168 5.28 46.14 28.51
N ARG Q 169 6.48 45.90 29.05
CA ARG Q 169 7.04 44.56 29.17
C ARG Q 169 7.58 44.38 30.58
N ASP Q 170 7.80 43.12 30.95
CA ASP Q 170 8.31 42.79 32.27
C ASP Q 170 9.65 43.48 32.50
N ARG Q 171 9.72 44.28 33.57
CA ARG Q 171 10.93 45.00 33.94
C ARG Q 171 11.34 44.55 35.33
N PHE Q 172 12.58 44.10 35.46
CA PHE Q 172 13.11 43.63 36.73
C PHE Q 172 13.95 44.74 37.36
N LEU Q 173 13.93 44.79 38.69
CA LEU Q 173 14.68 45.80 39.43
C LEU Q 173 15.18 45.21 40.73
N SER Q 174 16.42 45.53 41.07
CA SER Q 174 17.04 45.10 42.32
C SER Q 174 16.70 46.09 43.41
N ALA Q 175 17.11 45.78 44.64
CA ALA Q 175 16.84 46.68 45.76
C ALA Q 175 17.42 48.07 45.55
N PRO Q 176 18.69 48.24 45.16
CA PRO Q 176 19.19 49.61 44.93
C PRO Q 176 18.47 50.31 43.80
N GLU Q 177 18.16 49.58 42.73
CA GLU Q 177 17.46 50.18 41.58
C GLU Q 177 16.07 50.66 41.99
N ALA Q 178 15.40 49.89 42.85
CA ALA Q 178 14.07 50.28 43.31
C ALA Q 178 14.12 51.60 44.08
N VAL Q 179 15.20 51.81 44.85
CA VAL Q 179 15.35 53.05 45.61
C VAL Q 179 15.42 54.24 44.66
N GLU Q 180 16.27 54.13 43.64
CA GLU Q 180 16.40 55.20 42.66
C GLU Q 180 15.12 55.40 41.87
N TYR Q 181 14.35 54.32 41.68
CA TYR Q 181 13.09 54.40 40.95
C TYR Q 181 11.93 54.90 41.79
N GLY Q 182 12.16 55.21 43.07
CA GLY Q 182 11.12 55.69 43.95
C GLY Q 182 10.15 54.62 44.42
N LEU Q 183 10.37 53.35 44.09
CA LEU Q 183 9.47 52.30 44.55
C LEU Q 183 9.59 52.09 46.05
N VAL Q 184 10.81 52.24 46.59
CA VAL Q 184 11.08 52.10 48.01
C VAL Q 184 11.94 53.29 48.45
N ASP Q 185 12.27 53.33 49.73
CA ASP Q 185 13.04 54.43 50.32
C ASP Q 185 14.43 54.02 50.74
N SER Q 186 14.57 52.97 51.55
CA SER Q 186 15.86 52.53 52.05
C SER Q 186 15.94 51.01 52.03
N ILE Q 187 17.16 50.51 52.21
CA ILE Q 187 17.46 49.08 52.24
C ILE Q 187 17.85 48.73 53.67
N LEU Q 188 17.19 47.71 54.22
CA LEU Q 188 17.46 47.27 55.59
C LEU Q 188 18.57 46.23 55.57
N THR Q 189 19.80 46.73 55.37
CA THR Q 189 20.96 45.85 55.30
C THR Q 189 21.20 45.15 56.63
N HIS Q 190 21.17 45.90 57.73
CA HIS Q 190 21.40 45.35 59.06
C HIS Q 190 20.52 46.07 60.06
N ARG Q 191 20.30 45.41 61.20
CA ARG Q 191 19.48 46.01 62.26
C ARG Q 191 20.14 47.26 62.80
N ASN Q 192 21.44 47.21 63.06
CA ASN Q 192 22.20 48.35 63.59
C ASN Q 192 21.62 48.87 64.89
N LEU R 1 -3.41 29.35 57.42
CA LEU R 1 -4.43 29.12 58.43
C LEU R 1 -4.89 30.46 59.00
N VAL R 2 -6.07 30.47 59.61
CA VAL R 2 -6.62 31.71 60.18
C VAL R 2 -5.77 32.12 61.39
N PRO R 3 -5.40 33.39 61.54
CA PRO R 3 -4.62 33.80 62.72
C PRO R 3 -5.53 34.10 63.90
N MET R 4 -5.14 33.59 65.07
CA MET R 4 -5.93 33.79 66.27
C MET R 4 -5.71 35.20 66.84
N VAL R 5 -6.76 35.71 67.47
CA VAL R 5 -6.74 37.05 68.09
C VAL R 5 -7.43 36.94 69.44
N ILE R 6 -6.80 37.50 70.47
CA ILE R 6 -7.30 37.44 71.83
C ILE R 6 -8.32 38.55 72.06
N GLU R 7 -9.42 38.20 72.71
CA GLU R 7 -10.47 39.12 73.08
C GLU R 7 -10.35 39.36 74.58
N GLN R 8 -10.11 40.62 74.95
CA GLN R 8 -9.91 40.99 76.35
C GLN R 8 -11.18 41.61 76.93
N THR R 9 -11.73 40.99 77.97
CA THR R 9 -12.91 41.46 78.67
C THR R 9 -12.66 41.38 80.17
N SER R 10 -13.61 41.93 80.93
CA SER R 10 -13.51 41.93 82.38
C SER R 10 -13.40 40.51 82.96
N ARG R 11 -14.18 39.57 82.40
CA ARG R 11 -14.15 38.21 82.92
C ARG R 11 -12.79 37.54 82.69
N GLY R 12 -12.18 37.77 81.54
CA GLY R 12 -10.89 37.18 81.24
C GLY R 12 -10.59 37.19 79.76
N GLU R 13 -9.57 36.41 79.40
CA GLU R 13 -9.11 36.31 78.02
C GLU R 13 -9.87 35.23 77.26
N ARG R 14 -10.17 35.53 75.99
CA ARG R 14 -10.87 34.61 75.11
C ARG R 14 -10.16 34.63 73.76
N SER R 15 -9.81 33.45 73.26
CA SER R 15 -9.10 33.31 71.99
C SER R 15 -10.10 33.04 70.86
N PHE R 16 -10.06 33.87 69.83
CA PHE R 16 -10.96 33.75 68.68
C PHE R 16 -10.18 33.93 67.38
N ASP R 17 -10.70 33.32 66.33
CA ASP R 17 -10.11 33.47 65.01
C ASP R 17 -10.46 34.86 64.47
N ILE R 18 -9.70 35.30 63.46
CA ILE R 18 -9.90 36.62 62.87
C ILE R 18 -11.33 36.78 62.36
N TYR R 19 -11.91 35.71 61.80
CA TYR R 19 -13.27 35.82 61.28
C TYR R 19 -14.29 35.92 62.40
N SER R 20 -14.12 35.10 63.45
CA SER R 20 -15.07 35.15 64.56
C SER R 20 -14.96 36.46 65.32
N ARG R 21 -13.74 37.00 65.46
CA ARG R 21 -13.56 38.26 66.16
C ARG R 21 -14.33 39.38 65.48
N LEU R 22 -14.28 39.44 64.15
CA LEU R 22 -15.02 40.48 63.44
C LEU R 22 -16.52 40.21 63.45
N LEU R 23 -16.92 38.94 63.57
CA LEU R 23 -18.34 38.61 63.63
C LEU R 23 -18.97 39.25 64.85
N LYS R 24 -18.23 39.32 65.96
CA LYS R 24 -18.74 39.95 67.17
C LYS R 24 -19.05 41.42 66.93
N GLU R 25 -18.34 42.05 65.98
CA GLU R 25 -18.55 43.45 65.63
C GLU R 25 -19.61 43.63 64.55
N ARG R 26 -20.42 42.60 64.29
CA ARG R 26 -21.48 42.64 63.28
C ARG R 26 -20.90 42.86 61.88
N VAL R 27 -19.87 42.08 61.56
CA VAL R 27 -19.19 42.15 60.26
C VAL R 27 -19.20 40.75 59.67
N ILE R 28 -19.82 40.60 58.50
CA ILE R 28 -19.91 39.31 57.79
C ILE R 28 -19.14 39.43 56.49
N PHE R 29 -18.34 38.40 56.19
CA PHE R 29 -17.53 38.36 54.98
C PHE R 29 -18.19 37.47 53.93
N LEU R 30 -18.23 37.95 52.69
CA LEU R 30 -18.77 37.22 51.55
C LEU R 30 -17.65 37.11 50.53
N THR R 31 -16.92 35.99 50.57
CA THR R 31 -15.79 35.73 49.69
C THR R 31 -16.03 34.49 48.84
N GLY R 32 -15.48 34.53 47.62
CA GLY R 32 -15.58 33.43 46.68
C GLY R 32 -16.93 33.35 46.00
N GLN R 33 -17.06 32.34 45.14
CA GLN R 33 -18.28 32.14 44.38
C GLN R 33 -19.46 31.90 45.33
N VAL R 34 -20.64 32.28 44.88
CA VAL R 34 -21.86 32.16 45.67
C VAL R 34 -22.49 30.79 45.40
N GLU R 35 -22.50 29.95 46.43
CA GLU R 35 -23.10 28.62 46.39
C GLU R 35 -24.14 28.52 47.51
N ASP R 36 -24.71 27.32 47.68
CA ASP R 36 -25.71 27.11 48.70
C ASP R 36 -25.12 26.95 50.09
N HIS R 37 -23.94 26.35 50.21
CA HIS R 37 -23.34 26.14 51.52
C HIS R 37 -22.87 27.45 52.13
N MET R 38 -22.05 28.21 51.40
CA MET R 38 -21.58 29.49 51.91
C MET R 38 -22.74 30.44 52.16
N ALA R 39 -23.76 30.39 51.30
CA ALA R 39 -24.93 31.26 51.49
C ALA R 39 -25.66 30.89 52.76
N ASN R 40 -25.82 29.60 53.03
CA ASN R 40 -26.50 29.17 54.25
C ASN R 40 -25.73 29.63 55.48
N LEU R 41 -24.40 29.65 55.40
CA LEU R 41 -23.59 30.12 56.52
C LEU R 41 -23.83 31.59 56.79
N ILE R 42 -23.89 32.40 55.73
CA ILE R 42 -24.13 33.83 55.88
C ILE R 42 -25.51 34.07 56.48
N VAL R 43 -26.49 33.25 56.09
CA VAL R 43 -27.85 33.39 56.63
C VAL R 43 -27.83 33.15 58.13
N ALA R 44 -27.09 32.14 58.58
CA ALA R 44 -26.99 31.84 60.00
C ALA R 44 -26.37 33.01 60.75
N GLN R 45 -25.33 33.61 60.19
CA GLN R 45 -24.67 34.73 60.85
C GLN R 45 -25.62 35.92 61.00
N MET R 46 -26.39 36.23 59.95
CA MET R 46 -27.32 37.34 60.02
C MET R 46 -28.38 37.13 61.08
N LEU R 47 -28.91 35.91 61.18
CA LEU R 47 -29.95 35.62 62.16
C LEU R 47 -29.40 35.74 63.59
N PHE R 48 -28.17 35.26 63.81
CA PHE R 48 -27.58 35.33 65.15
C PHE R 48 -27.40 36.77 65.61
N LEU R 49 -26.92 37.64 64.71
CA LEU R 49 -26.71 39.04 65.07
C LEU R 49 -28.04 39.72 65.42
N GLU R 50 -29.11 39.35 64.72
CA GLU R 50 -30.42 39.92 64.99
C GLU R 50 -30.89 39.62 66.41
N ALA R 51 -30.69 38.38 66.86
CA ALA R 51 -31.15 38.00 68.19
C ALA R 51 -30.42 38.76 69.30
N GLU R 52 -29.09 38.86 69.21
CA GLU R 52 -28.34 39.56 70.24
C GLU R 52 -28.66 41.06 70.25
N ASN R 53 -28.81 41.65 69.06
CA ASN R 53 -29.12 43.08 68.95
C ASN R 53 -29.91 43.28 67.66
N PRO R 54 -31.24 43.40 67.73
CA PRO R 54 -32.03 43.60 66.51
C PRO R 54 -32.19 45.04 66.06
N GLU R 55 -31.49 46.00 66.68
CA GLU R 55 -31.59 47.41 66.32
C GLU R 55 -30.31 47.97 65.71
N LYS R 56 -29.17 47.30 65.86
CA LYS R 56 -27.92 47.82 65.31
C LYS R 56 -27.90 47.60 63.80
N ASP R 57 -26.78 47.99 63.17
CA ASP R 57 -26.58 47.87 61.73
C ASP R 57 -25.49 46.85 61.46
N ILE R 58 -25.82 45.83 60.66
CA ILE R 58 -24.86 44.79 60.30
C ILE R 58 -24.07 45.27 59.09
N TYR R 59 -22.81 44.83 59.01
CA TYR R 59 -21.91 45.18 57.92
C TYR R 59 -21.59 43.93 57.12
N LEU R 60 -21.76 44.01 55.80
CA LEU R 60 -21.52 42.89 54.91
C LEU R 60 -20.54 43.31 53.82
N TYR R 61 -19.35 42.71 53.84
CA TYR R 61 -18.33 42.97 52.84
C TYR R 61 -18.49 41.96 51.73
N ILE R 62 -18.36 42.41 50.48
CA ILE R 62 -18.57 41.55 49.32
C ILE R 62 -17.37 41.63 48.40
N ASN R 63 -16.79 40.47 48.10
CA ASN R 63 -15.68 40.34 47.15
C ASN R 63 -15.89 38.96 46.54
N SER R 64 -16.54 38.90 45.38
CA SER R 64 -16.85 37.61 44.78
C SER R 64 -17.08 37.78 43.29
N PRO R 65 -16.78 36.77 42.47
CA PRO R 65 -17.04 36.86 41.03
C PRO R 65 -18.45 36.43 40.63
N GLY R 66 -19.36 36.28 41.59
CA GLY R 66 -20.72 35.85 41.32
C GLY R 66 -20.88 34.35 41.54
N GLY R 67 -22.09 33.88 41.29
CA GLY R 67 -22.38 32.47 41.47
C GLY R 67 -23.82 32.09 41.23
N VAL R 68 -24.32 31.14 42.04
CA VAL R 68 -25.69 30.67 41.89
C VAL R 68 -26.66 31.80 42.24
N ILE R 69 -27.84 31.75 41.62
CA ILE R 69 -28.86 32.76 41.85
C ILE R 69 -29.73 32.41 43.05
N THR R 70 -30.28 31.19 43.07
CA THR R 70 -31.13 30.73 44.17
C THR R 70 -30.48 30.97 45.53
N ALA R 71 -29.19 30.68 45.64
CA ALA R 71 -28.48 30.92 46.89
C ALA R 71 -28.49 32.40 47.24
N GLY R 72 -28.24 33.26 46.25
CA GLY R 72 -28.22 34.69 46.48
C GLY R 72 -29.56 35.25 46.93
N MET R 73 -30.66 34.67 46.43
CA MET R 73 -31.98 35.18 46.81
C MET R 73 -32.23 34.95 48.30
N SER R 74 -31.73 33.84 48.84
CA SER R 74 -31.88 33.59 50.28
C SER R 74 -31.23 34.70 51.09
N ILE R 75 -30.04 35.13 50.67
CA ILE R 75 -29.35 36.22 51.35
C ILE R 75 -30.11 37.52 51.17
N TYR R 76 -30.61 37.78 49.96
CA TYR R 76 -31.38 39.00 49.73
C TYR R 76 -32.68 38.99 50.52
N ASP R 77 -33.39 37.86 50.50
CA ASP R 77 -34.66 37.78 51.21
C ASP R 77 -34.50 37.92 52.72
N THR R 78 -33.50 37.26 53.30
CA THR R 78 -33.31 37.38 54.75
C THR R 78 -32.87 38.77 55.15
N MET R 79 -32.06 39.44 54.32
CA MET R 79 -31.62 40.79 54.65
C MET R 79 -32.81 41.73 54.81
N GLN R 80 -33.77 41.67 53.88
CA GLN R 80 -34.95 42.53 53.97
C GLN R 80 -35.89 42.06 55.08
N PHE R 81 -35.98 40.75 55.30
CA PHE R 81 -36.89 40.22 56.30
C PHE R 81 -36.48 40.65 57.71
N ILE R 82 -35.20 40.55 58.04
CA ILE R 82 -34.75 40.92 59.38
C ILE R 82 -34.79 42.43 59.56
N LYS R 83 -35.13 42.86 60.77
CA LYS R 83 -35.22 44.28 61.08
C LYS R 83 -33.90 45.05 61.00
N PRO R 84 -32.75 44.51 61.42
CA PRO R 84 -31.52 45.30 61.34
C PRO R 84 -31.13 45.64 59.91
N ASP R 85 -30.65 46.86 59.73
CA ASP R 85 -30.19 47.31 58.42
C ASP R 85 -28.83 46.69 58.13
N VAL R 86 -28.62 46.34 56.86
CA VAL R 86 -27.38 45.70 56.42
C VAL R 86 -26.64 46.68 55.52
N SER R 87 -25.46 47.11 55.96
CA SER R 87 -24.63 48.04 55.21
C SER R 87 -23.71 47.20 54.32
N THR R 88 -23.88 47.32 53.01
CA THR R 88 -23.09 46.55 52.06
C THR R 88 -21.90 47.36 51.58
N ILE R 89 -20.76 46.68 51.50
CA ILE R 89 -19.50 47.27 51.05
C ILE R 89 -18.87 46.29 50.07
N CYS R 90 -18.41 46.80 48.93
CA CYS R 90 -17.78 45.99 47.90
C CYS R 90 -16.28 46.23 47.89
N MET R 91 -15.51 45.15 47.91
CA MET R 91 -14.05 45.19 47.91
C MET R 91 -13.54 44.34 46.76
N GLY R 92 -12.68 44.92 45.93
CA GLY R 92 -12.13 44.18 44.82
C GLY R 92 -13.03 44.10 43.61
N GLN R 93 -14.12 43.34 43.70
CA GLN R 93 -15.02 43.21 42.57
C GLN R 93 -16.38 42.73 43.03
N ALA R 94 -17.38 42.96 42.19
CA ALA R 94 -18.75 42.55 42.46
C ALA R 94 -19.43 42.19 41.15
N ALA R 95 -19.85 40.93 41.01
CA ALA R 95 -20.51 40.43 39.83
C ALA R 95 -22.02 40.60 39.99
N SER R 96 -22.79 40.00 39.08
CA SER R 96 -24.25 40.06 39.11
C SER R 96 -24.82 39.80 40.49
N MET R 97 -24.52 38.64 41.07
CA MET R 97 -25.03 38.35 42.41
C MET R 97 -24.35 39.21 43.45
N GLY R 98 -23.07 39.47 43.30
CA GLY R 98 -22.37 40.34 44.23
C GLY R 98 -22.92 41.76 44.20
N ALA R 99 -23.26 42.23 43.00
CA ALA R 99 -23.82 43.56 42.83
C ALA R 99 -25.28 43.61 43.26
N PHE R 100 -26.02 42.53 43.00
CA PHE R 100 -27.43 42.49 43.39
C PHE R 100 -27.56 42.56 44.90
N LEU R 101 -26.67 41.87 45.63
CA LEU R 101 -26.70 41.93 47.08
C LEU R 101 -26.16 43.27 47.56
N LEU R 102 -25.19 43.84 46.84
CA LEU R 102 -24.62 45.13 47.20
C LEU R 102 -25.68 46.22 47.15
N THR R 103 -26.34 46.36 45.99
CA THR R 103 -27.37 47.37 45.85
C THR R 103 -28.60 47.07 46.71
N ALA R 104 -28.75 45.82 47.17
CA ALA R 104 -29.88 45.45 47.99
C ALA R 104 -29.76 45.92 49.43
N GLY R 105 -28.61 46.49 49.83
CA GLY R 105 -28.45 46.96 51.18
C GLY R 105 -29.37 48.10 51.52
N ALA R 106 -29.36 48.47 52.80
CA ALA R 106 -30.20 49.55 53.27
C ALA R 106 -29.83 50.86 52.60
N LYS R 107 -30.86 51.62 52.20
CA LYS R 107 -30.65 52.91 51.54
C LYS R 107 -29.82 53.82 52.43
N GLY R 108 -28.81 54.46 51.84
CA GLY R 108 -27.93 55.34 52.56
C GLY R 108 -26.82 54.63 53.32
N LYS R 109 -26.77 53.30 53.27
CA LYS R 109 -25.74 52.51 53.95
C LYS R 109 -24.97 51.63 52.97
N ARG R 110 -25.00 51.97 51.68
CA ARG R 110 -24.29 51.23 50.65
C ARG R 110 -23.07 52.04 50.25
N PHE R 111 -21.89 51.45 50.41
CA PHE R 111 -20.63 52.12 50.12
C PHE R 111 -19.77 51.27 49.21
N CYS R 112 -18.78 51.90 48.61
CA CYS R 112 -17.86 51.25 47.69
C CYS R 112 -16.47 51.85 47.82
N LEU R 113 -15.46 51.02 47.57
CA LEU R 113 -14.09 51.48 47.64
C LEU R 113 -13.75 52.27 46.38
N PRO R 114 -12.73 53.15 46.44
CA PRO R 114 -12.42 53.97 45.26
C PRO R 114 -12.05 53.19 44.01
N ASN R 115 -11.27 52.12 44.14
CA ASN R 115 -10.85 51.34 42.99
C ASN R 115 -11.67 50.07 42.76
N SER R 116 -12.75 49.88 43.50
CA SER R 116 -13.58 48.70 43.29
C SER R 116 -14.34 48.81 41.97
N ARG R 117 -14.69 47.67 41.41
CA ARG R 117 -15.41 47.57 40.14
C ARG R 117 -16.62 46.66 40.30
N VAL R 118 -17.73 47.06 39.69
CA VAL R 118 -18.97 46.30 39.75
C VAL R 118 -19.39 45.94 38.34
N MET R 119 -19.85 44.70 38.16
CA MET R 119 -20.27 44.17 36.87
C MET R 119 -21.68 43.60 37.00
N ILE R 120 -22.53 43.93 36.03
CA ILE R 120 -23.92 43.47 36.00
C ILE R 120 -24.19 42.80 34.68
N HIS R 121 -24.88 41.65 34.73
CA HIS R 121 -25.24 40.92 33.53
C HIS R 121 -26.48 40.09 33.83
N GLN R 122 -27.11 39.60 32.76
CA GLN R 122 -28.34 38.82 32.89
C GLN R 122 -28.01 37.40 33.35
N PRO R 123 -29.02 36.64 33.79
CA PRO R 123 -28.75 35.28 34.26
C PRO R 123 -28.21 34.37 33.16
N LEU R 124 -27.44 33.38 33.59
CA LEU R 124 -26.84 32.37 32.71
C LEU R 124 -27.40 31.01 33.08
N GLY R 125 -27.90 30.28 32.08
CA GLY R 125 -28.47 28.97 32.34
C GLY R 125 -28.45 28.12 31.09
N GLY R 126 -28.78 26.85 31.28
CA GLY R 126 -28.84 25.91 30.19
C GLY R 126 -29.48 24.59 30.57
N TYR R 127 -30.11 23.94 29.60
CA TYR R 127 -30.77 22.66 29.83
C TYR R 127 -30.66 21.80 28.58
N GLN R 128 -30.53 20.50 28.80
CA GLN R 128 -30.41 19.51 27.72
C GLN R 128 -31.50 18.46 27.91
N GLY R 129 -32.27 18.22 26.86
CA GLY R 129 -33.35 17.25 26.92
C GLY R 129 -34.35 17.49 25.81
N GLN R 130 -35.58 17.03 26.06
CA GLN R 130 -36.65 17.17 25.08
C GLN R 130 -37.02 18.65 24.90
N ALA R 131 -37.66 18.93 23.76
CA ALA R 131 -38.08 20.30 23.47
C ALA R 131 -39.10 20.80 24.47
N THR R 132 -39.98 19.91 24.94
CA THR R 132 -40.99 20.30 25.92
C THR R 132 -40.34 20.78 27.21
N ASP R 133 -39.39 20.01 27.73
CA ASP R 133 -38.69 20.39 28.95
C ASP R 133 -37.92 21.69 28.76
N ILE R 134 -37.39 21.93 27.56
CA ILE R 134 -36.64 23.15 27.30
C ILE R 134 -37.55 24.36 27.46
N GLU R 135 -38.77 24.28 26.96
CA GLU R 135 -39.72 25.39 27.08
C GLU R 135 -39.98 25.71 28.55
N ILE R 136 -40.06 24.68 29.39
CA ILE R 136 -40.30 24.89 30.81
C ILE R 136 -39.14 25.63 31.44
N HIS R 137 -37.92 25.12 31.24
CA HIS R 137 -36.74 25.78 31.82
C HIS R 137 -36.49 27.12 31.15
N ALA R 138 -36.80 27.25 29.86
CA ALA R 138 -36.60 28.51 29.18
C ALA R 138 -37.50 29.60 29.75
N ARG R 139 -38.73 29.24 30.10
CA ARG R 139 -39.65 30.21 30.68
C ARG R 139 -39.22 30.59 32.09
N GLU R 140 -38.72 29.62 32.86
CA GLU R 140 -38.33 29.89 34.24
C GLU R 140 -37.16 30.86 34.33
N ILE R 141 -36.15 30.69 33.48
CA ILE R 141 -35.01 31.60 33.53
C ILE R 141 -35.42 32.99 33.08
N LEU R 142 -36.39 33.09 32.18
CA LEU R 142 -36.86 34.40 31.74
C LEU R 142 -37.56 35.12 32.88
N LYS R 143 -38.34 34.39 33.68
CA LYS R 143 -39.01 35.00 34.82
C LYS R 143 -37.99 35.51 35.83
N VAL R 144 -36.90 34.75 36.02
CA VAL R 144 -35.85 35.19 36.93
C VAL R 144 -35.21 36.48 36.42
N LYS R 145 -34.98 36.55 35.10
CA LYS R 145 -34.40 37.75 34.51
C LYS R 145 -35.30 38.95 34.75
N GLY R 146 -36.62 38.78 34.58
CA GLY R 146 -37.53 39.89 34.82
C GLY R 146 -37.62 40.24 36.29
N ARG R 147 -37.65 39.21 37.15
CA ARG R 147 -37.74 39.44 38.59
C ARG R 147 -36.50 40.17 39.09
N MET R 148 -35.31 39.71 38.69
CA MET R 148 -34.07 40.34 39.12
C MET R 148 -33.99 41.78 38.61
N ASN R 149 -34.44 42.03 37.39
CA ASN R 149 -34.41 43.38 36.85
C ASN R 149 -35.32 44.31 37.64
N GLU R 150 -36.50 43.82 38.03
CA GLU R 150 -37.43 44.65 38.79
C GLU R 150 -36.84 45.02 40.15
N LEU R 151 -36.25 44.04 40.84
CA LEU R 151 -35.65 44.33 42.14
C LEU R 151 -34.48 45.27 42.01
N MET R 152 -33.65 45.09 40.98
CA MET R 152 -32.52 45.97 40.76
C MET R 152 -32.98 47.40 40.50
N ALA R 153 -34.04 47.55 39.70
CA ALA R 153 -34.58 48.88 39.41
C ALA R 153 -35.10 49.54 40.68
N LEU R 154 -35.73 48.76 41.56
CA LEU R 154 -36.27 49.31 42.80
C LEU R 154 -35.17 49.87 43.69
N HIS R 155 -34.11 49.10 43.91
CA HIS R 155 -33.02 49.55 44.77
C HIS R 155 -32.22 50.66 44.09
N THR R 156 -31.80 50.43 42.84
CA THR R 156 -31.03 51.42 42.13
C THR R 156 -31.84 52.66 41.82
N GLY R 157 -33.13 52.48 41.51
CA GLY R 157 -34.02 53.56 41.17
C GLY R 157 -34.13 53.84 39.70
N GLN R 158 -33.36 53.14 38.86
CA GLN R 158 -33.42 53.32 37.43
C GLN R 158 -34.68 52.67 36.86
N SER R 159 -35.08 53.11 35.67
CA SER R 159 -36.26 52.55 35.04
C SER R 159 -36.03 51.09 34.67
N LEU R 160 -37.13 50.33 34.63
CA LEU R 160 -37.03 48.92 34.28
C LEU R 160 -36.48 48.74 32.87
N GLU R 161 -36.90 49.60 31.94
CA GLU R 161 -36.41 49.51 30.57
C GLU R 161 -34.91 49.74 30.50
N GLN R 162 -34.42 50.73 31.26
CA GLN R 162 -32.97 51.02 31.26
C GLN R 162 -32.18 49.83 31.79
N ILE R 163 -32.66 49.21 32.87
CA ILE R 163 -31.95 48.06 33.44
C ILE R 163 -31.94 46.90 32.46
N GLU R 164 -33.03 46.72 31.71
CA GLU R 164 -33.10 45.63 30.75
C GLU R 164 -32.08 45.81 29.63
N ARG R 165 -31.88 47.04 29.17
CA ARG R 165 -30.94 47.29 28.10
C ARG R 165 -29.50 47.02 28.54
N ASP R 166 -29.15 47.41 29.77
CA ASP R 166 -27.81 47.19 30.27
C ASP R 166 -27.54 45.74 30.63
N THR R 167 -28.53 45.07 31.23
CA THR R 167 -28.36 43.67 31.62
C THR R 167 -28.19 42.74 30.42
N GLU R 168 -28.61 43.16 29.23
CA GLU R 168 -28.49 42.33 28.03
C GLU R 168 -27.07 41.81 27.83
N ARG R 169 -26.06 42.61 28.17
CA ARG R 169 -24.67 42.22 28.03
C ARG R 169 -23.89 42.71 29.23
N ASP R 170 -22.74 42.08 29.46
CA ASP R 170 -21.87 42.43 30.57
C ASP R 170 -21.50 43.90 30.52
N ARG R 171 -21.84 44.62 31.58
CA ARG R 171 -21.57 46.05 31.72
C ARG R 171 -20.71 46.28 32.95
N PHE R 172 -19.58 46.95 32.77
CA PHE R 172 -18.66 47.26 33.85
C PHE R 172 -18.85 48.70 34.28
N LEU R 173 -18.66 48.94 35.58
CA LEU R 173 -18.82 50.28 36.14
C LEU R 173 -17.85 50.45 37.29
N SER R 174 -17.25 51.64 37.36
CA SER R 174 -16.32 51.98 38.41
C SER R 174 -17.09 52.52 39.61
N ALA R 175 -16.38 52.78 40.71
CA ALA R 175 -17.02 53.32 41.90
C ALA R 175 -17.79 54.61 41.64
N PRO R 176 -17.22 55.63 40.97
CA PRO R 176 -18.04 56.83 40.72
C PRO R 176 -19.23 56.56 39.84
N GLU R 177 -19.05 55.73 38.81
CA GLU R 177 -20.16 55.39 37.92
C GLU R 177 -21.28 54.69 38.67
N ALA R 178 -20.91 53.80 39.59
CA ALA R 178 -21.90 53.09 40.39
C ALA R 178 -22.75 54.05 41.20
N VAL R 179 -22.13 55.10 41.74
CA VAL R 179 -22.87 56.08 42.52
C VAL R 179 -23.91 56.77 41.66
N GLU R 180 -23.54 57.13 40.44
CA GLU R 180 -24.48 57.77 39.54
C GLU R 180 -25.57 56.82 39.08
N TYR R 181 -25.26 55.52 38.99
CA TYR R 181 -26.23 54.52 38.57
C TYR R 181 -27.18 54.11 39.70
N GLY R 182 -26.86 54.45 40.95
CA GLY R 182 -27.69 54.11 42.08
C GLY R 182 -27.37 52.80 42.76
N LEU R 183 -26.34 52.08 42.30
CA LEU R 183 -26.00 50.82 42.96
C LEU R 183 -25.47 51.06 44.37
N VAL R 184 -24.71 52.15 44.54
CA VAL R 184 -24.13 52.53 45.82
C VAL R 184 -24.42 54.02 46.03
N ASP R 185 -24.25 54.46 47.28
CA ASP R 185 -24.52 55.85 47.66
C ASP R 185 -23.28 56.73 47.68
N SER R 186 -22.22 56.31 48.37
CA SER R 186 -21.01 57.11 48.50
C SER R 186 -19.77 56.23 48.36
N ILE R 187 -18.63 56.90 48.21
CA ILE R 187 -17.32 56.26 48.09
C ILE R 187 -16.56 56.52 49.38
N LEU R 188 -16.00 55.45 49.95
CA LEU R 188 -15.23 55.53 51.18
C LEU R 188 -13.75 55.59 50.81
N THR R 189 -13.18 56.79 50.88
CA THR R 189 -11.78 57.01 50.54
C THR R 189 -10.88 57.01 51.77
N HIS R 190 -11.29 57.69 52.83
CA HIS R 190 -10.52 57.78 54.07
C HIS R 190 -11.47 57.67 55.25
N ARG R 191 -10.96 57.14 56.36
CA ARG R 191 -11.77 56.99 57.56
C ARG R 191 -12.24 58.34 58.10
N ASN R 192 -11.44 59.39 57.94
CA ASN R 192 -11.79 60.72 58.42
C ASN R 192 -13.09 61.23 57.79
N LEU S 1 -14.41 28.51 56.78
CA LEU S 1 -14.58 27.84 58.06
C LEU S 1 -15.76 28.43 58.82
N VAL S 2 -16.54 27.57 59.46
CA VAL S 2 -17.72 28.03 60.22
C VAL S 2 -17.27 28.93 61.37
N PRO S 3 -17.84 30.12 61.55
CA PRO S 3 -17.41 30.98 62.66
C PRO S 3 -17.97 30.51 64.00
N MET S 4 -17.28 30.90 65.06
CA MET S 4 -17.67 30.58 66.43
C MET S 4 -18.35 31.79 67.06
N VAL S 5 -19.40 31.53 67.85
CA VAL S 5 -20.17 32.58 68.52
C VAL S 5 -20.21 32.29 70.01
N ILE S 6 -20.26 33.37 70.80
CA ILE S 6 -20.31 33.29 72.26
C ILE S 6 -21.66 33.80 72.75
N GLU S 7 -22.33 32.99 73.56
CA GLU S 7 -23.61 33.32 74.18
C GLU S 7 -23.37 33.46 75.67
N GLN S 8 -23.91 34.51 76.28
CA GLN S 8 -23.68 34.80 77.69
C GLN S 8 -24.74 34.10 78.54
N THR S 9 -24.26 33.26 79.46
CA THR S 9 -25.09 32.48 80.37
C THR S 9 -24.68 32.78 81.80
N SER S 10 -25.53 32.39 82.75
CA SER S 10 -25.23 32.64 84.16
C SER S 10 -23.99 31.89 84.61
N ARG S 11 -23.82 30.66 84.14
CA ARG S 11 -22.65 29.88 84.52
C ARG S 11 -21.37 30.49 83.97
N GLY S 12 -21.43 31.08 82.80
CA GLY S 12 -20.28 31.72 82.19
C GLY S 12 -20.37 31.67 80.68
N GLU S 13 -19.37 32.26 80.04
CA GLU S 13 -19.31 32.30 78.59
C GLU S 13 -19.15 30.89 78.03
N ARG S 14 -19.90 30.61 76.95
CA ARG S 14 -19.89 29.32 76.28
C ARG S 14 -19.75 29.56 74.78
N SER S 15 -18.93 28.75 74.14
CA SER S 15 -18.65 28.86 72.71
C SER S 15 -19.36 27.77 71.92
N PHE S 16 -20.05 28.17 70.86
CA PHE S 16 -20.75 27.26 69.97
C PHE S 16 -20.48 27.65 68.53
N ASP S 17 -20.58 26.67 67.64
CA ASP S 17 -20.47 26.98 66.23
C ASP S 17 -21.77 27.63 65.79
N ILE S 18 -21.72 28.33 64.65
CA ILE S 18 -22.90 29.05 64.17
C ILE S 18 -24.09 28.10 64.00
N TYR S 19 -23.84 26.88 63.51
CA TYR S 19 -24.93 25.92 63.33
C TYR S 19 -25.43 25.37 64.66
N SER S 20 -24.50 25.06 65.57
CA SER S 20 -24.90 24.52 66.87
C SER S 20 -25.68 25.55 67.68
N ARG S 21 -25.28 26.82 67.61
CA ARG S 21 -25.98 27.86 68.36
C ARG S 21 -27.43 27.95 67.92
N LEU S 22 -27.68 27.89 66.60
CA LEU S 22 -29.05 27.94 66.11
C LEU S 22 -29.78 26.64 66.42
N LEU S 23 -29.06 25.52 66.52
CA LEU S 23 -29.70 24.25 66.86
C LEU S 23 -30.31 24.32 68.26
N LYS S 24 -29.72 25.12 69.14
CA LYS S 24 -30.28 25.27 70.48
C LYS S 24 -31.65 25.93 70.44
N GLU S 25 -31.94 26.70 69.39
CA GLU S 25 -33.21 27.36 69.20
C GLU S 25 -34.20 26.51 68.42
N ARG S 26 -33.95 25.20 68.29
CA ARG S 26 -34.81 24.29 67.55
C ARG S 26 -34.88 24.65 66.07
N VAL S 27 -33.72 24.95 65.49
CA VAL S 27 -33.60 25.31 64.08
C VAL S 27 -32.67 24.29 63.43
N ILE S 28 -33.16 23.61 62.40
CA ILE S 28 -32.42 22.59 61.67
C ILE S 28 -32.21 23.08 60.24
N PHE S 29 -30.99 22.91 59.75
CA PHE S 29 -30.61 23.32 58.40
C PHE S 29 -30.56 22.12 57.46
N LEU S 30 -31.17 22.27 56.29
CA LEU S 30 -31.19 21.23 55.25
C LEU S 30 -30.57 21.88 54.02
N THR S 31 -29.26 21.67 53.84
CA THR S 31 -28.50 22.25 52.74
C THR S 31 -27.83 21.15 51.91
N GLY S 32 -27.76 21.41 50.61
CA GLY S 32 -27.14 20.50 49.67
C GLY S 32 -28.02 19.34 49.27
N GLN S 33 -27.44 18.48 48.42
CA GLN S 33 -28.15 17.32 47.91
C GLN S 33 -28.53 16.37 49.03
N VAL S 34 -29.74 15.82 48.94
CA VAL S 34 -30.22 14.89 49.95
C VAL S 34 -29.51 13.55 49.79
N GLU S 35 -29.14 12.96 50.91
CA GLU S 35 -28.45 11.67 50.90
C GLU S 35 -28.61 11.03 52.28
N ASP S 36 -28.20 9.76 52.36
CA ASP S 36 -28.31 9.01 53.60
C ASP S 36 -27.54 9.67 54.75
N HIS S 37 -26.34 10.17 54.48
CA HIS S 37 -25.52 10.74 55.54
C HIS S 37 -26.12 12.04 56.08
N MET S 38 -26.47 12.97 55.20
CA MET S 38 -27.03 14.24 55.66
C MET S 38 -28.42 14.03 56.26
N ALA S 39 -29.21 13.12 55.67
CA ALA S 39 -30.55 12.87 56.20
C ALA S 39 -30.48 12.23 57.58
N ASN S 40 -29.52 11.34 57.79
CA ASN S 40 -29.37 10.71 59.10
C ASN S 40 -29.04 11.74 60.17
N LEU S 41 -28.20 12.72 59.81
CA LEU S 41 -27.84 13.76 60.77
C LEU S 41 -29.06 14.58 61.16
N ILE S 42 -29.91 14.92 60.18
CA ILE S 42 -31.12 15.70 60.48
C ILE S 42 -32.06 14.89 61.35
N VAL S 43 -32.13 13.58 61.12
CA VAL S 43 -33.00 12.72 61.92
C VAL S 43 -32.55 12.74 63.38
N ALA S 44 -31.23 12.71 63.59
CA ALA S 44 -30.71 12.75 64.95
C ALA S 44 -31.08 14.05 65.65
N GLN S 45 -31.00 15.17 64.92
CA GLN S 45 -31.33 16.47 65.50
C GLN S 45 -32.81 16.52 65.90
N MET S 46 -33.69 15.96 65.06
CA MET S 46 -35.12 15.97 65.37
C MET S 46 -35.40 15.17 66.64
N LEU S 47 -34.81 13.97 66.75
CA LEU S 47 -35.01 13.15 67.94
C LEU S 47 -34.47 13.84 69.19
N PHE S 48 -33.33 14.52 69.06
CA PHE S 48 -32.73 15.20 70.21
C PHE S 48 -33.65 16.32 70.71
N LEU S 49 -34.20 17.10 69.79
CA LEU S 49 -35.07 18.21 70.19
C LEU S 49 -36.36 17.70 70.82
N GLU S 50 -36.84 16.52 70.39
CA GLU S 50 -38.06 15.97 70.96
C GLU S 50 -37.89 15.67 72.45
N ALA S 51 -36.73 15.14 72.84
CA ALA S 51 -36.48 14.84 74.24
C ALA S 51 -36.33 16.11 75.06
N GLU S 52 -35.67 17.12 74.50
CA GLU S 52 -35.48 18.38 75.21
C GLU S 52 -36.82 19.06 75.50
N ASN S 53 -37.69 19.11 74.49
CA ASN S 53 -39.01 19.72 74.63
C ASN S 53 -39.93 19.05 73.62
N PRO S 54 -40.71 18.04 74.03
CA PRO S 54 -41.62 17.39 73.07
C PRO S 54 -42.86 18.19 72.72
N GLU S 55 -42.99 19.43 73.20
CA GLU S 55 -44.13 20.29 72.89
C GLU S 55 -43.77 21.54 72.10
N LYS S 56 -42.51 21.98 72.11
CA LYS S 56 -42.13 23.18 71.39
C LYS S 56 -41.92 22.88 69.91
N ASP S 57 -42.40 23.78 69.06
CA ASP S 57 -42.27 23.59 67.62
C ASP S 57 -40.82 23.70 67.17
N ILE S 58 -40.52 23.02 66.08
CA ILE S 58 -39.19 23.02 65.47
C ILE S 58 -39.28 23.75 64.13
N TYR S 59 -38.19 24.39 63.74
CA TYR S 59 -38.09 25.13 62.49
C TYR S 59 -37.09 24.44 61.59
N LEU S 60 -37.48 24.23 60.33
CA LEU S 60 -36.65 23.55 59.35
C LEU S 60 -36.52 24.39 58.09
N TYR S 61 -35.30 24.84 57.80
CA TYR S 61 -35.01 25.62 56.61
C TYR S 61 -34.56 24.66 55.53
N ILE S 62 -35.10 24.80 54.33
CA ILE S 62 -34.81 23.90 53.21
C ILE S 62 -34.31 24.72 52.02
N ASN S 63 -33.05 24.48 51.65
CA ASN S 63 -32.41 25.09 50.48
C ASN S 63 -31.55 23.97 49.92
N SER S 64 -32.08 23.23 48.95
CA SER S 64 -31.35 22.09 48.40
C SER S 64 -31.85 21.80 46.99
N PRO S 65 -31.00 21.28 46.11
CA PRO S 65 -31.44 20.93 44.75
C PRO S 65 -32.05 19.54 44.62
N GLY S 66 -32.37 18.89 45.73
CA GLY S 66 -32.95 17.56 45.72
C GLY S 66 -31.90 16.46 45.84
N GLY S 67 -32.39 15.23 45.86
CA GLY S 67 -31.51 14.09 45.99
C GLY S 67 -32.21 12.75 46.04
N VAL S 68 -31.68 11.84 46.86
CA VAL S 68 -32.25 10.51 46.99
C VAL S 68 -33.65 10.59 47.60
N ILE S 69 -34.49 9.64 47.22
CA ILE S 69 -35.87 9.59 47.72
C ILE S 69 -35.93 8.83 49.04
N THR S 70 -35.22 7.70 49.13
CA THR S 70 -35.23 6.89 50.35
C THR S 70 -34.77 7.72 51.55
N ALA S 71 -33.71 8.50 51.39
CA ALA S 71 -33.22 9.33 52.48
C ALA S 71 -34.28 10.36 52.88
N GLY S 72 -34.98 10.94 51.90
CA GLY S 72 -36.01 11.91 52.20
C GLY S 72 -37.16 11.33 53.00
N MET S 73 -37.53 10.07 52.71
CA MET S 73 -38.64 9.46 53.44
C MET S 73 -38.33 9.33 54.93
N SER S 74 -37.05 9.09 55.28
CA SER S 74 -36.66 9.00 56.68
C SER S 74 -36.97 10.31 57.41
N ILE S 75 -36.62 11.43 56.79
CA ILE S 75 -36.89 12.73 57.39
C ILE S 75 -38.40 12.96 57.46
N TYR S 76 -39.12 12.61 56.40
CA TYR S 76 -40.57 12.79 56.37
C TYR S 76 -41.24 11.96 57.45
N ASP S 77 -40.83 10.70 57.60
CA ASP S 77 -41.43 9.84 58.62
C ASP S 77 -41.12 10.33 60.02
N THR S 78 -39.89 10.80 60.24
CA THR S 78 -39.50 11.30 61.54
C THR S 78 -40.31 12.53 61.92
N MET S 79 -40.57 13.41 60.95
CA MET S 79 -41.35 14.61 61.22
C MET S 79 -42.76 14.28 61.70
N GLN S 80 -43.39 13.30 61.06
CA GLN S 80 -44.75 12.90 61.42
C GLN S 80 -44.80 11.99 62.63
N PHE S 81 -43.71 11.28 62.93
CA PHE S 81 -43.71 10.37 64.07
C PHE S 81 -43.62 11.13 65.39
N ILE S 82 -42.72 12.12 65.46
CA ILE S 82 -42.55 12.88 66.69
C ILE S 82 -43.72 13.84 66.89
N LYS S 83 -44.02 14.11 68.16
CA LYS S 83 -45.10 15.01 68.57
C LYS S 83 -44.88 16.48 68.21
N PRO S 84 -43.68 17.06 68.36
CA PRO S 84 -43.52 18.49 68.03
C PRO S 84 -43.78 18.78 66.57
N ASP S 85 -44.48 19.90 66.34
CA ASP S 85 -44.77 20.34 64.99
C ASP S 85 -43.50 20.93 64.37
N VAL S 86 -43.32 20.66 63.08
CA VAL S 86 -42.15 21.13 62.33
C VAL S 86 -42.60 22.18 61.35
N SER S 87 -42.08 23.40 61.51
CA SER S 87 -42.41 24.52 60.63
C SER S 87 -41.36 24.55 59.53
N THR S 88 -41.80 24.32 58.30
CA THR S 88 -40.90 24.27 57.16
C THR S 88 -40.85 25.62 56.46
N ILE S 89 -39.63 26.03 56.09
CA ILE S 89 -39.36 27.28 55.40
C ILE S 89 -38.42 26.95 54.25
N CYS S 90 -38.73 27.47 53.06
CA CYS S 90 -37.92 27.25 51.87
C CYS S 90 -37.15 28.52 51.53
N MET S 91 -35.85 28.37 51.32
CA MET S 91 -34.96 29.48 51.00
C MET S 91 -34.25 29.17 49.69
N GLY S 92 -34.31 30.09 48.74
CA GLY S 92 -33.65 29.89 47.47
C GLY S 92 -34.43 29.03 46.50
N GLN S 93 -34.58 27.74 46.81
CA GLN S 93 -35.29 26.84 45.92
C GLN S 93 -35.69 25.59 46.69
N ALA S 94 -36.66 24.86 46.12
CA ALA S 94 -37.16 23.63 46.69
C ALA S 94 -37.35 22.63 45.55
N ALA S 95 -36.56 21.56 45.59
CA ALA S 95 -36.60 20.51 44.57
C ALA S 95 -37.58 19.42 44.99
N SER S 96 -37.57 18.30 44.27
CA SER S 96 -38.42 17.15 44.54
C SER S 96 -38.49 16.78 46.02
N MET S 97 -37.34 16.53 46.64
CA MET S 97 -37.36 16.18 48.07
C MET S 97 -37.58 17.42 48.92
N GLY S 98 -36.93 18.54 48.58
CA GLY S 98 -37.12 19.76 49.35
C GLY S 98 -38.57 20.21 49.35
N ALA S 99 -39.25 20.06 48.21
CA ALA S 99 -40.65 20.45 48.12
C ALA S 99 -41.53 19.45 48.84
N PHE S 100 -41.19 18.16 48.77
CA PHE S 100 -41.98 17.15 49.45
C PHE S 100 -41.91 17.32 50.96
N LEU S 101 -40.71 17.63 51.47
CA LEU S 101 -40.58 17.86 52.91
C LEU S 101 -41.17 19.20 53.31
N LEU S 102 -41.11 20.20 52.42
CA LEU S 102 -41.67 21.50 52.71
C LEU S 102 -43.17 21.41 52.97
N THR S 103 -43.91 20.86 51.99
CA THR S 103 -45.35 20.71 52.15
C THR S 103 -45.72 19.71 53.24
N ALA S 104 -44.78 18.84 53.63
CA ALA S 104 -45.04 17.86 54.67
C ALA S 104 -44.98 18.45 56.07
N GLY S 105 -44.61 19.72 56.21
CA GLY S 105 -44.54 20.36 57.50
C GLY S 105 -45.88 20.44 58.20
N ALA S 106 -45.89 20.92 59.43
CA ALA S 106 -47.14 21.03 60.19
C ALA S 106 -48.11 21.98 59.49
N LYS S 107 -49.36 21.54 59.37
CA LYS S 107 -50.39 22.35 58.73
C LYS S 107 -50.53 23.68 59.43
N GLY S 108 -50.45 24.76 58.65
CA GLY S 108 -50.54 26.10 59.18
C GLY S 108 -49.21 26.68 59.63
N LYS S 109 -48.12 25.93 59.51
CA LYS S 109 -46.78 26.39 59.89
C LYS S 109 -45.79 26.28 58.73
N ARG S 110 -46.29 26.29 57.50
CA ARG S 110 -45.46 26.20 56.31
C ARG S 110 -45.35 27.60 55.71
N PHE S 111 -44.13 28.06 55.48
CA PHE S 111 -43.86 29.39 54.96
C PHE S 111 -42.85 29.34 53.83
N CYS S 112 -42.81 30.44 53.06
CA CYS S 112 -41.93 30.56 51.92
C CYS S 112 -41.48 32.01 51.77
N LEU S 113 -40.24 32.19 51.33
CA LEU S 113 -39.70 33.53 51.12
C LEU S 113 -40.30 34.12 49.84
N PRO S 114 -40.31 35.46 49.72
CA PRO S 114 -40.94 36.06 48.53
C PRO S 114 -40.29 35.69 47.21
N ASN S 115 -38.97 35.68 47.12
CA ASN S 115 -38.27 35.37 45.88
C ASN S 115 -37.82 33.92 45.78
N SER S 116 -38.31 33.05 46.66
CA SER S 116 -37.95 31.65 46.60
C SER S 116 -38.68 30.98 45.44
N ARG S 117 -38.33 29.73 45.17
CA ARG S 117 -38.92 28.96 44.09
C ARG S 117 -39.13 27.53 44.54
N VAL S 118 -40.02 26.83 43.83
CA VAL S 118 -40.34 25.44 44.12
C VAL S 118 -40.43 24.69 42.81
N MET S 119 -39.97 23.44 42.82
CA MET S 119 -39.98 22.57 41.64
C MET S 119 -40.40 21.18 42.05
N ILE S 120 -41.39 20.62 41.35
CA ILE S 120 -41.92 19.29 41.62
C ILE S 120 -41.90 18.48 40.33
N HIS S 121 -41.48 17.22 40.44
CA HIS S 121 -41.44 16.31 39.30
C HIS S 121 -41.58 14.88 39.82
N GLN S 122 -41.61 13.93 38.89
CA GLN S 122 -41.75 12.53 39.23
C GLN S 122 -40.40 11.91 39.53
N PRO S 123 -40.36 10.77 40.21
CA PRO S 123 -39.07 10.13 40.54
C PRO S 123 -38.22 9.84 39.32
N LEU S 124 -36.91 9.78 39.55
CA LEU S 124 -35.91 9.50 38.53
C LEU S 124 -35.11 8.28 38.97
N GLY S 125 -35.03 7.28 38.08
CA GLY S 125 -34.29 6.07 38.40
C GLY S 125 -33.91 5.32 37.14
N GLY S 126 -33.00 4.38 37.30
CA GLY S 126 -32.57 3.56 36.19
C GLY S 126 -31.94 2.27 36.67
N TYR S 127 -32.04 1.24 35.83
CA TYR S 127 -31.48 -0.06 36.13
C TYR S 127 -31.00 -0.71 34.84
N GLN S 128 -29.92 -1.47 34.94
CA GLN S 128 -29.32 -2.18 33.82
C GLN S 128 -29.21 -3.65 34.17
N GLY S 129 -29.71 -4.51 33.30
CA GLY S 129 -29.66 -5.94 33.55
C GLY S 129 -30.67 -6.67 32.69
N GLN S 130 -31.05 -7.85 33.16
CA GLN S 130 -32.00 -8.69 32.45
C GLN S 130 -33.39 -8.08 32.48
N ALA S 131 -34.20 -8.48 31.48
CA ALA S 131 -35.57 -7.97 31.37
C ALA S 131 -36.40 -8.30 32.60
N THR S 132 -36.14 -9.46 33.22
CA THR S 132 -36.88 -9.85 34.40
C THR S 132 -36.64 -8.86 35.54
N ASP S 133 -35.38 -8.56 35.82
CA ASP S 133 -35.04 -7.62 36.88
C ASP S 133 -35.58 -6.23 36.59
N ILE S 134 -35.61 -5.84 35.31
CA ILE S 134 -36.11 -4.51 34.93
C ILE S 134 -37.57 -4.36 35.35
N GLU S 135 -38.37 -5.40 35.12
CA GLU S 135 -39.78 -5.35 35.50
C GLU S 135 -39.93 -5.11 37.00
N ILE S 136 -39.09 -5.78 37.80
CA ILE S 136 -39.13 -5.61 39.24
C ILE S 136 -38.84 -4.17 39.63
N HIS S 137 -37.70 -3.64 39.15
CA HIS S 137 -37.33 -2.27 39.47
C HIS S 137 -38.34 -1.28 38.90
N ALA S 138 -38.85 -1.55 37.70
CA ALA S 138 -39.83 -0.65 37.09
C ALA S 138 -41.11 -0.59 37.93
N ARG S 139 -41.56 -1.74 38.44
CA ARG S 139 -42.75 -1.74 39.27
C ARG S 139 -42.50 -1.04 40.59
N GLU S 140 -41.31 -1.22 41.16
CA GLU S 140 -40.97 -0.61 42.44
C GLU S 140 -40.99 0.91 42.34
N ILE S 141 -40.31 1.47 41.33
CA ILE S 141 -40.28 2.92 41.20
C ILE S 141 -41.67 3.47 40.90
N LEU S 142 -42.50 2.70 40.19
CA LEU S 142 -43.85 3.16 39.89
C LEU S 142 -44.67 3.29 41.17
N LYS S 143 -44.50 2.36 42.10
CA LYS S 143 -45.21 2.43 43.37
C LYS S 143 -44.80 3.68 44.14
N VAL S 144 -43.51 4.03 44.08
CA VAL S 144 -43.02 5.23 44.75
C VAL S 144 -43.67 6.47 44.16
N LYS S 145 -43.86 6.48 42.83
CA LYS S 145 -44.49 7.62 42.18
C LYS S 145 -45.92 7.80 42.67
N GLY S 146 -46.69 6.71 42.70
CA GLY S 146 -48.05 6.80 43.18
C GLY S 146 -48.12 7.11 44.66
N ARG S 147 -47.27 6.46 45.46
CA ARG S 147 -47.25 6.70 46.89
C ARG S 147 -46.90 8.15 47.20
N MET S 148 -45.84 8.66 46.56
CA MET S 148 -45.43 10.05 46.79
C MET S 148 -46.51 11.03 46.35
N ASN S 149 -47.21 10.72 45.26
CA ASN S 149 -48.26 11.62 44.79
C ASN S 149 -49.42 11.64 45.78
N GLU S 150 -49.74 10.49 46.39
CA GLU S 150 -50.82 10.45 47.37
C GLU S 150 -50.52 11.35 48.55
N LEU S 151 -49.29 11.30 49.06
CA LEU S 151 -48.91 12.14 50.19
C LEU S 151 -48.95 13.61 49.82
N MET S 152 -48.48 13.95 48.61
CA MET S 152 -48.50 15.35 48.18
C MET S 152 -49.93 15.87 48.10
N ALA S 153 -50.86 15.04 47.62
CA ALA S 153 -52.25 15.44 47.56
C ALA S 153 -52.83 15.65 48.95
N LEU S 154 -52.39 14.85 49.92
CA LEU S 154 -52.89 14.97 51.28
C LEU S 154 -52.51 16.31 51.91
N HIS S 155 -51.22 16.67 51.84
CA HIS S 155 -50.77 17.92 52.44
C HIS S 155 -51.27 19.13 51.66
N THR S 156 -51.08 19.12 50.34
CA THR S 156 -51.53 20.26 49.53
C THR S 156 -53.05 20.34 49.46
N GLY S 157 -53.72 19.20 49.48
CA GLY S 157 -55.17 19.15 49.39
C GLY S 157 -55.71 19.03 47.98
N GLN S 158 -54.83 19.03 46.97
CA GLN S 158 -55.25 18.89 45.59
C GLN S 158 -55.65 17.44 45.30
N SER S 159 -56.40 17.26 44.23
CA SER S 159 -56.83 15.93 43.86
C SER S 159 -55.64 15.11 43.36
N LEU S 160 -55.72 13.80 43.57
CA LEU S 160 -54.65 12.90 43.15
C LEU S 160 -54.45 12.96 41.64
N GLU S 161 -55.55 13.08 40.89
CA GLU S 161 -55.44 13.15 39.43
C GLU S 161 -54.68 14.39 39.00
N GLN S 162 -54.96 15.53 39.63
CA GLN S 162 -54.27 16.77 39.29
C GLN S 162 -52.79 16.66 39.57
N ILE S 163 -52.42 16.01 40.68
CA ILE S 163 -51.02 15.87 41.04
C ILE S 163 -50.28 15.05 39.98
N GLU S 164 -50.93 14.00 39.47
CA GLU S 164 -50.31 13.17 38.45
C GLU S 164 -50.03 13.97 37.19
N ARG S 165 -50.98 14.79 36.76
CA ARG S 165 -50.79 15.61 35.56
C ARG S 165 -49.69 16.62 35.77
N ASP S 166 -49.68 17.30 36.92
CA ASP S 166 -48.66 18.30 37.19
C ASP S 166 -47.29 17.67 37.40
N THR S 167 -47.24 16.47 37.99
CA THR S 167 -45.97 15.81 38.25
C THR S 167 -45.43 15.03 37.07
N GLU S 168 -46.17 14.92 35.96
CA GLU S 168 -45.66 14.20 34.80
C GLU S 168 -44.42 14.87 34.21
N ARG S 169 -44.23 16.16 34.46
CA ARG S 169 -43.08 16.90 33.98
C ARG S 169 -42.73 17.95 35.01
N ASP S 170 -41.49 18.43 34.95
CA ASP S 170 -41.02 19.45 35.87
C ASP S 170 -41.92 20.67 35.83
N ARG S 171 -42.44 21.06 36.98
CA ARG S 171 -43.33 22.21 37.12
C ARG S 171 -42.76 23.14 38.17
N PHE S 172 -42.57 24.41 37.78
CA PHE S 172 -42.03 25.42 38.68
C PHE S 172 -43.17 26.25 39.25
N LEU S 173 -43.02 26.67 40.50
CA LEU S 173 -44.02 27.47 41.18
C LEU S 173 -43.33 28.50 42.06
N SER S 174 -43.80 29.73 42.01
CA SER S 174 -43.27 30.80 42.83
C SER S 174 -43.95 30.77 44.20
N ALA S 175 -43.47 31.62 45.10
CA ALA S 175 -44.05 31.69 46.44
C ALA S 175 -45.55 31.96 46.41
N PRO S 176 -46.07 32.93 45.65
CA PRO S 176 -47.53 33.12 45.62
C PRO S 176 -48.25 31.92 45.04
N GLU S 177 -47.73 31.36 43.95
CA GLU S 177 -48.35 30.19 43.32
C GLU S 177 -48.38 29.02 44.29
N ALA S 178 -47.31 28.82 45.06
CA ALA S 178 -47.27 27.73 46.02
C ALA S 178 -48.38 27.83 47.05
N VAL S 179 -48.74 29.06 47.44
CA VAL S 179 -49.81 29.24 48.41
C VAL S 179 -51.14 28.76 47.85
N GLU S 180 -51.42 29.11 46.59
CA GLU S 180 -52.67 28.68 45.98
C GLU S 180 -52.69 27.17 45.74
N TYR S 181 -51.53 26.60 45.41
CA TYR S 181 -51.45 25.16 45.18
C TYR S 181 -51.65 24.37 46.46
N GLY S 182 -51.19 24.91 47.59
CA GLY S 182 -51.31 24.26 48.88
C GLY S 182 -50.00 23.79 49.48
N LEU S 183 -48.87 23.96 48.77
CA LEU S 183 -47.59 23.52 49.31
C LEU S 183 -47.20 24.33 50.55
N VAL S 184 -47.52 25.62 50.56
CA VAL S 184 -47.19 26.51 51.67
C VAL S 184 -48.44 27.30 52.04
N ASP S 185 -48.39 27.89 53.24
CA ASP S 185 -49.52 28.63 53.78
C ASP S 185 -49.42 30.14 53.58
N SER S 186 -48.33 30.75 54.05
CA SER S 186 -48.15 32.19 53.95
C SER S 186 -46.73 32.54 53.52
N ILE S 187 -46.54 33.80 53.17
CA ILE S 187 -45.25 34.34 52.73
C ILE S 187 -44.70 35.22 53.83
N LEU S 188 -43.46 34.95 54.25
CA LEU S 188 -42.80 35.73 55.30
C LEU S 188 -42.04 36.88 54.64
N THR S 189 -42.81 37.86 54.17
CA THR S 189 -42.22 39.02 53.50
C THR S 189 -41.40 39.86 54.46
N HIS S 190 -41.92 40.13 55.66
CA HIS S 190 -41.22 40.93 56.65
C HIS S 190 -41.52 40.40 58.04
N ARG S 191 -40.59 40.63 58.96
CA ARG S 191 -40.79 40.19 60.34
C ARG S 191 -41.94 40.94 61.00
N ASN S 192 -42.03 42.24 60.74
CA ASN S 192 -43.09 43.08 61.30
C ASN S 192 -44.17 43.37 60.27
N LEU T 1 -20.33 18.99 59.06
CA LEU T 1 -19.87 19.11 60.43
C LEU T 1 -21.01 18.80 61.40
N VAL T 2 -20.78 17.80 62.26
CA VAL T 2 -21.82 17.40 63.22
C VAL T 2 -21.98 18.49 64.26
N PRO T 3 -23.21 18.85 64.67
CA PRO T 3 -23.39 19.90 65.68
C PRO T 3 -23.10 19.39 67.08
N MET T 4 -22.85 20.34 67.99
CA MET T 4 -22.57 20.07 69.39
C MET T 4 -23.79 20.48 70.22
N VAL T 5 -24.23 19.59 71.10
CA VAL T 5 -25.39 19.82 71.97
C VAL T 5 -24.93 19.80 73.43
N ILE T 6 -25.17 20.90 74.14
CA ILE T 6 -24.83 20.98 75.55
C ILE T 6 -25.96 20.40 76.38
N GLU T 7 -25.62 19.53 77.34
CA GLU T 7 -26.58 18.95 78.27
C GLU T 7 -26.10 19.12 79.70
N GLN T 8 -27.04 19.44 80.58
CA GLN T 8 -26.76 19.69 81.99
C GLN T 8 -26.91 18.41 82.82
N THR T 9 -25.85 18.09 83.56
CA THR T 9 -25.79 16.93 84.45
C THR T 9 -25.45 17.48 85.82
N SER T 10 -25.49 16.61 86.84
CA SER T 10 -25.26 17.04 88.22
C SER T 10 -23.93 17.76 88.39
N ARG T 11 -22.86 17.29 87.73
CA ARG T 11 -21.57 17.98 87.84
C ARG T 11 -21.65 19.39 87.26
N GLY T 12 -22.30 19.53 86.12
CA GLY T 12 -22.42 20.82 85.46
C GLY T 12 -22.79 20.59 84.01
N GLU T 13 -22.70 21.66 83.23
CA GLU T 13 -22.98 21.53 81.81
C GLU T 13 -21.88 20.70 81.15
N ARG T 14 -22.28 19.95 80.13
CA ARG T 14 -21.37 19.07 79.40
C ARG T 14 -21.68 19.17 77.91
N SER T 15 -20.65 19.00 77.09
CA SER T 15 -20.78 19.12 75.63
C SER T 15 -20.58 17.77 74.97
N PHE T 16 -21.47 17.45 74.03
CA PHE T 16 -21.43 16.22 73.26
C PHE T 16 -21.89 16.50 71.85
N ASP T 17 -21.36 15.73 70.90
CA ASP T 17 -21.82 15.87 69.53
C ASP T 17 -23.14 15.12 69.40
N ILE T 18 -23.84 15.34 68.29
CA ILE T 18 -25.14 14.71 68.08
C ILE T 18 -25.06 13.18 68.16
N TYR T 19 -23.94 12.59 67.75
CA TYR T 19 -23.85 11.13 67.74
C TYR T 19 -23.52 10.54 69.11
N SER T 20 -22.53 11.12 69.82
CA SER T 20 -22.19 10.59 71.13
C SER T 20 -23.34 10.76 72.13
N ARG T 21 -24.07 11.87 72.02
CA ARG T 21 -25.20 12.11 72.91
C ARG T 21 -26.23 10.99 72.78
N LEU T 22 -26.56 10.61 71.55
CA LEU T 22 -27.52 9.54 71.34
C LEU T 22 -26.95 8.20 71.79
N LEU T 23 -25.63 8.03 71.68
CA LEU T 23 -25.01 6.78 72.13
C LEU T 23 -25.22 6.60 73.62
N LYS T 24 -25.23 7.70 74.38
CA LYS T 24 -25.48 7.62 75.82
C LYS T 24 -26.87 7.05 76.10
N GLU T 25 -27.81 7.22 75.16
CA GLU T 25 -29.15 6.69 75.28
C GLU T 25 -29.29 5.30 74.67
N ARG T 26 -28.17 4.62 74.42
CA ARG T 26 -28.17 3.28 73.83
C ARG T 26 -28.76 3.31 72.42
N VAL T 27 -28.37 4.31 71.65
CA VAL T 27 -28.82 4.48 70.26
C VAL T 27 -27.59 4.47 69.38
N ILE T 28 -27.53 3.49 68.47
CA ILE T 28 -26.41 3.31 67.55
C ILE T 28 -26.93 3.53 66.13
N PHE T 29 -26.14 4.24 65.32
CA PHE T 29 -26.50 4.53 63.93
C PHE T 29 -25.75 3.63 62.97
N LEU T 30 -26.47 3.12 61.98
CA LEU T 30 -25.92 2.27 60.92
C LEU T 30 -26.24 2.98 59.61
N THR T 31 -25.29 3.80 59.14
CA THR T 31 -25.45 4.58 57.92
C THR T 31 -24.40 4.20 56.90
N GLY T 32 -24.79 4.28 55.63
CA GLY T 32 -23.89 3.98 54.52
C GLY T 32 -23.69 2.49 54.30
N GLN T 33 -22.90 2.19 53.27
CA GLN T 33 -22.60 0.82 52.90
C GLN T 33 -21.87 0.11 54.04
N VAL T 34 -22.11 -1.20 54.15
CA VAL T 34 -21.51 -2.00 55.20
C VAL T 34 -20.10 -2.40 54.77
N GLU T 35 -19.11 -1.83 55.44
CA GLU T 35 -17.70 -2.13 55.21
C GLU T 35 -17.11 -2.70 56.49
N ASP T 36 -15.80 -2.93 56.49
CA ASP T 36 -15.14 -3.50 57.65
C ASP T 36 -14.88 -2.47 58.75
N HIS T 37 -14.59 -1.22 58.37
CA HIS T 37 -14.29 -0.21 59.38
C HIS T 37 -15.54 0.20 60.15
N MET T 38 -16.62 0.54 59.45
CA MET T 38 -17.84 0.95 60.12
C MET T 38 -18.43 -0.19 60.95
N ALA T 39 -18.34 -1.42 60.44
CA ALA T 39 -18.89 -2.56 61.18
C ALA T 39 -18.13 -2.78 62.47
N ASN T 40 -16.80 -2.68 62.42
CA ASN T 40 -16.00 -2.85 63.64
C ASN T 40 -16.32 -1.77 64.66
N LEU T 41 -16.65 -0.56 64.20
CA LEU T 41 -17.00 0.52 65.11
C LEU T 41 -18.30 0.23 65.84
N ILE T 42 -19.29 -0.30 65.12
CA ILE T 42 -20.58 -0.63 65.73
C ILE T 42 -20.40 -1.71 66.80
N VAL T 43 -19.50 -2.66 66.54
CA VAL T 43 -19.27 -3.75 67.50
C VAL T 43 -18.74 -3.17 68.81
N ALA T 44 -17.81 -2.22 68.73
CA ALA T 44 -17.27 -1.60 69.93
C ALA T 44 -18.37 -0.90 70.72
N GLN T 45 -19.28 -0.22 70.02
CA GLN T 45 -20.38 0.47 70.69
C GLN T 45 -21.27 -0.51 71.43
N MET T 46 -21.62 -1.62 70.80
CA MET T 46 -22.49 -2.61 71.43
C MET T 46 -21.84 -3.18 72.69
N LEU T 47 -20.54 -3.51 72.61
CA LEU T 47 -19.84 -4.03 73.77
C LEU T 47 -19.78 -3.01 74.89
N PHE T 48 -19.57 -1.74 74.54
CA PHE T 48 -19.50 -0.68 75.55
C PHE T 48 -20.82 -0.57 76.32
N LEU T 49 -21.94 -0.58 75.60
CA LEU T 49 -23.25 -0.47 76.25
C LEU T 49 -23.52 -1.67 77.14
N GLU T 50 -23.01 -2.85 76.76
CA GLU T 50 -23.22 -4.05 77.58
C GLU T 50 -22.57 -3.89 78.95
N ALA T 51 -21.34 -3.38 78.99
CA ALA T 51 -20.67 -3.18 80.27
C ALA T 51 -21.39 -2.12 81.10
N GLU T 52 -21.92 -1.08 80.45
CA GLU T 52 -22.64 -0.05 81.18
C GLU T 52 -23.93 -0.59 81.77
N ASN T 53 -24.68 -1.34 80.98
CA ASN T 53 -25.94 -1.95 81.43
C ASN T 53 -26.15 -3.20 80.60
N PRO T 54 -25.82 -4.39 81.12
CA PRO T 54 -25.95 -5.62 80.34
C PRO T 54 -27.37 -6.14 80.17
N GLU T 55 -28.39 -5.38 80.57
CA GLU T 55 -29.78 -5.80 80.42
C GLU T 55 -30.68 -4.75 79.77
N LYS T 56 -30.26 -3.49 79.70
CA LYS T 56 -31.10 -2.47 79.10
C LYS T 56 -31.11 -2.63 77.57
N ASP T 57 -32.26 -2.35 76.97
CA ASP T 57 -32.38 -2.51 75.52
C ASP T 57 -31.57 -1.47 74.78
N ILE T 58 -31.07 -1.86 73.61
CA ILE T 58 -30.28 -1.00 72.74
C ILE T 58 -31.10 -0.76 71.48
N TYR T 59 -30.96 0.44 70.91
CA TYR T 59 -31.69 0.83 69.71
C TYR T 59 -30.70 1.00 68.57
N LEU T 60 -31.00 0.38 67.44
CA LEU T 60 -30.15 0.43 66.25
C LEU T 60 -30.98 0.90 65.06
N TYR T 61 -30.62 2.07 64.53
CA TYR T 61 -31.29 2.63 63.36
C TYR T 61 -30.50 2.17 62.14
N ILE T 62 -31.20 1.69 61.12
CA ILE T 62 -30.57 1.14 59.92
C ILE T 62 -31.09 1.87 58.69
N ASN T 63 -30.19 2.56 58.01
CA ASN T 63 -30.46 3.27 56.74
C ASN T 63 -29.19 3.04 55.93
N SER T 64 -29.19 1.99 55.11
CA SER T 64 -28.00 1.65 54.34
C SER T 64 -28.37 0.92 53.06
N PRO T 65 -27.58 1.03 52.01
CA PRO T 65 -27.87 0.30 50.76
C PRO T 65 -27.26 -1.09 50.70
N GLY T 66 -26.75 -1.61 51.82
CA GLY T 66 -26.13 -2.91 51.87
C GLY T 66 -24.62 -2.83 51.68
N GLY T 67 -23.98 -3.99 51.74
CA GLY T 67 -22.54 -4.04 51.59
C GLY T 67 -21.94 -5.43 51.75
N VAL T 68 -20.75 -5.47 52.37
CA VAL T 68 -20.05 -6.73 52.57
C VAL T 68 -20.86 -7.64 53.50
N ILE T 69 -20.73 -8.94 53.28
CA ILE T 69 -21.43 -9.93 54.09
C ILE T 69 -20.65 -10.25 55.36
N THR T 70 -19.33 -10.46 55.22
CA THR T 70 -18.51 -10.79 56.37
C THR T 70 -18.60 -9.72 57.46
N ALA T 71 -18.62 -8.45 57.05
CA ALA T 71 -18.75 -7.37 58.01
C ALA T 71 -20.09 -7.45 58.73
N GLY T 72 -21.15 -7.78 57.99
CA GLY T 72 -22.47 -7.90 58.60
C GLY T 72 -22.54 -9.02 59.62
N MET T 73 -21.84 -10.13 59.38
CA MET T 73 -21.87 -11.26 60.30
C MET T 73 -21.31 -10.88 61.66
N SER T 74 -20.31 -10.00 61.70
CA SER T 74 -19.77 -9.58 62.98
C SER T 74 -20.82 -8.85 63.80
N ILE T 75 -21.61 -8.00 63.15
CA ILE T 75 -22.67 -7.27 63.84
C ILE T 75 -23.76 -8.24 64.29
N TYR T 76 -24.15 -9.16 63.41
CA TYR T 76 -25.19 -10.13 63.73
C TYR T 76 -24.78 -11.02 64.89
N ASP T 77 -23.56 -11.57 64.82
CA ASP T 77 -23.08 -12.44 65.90
C ASP T 77 -22.96 -11.67 67.20
N THR T 78 -22.59 -10.39 67.13
CA THR T 78 -22.47 -9.59 68.34
C THR T 78 -23.84 -9.36 68.98
N MET T 79 -24.86 -9.12 68.15
CA MET T 79 -26.20 -8.90 68.67
C MET T 79 -26.74 -10.15 69.36
N GLN T 80 -26.52 -11.32 68.76
CA GLN T 80 -27.01 -12.57 69.33
C GLN T 80 -26.13 -13.10 70.47
N PHE T 81 -24.94 -12.53 70.66
CA PHE T 81 -24.04 -12.97 71.72
C PHE T 81 -24.31 -12.25 73.04
N ILE T 82 -24.33 -10.92 73.00
CA ILE T 82 -24.55 -10.14 74.21
C ILE T 82 -25.96 -10.37 74.74
N LYS T 83 -26.13 -10.08 76.03
CA LYS T 83 -27.40 -10.23 76.74
C LYS T 83 -28.44 -9.18 76.38
N PRO T 84 -28.10 -7.89 76.26
CA PRO T 84 -29.11 -6.88 75.92
C PRO T 84 -29.86 -7.20 74.63
N ASP T 85 -31.13 -6.82 74.62
CA ASP T 85 -31.99 -7.00 73.45
C ASP T 85 -31.81 -5.77 72.55
N VAL T 86 -31.39 -6.00 71.31
CA VAL T 86 -31.16 -4.92 70.37
C VAL T 86 -32.43 -4.72 69.54
N SER T 87 -33.10 -3.59 69.74
CA SER T 87 -34.30 -3.26 68.99
C SER T 87 -33.87 -2.51 67.73
N THR T 88 -34.12 -3.11 66.57
CA THR T 88 -33.73 -2.51 65.30
C THR T 88 -34.90 -1.76 64.68
N ILE T 89 -34.58 -0.65 64.03
CA ILE T 89 -35.56 0.22 63.38
C ILE T 89 -35.03 0.55 61.99
N CYS T 90 -35.91 0.50 61.01
CA CYS T 90 -35.57 0.76 59.62
C CYS T 90 -35.96 2.18 59.23
N MET T 91 -35.01 2.94 58.69
CA MET T 91 -35.23 4.32 58.26
C MET T 91 -34.78 4.45 56.82
N GLY T 92 -35.68 4.91 55.96
CA GLY T 92 -35.35 5.12 54.56
C GLY T 92 -35.34 3.88 53.71
N GLN T 93 -34.37 3.00 53.92
CA GLN T 93 -34.28 1.78 53.12
C GLN T 93 -33.46 0.73 53.86
N ALA T 94 -33.71 -0.53 53.49
CA ALA T 94 -33.01 -1.67 54.08
C ALA T 94 -32.68 -2.66 52.95
N ALA T 95 -31.39 -2.85 52.70
CA ALA T 95 -30.93 -3.76 51.66
C ALA T 95 -30.72 -5.15 52.25
N SER T 96 -30.09 -6.03 51.46
CA SER T 96 -29.78 -7.40 51.89
C SER T 96 -29.18 -7.45 53.30
N MET T 97 -28.06 -6.76 53.51
CA MET T 97 -27.44 -6.76 54.83
C MET T 97 -28.25 -5.96 55.82
N GLY T 98 -28.81 -4.83 55.38
CA GLY T 98 -29.65 -4.03 56.27
C GLY T 98 -30.87 -4.81 56.74
N ALA T 99 -31.47 -5.57 55.83
CA ALA T 99 -32.65 -6.36 56.18
C ALA T 99 -32.27 -7.54 57.07
N PHE T 100 -31.12 -8.17 56.79
CA PHE T 100 -30.70 -9.29 57.61
C PHE T 100 -30.45 -8.87 59.05
N LEU T 101 -29.83 -7.69 59.23
CA LEU T 101 -29.60 -7.19 60.58
C LEU T 101 -30.91 -6.70 61.19
N LEU T 102 -31.82 -6.20 60.37
CA LEU T 102 -33.11 -5.73 60.86
C LEU T 102 -33.90 -6.87 61.49
N THR T 103 -34.11 -7.95 60.73
CA THR T 103 -34.83 -9.09 61.25
C THR T 103 -34.06 -9.82 62.35
N ALA T 104 -32.76 -9.55 62.50
CA ALA T 104 -31.96 -10.20 63.53
C ALA T 104 -32.17 -9.59 64.91
N GLY T 105 -32.95 -8.52 65.02
CA GLY T 105 -33.21 -7.90 66.31
C GLY T 105 -34.00 -8.83 67.22
N ALA T 106 -34.19 -8.36 68.44
CA ALA T 106 -34.93 -9.13 69.43
C ALA T 106 -36.37 -9.34 68.97
N LYS T 107 -36.86 -10.57 69.15
CA LYS T 107 -38.23 -10.90 68.75
C LYS T 107 -39.22 -10.00 69.48
N GLY T 108 -40.10 -9.37 68.70
CA GLY T 108 -41.09 -8.47 69.25
C GLY T 108 -40.63 -7.04 69.42
N LYS T 109 -39.37 -6.73 69.08
CA LYS T 109 -38.82 -5.39 69.21
C LYS T 109 -38.30 -4.85 67.88
N ARG T 110 -38.77 -5.40 66.76
CA ARG T 110 -38.37 -4.97 65.43
C ARG T 110 -39.44 -4.04 64.89
N PHE T 111 -39.03 -2.86 64.44
CA PHE T 111 -39.95 -1.85 63.94
C PHE T 111 -39.49 -1.33 62.59
N CYS T 112 -40.43 -0.68 61.89
CA CYS T 112 -40.17 -0.13 60.57
C CYS T 112 -41.07 1.08 60.35
N LEU T 113 -40.50 2.12 59.76
CA LEU T 113 -41.27 3.31 59.49
C LEU T 113 -42.28 3.02 58.37
N PRO T 114 -43.39 3.76 58.32
CA PRO T 114 -44.43 3.46 57.32
C PRO T 114 -43.98 3.61 55.87
N ASN T 115 -43.35 4.72 55.52
CA ASN T 115 -42.95 4.96 54.13
C ASN T 115 -41.58 4.37 53.80
N SER T 116 -41.02 3.54 54.68
CA SER T 116 -39.76 2.90 54.40
C SER T 116 -39.98 1.68 53.52
N ARG T 117 -38.88 1.13 53.02
CA ARG T 117 -38.91 -0.04 52.15
C ARG T 117 -37.72 -0.93 52.45
N VAL T 118 -37.91 -2.23 52.22
CA VAL T 118 -36.87 -3.22 52.45
C VAL T 118 -36.66 -4.01 51.17
N MET T 119 -35.42 -4.44 50.96
CA MET T 119 -35.02 -5.18 49.76
C MET T 119 -34.16 -6.37 50.18
N ILE T 120 -34.52 -7.55 49.68
CA ILE T 120 -33.82 -8.79 49.98
C ILE T 120 -33.41 -9.45 48.67
N HIS T 121 -32.20 -10.01 48.64
CA HIS T 121 -31.69 -10.69 47.46
C HIS T 121 -30.64 -11.69 47.91
N GLN T 122 -30.14 -12.47 46.95
CA GLN T 122 -29.13 -13.48 47.24
C GLN T 122 -27.74 -12.86 47.23
N PRO T 123 -26.75 -13.52 47.83
CA PRO T 123 -25.40 -12.96 47.86
C PRO T 123 -24.83 -12.73 46.46
N LEU T 124 -23.84 -11.84 46.41
CA LEU T 124 -23.13 -11.47 45.19
C LEU T 124 -21.65 -11.75 45.37
N GLY T 125 -20.98 -12.05 44.27
CA GLY T 125 -19.56 -12.32 44.34
C GLY T 125 -18.96 -12.51 42.97
N GLY T 126 -17.79 -13.14 42.94
CA GLY T 126 -17.09 -13.41 41.71
C GLY T 126 -15.63 -13.69 41.98
N TYR T 127 -14.97 -14.28 40.98
CA TYR T 127 -13.57 -14.64 41.09
C TYR T 127 -12.98 -14.75 39.70
N GLN T 128 -11.67 -14.47 39.60
CA GLN T 128 -10.93 -14.53 38.35
C GLN T 128 -9.69 -15.38 38.57
N GLY T 129 -9.57 -16.46 37.80
CA GLY T 129 -8.42 -17.33 37.92
C GLY T 129 -8.70 -18.68 37.28
N GLN T 130 -7.96 -19.68 37.75
CA GLN T 130 -8.10 -21.03 37.25
C GLN T 130 -9.46 -21.62 37.60
N ALA T 131 -9.85 -22.66 36.87
CA ALA T 131 -11.12 -23.32 37.12
C ALA T 131 -11.16 -23.98 38.49
N THR T 132 -10.01 -24.48 38.95
CA THR T 132 -9.94 -25.12 40.26
C THR T 132 -10.33 -24.15 41.36
N ASP T 133 -9.74 -22.95 41.34
CA ASP T 133 -10.05 -21.94 42.34
C ASP T 133 -11.50 -21.48 42.24
N ILE T 134 -12.06 -21.46 41.02
CA ILE T 134 -13.44 -21.04 40.84
C ILE T 134 -14.39 -21.98 41.59
N GLU T 135 -14.14 -23.28 41.48
CA GLU T 135 -14.97 -24.26 42.19
C GLU T 135 -14.92 -24.01 43.69
N ILE T 136 -13.75 -23.64 44.21
CA ILE T 136 -13.60 -23.37 45.63
C ILE T 136 -14.42 -22.16 46.02
N HIS T 137 -14.19 -21.03 45.35
CA HIS T 137 -14.93 -19.81 45.68
C HIS T 137 -16.42 -19.98 45.39
N ALA T 138 -16.77 -20.76 44.37
CA ALA T 138 -18.18 -20.98 44.05
C ALA T 138 -18.87 -21.73 45.19
N ARG T 139 -18.22 -22.78 45.69
CA ARG T 139 -18.81 -23.53 46.80
C ARG T 139 -18.92 -22.67 48.05
N GLU T 140 -17.96 -21.79 48.28
CA GLU T 140 -17.96 -20.94 49.46
C GLU T 140 -19.14 -19.98 49.45
N ILE T 141 -19.34 -19.28 48.32
CA ILE T 141 -20.45 -18.33 48.23
C ILE T 141 -21.79 -19.07 48.31
N LEU T 142 -21.84 -20.32 47.83
CA LEU T 142 -23.08 -21.07 47.89
C LEU T 142 -23.43 -21.42 49.33
N LYS T 143 -22.43 -21.76 50.14
CA LYS T 143 -22.69 -22.06 51.54
C LYS T 143 -23.24 -20.84 52.27
N VAL T 144 -22.71 -19.66 51.93
CA VAL T 144 -23.19 -18.43 52.54
C VAL T 144 -24.67 -18.21 52.22
N LYS T 145 -25.05 -18.48 50.98
CA LYS T 145 -26.45 -18.33 50.57
C LYS T 145 -27.35 -19.23 51.39
N GLY T 146 -26.95 -20.50 51.55
CA GLY T 146 -27.75 -21.43 52.34
C GLY T 146 -27.78 -21.05 53.80
N ARG T 147 -26.61 -20.67 54.35
CA ARG T 147 -26.54 -20.29 55.75
C ARG T 147 -27.38 -19.05 56.03
N MET T 148 -27.25 -18.03 55.17
CA MET T 148 -28.01 -16.79 55.35
C MET T 148 -29.50 -17.05 55.24
N ASN T 149 -29.91 -17.88 54.28
CA ASN T 149 -31.33 -18.17 54.12
C ASN T 149 -31.88 -18.92 55.33
N GLU T 150 -31.08 -19.79 55.94
CA GLU T 150 -31.51 -20.52 57.12
C GLU T 150 -31.80 -19.56 58.28
N LEU T 151 -30.89 -18.61 58.50
CA LEU T 151 -31.08 -17.65 59.58
C LEU T 151 -32.28 -16.76 59.31
N MET T 152 -32.50 -16.36 58.06
CA MET T 152 -33.64 -15.51 57.73
C MET T 152 -34.95 -16.23 58.02
N ALA T 153 -35.03 -17.52 57.71
CA ALA T 153 -36.24 -18.27 58.00
C ALA T 153 -36.47 -18.39 59.50
N LEU T 154 -35.38 -18.45 60.28
CA LEU T 154 -35.50 -18.56 61.72
C LEU T 154 -36.02 -17.26 62.34
N HIS T 155 -35.49 -16.12 61.90
CA HIS T 155 -35.91 -14.84 62.44
C HIS T 155 -37.24 -14.38 61.87
N THR T 156 -37.59 -14.83 60.67
CA THR T 156 -38.84 -14.45 60.02
C THR T 156 -39.95 -15.46 60.22
N GLY T 157 -39.63 -16.71 60.57
CA GLY T 157 -40.62 -17.74 60.76
C GLY T 157 -41.07 -18.43 59.48
N GLN T 158 -40.75 -17.89 58.32
CA GLN T 158 -41.13 -18.50 57.06
C GLN T 158 -40.37 -19.80 56.85
N SER T 159 -40.71 -20.51 55.79
CA SER T 159 -40.07 -21.77 55.45
C SER T 159 -38.85 -21.52 54.59
N LEU T 160 -37.85 -22.40 54.74
CA LEU T 160 -36.61 -22.26 53.97
C LEU T 160 -36.88 -22.30 52.47
N GLU T 161 -37.84 -23.14 52.04
CA GLU T 161 -38.16 -23.23 50.62
C GLU T 161 -38.71 -21.90 50.11
N GLN T 162 -39.59 -21.27 50.88
CA GLN T 162 -40.15 -19.99 50.48
C GLN T 162 -39.07 -18.92 50.39
N ILE T 163 -38.12 -18.94 51.33
CA ILE T 163 -37.05 -17.96 51.33
C ILE T 163 -36.18 -18.11 50.10
N GLU T 164 -35.85 -19.35 49.73
CA GLU T 164 -35.01 -19.60 48.56
C GLU T 164 -35.71 -19.12 47.29
N ARG T 165 -37.04 -19.29 47.22
CA ARG T 165 -37.76 -18.85 46.03
C ARG T 165 -37.84 -17.34 45.96
N ASP T 166 -37.97 -16.68 47.11
CA ASP T 166 -38.07 -15.22 47.14
C ASP T 166 -36.72 -14.52 47.05
N THR T 167 -35.62 -15.21 47.37
CA THR T 167 -34.30 -14.61 47.33
C THR T 167 -33.55 -14.84 46.02
N GLU T 168 -34.11 -15.63 45.10
CA GLU T 168 -33.44 -15.85 43.81
C GLU T 168 -33.31 -14.58 43.01
N ARG T 169 -34.16 -13.58 43.27
CA ARG T 169 -34.12 -12.31 42.57
C ARG T 169 -34.51 -11.22 43.55
N ASP T 170 -34.10 -10.00 43.24
CA ASP T 170 -34.40 -8.83 44.07
C ASP T 170 -35.90 -8.72 44.32
N ARG T 171 -36.28 -8.67 45.60
CA ARG T 171 -37.67 -8.57 46.01
C ARG T 171 -37.83 -7.38 46.94
N PHE T 172 -38.72 -6.46 46.56
CA PHE T 172 -38.99 -5.26 47.35
C PHE T 172 -40.25 -5.48 48.17
N LEU T 173 -40.26 -4.93 49.38
CA LEU T 173 -41.39 -5.06 50.29
C LEU T 173 -41.60 -3.75 51.04
N SER T 174 -42.86 -3.39 51.24
CA SER T 174 -43.23 -2.19 51.97
C SER T 174 -43.31 -2.52 53.46
N ALA T 175 -43.59 -1.50 54.27
CA ALA T 175 -43.71 -1.71 55.71
C ALA T 175 -44.81 -2.71 56.05
N PRO T 176 -46.05 -2.58 55.55
CA PRO T 176 -47.06 -3.59 55.89
C PRO T 176 -46.69 -4.99 55.41
N GLU T 177 -46.12 -5.10 54.20
CA GLU T 177 -45.72 -6.40 53.67
C GLU T 177 -44.68 -7.05 54.57
N ALA T 178 -43.75 -6.25 55.09
CA ALA T 178 -42.71 -6.79 55.97
C ALA T 178 -43.32 -7.40 57.23
N VAL T 179 -44.38 -6.77 57.75
CA VAL T 179 -45.04 -7.30 58.94
C VAL T 179 -45.66 -8.66 58.64
N GLU T 180 -46.35 -8.76 57.50
CA GLU T 180 -46.96 -10.03 57.13
C GLU T 180 -45.92 -11.09 56.83
N TYR T 181 -44.77 -10.68 56.29
CA TYR T 181 -43.70 -11.62 55.97
C TYR T 181 -42.89 -12.05 57.18
N GLY T 182 -43.07 -11.40 58.33
CA GLY T 182 -42.33 -11.74 59.53
C GLY T 182 -41.01 -11.01 59.70
N LEU T 183 -40.66 -10.12 58.77
CA LEU T 183 -39.40 -9.40 58.87
C LEU T 183 -39.40 -8.44 60.05
N VAL T 184 -40.55 -7.79 60.31
CA VAL T 184 -40.69 -6.83 61.40
C VAL T 184 -41.97 -7.17 62.16
N ASP T 185 -42.05 -6.66 63.39
CA ASP T 185 -43.17 -6.92 64.27
C ASP T 185 -44.27 -5.86 64.23
N SER T 186 -43.92 -4.59 64.09
CA SER T 186 -44.93 -3.54 64.06
C SER T 186 -44.40 -2.31 63.36
N ILE T 187 -45.34 -1.42 62.99
CA ILE T 187 -45.03 -0.18 62.30
C ILE T 187 -45.19 0.96 63.28
N LEU T 188 -44.15 1.79 63.39
CA LEU T 188 -44.16 2.94 64.29
C LEU T 188 -44.65 4.16 63.50
N THR T 189 -45.86 4.62 63.82
CA THR T 189 -46.47 5.76 63.15
C THR T 189 -46.42 7.04 63.97
N HIS T 190 -46.63 6.95 65.28
CA HIS T 190 -46.59 8.11 66.16
C HIS T 190 -46.07 7.74 67.54
PG ATP U . 26.01 -35.60 -34.12
O1G ATP U . 25.49 -36.02 -35.48
O2G ATP U . 26.88 -34.38 -34.17
O3G ATP U . 24.92 -35.51 -33.08
PB ATP U . 26.63 -38.23 -33.00
O1B ATP U . 26.13 -38.00 -31.62
O2B ATP U . 25.79 -38.97 -33.99
O3B ATP U . 26.98 -36.80 -33.64
PA ATP U . 28.75 -39.88 -34.02
O1A ATP U . 28.88 -39.14 -35.31
O2A ATP U . 27.99 -41.17 -34.04
O3A ATP U . 28.07 -38.92 -32.94
O5' ATP U . 30.21 -40.13 -33.40
C5' ATP U . 31.27 -39.21 -33.72
C4' ATP U . 32.60 -39.82 -33.32
O4' ATP U . 32.79 -39.72 -31.88
C3' ATP U . 32.79 -41.30 -33.64
O3' ATP U . 33.20 -41.53 -34.99
C2' ATP U . 33.88 -41.65 -32.62
O2' ATP U . 35.14 -41.12 -32.97
C1' ATP U . 33.31 -40.94 -31.40
N9 ATP U . 32.25 -41.64 -30.69
C8 ATP U . 30.99 -41.16 -30.42
N7 ATP U . 30.26 -42.03 -29.76
C5 ATP U . 31.08 -43.12 -29.58
C6 ATP U . 30.90 -44.37 -28.95
N6 ATP U . 29.76 -44.73 -28.36
N1 ATP U . 31.94 -45.23 -28.95
C2 ATP U . 33.08 -44.86 -29.55
N3 ATP U . 33.37 -43.72 -30.16
C4 ATP U . 32.32 -42.88 -30.15
H5'1 ATP U . 31.15 -38.36 -33.24
H5'2 ATP U . 31.28 -39.02 -34.69
H4' ATP U . 33.31 -39.30 -33.77
H3' ATP U . 31.97 -41.81 -33.45
HO3' ATP U . 33.30 -42.36 -35.11
H2' ATP U . 33.92 -42.63 -32.48
HO2' ATP U . 35.37 -41.42 -33.73
H1' ATP U . 34.05 -40.75 -30.78
H8 ATP U . 30.67 -40.32 -30.69
HN61 ATP U . 29.08 -44.18 -28.36
HN62 ATP U . 29.71 -45.50 -27.96
H2 ATP U . 33.78 -45.50 -29.51
PG ATP V . 37.16 -8.26 -38.01
O1G ATP V . 36.95 -9.32 -36.96
O2G ATP V . 36.79 -8.73 -39.40
O3G ATP V . 36.53 -6.94 -37.65
PB ATP V . 39.98 -9.02 -37.91
O1B ATP V . 40.04 -9.45 -36.49
O2B ATP V . 39.83 -10.04 -38.99
O3B ATP V . 38.76 -8.00 -38.05
PA ATP V . 42.06 -8.09 -39.63
O1A ATP V . 41.11 -7.78 -40.74
O2A ATP V . 42.84 -9.36 -39.70
O3A ATP V . 41.23 -8.09 -38.26
O5' ATP V . 43.09 -6.86 -39.43
C5' ATP V . 42.86 -5.64 -40.17
C4' ATP V . 44.15 -4.86 -40.28
O4' ATP V . 44.55 -4.35 -38.98
C3' ATP V . 45.37 -5.66 -40.77
O3' ATP V . 45.41 -5.80 -42.18
C2' ATP V . 46.52 -4.81 -40.20
O2' ATP V . 46.78 -3.64 -40.94
C1' ATP V . 45.95 -4.47 -38.83
N9 ATP V . 46.20 -5.46 -37.79
C8 ATP V . 45.28 -6.12 -37.01
N7 ATP V . 45.84 -6.94 -36.16
C5 ATP V . 47.20 -6.82 -36.37
C6 ATP V . 48.32 -7.43 -35.78
N6 ATP V . 48.25 -8.32 -34.80
N1 ATP V . 49.54 -7.07 -36.25
C2 ATP V . 49.61 -6.16 -37.23
N3 ATP V . 48.63 -5.52 -37.86
C4 ATP V . 47.43 -5.91 -37.38
H5'1 ATP V . 42.19 -5.09 -39.70
H5'2 ATP V . 42.53 -5.84 -41.08
H4' ATP V . 44.01 -4.11 -40.89
H3' ATP V . 45.37 -6.54 -40.34
HO3' ATP V . 45.48 -5.04 -42.53
H2' ATP V . 47.34 -5.36 -40.11
HO2' ATP V . 46.14 -3.10 -40.87
H1' ATP V . 46.32 -3.61 -38.54
H8 ATP V . 44.35 -6.00 -37.08
HN61 ATP V . 47.48 -8.57 -34.50
HN62 ATP V . 48.99 -8.66 -34.46
H2 ATP V . 50.48 -5.95 -37.52
MG MG W . 38.11 -10.11 -40.17
PG ATP X . 19.69 13.61 -46.78
O1G ATP X . 20.89 12.70 -46.88
O2G ATP X . 18.42 12.96 -47.26
O3G ATP X . 19.55 14.20 -45.41
PB ATP X . 21.23 15.09 -48.76
O1B ATP X . 22.44 15.27 -47.91
O2B ATP X . 21.23 14.05 -49.83
O3B ATP X . 19.98 14.83 -47.80
PA ATP X . 21.73 17.28 -50.56
O1A ATP X . 21.55 16.62 -51.89
O2A ATP X . 23.13 17.40 -50.06
O3A ATP X . 20.88 16.50 -49.44
O5' ATP X . 21.05 18.74 -50.57
C5' ATP X . 19.77 18.91 -51.20
C4' ATP X . 19.84 20.07 -52.16
O4' ATP X . 19.95 21.31 -51.43
C3' ATP X . 21.03 20.08 -53.13
O3' ATP X . 20.84 19.25 -54.26
C2' ATP X . 21.10 21.56 -53.46
O2' ATP X . 20.05 21.97 -54.30
C1' ATP X . 20.91 22.14 -52.05
N9 ATP X . 22.11 22.15 -51.24
C8 ATP X . 22.30 21.50 -50.03
N7 ATP X . 23.50 21.72 -49.52
C5 ATP X . 24.12 22.56 -50.44
C6 ATP X . 25.39 23.14 -50.47
N6 ATP X . 26.31 22.97 -49.53
N1 ATP X . 25.69 23.94 -51.53
C2 ATP X . 24.76 24.10 -52.49
N3 ATP X . 23.53 23.61 -52.56
C4 ATP X . 23.27 22.83 -51.49
H5'1 ATP X . 19.08 19.09 -50.51
H5'2 ATP X . 19.51 18.08 -51.68
H4' ATP X . 19.02 20.08 -52.69
H3' ATP X . 21.85 19.80 -52.64
HO3' ATP X . 21.51 19.30 -54.76
H2' ATP X . 21.99 21.81 -53.84
HO2' ATP X . 20.10 21.55 -55.04
H1' ATP X . 20.57 23.05 -52.13
H8 ATP X . 21.66 20.96 -49.62
HN61 ATP X . 26.11 22.51 -48.81
HN62 ATP X . 27.10 23.33 -49.63
H2 ATP X . 25.02 24.66 -53.20
MG MG Y . 21.17 12.01 -49.94
PG ATP Z . -9.67 10.17 -48.39
O1G ATP Z . -10.01 10.60 -47.00
O2G ATP Z . -8.28 10.58 -48.80
O3G ATP Z . -9.93 8.70 -48.63
PB ATP Z . -10.36 11.48 -50.89
O1B ATP Z . -9.71 12.81 -50.79
O2B ATP Z . -9.68 10.39 -51.65
O3B ATP Z . -10.65 10.94 -49.42
PA ATP Z . -12.20 12.13 -53.01
O1A ATP Z . -11.98 11.01 -53.96
O2A ATP Z . -11.45 13.39 -53.28
O3A ATP Z . -11.82 11.66 -51.52
O5' ATP Z . -13.76 12.45 -52.89
C5' ATP Z . -14.72 11.38 -52.88
C4' ATP Z . -15.85 11.71 -53.82
O4' ATP Z . -16.68 12.77 -53.26
C3' ATP Z . -15.46 12.23 -55.21
O3' ATP Z . -15.13 11.18 -56.11
C2' ATP Z . -16.72 13.01 -55.59
O2' ATP Z . -17.78 12.16 -55.93
C1' ATP Z . -16.99 13.70 -54.26
N9 ATP Z . -16.17 14.90 -54.02
C8 ATP Z . -15.28 15.10 -53.01
N7 ATP Z . -14.72 16.29 -53.05
C5 ATP Z . -15.27 16.89 -54.18
C6 ATP Z . -15.09 18.15 -54.77
N6 ATP Z . -14.26 19.07 -54.30
N1 ATP Z . -15.82 18.43 -55.88
C2 ATP Z . -16.65 17.50 -56.34
N3 ATP Z . -16.91 16.28 -55.88
C4 ATP Z . -16.18 16.04 -54.78
H5'1 ATP Z . -15.09 11.26 -51.96
H5'2 ATP Z . -14.30 10.53 -53.16
H4' ATP Z . -16.40 10.90 -53.94
H3' ATP Z . -14.69 12.85 -55.13
HO3' ATP Z . -14.90 11.53 -56.85
H2' ATP Z . -16.52 13.67 -56.30
HO2' ATP Z . -17.55 11.67 -56.59
H1' ATP Z . -17.93 13.94 -54.21
H8 ATP Z . -15.09 14.47 -52.33
HN61 ATP Z . -13.86 18.94 -53.53
HN62 ATP Z . -14.10 19.79 -54.77
H2 ATP Z . -17.13 17.73 -57.13
MG MG AA . -8.27 9.07 -51.13
PB ADP BA . -22.73 -14.23 -38.64
O1B ADP BA . -22.98 -14.16 -37.16
O2B ADP BA . -21.54 -15.09 -39.00
O3B ADP BA . -22.69 -12.88 -39.29
PA ADP BA . -24.54 -16.48 -39.07
O1A ADP BA . -25.15 -16.60 -37.72
O2A ADP BA . -23.45 -17.41 -39.45
O3A ADP BA . -24.01 -14.98 -39.28
O5' ADP BA . -25.71 -16.55 -40.18
C5' ADP BA . -26.05 -17.83 -40.77
C4' ADP BA . -26.66 -18.75 -39.73
O4' ADP BA . -27.86 -18.12 -39.20
C3' ADP BA . -27.13 -20.12 -40.25
O3' ADP BA . -27.10 -21.09 -39.21
C2' ADP BA . -28.57 -19.80 -40.64
O2' ADP BA . -29.39 -20.93 -40.82
C1' ADP BA . -28.96 -18.97 -39.42
N9 ADP BA . -30.15 -18.13 -39.62
C8 ADP BA . -30.33 -16.87 -39.10
N7 ADP BA . -31.48 -16.35 -39.43
C5 ADP BA . -32.10 -17.30 -40.22
C6 ADP BA . -33.33 -17.33 -40.88
N6 ADP BA . -34.21 -16.34 -40.84
N1 ADP BA . -33.64 -18.44 -41.59
C2 ADP BA . -32.75 -19.44 -41.63
N3 ADP BA . -31.56 -19.52 -41.05
C4 ADP BA . -31.28 -18.41 -40.35
H5'1 ADP BA . -25.23 -18.26 -41.14
H5'2 ADP BA . -26.70 -17.70 -41.50
H4' ADP BA . -26.01 -18.88 -39.01
H3' ADP BA . -26.60 -20.42 -41.04
HO3' ADP BA . -27.36 -21.83 -39.52
H2' ADP BA . -28.58 -19.24 -41.46
HO2' ADP BA . -29.07 -21.41 -41.43
H1' ADP BA . -29.10 -19.56 -38.65
H8 ADP BA . -29.70 -16.43 -38.55
HN61 ADP BA . -34.99 -16.43 -41.21
HN62 ADP BA . -34.00 -15.59 -40.44
H2 ADP BA . -33.01 -20.19 -42.13
PB ADP CA . -5.68 -39.62 -27.79
O1B ADP CA . -6.75 -38.83 -27.09
O2B ADP CA . -4.66 -40.19 -26.85
O3B ADP CA . -5.06 -38.88 -28.95
PA ADP CA . -5.89 -42.22 -29.18
O1A ADP CA . -7.06 -43.04 -29.58
O2A ADP CA . -4.92 -41.81 -30.23
O3A ADP CA . -6.43 -40.90 -28.44
O5' ADP CA . -5.09 -42.94 -27.98
C5' ADP CA . -5.51 -44.25 -27.51
C4' ADP CA . -4.95 -45.33 -28.39
O4' ADP CA . -4.87 -46.58 -27.65
C3' ADP CA . -5.76 -45.67 -29.66
O3' ADP CA . -5.46 -44.81 -30.74
C2' ADP CA . -5.32 -47.12 -29.89
O2' ADP CA . -4.01 -47.21 -30.43
C1' ADP CA . -5.36 -47.64 -28.45
N9 ADP CA . -6.69 -48.01 -27.98
C8 ADP CA . -7.55 -47.23 -27.25
N7 ADP CA . -8.68 -47.83 -26.97
C5 ADP CA . -8.55 -49.07 -27.55
C6 ADP CA . -9.43 -50.17 -27.61
N6 ADP CA . -10.63 -50.20 -27.05
N1 ADP CA . -9.00 -51.28 -28.27
C2 ADP CA . -7.78 -51.25 -28.84
N3 ADP CA . -6.88 -50.28 -28.85
C4 ADP CA . -7.33 -49.20 -28.18
H5'1 ADP CA . -6.49 -44.30 -27.50
H5'2 ADP CA . -5.19 -44.38 -26.58
H4' ADP CA . -4.04 -45.06 -28.67
H3' ADP CA . -6.73 -45.63 -29.45
HO3' ADP CA . -5.94 -45.03 -31.41
H2' ADP CA . -5.98 -47.60 -30.46
HO2' ADP CA . -3.99 -46.81 -31.17
H1' ADP CA . -4.75 -48.41 -28.38
H8 ADP CA . -7.35 -46.35 -26.97
HN61 ADP CA . -10.93 -49.49 -26.64
HN62 ADP CA . -11.12 -50.91 -27.10
H2 ADP CA . -7.53 -52.04 -29.29
#